data_9ARL
#
_entry.id   9ARL
#
_cell.length_a   1.00
_cell.length_b   1.00
_cell.length_c   1.00
_cell.angle_alpha   90.00
_cell.angle_beta   90.00
_cell.angle_gamma   90.00
#
_symmetry.space_group_name_H-M   'P 1'
#
loop_
_entity.id
_entity.type
_entity.pdbx_description
1 polymer 'Botulinum neurotoxin type A'
2 polymer NtnH
3 polymer OrfX2
#
loop_
_entity_poly.entity_id
_entity_poly.type
_entity_poly.pdbx_seq_one_letter_code
_entity_poly.pdbx_strand_id
1 'polypeptide(L)'
;MPFVNKQFNYKDPVNGVDIAYIKIPNAGQMQPVKAFKIHNKIWVIPERDTFTNPEEGDLNPPPEAKQVPVSYYDSTYLST
DNEKDNYLKGVTKLFERIYSTDLGRMLLTSIVRGIPFWGGSTIDTELKVIDTNCINVIQPDGSYRSEELNLVIIGPSADI
IQFECKSFGHEVLNLTRNGYGSTQYIRFSPDFTFGFEESLEVDTNPLLGAGKFATDPAVTLAHQLIHAGHRLYGIAINPN
RVFKVNTNAYYEMSGLEVSFEELRTFGGHDAKFIDSLQENEFRLYYYNKFKDIASTLNKAKSIVGTTASLQYMKNVFKEK
YLLSEDTSGKFSVDKLKFDKLYKMLTEIYTEDNFVKFFKVLNAKTFLNFDKAVFKINIVPKVNYTIYDGFNLRNTNLAAN
FNGQNTEINNMNFTKLKNFTGLFEFYKLLCVRGIITSKTKSLDKGYNKALNDLCIKVNNWDLFFSPSEDNFTNDLNKGEE
ITSDTNIEAAEENISLDLIQQYYLTFNFDNEPENISIENLSSDIIGQLELMPNIERFPNGKKYELDKYTMFHYLRAQEFE
HGKSRIALTNSVNEALLNPSRVYTFFSSDYVKKVNKATEAAMFLGWVEQLVYDFTDETSEVSTTDKIADITIIIPYIGPA
LNIGNMLYKDDFVGALIFSGAVILLEFIPEIAIPVLGTFALVSYIANKVLTVQTIDNALSKRNEKWDEVYKYIVTNWLAK
VNTQIDLIRKKMKEALENQAEATKAIINYQYNQYTEEEKNNINFNIDDLSSKLNESINKAMININKFLNQCSVSYLMNSM
IPYGVKRLEDFDASLKDALLKYIYDNRGTLIGQVDRLKDKVNNTLSTDIPFQLSKYVDNQRLLSTFTEYIKNIINTSILN
LRYESNHLIDLSRYASKINIGSKVNFDPIDKNQIQLFNLESSKIEVILKNAIVYNSMYENFSTSFWIRIPKYFNSISLNN
EYTIINCMENNSGWKVSLNYGEIIWTLQDTQEIKQRVVFKYSQMINISDYINRWIFVTITNNRLNNSKIYINGRLIDQKP
ISNLGNIHASNNIMFKLDGCRDTHRYIWIKYFNLFDKELNEKEIKDLYDNQSNSGILKDFWGDYLQYDKPYYMLNLYDPN
KYVDVNNVGIRGYMYLKGPRGSVMTTNIYLNSSLYRGTKFIIKKYASGNKDNIVRNNDRVYINVVVKNKEYRLATNASQA
GVEKILSALEIPDVGNLSQVVVMKSKNDQGITNKCKMNLQDNNGNDIGFIGFHQFNNIAKLVASNWYNRQIERSSRTLGC
SWEFIPVDDGWGERPL
;
A
2 'polypeptide(L)'
;MKINNNFNIDSLIDNRDVAIVRGRKTDTFFKVFQVAPNIWVAPERYYGESLNINEDQKSDGGIYDSNFLLTNDEKDEFLQ
ATVKILQRINNNVIGAKLLSLISTAIPFPYEYKPGDYRQTNYLVSKDNQHYYTANLVIFGPGTNIVENNAVYYKKEDSEN
GMGTMSEIWFQPFLTYKYDQFYVDPALELIKCLIKSLYYLYGIKPSDDLSIPYRLRSEFNSLEYSELDMVDFLISGGTDY
KLLNTNPYWFTDNYFINAPKNFEKYKNDYETKIKNNNDIANSIKLYLEQKFKTNVQDIWELNLSYFSTEFEIMMPEIFNN
ALNHYHRKEYYVIDYFKNYNINGFINGQIKTILLLSKYNKNIINKPELIVNLINENNSVLMKSNIYGDGLKGTIGNFYAV
YKIPYNIGDEYHINSSDSCLDNVDIKEIDNIPPINDADIYPYRKNCDPFTPVYNITETKEINTTIPFPVNYLQAQVTNSN
DINLSSDFLKVISSKDRSLVYSFLDNTIDYLDSIKYDGPIDTDKKYYLWLKEIFRNYSFDMTETQEVNTLCGFNKVVPWL
GKALNILNTGNSFIEEFKTLGPISLINKKENITMPKIEIDEIPNSMLNLSFKDLSENLFNIFSKNNSYFEKIYYDFLDQW
WTQYYSQYFDLICMAKRSVLAQESLIKKIIQKKLSYLIGNSNISSDNLALMNLTTTNTLRDISNESQIAMNNVNNFLNNV
AICVFQTNIYPKFISFMEQCINNINKNTREFIQKCTNITENEKLQLINQNIFSSLDFDFLNIENLKSLFNSETGLLIKEE
TSPYELVLYAFQEPGNNAIGDASGKNTSIEYSKDIGLVYGINSDALYLNGSNQSISFSNDFFENGLTNSFSIYFWLRNLG
KDTIKSKLIGSKEDNCGWEIYFQDTGLVFNMIDSNGNEKNIYLSDVSNNSWHYITISVDRLKEQLLIFIDDNLVANESIK
EILNIYSSNIISLLSENNPSYIEGLTILNKPTTSQEVLSNYFKVLNNSYIRDSSEERLEYNKTYQLYNYVFSENPIYEIK
QNNNIYLTINNTNNLNLQVSKFKLLSINPNKQYVQKLDEVIISVLDNMEKYIDISEDNRLQLIDNKNNAKKMIISNDIFI
SNCLTLSYNGKYICLSMKDENHNWMICNNDMSKYLYLWSFK
;
B
3 'polypeptide(L)'
;MNNLKPFIYYDWEKTILKNTKENYSINEIIPKTFFMELHGTKITNSTLNGTWKSWNLTNEGEGSYPVLKCIIDDGYLDMN
FGASSEKIPLKNVWIKLCMKINPNSDGTYSIPEKSSSFYIKDNSLKISKDNLILDKYLNKLMLSYFKNNIKNIEMFINKS
RIQTKVVGDLSLLGWNTENSVSFRTMNEFIKKDNLYPKDFKAVYSYRKMTFTATGTFDSWEMTTGADGRNIRFKCPIKYA
VYDLDGDVFNSSTENFLLIQVDLTYFDSKTTINDPTGENDGKQFNLKIKTNDDKLKNVLIVTYNLTDTDGSMSSEDKDFL
SLAFRNWFNENIQQFEQIFAYILLDETAKIPEYQWLKPTQISYGSASVETANDEPDLDASIFSAMSMVENNTNSTPSHAV
DNRMLQLTKTQAAFGISFPLFIEHFLKQALLSSQFISVDDIVADINTLTITNNKQIIFGKVENSDGKNVDSSLKPGKLKL
SLQNNLIVLELFDLTWEQGRGVTGHFDFRQEYELALESKSGKQIPILKVHDEPEIEYYVEEAQWKTNEDMIVSAVVGTVF
SMILGASMKLAGSALSKAGKLIRSKATTIKGRKKIYINRSNVRQLRKDSGATEIELERINRRNSSIAAEDARLISNNGTT
SIQTLGDMKKKPMSTGQRIAIGAKKIAGTAVMFGAVGLGMNFGEMLINYINAMENNDYSAIPGINSFMQQCIGAMQWPDK
DSELKVTFGKLQGIYLLGGTLEKNNKTDNK
;
C
#
# COMPACT_ATOMS: atom_id res chain seq x y z
N MET A 1 39.50 45.52 33.03
CA MET A 1 38.98 46.80 33.51
C MET A 1 37.84 46.59 34.51
N PRO A 2 38.18 46.32 35.75
CA PRO A 2 37.14 46.12 36.78
C PRO A 2 36.34 47.39 37.01
N PHE A 3 35.08 47.20 37.36
CA PHE A 3 34.21 48.35 37.60
C PHE A 3 34.69 49.20 38.77
N VAL A 4 35.06 48.54 39.87
CA VAL A 4 35.59 49.22 41.04
C VAL A 4 37.11 49.14 41.00
N ASN A 5 37.77 50.28 41.19
CA ASN A 5 39.21 50.35 41.03
C ASN A 5 39.98 49.79 42.22
N LYS A 6 39.32 49.61 43.37
CA LYS A 6 40.01 49.10 44.54
C LYS A 6 39.00 48.38 45.43
N GLN A 7 39.53 47.54 46.31
CA GLN A 7 38.71 46.84 47.28
C GLN A 7 38.37 47.80 48.41
N PHE A 8 37.09 47.85 48.78
CA PHE A 8 36.60 48.79 49.78
C PHE A 8 36.19 48.05 51.05
N ASN A 9 36.61 48.59 52.18
CA ASN A 9 36.26 48.07 53.50
C ASN A 9 35.61 49.16 54.32
N TYR A 10 34.57 48.80 55.06
CA TYR A 10 33.85 49.81 55.84
C TYR A 10 34.70 50.42 56.93
N LYS A 11 35.78 49.76 57.33
CA LYS A 11 36.65 50.28 58.38
C LYS A 11 37.83 51.08 57.82
N ASP A 12 37.90 51.24 56.50
CA ASP A 12 38.99 51.98 55.90
C ASP A 12 38.95 53.45 56.32
N PRO A 13 40.11 54.09 56.48
CA PRO A 13 40.12 55.49 56.87
C PRO A 13 39.59 56.40 55.78
N VAL A 14 39.03 57.54 56.19
CA VAL A 14 38.53 58.51 55.23
C VAL A 14 39.70 59.04 54.41
N ASN A 15 39.41 59.44 53.17
CA ASN A 15 40.44 59.95 52.28
C ASN A 15 40.08 61.28 51.62
N GLY A 16 38.80 61.61 51.49
CA GLY A 16 38.39 62.84 50.85
C GLY A 16 38.37 62.80 49.34
N VAL A 17 38.71 61.66 48.73
CA VAL A 17 38.67 61.48 47.28
C VAL A 17 37.73 60.34 46.90
N ASP A 18 37.83 59.23 47.58
CA ASP A 18 36.97 58.08 47.32
C ASP A 18 36.22 57.60 48.55
N ILE A 19 36.84 57.64 49.73
CA ILE A 19 36.20 57.27 50.98
C ILE A 19 36.16 58.51 51.85
N ALA A 20 34.95 58.94 52.21
CA ALA A 20 34.83 60.17 52.99
C ALA A 20 33.45 60.27 53.60
N TYR A 21 33.33 61.14 54.60
CA TYR A 21 32.03 61.53 55.10
C TYR A 21 31.38 62.52 54.14
N ILE A 22 30.07 62.38 53.96
CA ILE A 22 29.33 63.23 53.04
C ILE A 22 28.03 63.70 53.69
N LYS A 23 27.50 64.79 53.15
CA LYS A 23 26.20 65.32 53.53
C LYS A 23 25.35 65.45 52.27
N ILE A 24 24.22 64.75 52.24
CA ILE A 24 23.34 64.74 51.08
C ILE A 24 22.32 65.86 51.23
N PRO A 25 21.71 66.32 50.14
CA PRO A 25 20.62 67.30 50.27
C PRO A 25 19.51 66.77 51.16
N ASN A 26 18.98 67.63 52.01
CA ASN A 26 17.98 67.22 52.98
C ASN A 26 17.15 68.43 53.38
N ALA A 27 16.02 68.16 54.02
CA ALA A 27 15.09 69.23 54.39
C ALA A 27 15.71 70.15 55.45
N GLY A 28 16.24 69.58 56.51
CA GLY A 28 16.80 70.36 57.59
C GLY A 28 18.31 70.26 57.68
N GLN A 29 18.79 69.47 58.63
CA GLN A 29 20.22 69.22 58.78
C GLN A 29 20.42 67.84 59.37
N MET A 30 21.59 67.25 59.08
CA MET A 30 21.93 65.94 59.62
C MET A 30 23.44 65.77 59.56
N GLN A 31 23.93 64.81 60.34
CA GLN A 31 25.35 64.55 60.46
C GLN A 31 25.87 63.84 59.21
N PRO A 32 27.13 64.11 58.83
CA PRO A 32 27.70 63.42 57.67
C PRO A 32 27.81 61.92 57.90
N VAL A 33 27.68 61.17 56.80
CA VAL A 33 27.70 59.71 56.85
C VAL A 33 28.83 59.23 55.94
N LYS A 34 29.48 58.15 56.34
CA LYS A 34 30.59 57.61 55.57
C LYS A 34 30.09 57.03 54.25
N ALA A 35 30.86 57.25 53.19
CA ALA A 35 30.47 56.78 51.86
C ALA A 35 31.72 56.55 51.03
N PHE A 36 31.55 55.72 50.01
CA PHE A 36 32.66 55.24 49.18
C PHE A 36 32.34 55.50 47.72
N LYS A 37 33.29 56.08 46.99
CA LYS A 37 33.13 56.31 45.55
C LYS A 37 33.58 55.06 44.82
N ILE A 38 32.66 54.37 44.15
CA ILE A 38 33.01 53.14 43.48
C ILE A 38 33.43 53.38 42.04
N HIS A 39 32.78 54.31 41.35
CA HIS A 39 33.16 54.67 39.99
C HIS A 39 32.96 56.17 39.82
N ASN A 40 33.20 56.65 38.60
CA ASN A 40 33.04 58.07 38.29
C ASN A 40 31.61 58.52 38.58
N LYS A 41 31.46 59.39 39.58
CA LYS A 41 30.17 59.96 39.96
C LYS A 41 29.18 58.89 40.40
N ILE A 42 29.68 57.80 40.98
CA ILE A 42 28.84 56.78 41.58
C ILE A 42 29.32 56.54 43.00
N TRP A 43 28.46 56.81 43.98
CA TRP A 43 28.78 56.70 45.39
C TRP A 43 27.91 55.65 46.05
N VAL A 44 28.39 55.12 47.16
CA VAL A 44 27.68 54.11 47.95
C VAL A 44 27.67 54.57 49.40
N ILE A 45 26.50 54.52 50.02
CA ILE A 45 26.33 54.89 51.42
C ILE A 45 25.85 53.66 52.17
N PRO A 46 26.75 52.87 52.75
CA PRO A 46 26.32 51.67 53.46
C PRO A 46 25.57 51.98 54.75
N GLU A 47 24.41 52.61 54.63
CA GLU A 47 23.59 52.96 55.77
C GLU A 47 22.13 52.94 55.36
N ARG A 48 21.25 52.56 56.28
CA ARG A 48 19.83 52.61 56.02
C ARG A 48 19.41 54.03 55.68
N ASP A 49 18.64 54.18 54.61
CA ASP A 49 18.19 55.49 54.18
C ASP A 49 17.13 56.00 55.16
N THR A 50 17.52 56.95 55.99
CA THR A 50 16.60 57.57 56.93
C THR A 50 16.62 59.10 56.84
N PHE A 51 17.39 59.66 55.90
CA PHE A 51 17.58 61.10 55.82
C PHE A 51 17.28 61.70 54.46
N THR A 52 17.13 60.89 53.41
CA THR A 52 16.74 61.45 52.11
C THR A 52 15.28 61.86 52.09
N ASN A 53 14.49 61.39 53.06
CA ASN A 53 13.08 61.72 53.15
C ASN A 53 12.67 61.86 54.60
N PRO A 54 12.31 63.07 55.05
CA PRO A 54 11.88 63.23 56.44
C PRO A 54 10.60 62.48 56.79
N GLU A 55 9.81 62.10 55.78
CA GLU A 55 8.57 61.37 56.05
C GLU A 55 8.83 59.95 56.52
N GLU A 56 10.06 59.45 56.36
CA GLU A 56 10.43 58.08 56.74
C GLU A 56 11.63 58.09 57.66
N GLY A 57 11.57 58.92 58.70
CA GLY A 57 12.62 58.96 59.69
C GLY A 57 12.59 57.85 60.70
N ASP A 58 11.57 56.99 60.65
CA ASP A 58 11.41 55.89 61.59
C ASP A 58 11.53 54.57 60.85
N LEU A 59 12.32 53.66 61.40
CA LEU A 59 12.48 52.32 60.84
C LEU A 59 11.41 51.35 61.32
N ASN A 60 10.58 51.75 62.28
CA ASN A 60 9.51 50.89 62.75
C ASN A 60 8.48 50.69 61.65
N PRO A 61 7.90 49.50 61.51
CA PRO A 61 6.92 49.25 60.45
C PRO A 61 5.73 50.18 60.58
N PRO A 62 5.20 50.67 59.45
CA PRO A 62 4.07 51.59 59.50
C PRO A 62 2.82 50.88 60.00
N PRO A 63 1.88 51.63 60.59
CA PRO A 63 0.64 50.99 61.09
C PRO A 63 -0.14 50.27 60.01
N GLU A 64 -0.10 50.75 58.77
CA GLU A 64 -0.76 50.09 57.65
C GLU A 64 0.28 49.37 56.80
N ALA A 65 0.05 48.09 56.56
CA ALA A 65 0.96 47.32 55.72
C ALA A 65 0.92 47.84 54.29
N LYS A 66 2.08 47.84 53.64
CA LYS A 66 2.16 48.28 52.26
C LYS A 66 1.32 47.38 51.36
N GLN A 67 0.76 47.96 50.31
CA GLN A 67 -0.03 47.21 49.32
C GLN A 67 0.91 46.50 48.35
N VAL A 68 1.80 45.68 48.92
CA VAL A 68 2.76 44.89 48.15
C VAL A 68 2.58 43.44 48.57
N PRO A 69 2.59 42.49 47.63
CA PRO A 69 2.41 41.08 48.03
C PRO A 69 3.48 40.56 48.97
N VAL A 70 4.71 41.04 48.84
CA VAL A 70 5.85 40.53 49.60
C VAL A 70 6.45 41.67 50.41
N SER A 71 6.61 41.45 51.72
CA SER A 71 7.11 42.50 52.59
C SER A 71 7.96 41.89 53.71
N TYR A 72 8.83 42.71 54.27
CA TYR A 72 9.66 42.32 55.40
C TYR A 72 10.13 43.56 56.15
N TYR A 73 10.23 43.46 57.47
CA TYR A 73 10.56 44.60 58.31
C TYR A 73 11.43 44.15 59.48
N ASP A 74 12.62 44.73 59.59
CA ASP A 74 13.46 44.57 60.78
C ASP A 74 14.37 45.78 60.88
N SER A 75 14.68 46.16 62.11
CA SER A 75 15.49 47.35 62.33
C SER A 75 16.97 47.04 62.53
N THR A 76 17.28 45.92 63.18
CA THR A 76 18.67 45.61 63.53
C THR A 76 19.53 45.35 62.30
N TYR A 77 18.92 45.13 61.13
CA TYR A 77 19.71 44.94 59.93
C TYR A 77 20.49 46.21 59.60
N LEU A 78 21.73 46.03 59.14
CA LEU A 78 22.60 47.13 58.74
C LEU A 78 22.79 48.12 59.89
N SER A 79 23.06 47.59 61.07
CA SER A 79 23.36 48.41 62.24
C SER A 79 24.79 48.27 62.73
N THR A 80 25.46 47.18 62.42
CA THR A 80 26.84 46.95 62.85
C THR A 80 27.81 47.26 61.72
N ASP A 81 29.06 47.50 62.10
CA ASP A 81 30.10 47.79 61.12
C ASP A 81 30.36 46.59 60.23
N ASN A 82 30.27 45.39 60.79
CA ASN A 82 30.43 44.19 59.97
C ASN A 82 29.32 44.07 58.93
N GLU A 83 28.08 44.34 59.34
CA GLU A 83 26.97 44.29 58.39
C GLU A 83 27.11 45.35 57.31
N LYS A 84 27.59 46.54 57.68
CA LYS A 84 27.78 47.59 56.69
C LYS A 84 28.91 47.24 55.72
N ASP A 85 29.97 46.61 56.22
CA ASP A 85 31.02 46.12 55.33
C ASP A 85 30.48 45.06 54.39
N ASN A 86 29.64 44.17 54.90
CA ASN A 86 29.01 43.15 54.06
C ASN A 86 28.13 43.80 52.99
N TYR A 87 27.38 44.83 53.37
CA TYR A 87 26.54 45.56 52.42
C TYR A 87 27.38 46.18 51.32
N LEU A 88 28.48 46.83 51.69
CA LEU A 88 29.35 47.45 50.71
C LEU A 88 29.93 46.40 49.77
N LYS A 89 30.38 45.27 50.31
CA LYS A 89 30.94 44.21 49.47
C LYS A 89 29.90 43.67 48.50
N GLY A 90 28.67 43.45 48.98
CA GLY A 90 27.62 42.95 48.11
C GLY A 90 27.24 43.93 47.01
N VAL A 91 27.14 45.22 47.35
CA VAL A 91 26.83 46.22 46.33
C VAL A 91 27.93 46.27 45.28
N THR A 92 29.19 46.28 45.71
CA THR A 92 30.28 46.30 44.75
C THR A 92 30.28 45.06 43.89
N LYS A 93 30.00 43.90 44.48
CA LYS A 93 29.98 42.65 43.72
C LYS A 93 28.86 42.67 42.69
N LEU A 94 27.67 43.14 43.06
CA LEU A 94 26.58 43.20 42.09
C LEU A 94 26.89 44.19 40.97
N PHE A 95 27.52 45.32 41.30
CA PHE A 95 27.93 46.24 40.25
C PHE A 95 28.92 45.60 39.30
N GLU A 96 29.88 44.85 39.83
CA GLU A 96 30.83 44.15 38.97
C GLU A 96 30.12 43.12 38.11
N ARG A 97 29.17 42.39 38.68
CA ARG A 97 28.43 41.38 37.93
C ARG A 97 27.65 42.01 36.77
N ILE A 98 27.00 43.14 37.03
CA ILE A 98 26.29 43.84 35.97
C ILE A 98 27.27 44.34 34.92
N TYR A 99 28.41 44.88 35.35
CA TYR A 99 29.39 45.36 34.40
C TYR A 99 30.00 44.23 33.56
N SER A 100 29.94 42.99 34.06
CA SER A 100 30.54 41.88 33.33
C SER A 100 29.88 41.68 31.97
N THR A 101 28.56 41.72 31.93
CA THR A 101 27.86 41.53 30.67
C THR A 101 27.92 42.80 29.83
N ASP A 102 27.70 42.63 28.52
CA ASP A 102 27.77 43.76 27.60
C ASP A 102 26.62 44.73 27.82
N LEU A 103 25.41 44.21 28.06
CA LEU A 103 24.27 45.07 28.31
C LEU A 103 24.48 45.90 29.57
N GLY A 104 24.94 45.26 30.64
CA GLY A 104 25.21 46.00 31.86
C GLY A 104 26.33 47.01 31.69
N ARG A 105 27.33 46.66 30.89
CA ARG A 105 28.41 47.60 30.61
C ARG A 105 27.90 48.84 29.90
N MET A 106 27.03 48.65 28.89
CA MET A 106 26.42 49.78 28.21
C MET A 106 25.57 50.61 29.17
N LEU A 107 24.78 49.94 30.02
CA LEU A 107 23.93 50.67 30.95
C LEU A 107 24.75 51.51 31.92
N LEU A 108 25.83 50.93 32.45
CA LEU A 108 26.66 51.68 33.39
C LEU A 108 27.39 52.83 32.70
N THR A 109 27.82 52.61 31.45
CA THR A 109 28.45 53.70 30.71
C THR A 109 27.48 54.86 30.52
N SER A 110 26.23 54.54 30.19
CA SER A 110 25.23 55.60 30.04
C SER A 110 24.91 56.26 31.38
N ILE A 111 24.91 55.47 32.46
CA ILE A 111 24.64 56.02 33.79
C ILE A 111 25.71 57.04 34.17
N VAL A 112 26.97 56.69 33.97
CA VAL A 112 28.05 57.64 34.24
C VAL A 112 27.95 58.85 33.32
N ARG A 113 27.66 58.60 32.04
CA ARG A 113 27.58 59.70 31.08
C ARG A 113 26.32 60.55 31.30
N GLY A 114 25.26 59.96 31.84
CA GLY A 114 24.00 60.66 32.00
C GLY A 114 23.97 61.66 33.15
N ILE A 115 24.84 62.65 33.09
CA ILE A 115 24.93 63.67 34.14
C ILE A 115 23.68 64.55 34.10
N PRO A 116 23.06 64.86 35.24
CA PRO A 116 21.91 65.76 35.23
C PRO A 116 22.28 67.13 34.68
N PHE A 117 21.33 67.74 33.97
CA PHE A 117 21.58 69.02 33.32
C PHE A 117 21.60 70.14 34.35
N TRP A 118 22.32 71.21 34.01
CA TRP A 118 22.48 72.37 34.90
C TRP A 118 21.35 73.35 34.60
N GLY A 119 20.36 73.41 35.48
CA GLY A 119 19.22 74.29 35.27
C GLY A 119 18.85 75.09 36.50
N GLY A 120 19.85 75.50 37.27
CA GLY A 120 19.60 76.26 38.48
C GLY A 120 19.80 77.75 38.32
N SER A 121 19.78 78.23 37.09
CA SER A 121 20.02 79.64 36.79
C SER A 121 18.72 80.31 36.35
N THR A 122 18.41 81.46 36.95
CA THR A 122 17.33 82.29 36.43
C THR A 122 17.75 83.03 35.16
N ILE A 123 19.05 83.31 35.02
CA ILE A 123 19.57 83.94 33.81
C ILE A 123 19.66 82.88 32.72
N ASP A 124 19.07 83.16 31.57
CA ASP A 124 18.96 82.17 30.50
C ASP A 124 20.26 81.95 29.75
N THR A 125 21.21 82.87 29.86
CA THR A 125 22.48 82.77 29.15
C THR A 125 23.59 82.16 29.98
N GLU A 126 23.29 81.71 31.20
CA GLU A 126 24.30 81.13 32.09
C GLU A 126 23.86 79.75 32.55
N LEU A 127 24.81 78.83 32.60
CA LEU A 127 24.57 77.45 33.02
C LEU A 127 25.03 77.31 34.46
N LYS A 128 24.08 77.10 35.37
CA LYS A 128 24.36 77.00 36.79
C LYS A 128 23.99 75.61 37.28
N VAL A 129 24.93 74.97 37.98
CA VAL A 129 24.69 73.61 38.48
C VAL A 129 23.64 73.66 39.58
N ILE A 130 22.66 72.76 39.50
CA ILE A 130 21.62 72.70 40.51
C ILE A 130 22.21 72.20 41.81
N ASP A 131 21.84 72.85 42.92
CA ASP A 131 22.43 72.53 44.22
C ASP A 131 22.08 71.11 44.65
N THR A 132 20.83 70.70 44.47
CA THR A 132 20.39 69.40 44.95
C THR A 132 21.01 68.23 44.20
N ASN A 133 21.68 68.49 43.08
CA ASN A 133 22.32 67.44 42.28
C ASN A 133 23.81 67.32 42.56
N CYS A 134 24.22 67.60 43.79
CA CYS A 134 25.62 67.49 44.18
C CYS A 134 25.69 66.96 45.61
N ILE A 135 26.91 66.75 46.08
CA ILE A 135 27.18 66.19 47.40
C ILE A 135 28.27 67.02 48.06
N ASN A 136 28.29 66.98 49.39
CA ASN A 136 29.29 67.66 50.19
C ASN A 136 30.22 66.63 50.80
N VAL A 137 31.40 66.48 50.21
CA VAL A 137 32.40 65.51 50.66
C VAL A 137 33.37 66.21 51.60
N ILE A 138 33.50 65.70 52.81
CA ILE A 138 34.34 66.33 53.82
C ILE A 138 35.79 65.87 53.62
N GLN A 139 36.67 66.83 53.35
CA GLN A 139 38.09 66.52 53.28
C GLN A 139 38.63 66.19 54.67
N PRO A 140 39.71 65.41 54.75
CA PRO A 140 40.25 65.04 56.08
C PRO A 140 40.68 66.24 56.91
N ASP A 141 41.19 67.30 56.28
CA ASP A 141 41.71 68.43 57.03
C ASP A 141 40.63 69.21 57.77
N GLY A 142 39.37 69.03 57.40
CA GLY A 142 38.29 69.75 58.06
C GLY A 142 37.37 70.46 57.09
N SER A 143 37.94 70.95 55.99
CA SER A 143 37.15 71.62 54.97
C SER A 143 36.32 70.60 54.19
N TYR A 144 35.34 71.11 53.44
CA TYR A 144 34.47 70.26 52.64
C TYR A 144 34.36 70.83 51.24
N ARG A 145 34.26 69.93 50.27
CA ARG A 145 34.10 70.27 48.87
C ARG A 145 32.73 69.82 48.37
N SER A 146 32.32 70.38 47.23
CA SER A 146 31.07 70.01 46.59
C SER A 146 31.38 69.29 45.28
N GLU A 147 30.81 68.10 45.12
CA GLU A 147 31.08 67.24 43.97
C GLU A 147 29.78 66.84 43.32
N GLU A 148 29.72 66.95 41.99
CA GLU A 148 28.54 66.55 41.23
C GLU A 148 28.60 65.06 40.93
N LEU A 149 27.50 64.35 41.17
CA LEU A 149 27.44 62.92 40.95
C LEU A 149 26.11 62.57 40.28
N ASN A 150 26.10 61.42 39.61
CA ASN A 150 24.90 60.95 38.92
C ASN A 150 24.06 60.05 39.81
N LEU A 151 24.67 59.02 40.39
CA LEU A 151 23.95 57.99 41.12
C LEU A 151 24.63 57.73 42.45
N VAL A 152 23.82 57.52 43.49
CA VAL A 152 24.30 57.18 44.81
C VAL A 152 23.49 56.00 45.32
N ILE A 153 24.17 54.90 45.64
CA ILE A 153 23.52 53.72 46.19
C ILE A 153 23.44 53.87 47.70
N ILE A 154 22.25 53.68 48.25
CA ILE A 154 22.03 53.84 49.68
C ILE A 154 21.25 52.63 50.18
N GLY A 155 21.23 52.48 51.50
CA GLY A 155 20.54 51.38 52.11
C GLY A 155 19.04 51.47 51.96
N PRO A 156 18.34 50.41 52.29
CA PRO A 156 16.89 50.39 52.14
C PRO A 156 16.20 51.25 53.18
N SER A 157 14.93 51.54 52.89
CA SER A 157 14.06 52.24 53.83
C SER A 157 13.48 51.25 54.83
N ALA A 158 12.41 51.66 55.52
CA ALA A 158 11.83 50.83 56.56
C ALA A 158 11.53 49.42 56.07
N ASP A 159 11.04 49.29 54.85
CA ASP A 159 10.90 47.99 54.20
C ASP A 159 12.19 47.69 53.45
N ILE A 160 12.87 46.61 53.85
CA ILE A 160 14.19 46.32 53.31
C ILE A 160 14.11 45.99 51.82
N ILE A 161 13.08 45.26 51.42
CA ILE A 161 12.96 44.78 50.05
C ILE A 161 12.22 45.81 49.18
N GLN A 162 11.98 46.99 49.74
CA GLN A 162 11.35 48.06 48.96
C GLN A 162 12.43 48.85 48.22
N PHE A 163 12.93 48.22 47.16
CA PHE A 163 13.94 48.87 46.32
C PHE A 163 13.25 49.89 45.42
N GLU A 164 13.70 51.14 45.50
CA GLU A 164 13.05 52.23 44.79
C GLU A 164 14.06 53.32 44.50
N CYS A 165 13.70 54.22 43.59
CA CYS A 165 14.53 55.35 43.25
C CYS A 165 13.96 56.63 43.85
N LYS A 166 14.85 57.50 44.33
CA LYS A 166 14.45 58.79 44.87
C LYS A 166 15.36 59.87 44.29
N SER A 167 14.84 61.09 44.25
CA SER A 167 15.62 62.22 43.75
C SER A 167 15.04 63.51 44.29
N PHE A 168 15.83 64.57 44.18
CA PHE A 168 15.44 65.90 44.64
C PHE A 168 15.22 66.80 43.43
N GLY A 169 14.02 67.36 43.33
CA GLY A 169 13.68 68.21 42.21
C GLY A 169 14.12 69.65 42.40
N HIS A 170 13.93 70.43 41.34
CA HIS A 170 14.29 71.84 41.35
C HIS A 170 13.20 72.63 42.06
N GLU A 171 13.26 73.96 41.94
CA GLU A 171 12.28 74.80 42.61
C GLU A 171 10.87 74.57 42.06
N VAL A 172 10.72 74.55 40.74
CA VAL A 172 9.43 74.32 40.12
C VAL A 172 9.45 73.25 39.04
N LEU A 173 10.61 72.88 38.50
CA LEU A 173 10.68 71.95 37.39
C LEU A 173 10.49 70.52 37.87
N ASN A 174 10.27 69.62 36.92
CA ASN A 174 10.23 68.18 37.15
C ASN A 174 11.41 67.60 36.39
N LEU A 175 12.56 67.51 37.05
CA LEU A 175 13.80 67.16 36.37
C LEU A 175 13.77 65.77 35.77
N THR A 176 12.98 64.86 36.37
CA THR A 176 12.91 63.49 35.89
C THR A 176 12.11 63.34 34.60
N ARG A 177 11.43 64.39 34.17
CA ARG A 177 10.60 64.32 32.97
C ARG A 177 10.89 65.38 31.94
N ASN A 178 11.63 66.43 32.28
CA ASN A 178 11.91 67.53 31.35
C ASN A 178 13.23 67.37 30.62
N GLY A 179 13.92 66.25 30.82
CA GLY A 179 15.21 66.01 30.18
C GLY A 179 16.41 66.50 30.96
N TYR A 180 16.20 67.23 32.06
CA TYR A 180 17.33 67.67 32.87
C TYR A 180 17.93 66.50 33.64
N GLY A 181 17.12 65.84 34.46
CA GLY A 181 17.58 64.77 35.31
C GLY A 181 18.10 65.28 36.65
N SER A 182 18.29 64.34 37.57
CA SER A 182 18.70 64.68 38.92
C SER A 182 19.45 63.49 39.52
N THR A 183 20.16 63.76 40.61
CA THR A 183 20.87 62.70 41.31
C THR A 183 19.89 61.66 41.84
N GLN A 184 20.24 60.39 41.70
CA GLN A 184 19.36 59.29 42.04
C GLN A 184 19.91 58.56 43.26
N TYR A 185 19.03 58.34 44.24
CA TYR A 185 19.36 57.54 45.41
C TYR A 185 18.53 56.27 45.36
N ILE A 186 19.20 55.13 45.33
CA ILE A 186 18.55 53.83 45.17
C ILE A 186 18.59 53.12 46.51
N ARG A 187 17.42 52.85 47.08
CA ARG A 187 17.31 52.16 48.37
C ARG A 187 17.42 50.65 48.14
N PHE A 188 18.64 50.21 47.84
CA PHE A 188 18.92 48.83 47.45
C PHE A 188 19.55 48.07 48.60
N SER A 189 19.19 46.80 48.73
CA SER A 189 19.68 45.94 49.79
C SER A 189 20.14 44.61 49.20
N PRO A 190 21.44 44.44 48.94
CA PRO A 190 21.93 43.19 48.34
C PRO A 190 21.97 42.00 49.28
N ASP A 191 21.36 42.10 50.46
CA ASP A 191 21.36 41.02 51.44
C ASP A 191 20.01 40.33 51.56
N PHE A 192 19.08 40.63 50.66
CA PHE A 192 17.76 40.02 50.68
C PHE A 192 17.31 39.79 49.25
N THR A 193 16.34 38.89 49.08
CA THR A 193 15.81 38.62 47.75
C THR A 193 14.40 38.05 47.89
N PHE A 194 13.69 38.04 46.76
CA PHE A 194 12.33 37.56 46.71
C PHE A 194 12.29 36.09 46.32
N GLY A 195 11.18 35.44 46.66
CA GLY A 195 10.96 34.07 46.29
C GLY A 195 9.68 33.92 45.51
N PHE A 196 9.82 33.54 44.23
CA PHE A 196 8.71 33.39 43.31
C PHE A 196 8.64 31.93 42.87
N GLU A 197 7.74 31.65 41.93
CA GLU A 197 7.59 30.33 41.33
C GLU A 197 7.53 30.48 39.82
N GLU A 198 8.33 29.69 39.12
CA GLU A 198 8.39 29.72 37.67
C GLU A 198 7.94 28.38 37.10
N SER A 199 7.15 28.43 36.03
CA SER A 199 6.60 27.23 35.42
C SER A 199 6.76 27.15 33.91
N LEU A 200 6.96 28.27 33.22
CA LEU A 200 7.05 28.23 31.76
C LEU A 200 8.33 27.60 31.25
N GLU A 201 9.31 27.35 32.13
CA GLU A 201 10.57 26.77 31.71
C GLU A 201 10.61 25.25 31.84
N VAL A 202 9.51 24.62 32.26
CA VAL A 202 9.47 23.16 32.26
C VAL A 202 9.55 22.62 30.85
N ASP A 203 9.17 23.42 29.85
CA ASP A 203 9.34 23.01 28.46
C ASP A 203 10.82 22.84 28.12
N THR A 204 11.65 23.76 28.59
CA THR A 204 13.08 23.74 28.29
C THR A 204 13.86 22.90 29.28
N ASN A 205 13.49 22.95 30.56
CA ASN A 205 14.18 22.20 31.62
C ASN A 205 13.13 21.41 32.38
N PRO A 206 12.88 20.16 31.97
CA PRO A 206 11.81 19.36 32.61
C PRO A 206 12.18 18.76 33.95
N LEU A 207 13.26 19.22 34.59
CA LEU A 207 13.67 18.70 35.88
C LEU A 207 13.70 19.81 36.93
N LEU A 208 12.81 20.79 36.81
CA LEU A 208 12.74 21.87 37.78
C LEU A 208 12.38 21.34 39.15
N GLY A 209 13.08 21.81 40.17
CA GLY A 209 12.80 21.39 41.53
C GLY A 209 11.53 22.02 42.06
N ALA A 210 11.05 21.46 43.16
CA ALA A 210 9.86 21.98 43.81
C ALA A 210 10.20 23.24 44.61
N GLY A 211 9.21 23.77 45.31
CA GLY A 211 9.43 24.95 46.12
C GLY A 211 9.54 26.21 45.28
N LYS A 212 10.01 27.27 45.94
CA LYS A 212 10.15 28.58 45.31
C LYS A 212 11.60 28.83 44.92
N PHE A 213 11.78 29.52 43.80
CA PHE A 213 13.08 29.98 43.35
C PHE A 213 13.37 31.36 43.92
N ALA A 214 14.63 31.78 43.83
CA ALA A 214 15.07 33.06 44.35
C ALA A 214 15.57 33.93 43.20
N THR A 215 15.11 35.17 43.17
CA THR A 215 15.53 36.09 42.12
C THR A 215 17.00 36.45 42.28
N ASP A 216 17.74 36.41 41.18
CA ASP A 216 19.12 36.85 41.22
C ASP A 216 19.15 38.32 41.60
N PRO A 217 19.82 38.71 42.69
CA PRO A 217 19.81 40.12 43.08
C PRO A 217 20.43 41.03 42.03
N ALA A 218 21.33 40.52 41.18
CA ALA A 218 21.89 41.36 40.12
C ALA A 218 20.79 41.84 39.18
N VAL A 219 19.79 41.00 38.92
CA VAL A 219 18.67 41.40 38.09
C VAL A 219 17.91 42.56 38.73
N THR A 220 17.65 42.45 40.04
CA THR A 220 16.93 43.52 40.72
C THR A 220 17.74 44.81 40.72
N LEU A 221 19.05 44.72 40.92
CA LEU A 221 19.87 45.92 40.86
C LEU A 221 19.86 46.53 39.48
N ALA A 222 19.89 45.69 38.43
CA ALA A 222 19.82 46.21 37.07
C ALA A 222 18.49 46.91 36.82
N HIS A 223 17.40 46.35 37.33
CA HIS A 223 16.09 46.99 37.18
C HIS A 223 16.07 48.37 37.85
N GLN A 224 16.50 48.43 39.11
CA GLN A 224 16.53 49.71 39.80
C GLN A 224 17.48 50.69 39.12
N LEU A 225 18.59 50.18 38.60
CA LEU A 225 19.59 51.03 37.99
C LEU A 225 19.09 51.64 36.68
N ILE A 226 18.36 50.86 35.88
CA ILE A 226 17.84 51.45 34.64
C ILE A 226 16.66 52.35 34.93
N HIS A 227 15.89 52.08 36.00
CA HIS A 227 14.88 53.04 36.42
C HIS A 227 15.54 54.38 36.77
N ALA A 228 16.63 54.33 37.53
CA ALA A 228 17.36 55.54 37.86
C ALA A 228 17.97 56.18 36.62
N GLY A 229 18.38 55.37 35.65
CA GLY A 229 18.92 55.93 34.41
C GLY A 229 17.87 56.66 33.60
N HIS A 230 16.64 56.12 33.56
CA HIS A 230 15.54 56.85 32.95
C HIS A 230 15.30 58.16 33.67
N ARG A 231 15.40 58.13 35.01
CA ARG A 231 15.29 59.38 35.75
C ARG A 231 16.39 60.36 35.36
N LEU A 232 17.61 59.86 35.14
CA LEU A 232 18.75 60.73 34.87
C LEU A 232 18.58 61.49 33.56
N TYR A 233 18.08 60.83 32.53
CA TYR A 233 17.89 61.49 31.23
C TYR A 233 16.60 62.29 31.17
N GLY A 234 15.81 62.29 32.24
CA GLY A 234 14.59 63.07 32.26
C GLY A 234 13.54 62.62 31.28
N ILE A 235 13.45 61.32 31.02
CA ILE A 235 12.45 60.77 30.12
C ILE A 235 11.52 59.80 30.86
N ALA A 236 11.44 59.93 32.19
CA ALA A 236 10.59 59.06 32.97
C ALA A 236 9.13 59.35 32.70
N ILE A 237 8.35 58.31 32.43
CA ILE A 237 6.92 58.48 32.26
C ILE A 237 6.33 59.00 33.56
N ASN A 238 5.36 59.91 33.45
CA ASN A 238 4.77 60.51 34.62
C ASN A 238 4.09 59.43 35.47
N PRO A 239 4.32 59.39 36.78
CA PRO A 239 3.72 58.34 37.60
C PRO A 239 2.20 58.38 37.63
N ASN A 240 1.59 59.49 37.23
CA ASN A 240 0.13 59.57 37.19
C ASN A 240 -0.46 58.65 36.13
N ARG A 241 0.35 58.18 35.18
CA ARG A 241 -0.10 57.26 34.14
C ARG A 241 -0.02 55.84 34.71
N VAL A 242 -1.14 55.34 35.21
CA VAL A 242 -1.21 54.04 35.84
C VAL A 242 -2.13 53.14 35.03
N PHE A 243 -1.71 51.90 34.82
CA PHE A 243 -2.52 50.91 34.13
C PHE A 243 -3.77 50.63 34.94
N LYS A 244 -4.93 51.10 34.47
CA LYS A 244 -6.16 50.91 35.22
C LYS A 244 -6.63 49.47 35.14
N VAL A 245 -7.18 48.97 36.24
CA VAL A 245 -7.61 47.58 36.36
C VAL A 245 -9.04 47.55 36.86
N ASN A 246 -9.89 46.78 36.19
CA ASN A 246 -11.27 46.61 36.62
C ASN A 246 -11.32 45.85 37.94
N THR A 247 -12.33 46.17 38.75
CA THR A 247 -12.40 45.64 40.11
C THR A 247 -13.77 45.16 40.54
N ASN A 248 -14.85 45.51 39.84
CA ASN A 248 -16.19 45.29 40.38
C ASN A 248 -16.50 43.81 40.58
N ALA A 249 -16.12 42.97 39.63
CA ALA A 249 -16.53 41.58 39.66
C ALA A 249 -15.75 40.80 40.74
N TYR A 250 -16.33 39.67 41.15
CA TYR A 250 -15.72 38.87 42.21
C TYR A 250 -14.37 38.31 41.77
N TYR A 251 -14.29 37.77 40.54
CA TYR A 251 -13.06 37.19 40.07
C TYR A 251 -11.96 38.23 39.85
N GLU A 252 -12.32 39.50 39.81
CA GLU A 252 -11.33 40.56 39.65
C GLU A 252 -10.60 40.82 40.96
N MET A 253 -9.33 41.20 40.84
CA MET A 253 -8.55 41.52 42.02
C MET A 253 -9.02 42.83 42.63
N SER A 254 -8.74 42.99 43.93
CA SER A 254 -9.14 44.21 44.62
C SER A 254 -8.44 45.44 44.06
N GLY A 255 -7.30 45.27 43.40
CA GLY A 255 -6.60 46.38 42.82
C GLY A 255 -5.20 45.98 42.40
N LEU A 256 -4.51 46.95 41.79
CA LEU A 256 -3.14 46.76 41.33
C LEU A 256 -2.57 48.12 41.01
N GLU A 257 -1.31 48.34 41.39
CA GLU A 257 -0.64 49.62 41.18
C GLU A 257 0.67 49.37 40.45
N VAL A 258 0.65 49.58 39.13
CA VAL A 258 1.86 49.48 38.31
C VAL A 258 1.93 50.70 37.42
N SER A 259 3.12 51.29 37.33
CA SER A 259 3.31 52.45 36.49
C SER A 259 3.60 52.03 35.05
N PHE A 260 3.42 52.98 34.14
CA PHE A 260 3.87 52.75 32.77
C PHE A 260 5.38 52.72 32.67
N GLU A 261 6.07 53.39 33.59
CA GLU A 261 7.53 53.29 33.64
C GLU A 261 7.97 51.89 34.06
N GLU A 262 7.24 51.27 34.99
CA GLU A 262 7.57 49.90 35.37
C GLU A 262 7.39 48.94 34.19
N LEU A 263 6.31 49.10 33.43
CA LEU A 263 6.11 48.26 32.26
C LEU A 263 7.15 48.55 31.19
N ARG A 264 7.54 49.82 31.04
CA ARG A 264 8.61 50.17 30.11
C ARG A 264 9.92 49.52 30.51
N THR A 265 10.21 49.47 31.81
CA THR A 265 11.46 48.92 32.30
C THR A 265 11.48 47.40 32.20
N PHE A 266 10.36 46.74 32.51
CA PHE A 266 10.33 45.29 32.51
C PHE A 266 10.63 44.72 31.13
N GLY A 267 10.03 45.29 30.10
CA GLY A 267 10.24 44.79 28.76
C GLY A 267 9.48 43.50 28.50
N GLY A 268 9.85 42.84 27.41
CA GLY A 268 9.19 41.61 27.03
C GLY A 268 7.72 41.83 26.73
N HIS A 269 6.87 41.00 27.33
CA HIS A 269 5.43 41.16 27.17
C HIS A 269 4.86 42.28 28.02
N ASP A 270 5.61 42.79 29.00
CA ASP A 270 5.16 43.93 29.76
C ASP A 270 5.27 45.23 28.98
N ALA A 271 6.30 45.34 28.14
CA ALA A 271 6.46 46.54 27.33
C ALA A 271 5.43 46.65 26.21
N LYS A 272 4.67 45.59 25.96
CA LYS A 272 3.66 45.58 24.92
C LYS A 272 2.25 45.74 25.47
N PHE A 273 2.12 46.10 26.74
CA PHE A 273 0.85 46.56 27.27
C PHE A 273 0.54 47.99 26.86
N ILE A 274 1.44 48.62 26.11
CA ILE A 274 1.32 50.02 25.70
C ILE A 274 1.22 50.05 24.18
N ASP A 275 0.13 50.63 23.67
CA ASP A 275 -0.07 50.67 22.23
C ASP A 275 0.94 51.60 21.58
N SER A 276 1.09 51.45 20.27
CA SER A 276 2.04 52.26 19.52
C SER A 276 1.68 53.74 19.54
N LEU A 277 0.39 54.06 19.71
CA LEU A 277 -0.01 55.46 19.79
C LEU A 277 0.65 56.15 20.98
N GLN A 278 0.53 55.57 22.16
CA GLN A 278 1.11 56.19 23.35
C GLN A 278 2.63 56.14 23.31
N GLU A 279 3.20 55.09 22.70
CA GLU A 279 4.64 55.05 22.53
C GLU A 279 5.13 56.20 21.68
N ASN A 280 4.45 56.46 20.56
CA ASN A 280 4.83 57.59 19.72
C ASN A 280 4.58 58.91 20.42
N GLU A 281 3.51 58.99 21.22
CA GLU A 281 3.25 60.19 22.00
C GLU A 281 4.41 60.50 22.93
N PHE A 282 4.84 59.50 23.70
CA PHE A 282 5.95 59.71 24.64
C PHE A 282 7.23 60.04 23.90
N ARG A 283 7.50 59.35 22.79
CA ARG A 283 8.72 59.64 22.03
C ARG A 283 8.73 61.07 21.52
N LEU A 284 7.61 61.54 20.98
CA LEU A 284 7.54 62.90 20.47
C LEU A 284 7.65 63.92 21.61
N TYR A 285 7.02 63.63 22.75
CA TYR A 285 7.09 64.53 23.90
C TYR A 285 8.53 64.70 24.37
N TYR A 286 9.26 63.59 24.49
CA TYR A 286 10.63 63.70 24.94
C TYR A 286 11.54 64.25 23.84
N TYR A 287 11.17 64.06 22.58
CA TYR A 287 11.87 64.74 21.50
C TYR A 287 11.73 66.25 21.62
N ASN A 288 10.53 66.72 21.96
CA ASN A 288 10.32 68.15 22.18
C ASN A 288 11.13 68.64 23.38
N LYS A 289 11.17 67.85 24.45
CA LYS A 289 11.98 68.24 25.60
C LYS A 289 13.46 68.35 25.24
N PHE A 290 13.95 67.39 24.46
CA PHE A 290 15.35 67.45 24.03
C PHE A 290 15.60 68.65 23.13
N LYS A 291 14.66 68.98 22.26
CA LYS A 291 14.84 70.17 21.43
C LYS A 291 14.83 71.44 22.26
N ASP A 292 14.02 71.48 23.32
CA ASP A 292 14.05 72.63 24.23
C ASP A 292 15.40 72.75 24.91
N ILE A 293 15.95 71.62 25.37
CA ILE A 293 17.27 71.65 25.99
C ILE A 293 18.33 72.08 24.99
N ALA A 294 18.21 71.64 23.74
CA ALA A 294 19.16 72.06 22.71
C ALA A 294 19.07 73.57 22.48
N SER A 295 17.85 74.11 22.46
CA SER A 295 17.69 75.56 22.31
C SER A 295 18.32 76.30 23.49
N THR A 296 18.10 75.79 24.70
CA THR A 296 18.70 76.42 25.88
C THR A 296 20.22 76.40 25.80
N LEU A 297 20.78 75.28 25.34
CA LEU A 297 22.24 75.21 25.17
C LEU A 297 22.71 76.18 24.09
N ASN A 298 21.91 76.37 23.03
CA ASN A 298 22.32 77.26 21.96
C ASN A 298 22.44 78.71 22.44
N LYS A 299 21.54 79.13 23.32
CA LYS A 299 21.54 80.50 23.84
C LYS A 299 22.45 80.67 25.05
N ALA A 300 23.44 79.78 25.21
CA ALA A 300 24.39 79.90 26.31
C ALA A 300 25.54 80.82 25.92
N LYS A 301 26.08 81.52 26.91
CA LYS A 301 27.15 82.47 26.65
C LYS A 301 28.37 82.21 27.53
N SER A 302 28.13 81.77 28.76
CA SER A 302 29.22 81.49 29.69
C SER A 302 28.72 80.50 30.74
N ILE A 303 29.61 80.15 31.67
CA ILE A 303 29.30 79.19 32.72
C ILE A 303 29.45 79.87 34.08
N VAL A 304 28.72 79.36 35.06
CA VAL A 304 28.71 79.92 36.41
C VAL A 304 29.08 78.82 37.39
N GLY A 305 30.03 79.11 38.28
CA GLY A 305 30.35 78.20 39.37
C GLY A 305 31.49 77.25 39.12
N THR A 306 32.23 77.39 38.03
CA THR A 306 33.36 76.52 37.75
C THR A 306 34.30 77.22 36.79
N THR A 307 35.53 76.68 36.70
CA THR A 307 36.54 77.19 35.80
C THR A 307 36.56 76.48 34.46
N ALA A 308 35.64 75.55 34.24
CA ALA A 308 35.62 74.80 33.00
C ALA A 308 35.28 75.70 31.81
N SER A 309 35.87 75.38 30.66
CA SER A 309 35.64 76.17 29.46
C SER A 309 34.23 75.93 28.92
N LEU A 310 33.73 76.92 28.18
CA LEU A 310 32.40 76.81 27.59
C LEU A 310 32.36 75.67 26.58
N GLN A 311 33.41 75.52 25.77
CA GLN A 311 33.45 74.45 24.77
C GLN A 311 33.41 73.09 25.44
N TYR A 312 34.07 72.94 26.58
CA TYR A 312 34.07 71.66 27.29
C TYR A 312 32.65 71.28 27.71
N MET A 313 31.91 72.22 28.27
CA MET A 313 30.54 71.94 28.69
C MET A 313 29.64 71.67 27.48
N LYS A 314 29.85 72.41 26.40
CA LYS A 314 29.12 72.14 25.17
C LYS A 314 29.33 70.70 24.72
N ASN A 315 30.60 70.25 24.69
CA ASN A 315 30.90 68.90 24.28
C ASN A 315 30.30 67.87 25.25
N VAL A 316 30.37 68.16 26.55
CA VAL A 316 29.84 67.22 27.53
C VAL A 316 28.36 67.00 27.33
N PHE A 317 27.59 68.09 27.21
CA PHE A 317 26.15 67.92 27.07
C PHE A 317 25.75 67.44 25.68
N LYS A 318 26.54 67.77 24.66
CA LYS A 318 26.32 67.17 23.35
C LYS A 318 26.48 65.66 23.41
N GLU A 319 27.53 65.19 24.09
CA GLU A 319 27.74 63.75 24.21
C GLU A 319 26.63 63.10 25.03
N LYS A 320 26.17 63.77 26.09
CA LYS A 320 25.09 63.20 26.87
C LYS A 320 23.81 63.09 26.05
N TYR A 321 23.47 64.12 25.29
CA TYR A 321 22.21 64.16 24.57
C TYR A 321 22.34 63.81 23.09
N LEU A 322 23.55 63.48 22.62
CA LEU A 322 23.79 63.13 21.22
C LEU A 322 23.30 64.22 20.28
N LEU A 323 23.52 65.47 20.64
CA LEU A 323 23.11 66.58 19.81
C LEU A 323 24.04 66.74 18.61
N SER A 324 23.63 67.56 17.66
CA SER A 324 24.39 67.81 16.45
C SER A 324 24.96 69.21 16.46
N GLU A 325 26.21 69.33 15.98
CA GLU A 325 26.90 70.62 15.91
C GLU A 325 27.13 70.97 14.45
N ASP A 326 26.76 72.19 14.07
CA ASP A 326 26.98 72.68 12.73
C ASP A 326 28.34 73.39 12.65
N THR A 327 28.63 74.00 11.52
CA THR A 327 29.86 74.79 11.39
C THR A 327 29.85 76.01 12.31
N SER A 328 28.68 76.50 12.68
CA SER A 328 28.56 77.65 13.57
C SER A 328 28.42 77.26 15.03
N GLY A 329 28.47 75.98 15.35
CA GLY A 329 28.37 75.52 16.73
C GLY A 329 26.96 75.42 17.27
N LYS A 330 25.94 75.72 16.48
CA LYS A 330 24.57 75.60 16.94
C LYS A 330 24.20 74.13 17.12
N PHE A 331 23.42 73.86 18.17
CA PHE A 331 23.02 72.49 18.51
C PHE A 331 21.57 72.27 18.16
N SER A 332 21.29 71.18 17.46
CA SER A 332 19.93 70.78 17.10
C SER A 332 19.76 69.29 17.37
N VAL A 333 18.53 68.88 17.62
CA VAL A 333 18.21 67.50 17.96
C VAL A 333 17.85 66.76 16.68
N ASP A 334 18.76 65.91 16.21
CA ASP A 334 18.47 65.09 15.03
C ASP A 334 17.41 64.05 15.39
N LYS A 335 16.45 63.85 14.48
CA LYS A 335 15.40 62.88 14.73
C LYS A 335 15.95 61.47 14.81
N LEU A 336 16.86 61.11 13.90
CA LEU A 336 17.40 59.76 13.88
C LEU A 336 18.19 59.46 15.15
N LYS A 337 19.06 60.38 15.55
CA LYS A 337 19.89 60.15 16.73
C LYS A 337 19.05 60.08 18.00
N PHE A 338 18.05 60.95 18.12
CA PHE A 338 17.17 60.86 19.28
C PHE A 338 16.38 59.57 19.26
N ASP A 339 15.94 59.12 18.08
CA ASP A 339 15.22 57.87 18.00
C ASP A 339 16.09 56.70 18.48
N LYS A 340 17.35 56.68 18.02
CA LYS A 340 18.26 55.62 18.43
C LYS A 340 18.52 55.67 19.94
N LEU A 341 18.73 56.88 20.47
CA LEU A 341 18.99 57.03 21.90
C LEU A 341 17.78 56.60 22.73
N TYR A 342 16.58 57.00 22.31
CA TYR A 342 15.38 56.61 23.04
C TYR A 342 15.17 55.11 22.97
N LYS A 343 15.46 54.50 21.82
CA LYS A 343 15.39 53.04 21.71
C LYS A 343 16.38 52.39 22.67
N MET A 344 17.60 52.91 22.74
CA MET A 344 18.60 52.35 23.64
C MET A 344 18.17 52.47 25.09
N LEU A 345 17.63 53.63 25.47
CA LEU A 345 17.32 53.86 26.88
C LEU A 345 16.05 53.14 27.31
N THR A 346 15.09 52.97 26.40
CA THR A 346 13.77 52.52 26.78
C THR A 346 13.48 51.07 26.44
N GLU A 347 13.62 50.67 25.18
CA GLU A 347 13.24 49.33 24.75
C GLU A 347 14.43 48.37 24.66
N ILE A 348 15.62 48.81 25.00
CA ILE A 348 16.81 47.95 25.03
C ILE A 348 17.24 47.67 26.46
N TYR A 349 17.48 48.72 27.24
CA TYR A 349 17.79 48.54 28.65
C TYR A 349 16.53 48.15 29.41
N THR A 350 16.01 46.96 29.15
CA THR A 350 14.88 46.42 29.89
C THR A 350 15.35 45.27 30.75
N GLU A 351 14.59 44.97 31.79
CA GLU A 351 14.96 43.86 32.67
C GLU A 351 14.95 42.54 31.92
N ASP A 352 14.07 42.39 30.93
CA ASP A 352 14.01 41.14 30.19
C ASP A 352 15.30 40.87 29.44
N ASN A 353 15.88 41.90 28.83
CA ASN A 353 17.16 41.73 28.15
C ASN A 353 18.27 41.38 29.14
N PHE A 354 18.21 41.95 30.34
CA PHE A 354 19.18 41.59 31.37
C PHE A 354 19.03 40.14 31.80
N VAL A 355 17.80 39.65 31.89
CA VAL A 355 17.59 38.24 32.22
C VAL A 355 18.09 37.35 31.10
N LYS A 356 17.94 37.80 29.85
CA LYS A 356 18.49 37.04 28.72
C LYS A 356 20.01 36.99 28.78
N PHE A 357 20.65 38.10 29.15
CA PHE A 357 22.11 38.12 29.18
C PHE A 357 22.69 37.39 30.38
N PHE A 358 22.03 37.48 31.54
CA PHE A 358 22.50 36.78 32.72
C PHE A 358 22.27 35.28 32.66
N LYS A 359 21.38 34.82 31.78
CA LYS A 359 21.03 33.40 31.65
C LYS A 359 20.56 32.86 32.99
N VAL A 360 19.66 33.59 33.63
CA VAL A 360 19.08 33.18 34.90
C VAL A 360 17.59 32.98 34.74
N LEU A 361 16.92 32.61 35.82
CA LEU A 361 15.49 32.32 35.81
C LEU A 361 14.77 33.42 36.60
N ASN A 362 14.15 34.35 35.88
CA ASN A 362 13.41 35.45 36.49
C ASN A 362 12.00 35.45 35.93
N ALA A 363 11.05 35.88 36.77
CA ALA A 363 9.66 35.98 36.34
C ALA A 363 9.54 36.89 35.14
N LYS A 364 8.84 36.43 34.10
CA LYS A 364 8.77 37.17 32.85
C LYS A 364 7.84 38.37 32.95
N THR A 365 6.73 38.23 33.68
CA THR A 365 5.74 39.28 33.80
C THR A 365 5.61 39.71 35.26
N PHE A 366 5.31 41.00 35.45
CA PHE A 366 5.13 41.51 36.80
C PHE A 366 3.96 40.85 37.52
N LEU A 367 3.02 40.28 36.77
CA LEU A 367 1.90 39.57 37.39
C LEU A 367 2.36 38.34 38.15
N ASN A 368 3.57 37.86 37.89
CA ASN A 368 4.15 36.75 38.63
C ASN A 368 4.55 37.29 40.00
N PHE A 369 3.57 37.37 40.89
CA PHE A 369 3.79 37.93 42.21
C PHE A 369 4.74 37.06 43.01
N ASP A 370 5.75 37.69 43.62
CA ASP A 370 6.68 36.97 44.48
C ASP A 370 5.99 36.53 45.75
N LYS A 371 6.39 35.37 46.27
CA LYS A 371 5.67 34.71 47.33
C LYS A 371 6.34 34.76 48.70
N ALA A 372 7.67 34.75 48.77
CA ALA A 372 8.33 34.68 50.07
C ALA A 372 9.55 35.60 50.08
N VAL A 373 10.19 35.68 51.25
CA VAL A 373 11.38 36.51 51.45
C VAL A 373 12.54 35.60 51.85
N PHE A 374 13.69 35.78 51.22
CA PHE A 374 14.85 34.95 51.47
C PHE A 374 16.06 35.82 51.74
N LYS A 375 16.66 35.66 52.92
CA LYS A 375 17.93 36.30 53.22
C LYS A 375 19.06 35.49 52.61
N ILE A 376 19.98 36.18 51.93
CA ILE A 376 21.05 35.55 51.19
C ILE A 376 22.38 36.14 51.63
N ASN A 377 23.45 35.69 50.98
CA ASN A 377 24.78 36.25 51.13
C ASN A 377 25.53 36.00 49.84
N ILE A 378 26.09 37.06 49.25
CA ILE A 378 26.64 36.97 47.91
C ILE A 378 28.14 37.21 47.85
N VAL A 379 28.74 37.90 48.82
CA VAL A 379 30.19 38.15 48.76
C VAL A 379 31.00 36.87 48.76
N PRO A 380 30.72 35.85 49.59
CA PRO A 380 31.54 34.63 49.52
C PRO A 380 31.44 33.97 48.16
N LYS A 381 32.59 33.84 47.49
CA LYS A 381 32.61 33.27 46.15
C LYS A 381 32.10 31.84 46.12
N VAL A 382 32.17 31.13 47.24
CA VAL A 382 31.58 29.80 47.33
C VAL A 382 30.07 29.84 47.31
N ASN A 383 29.47 31.02 47.48
CA ASN A 383 28.02 31.17 47.47
C ASN A 383 27.49 31.90 46.25
N TYR A 384 28.31 32.73 45.60
CA TYR A 384 27.82 33.57 44.52
C TYR A 384 29.02 34.03 43.69
N THR A 385 28.94 33.85 42.38
CA THR A 385 30.01 34.23 41.48
C THR A 385 29.60 35.42 40.64
N ILE A 386 30.59 36.17 40.17
CA ILE A 386 30.33 37.31 39.30
C ILE A 386 29.69 36.84 38.00
N TYR A 387 30.29 35.83 37.36
CA TYR A 387 29.85 35.41 36.04
C TYR A 387 28.71 34.40 36.08
N ASP A 388 28.35 33.88 37.25
CA ASP A 388 27.39 32.78 37.31
C ASP A 388 26.26 33.00 38.30
N GLY A 389 26.38 33.92 39.25
CA GLY A 389 25.30 34.07 40.20
C GLY A 389 25.18 32.85 41.09
N PHE A 390 23.97 32.62 41.59
CA PHE A 390 23.73 31.47 42.47
C PHE A 390 23.97 30.14 41.76
N ASN A 391 23.96 30.12 40.44
CA ASN A 391 24.16 28.88 39.67
C ASN A 391 25.64 28.70 39.41
N LEU A 392 26.33 28.16 40.42
CA LEU A 392 27.76 27.92 40.31
C LEU A 392 28.06 26.93 39.20
N ARG A 393 29.02 27.26 38.34
CA ARG A 393 29.35 26.40 37.22
C ARG A 393 30.09 25.15 37.68
N ASN A 394 30.02 24.11 36.83
CA ASN A 394 30.69 22.84 37.08
C ASN A 394 30.28 22.26 38.44
N THR A 395 29.00 22.39 38.77
CA THR A 395 28.49 21.91 40.03
C THR A 395 27.04 21.51 39.84
N ASN A 396 26.44 20.96 40.89
CA ASN A 396 25.03 20.61 40.85
C ASN A 396 24.16 21.84 40.63
N LEU A 397 24.62 23.01 41.08
CA LEU A 397 23.82 24.22 40.97
C LEU A 397 23.76 24.75 39.54
N ALA A 398 24.74 24.42 38.71
CA ALA A 398 24.75 24.90 37.33
C ALA A 398 23.56 24.36 36.55
N ALA A 399 23.22 23.09 36.78
CA ALA A 399 22.23 22.42 35.96
C ALA A 399 20.82 22.83 36.37
N ASN A 400 19.96 23.02 35.37
CA ASN A 400 18.52 23.10 35.55
C ASN A 400 18.11 24.26 36.45
N PHE A 401 18.90 25.33 36.45
CA PHE A 401 18.65 26.50 37.30
C PHE A 401 18.46 26.09 38.75
N ASN A 402 19.23 25.10 39.17
CA ASN A 402 19.06 24.57 40.52
C ASN A 402 19.64 25.49 41.58
N GLY A 403 20.70 26.23 41.25
CA GLY A 403 21.33 27.11 42.21
C GLY A 403 20.41 28.16 42.77
N GLN A 404 19.35 28.49 42.05
CA GLN A 404 18.36 29.45 42.53
C GLN A 404 17.21 28.80 43.26
N ASN A 405 17.24 27.48 43.45
CA ASN A 405 16.19 26.82 44.20
C ASN A 405 16.48 26.92 45.69
N THR A 406 15.44 27.23 46.46
CA THR A 406 15.58 27.42 47.89
C THR A 406 15.24 26.18 48.70
N GLU A 407 14.89 25.07 48.05
CA GLU A 407 14.75 23.80 48.72
C GLU A 407 15.91 22.84 48.44
N ILE A 408 16.67 23.08 47.38
CA ILE A 408 17.81 22.23 47.05
C ILE A 408 19.09 22.91 47.51
N ASN A 409 19.33 24.13 47.02
CA ASN A 409 20.49 24.91 47.45
C ASN A 409 20.15 25.67 48.74
N ASN A 410 19.72 24.92 49.75
CA ASN A 410 19.17 25.50 50.96
C ASN A 410 20.21 26.18 51.84
N MET A 411 21.50 25.96 51.57
CA MET A 411 22.52 26.63 52.37
C MET A 411 22.70 28.09 51.99
N ASN A 412 22.14 28.53 50.87
CA ASN A 412 22.35 29.86 50.35
C ASN A 412 21.13 30.76 50.47
N PHE A 413 20.02 30.26 51.01
CA PHE A 413 18.78 31.02 51.10
C PHE A 413 18.09 30.68 52.41
N THR A 414 17.82 31.69 53.22
CA THR A 414 17.16 31.51 54.52
C THR A 414 15.76 32.11 54.45
N LYS A 415 14.76 31.27 54.68
CA LYS A 415 13.38 31.72 54.62
C LYS A 415 13.08 32.69 55.77
N LEU A 416 12.30 33.73 55.48
CA LEU A 416 12.00 34.76 56.45
C LEU A 416 10.51 34.92 56.62
N LYS A 417 10.11 35.45 57.77
CA LYS A 417 8.70 35.72 58.03
C LYS A 417 8.20 36.87 57.16
N ASN A 418 7.10 36.64 56.47
CA ASN A 418 6.49 37.66 55.63
C ASN A 418 5.44 38.41 56.44
N PHE A 419 5.61 39.72 56.56
CA PHE A 419 4.67 40.52 57.35
C PHE A 419 3.35 40.74 56.64
N THR A 420 3.32 40.64 55.32
CA THR A 420 2.05 40.60 54.58
C THR A 420 1.47 39.21 54.79
N GLY A 421 0.88 39.02 55.97
CA GLY A 421 0.42 37.71 56.39
C GLY A 421 -0.71 37.20 55.52
N LEU A 422 -1.01 35.92 55.71
CA LEU A 422 -2.08 35.28 54.96
C LEU A 422 -3.42 35.95 55.30
N PHE A 423 -4.17 36.28 54.25
CA PHE A 423 -5.49 36.90 54.38
C PHE A 423 -5.39 38.24 55.10
N GLU A 424 -4.49 39.10 54.61
CA GLU A 424 -4.41 40.49 55.07
C GLU A 424 -5.08 41.42 54.08
N PHE A 425 -4.63 41.41 52.83
CA PHE A 425 -5.32 42.07 51.72
C PHE A 425 -5.90 40.97 50.85
N TYR A 426 -7.22 40.82 50.88
CA TYR A 426 -7.85 39.65 50.28
C TYR A 426 -9.29 39.97 49.93
N LYS A 427 -9.96 39.00 49.33
CA LYS A 427 -11.39 39.05 49.09
C LYS A 427 -12.02 37.74 49.56
N LEU A 428 -13.24 37.86 50.05
CA LEU A 428 -14.01 36.71 50.52
C LEU A 428 -14.97 36.30 49.41
N LEU A 429 -14.85 35.06 48.97
CA LEU A 429 -15.73 34.51 47.93
C LEU A 429 -16.64 33.47 48.56
N CYS A 430 -17.96 33.66 48.39
CA CYS A 430 -18.96 32.80 49.00
C CYS A 430 -19.86 32.22 47.92
N VAL A 431 -20.11 30.92 48.03
CA VAL A 431 -21.12 30.24 47.22
C VAL A 431 -22.38 30.14 48.05
N ARG A 432 -23.50 30.57 47.47
CA ARG A 432 -24.76 30.60 48.20
C ARG A 432 -25.23 29.20 48.55
N GLY A 433 -25.93 29.09 49.68
CA GLY A 433 -26.46 27.83 50.14
C GLY A 433 -27.77 28.01 50.89
N ASN A 451 -25.90 26.39 53.90
CA ASN A 451 -25.09 27.53 54.33
C ASN A 451 -24.22 28.06 53.20
N ASP A 452 -23.97 29.37 53.21
CA ASP A 452 -23.14 30.00 52.19
C ASP A 452 -21.67 29.75 52.52
N LEU A 453 -21.01 28.92 51.71
CA LEU A 453 -19.63 28.55 51.98
C LEU A 453 -18.69 29.65 51.52
N CYS A 454 -17.86 30.15 52.44
CA CYS A 454 -17.01 31.29 52.16
C CYS A 454 -15.54 30.92 52.34
N ILE A 455 -14.71 31.41 51.43
CA ILE A 455 -13.26 31.23 51.51
C ILE A 455 -12.61 32.60 51.33
N LYS A 456 -11.36 32.68 51.77
CA LYS A 456 -10.55 33.87 51.62
C LYS A 456 -9.51 33.64 50.53
N VAL A 457 -9.40 34.57 49.59
CA VAL A 457 -8.43 34.47 48.50
C VAL A 457 -7.61 35.75 48.49
N ASN A 458 -6.29 35.60 48.46
CA ASN A 458 -5.38 36.73 48.56
C ASN A 458 -5.65 37.73 47.44
N ASN A 459 -5.29 38.99 47.69
CA ASN A 459 -5.52 40.04 46.69
C ASN A 459 -4.75 39.76 45.41
N TRP A 460 -3.49 39.36 45.54
CA TRP A 460 -2.66 39.07 44.39
C TRP A 460 -2.83 37.66 43.87
N ASP A 461 -3.78 36.92 44.45
CA ASP A 461 -4.18 35.60 43.97
C ASP A 461 -5.30 35.66 42.94
N LEU A 462 -5.84 36.85 42.66
CA LEU A 462 -7.03 37.00 41.84
C LEU A 462 -6.68 37.40 40.42
N PHE A 463 -7.70 37.54 39.57
CA PHE A 463 -7.51 37.84 38.17
C PHE A 463 -7.27 39.32 37.94
N PHE A 464 -6.47 39.62 36.91
CA PHE A 464 -6.11 40.97 36.53
C PHE A 464 -6.70 41.25 35.17
N SER A 465 -7.51 42.30 35.06
CA SER A 465 -8.14 42.69 33.80
C SER A 465 -7.93 44.19 33.60
N PRO A 466 -7.24 44.60 32.55
CA PRO A 466 -7.04 46.04 32.33
C PRO A 466 -8.32 46.73 31.90
N SER A 467 -8.37 48.04 32.12
CA SER A 467 -9.46 48.86 31.66
C SER A 467 -9.20 49.29 30.21
N GLU A 468 -10.29 49.52 29.48
CA GLU A 468 -10.18 49.85 28.06
C GLU A 468 -9.54 51.21 27.83
N ASP A 469 -9.46 52.04 28.86
CA ASP A 469 -8.87 53.37 28.69
C ASP A 469 -7.40 53.29 28.31
N ASN A 470 -6.70 52.24 28.75
CA ASN A 470 -5.29 52.09 28.43
C ASN A 470 -5.06 51.78 26.97
N PHE A 471 -6.10 51.45 26.21
CA PHE A 471 -5.99 51.04 24.82
C PHE A 471 -6.70 52.08 23.96
N THR A 472 -5.97 53.12 23.56
CA THR A 472 -6.50 54.18 22.71
C THR A 472 -5.78 54.13 21.37
N ASN A 473 -6.54 54.35 20.30
CA ASN A 473 -6.00 54.28 18.95
C ASN A 473 -6.57 55.42 18.12
N ASP A 474 -5.77 55.85 17.13
CA ASP A 474 -6.19 56.86 16.18
C ASP A 474 -6.64 56.25 14.86
N LEU A 475 -7.08 55.00 14.88
CA LEU A 475 -7.49 54.33 13.65
C LEU A 475 -8.72 55.00 13.03
N ASN A 476 -9.68 55.40 13.87
CA ASN A 476 -10.86 56.08 13.35
C ASN A 476 -10.55 57.47 12.81
N LYS A 477 -9.35 57.99 13.05
CA LYS A 477 -8.96 59.29 12.55
C LYS A 477 -8.56 59.17 11.08
N GLY A 478 -9.20 59.96 10.23
CA GLY A 478 -8.81 60.00 8.83
C GLY A 478 -7.44 60.60 8.65
N GLU A 479 -6.81 60.25 7.53
CA GLU A 479 -5.44 60.67 7.25
C GLU A 479 -5.36 61.23 5.84
N GLU A 480 -4.55 62.28 5.68
CA GLU A 480 -4.36 62.94 4.40
C GLU A 480 -2.98 62.56 3.85
N ILE A 481 -2.95 62.15 2.58
CA ILE A 481 -1.76 61.59 1.96
C ILE A 481 -1.16 62.63 1.03
N THR A 482 0.14 62.85 1.17
CA THR A 482 0.88 63.73 0.28
C THR A 482 1.88 62.93 -0.53
N SER A 483 2.50 63.60 -1.51
CA SER A 483 3.48 62.91 -2.35
C SER A 483 4.74 62.58 -1.56
N ASP A 484 5.28 63.55 -0.83
CA ASP A 484 6.51 63.36 -0.08
C ASP A 484 6.30 62.64 1.24
N THR A 485 5.11 62.07 1.47
CA THR A 485 4.85 61.36 2.71
C THR A 485 5.78 60.16 2.84
N ASN A 486 6.36 60.00 4.02
CA ASN A 486 7.31 58.93 4.30
C ASN A 486 6.61 57.81 5.05
N ILE A 487 7.03 56.58 4.78
CA ILE A 487 6.48 55.39 5.43
C ILE A 487 7.43 54.98 6.54
N GLU A 488 6.91 54.84 7.75
CA GLU A 488 7.73 54.51 8.91
C GLU A 488 8.26 53.08 8.81
N ALA A 489 9.43 52.87 9.40
CA ALA A 489 10.04 51.55 9.41
C ALA A 489 9.31 50.62 10.37
N ALA A 490 9.51 49.32 10.19
CA ALA A 490 8.80 48.32 10.96
C ALA A 490 9.28 48.31 12.42
N GLU A 491 8.36 47.96 13.32
CA GLU A 491 8.65 47.87 14.76
C GLU A 491 9.09 46.44 15.07
N GLU A 492 10.36 46.17 14.76
CA GLU A 492 10.92 44.85 15.01
C GLU A 492 11.08 44.60 16.50
N ASN A 493 10.94 43.34 16.89
CA ASN A 493 11.19 42.96 18.27
C ASN A 493 12.68 43.02 18.57
N ILE A 494 13.00 43.29 19.84
CA ILE A 494 14.39 43.42 20.26
C ILE A 494 14.96 42.03 20.54
N SER A 495 16.06 41.72 19.86
CA SER A 495 16.75 40.45 20.05
C SER A 495 18.22 40.72 20.36
N LEU A 496 18.91 39.68 20.83
CA LEU A 496 20.32 39.84 21.16
C LEU A 496 21.15 40.25 19.96
N ASP A 497 20.69 39.96 18.74
CA ASP A 497 21.39 40.43 17.55
C ASP A 497 21.48 41.95 17.54
N LEU A 498 20.36 42.63 17.77
CA LEU A 498 20.37 44.09 17.77
C LEU A 498 21.11 44.66 18.97
N ILE A 499 21.01 44.00 20.12
CA ILE A 499 21.74 44.47 21.30
C ILE A 499 23.25 44.42 21.04
N GLN A 500 23.71 43.32 20.46
CA GLN A 500 25.12 43.24 20.08
C GLN A 500 25.47 44.25 18.99
N GLN A 501 24.55 44.50 18.06
CA GLN A 501 24.77 45.51 17.04
C GLN A 501 25.04 46.87 17.67
N TYR A 502 24.22 47.25 18.66
CA TYR A 502 24.41 48.54 19.30
C TYR A 502 25.61 48.55 20.24
N TYR A 503 25.93 47.40 20.85
CA TYR A 503 27.14 47.32 21.66
C TYR A 503 28.39 47.50 20.80
N LEU A 504 28.35 47.03 19.57
CA LEU A 504 29.51 47.14 18.69
C LEU A 504 29.83 48.60 18.38
N THR A 505 28.80 49.43 18.18
CA THR A 505 28.98 50.83 17.86
C THR A 505 28.94 51.74 19.08
N PHE A 506 28.68 51.18 20.27
CA PHE A 506 28.67 52.00 21.48
C PHE A 506 30.07 52.52 21.78
N ASN A 507 30.16 53.81 22.13
CA ASN A 507 31.43 54.45 22.44
C ASN A 507 31.69 54.36 23.93
N PHE A 508 32.62 53.49 24.33
CA PHE A 508 32.97 53.31 25.73
C PHE A 508 34.17 54.14 26.16
N ASP A 509 34.79 54.90 25.25
CA ASP A 509 36.01 55.60 25.60
C ASP A 509 35.72 56.93 26.30
N ASN A 510 34.70 57.66 25.87
CA ASN A 510 34.40 58.95 26.46
C ASN A 510 33.88 58.77 27.88
N GLU A 511 34.42 59.55 28.81
CA GLU A 511 33.99 59.54 30.19
C GLU A 511 33.91 60.98 30.70
N PRO A 512 32.94 61.28 31.55
CA PRO A 512 32.85 62.63 32.12
C PRO A 512 34.09 63.00 32.92
N GLU A 513 34.49 64.26 32.82
CA GLU A 513 35.58 64.76 33.62
C GLU A 513 35.08 65.19 34.99
N ASN A 514 35.87 64.86 36.03
CA ASN A 514 35.52 65.23 37.40
C ASN A 514 36.03 66.64 37.67
N ILE A 515 35.35 67.62 37.08
CA ILE A 515 35.76 69.01 37.22
C ILE A 515 35.38 69.52 38.61
N SER A 516 36.08 70.57 39.03
CA SER A 516 35.86 71.18 40.34
C SER A 516 34.94 72.37 40.19
N ILE A 517 33.92 72.44 41.04
CA ILE A 517 32.97 73.53 41.03
C ILE A 517 33.08 74.30 42.35
N GLU A 518 32.47 75.48 42.37
CA GLU A 518 32.52 76.32 43.56
C GLU A 518 31.79 75.65 44.72
N ASN A 519 32.28 75.91 45.92
CA ASN A 519 31.70 75.29 47.11
C ASN A 519 30.27 75.75 47.32
N LEU A 520 29.40 74.80 47.68
CA LEU A 520 28.01 75.07 47.93
C LEU A 520 27.80 75.33 49.43
N SER A 521 26.54 75.36 49.86
CA SER A 521 26.24 75.51 51.27
C SER A 521 26.68 74.28 52.05
N SER A 522 27.04 74.50 53.32
CA SER A 522 27.42 73.38 54.18
C SER A 522 26.24 72.43 54.38
N ASP A 523 25.05 72.97 54.56
CA ASP A 523 23.82 72.18 54.63
C ASP A 523 23.05 72.41 53.33
N ILE A 524 23.04 71.41 52.46
CA ILE A 524 22.32 71.51 51.20
C ILE A 524 20.82 71.35 51.47
N ILE A 525 20.04 72.31 51.01
CA ILE A 525 18.59 72.29 51.15
C ILE A 525 18.01 71.71 49.88
N GLY A 526 17.22 70.65 50.01
CA GLY A 526 16.56 70.05 48.88
C GLY A 526 15.36 69.26 49.33
N GLN A 527 14.35 69.19 48.47
CA GLN A 527 13.11 68.49 48.77
C GLN A 527 12.88 67.44 47.69
N LEU A 528 12.57 66.22 48.12
CA LEU A 528 12.28 65.15 47.18
C LEU A 528 10.97 65.45 46.44
N GLU A 529 10.93 65.01 45.18
CA GLU A 529 9.75 65.27 44.35
C GLU A 529 8.53 64.60 44.95
N LEU A 530 7.39 65.28 44.86
CA LEU A 530 6.14 64.79 45.43
C LEU A 530 5.48 63.86 44.43
N MET A 531 5.60 62.56 44.68
CA MET A 531 4.88 61.59 43.87
C MET A 531 3.39 61.61 44.24
N PRO A 532 2.50 61.33 43.30
CA PRO A 532 1.07 61.35 43.60
C PRO A 532 0.71 60.33 44.68
N ASN A 533 -0.22 60.71 45.54
CA ASN A 533 -0.68 59.82 46.60
C ASN A 533 -1.70 58.85 46.03
N ILE A 534 -1.46 57.56 46.22
CA ILE A 534 -2.29 56.51 45.65
C ILE A 534 -3.25 56.01 46.71
N GLU A 535 -4.54 56.04 46.39
CA GLU A 535 -5.56 55.59 47.33
C GLU A 535 -5.55 54.07 47.43
N ARG A 536 -5.58 53.57 48.67
CA ARG A 536 -5.61 52.13 48.89
C ARG A 536 -6.92 51.54 48.39
N PHE A 537 -6.83 50.40 47.71
CA PHE A 537 -8.03 49.73 47.23
C PHE A 537 -8.75 49.06 48.40
N PRO A 538 -10.07 48.86 48.29
CA PRO A 538 -10.84 48.34 49.43
C PRO A 538 -10.35 46.99 49.89
N ASN A 539 -10.40 46.78 51.20
CA ASN A 539 -9.94 45.54 51.82
C ASN A 539 -11.08 44.95 52.63
N GLY A 540 -11.14 43.62 52.66
CA GLY A 540 -12.21 42.93 53.36
C GLY A 540 -13.52 42.85 52.60
N LYS A 541 -13.54 43.25 51.34
CA LYS A 541 -14.77 43.20 50.56
C LYS A 541 -15.25 41.76 50.39
N LYS A 542 -16.55 41.57 50.56
CA LYS A 542 -17.15 40.24 50.57
C LYS A 542 -18.06 40.09 49.35
N TYR A 543 -17.99 38.93 48.71
CA TYR A 543 -18.78 38.61 47.54
C TYR A 543 -19.68 37.41 47.81
N GLU A 544 -20.61 37.17 46.89
CA GLU A 544 -21.51 36.03 46.96
C GLU A 544 -21.71 35.48 45.56
N LEU A 545 -21.70 34.15 45.44
CA LEU A 545 -21.79 33.48 44.16
C LEU A 545 -22.87 32.40 44.19
N ASP A 546 -23.39 32.09 43.01
CA ASP A 546 -24.35 31.01 42.85
C ASP A 546 -23.69 29.67 42.56
N LYS A 547 -22.37 29.64 42.39
CA LYS A 547 -21.67 28.41 42.07
C LYS A 547 -20.20 28.59 42.47
N TYR A 548 -19.48 27.47 42.53
CA TYR A 548 -18.07 27.51 42.83
C TYR A 548 -17.29 28.12 41.67
N THR A 549 -15.97 28.17 41.81
CA THR A 549 -15.11 28.73 40.78
C THR A 549 -13.75 28.05 40.86
N MET A 550 -12.76 28.66 40.21
CA MET A 550 -11.39 28.17 40.34
C MET A 550 -10.90 28.34 41.78
N PHE A 551 -11.30 29.43 42.43
CA PHE A 551 -10.80 29.72 43.77
C PHE A 551 -11.34 28.73 44.80
N HIS A 552 -12.66 28.51 44.79
CA HIS A 552 -13.24 27.54 45.71
C HIS A 552 -12.68 26.14 45.46
N TYR A 553 -12.57 25.75 44.19
CA TYR A 553 -12.08 24.41 43.86
C TYR A 553 -10.63 24.24 44.30
N LEU A 554 -9.79 25.25 44.09
CA LEU A 554 -8.39 25.12 44.49
C LEU A 554 -8.24 25.11 46.00
N ARG A 555 -9.05 25.92 46.71
CA ARG A 555 -9.02 25.88 48.18
C ARG A 555 -9.50 24.53 48.70
N ALA A 556 -10.41 23.88 47.99
CA ALA A 556 -10.87 22.56 48.43
C ALA A 556 -9.77 21.51 48.37
N GLN A 557 -8.65 21.80 47.70
CA GLN A 557 -7.52 20.90 47.63
C GLN A 557 -6.50 21.12 48.74
N GLU A 558 -6.80 22.00 49.70
CA GLU A 558 -5.85 22.31 50.76
C GLU A 558 -6.11 21.46 51.99
N PHE A 559 -5.23 21.58 52.98
CA PHE A 559 -5.20 20.70 54.13
C PHE A 559 -4.34 21.35 55.20
N GLU A 560 -4.19 20.66 56.33
CA GLU A 560 -3.35 21.11 57.43
C GLU A 560 -2.45 19.97 57.88
N HIS A 561 -1.26 20.33 58.35
CA HIS A 561 -0.34 19.34 58.92
C HIS A 561 -0.70 19.09 60.37
N GLY A 562 -0.86 17.82 60.73
CA GLY A 562 -1.24 17.46 62.08
C GLY A 562 -1.15 15.98 62.34
N LYS A 563 -1.93 15.50 63.32
CA LYS A 563 -1.95 14.09 63.70
C LYS A 563 -3.28 13.43 63.39
N SER A 564 -4.10 14.04 62.52
CA SER A 564 -5.40 13.52 62.17
C SER A 564 -5.36 12.95 60.75
N ARG A 565 -5.90 11.75 60.58
CA ARG A 565 -5.94 11.12 59.27
C ARG A 565 -6.75 11.96 58.29
N ILE A 566 -6.19 12.17 57.10
CA ILE A 566 -6.86 12.94 56.05
C ILE A 566 -7.19 12.00 54.91
N ALA A 567 -8.30 12.30 54.23
CA ALA A 567 -8.81 11.45 53.16
C ALA A 567 -9.07 12.27 51.91
N LEU A 568 -8.72 11.69 50.75
CA LEU A 568 -8.98 12.31 49.46
C LEU A 568 -10.37 11.90 48.97
N THR A 569 -11.24 12.88 48.79
CA THR A 569 -12.59 12.64 48.32
C THR A 569 -12.91 13.60 47.18
N ASN A 570 -13.56 13.07 46.13
CA ASN A 570 -13.87 13.88 44.95
C ASN A 570 -14.96 14.91 45.21
N SER A 571 -15.64 14.85 46.36
CA SER A 571 -16.70 15.79 46.67
C SER A 571 -16.10 17.09 47.20
N VAL A 572 -16.29 18.18 46.45
CA VAL A 572 -15.74 19.47 46.86
C VAL A 572 -16.42 19.97 48.12
N ASN A 573 -17.73 19.78 48.23
CA ASN A 573 -18.48 20.36 49.35
C ASN A 573 -18.00 19.81 50.68
N GLU A 574 -17.82 18.49 50.76
CA GLU A 574 -17.35 17.89 52.00
C GLU A 574 -15.92 18.35 52.32
N ALA A 575 -15.08 18.47 51.30
CA ALA A 575 -13.71 18.93 51.51
C ALA A 575 -13.70 20.35 52.09
N LEU A 576 -14.56 21.22 51.58
CA LEU A 576 -14.70 22.54 52.19
C LEU A 576 -15.23 22.45 53.60
N LEU A 577 -16.20 21.55 53.83
CA LEU A 577 -16.82 21.43 55.15
C LEU A 577 -15.90 20.78 56.17
N ASN A 578 -14.88 20.04 55.73
CA ASN A 578 -14.00 19.36 56.66
C ASN A 578 -12.54 19.57 56.28
N PRO A 579 -11.75 20.24 57.12
CA PRO A 579 -10.32 20.40 56.82
C PRO A 579 -9.58 19.08 56.77
N SER A 580 -10.13 18.02 57.36
CA SER A 580 -9.52 16.71 57.31
C SER A 580 -9.83 15.95 56.02
N ARG A 581 -10.65 16.52 55.13
CA ARG A 581 -10.97 15.91 53.85
C ARG A 581 -10.50 16.84 52.74
N VAL A 582 -9.82 16.28 51.74
CA VAL A 582 -9.20 17.04 50.67
C VAL A 582 -9.87 16.65 49.36
N TYR A 583 -10.30 17.66 48.60
CA TYR A 583 -10.88 17.39 47.29
C TYR A 583 -9.78 17.12 46.28
N THR A 584 -9.96 16.09 45.47
CA THR A 584 -9.03 15.71 44.42
C THR A 584 -9.78 15.50 43.11
N PHE A 585 -9.18 15.93 42.02
CA PHE A 585 -9.79 15.76 40.70
C PHE A 585 -9.43 14.44 40.04
N PHE A 586 -9.02 13.45 40.83
CA PHE A 586 -8.69 12.14 40.31
C PHE A 586 -9.92 11.23 40.27
N SER A 587 -9.73 10.04 39.72
CA SER A 587 -10.81 9.07 39.59
C SER A 587 -11.12 8.43 40.95
N SER A 588 -12.25 7.72 40.99
CA SER A 588 -12.67 7.06 42.23
C SER A 588 -11.70 5.94 42.61
N ASP A 589 -11.00 5.36 41.63
CA ASP A 589 -10.01 4.33 41.95
C ASP A 589 -8.90 4.90 42.82
N TYR A 590 -8.42 6.09 42.48
CA TYR A 590 -7.36 6.71 43.26
C TYR A 590 -7.79 6.99 44.69
N VAL A 591 -9.01 7.52 44.87
CA VAL A 591 -9.48 7.85 46.21
C VAL A 591 -9.73 6.59 47.02
N LYS A 592 -10.25 5.54 46.37
CA LYS A 592 -10.43 4.27 47.08
C LYS A 592 -9.09 3.69 47.50
N LYS A 593 -8.08 3.79 46.63
CA LYS A 593 -6.77 3.25 46.95
C LYS A 593 -6.12 4.01 48.11
N VAL A 594 -6.18 5.34 48.09
CA VAL A 594 -5.53 6.11 49.15
C VAL A 594 -6.29 5.97 50.45
N ASN A 595 -7.63 5.94 50.41
CA ASN A 595 -8.41 5.98 51.63
C ASN A 595 -8.29 4.68 52.42
N LYS A 596 -8.32 3.54 51.72
CA LYS A 596 -8.34 2.25 52.41
C LYS A 596 -7.04 2.04 53.18
N ALA A 597 -7.17 1.51 54.39
CA ALA A 597 -6.00 1.29 55.23
C ALA A 597 -5.08 0.23 54.63
N THR A 598 -3.78 0.50 54.69
CA THR A 598 -2.77 -0.39 54.13
C THR A 598 -2.03 -1.08 55.27
N GLU A 599 -1.91 -2.40 55.18
CA GLU A 599 -1.16 -3.16 56.17
C GLU A 599 0.35 -2.98 55.94
N ALA A 600 1.13 -3.39 56.93
CA ALA A 600 2.57 -3.14 56.91
C ALA A 600 3.24 -3.88 55.76
N ALA A 601 2.73 -5.06 55.40
CA ALA A 601 3.43 -5.91 54.45
C ALA A 601 3.54 -5.23 53.09
N MET A 602 2.42 -4.77 52.54
CA MET A 602 2.38 -4.26 51.17
C MET A 602 2.45 -2.73 51.12
N PHE A 603 3.08 -2.11 52.12
CA PHE A 603 3.19 -0.65 52.10
C PHE A 603 3.98 -0.17 50.90
N LEU A 604 5.14 -0.80 50.64
CA LEU A 604 5.95 -0.37 49.51
C LEU A 604 5.25 -0.60 48.19
N GLY A 605 4.58 -1.76 48.05
CA GLY A 605 3.79 -1.99 46.86
C GLY A 605 2.64 -1.01 46.71
N TRP A 606 2.00 -0.67 47.83
CA TRP A 606 0.92 0.32 47.80
C TRP A 606 1.45 1.68 47.37
N VAL A 607 2.63 2.06 47.84
CA VAL A 607 3.24 3.33 47.44
C VAL A 607 3.58 3.30 45.96
N GLU A 608 4.10 2.17 45.47
CA GLU A 608 4.40 2.06 44.05
C GLU A 608 3.13 2.17 43.20
N GLN A 609 2.05 1.53 43.65
CA GLN A 609 0.77 1.65 42.95
C GLN A 609 0.28 3.10 42.93
N LEU A 610 0.41 3.79 44.06
CA LEU A 610 0.01 5.19 44.12
C LEU A 610 0.84 6.04 43.17
N VAL A 611 2.14 5.79 43.12
CA VAL A 611 3.00 6.54 42.22
C VAL A 611 2.60 6.30 40.77
N TYR A 612 2.33 5.04 40.42
CA TYR A 612 1.95 4.76 39.04
C TYR A 612 0.61 5.42 38.69
N ASP A 613 -0.37 5.33 39.57
CA ASP A 613 -1.66 5.95 39.29
C ASP A 613 -1.52 7.46 39.18
N PHE A 614 -0.71 8.07 40.05
CA PHE A 614 -0.48 9.51 39.97
C PHE A 614 0.17 9.89 38.65
N THR A 615 1.28 9.23 38.30
CA THR A 615 1.98 9.58 37.08
C THR A 615 1.17 9.26 35.84
N ASP A 616 0.19 8.37 35.94
CA ASP A 616 -0.67 8.09 34.79
C ASP A 616 -1.76 9.14 34.64
N GLU A 617 -2.56 9.35 35.69
CA GLU A 617 -3.70 10.24 35.58
C GLU A 617 -3.26 11.68 35.35
N THR A 618 -2.21 12.13 36.04
CA THR A 618 -1.76 13.50 35.85
C THR A 618 -1.19 13.73 34.45
N SER A 619 -0.66 12.69 33.81
CA SER A 619 -0.14 12.80 32.47
C SER A 619 -1.14 12.34 31.42
N GLU A 620 -2.43 12.31 31.77
CA GLU A 620 -3.46 11.89 30.83
C GLU A 620 -3.68 12.96 29.76
N VAL A 621 -3.73 12.52 28.50
CA VAL A 621 -3.95 13.40 27.36
C VAL A 621 -5.12 12.85 26.55
N SER A 622 -5.76 13.74 25.79
CA SER A 622 -6.87 13.36 24.89
C SER A 622 -6.69 14.13 23.59
N THR A 623 -5.96 13.54 22.65
CA THR A 623 -5.70 14.19 21.37
C THR A 623 -6.98 14.23 20.54
N THR A 624 -7.17 15.33 19.82
CA THR A 624 -8.32 15.50 18.94
C THR A 624 -7.86 16.10 17.62
N ASP A 625 -8.62 15.82 16.56
CA ASP A 625 -8.34 16.36 15.25
C ASP A 625 -9.51 17.16 14.67
N LYS A 626 -10.66 17.19 15.34
CA LYS A 626 -11.81 17.90 14.79
C LYS A 626 -11.53 19.39 14.65
N ILE A 627 -10.90 20.00 15.66
CA ILE A 627 -10.65 21.43 15.64
C ILE A 627 -9.30 21.71 15.01
N ALA A 628 -9.12 22.96 14.54
CA ALA A 628 -8.09 23.24 13.55
C ALA A 628 -6.70 23.26 14.16
N ASP A 629 -6.45 24.19 15.08
CA ASP A 629 -5.12 24.34 15.66
C ASP A 629 -4.93 23.59 16.96
N ILE A 630 -5.96 23.51 17.79
CA ILE A 630 -5.86 22.76 19.04
C ILE A 630 -5.72 21.28 18.71
N THR A 631 -4.58 20.69 19.10
CA THR A 631 -4.33 19.28 18.87
C THR A 631 -4.70 18.43 20.08
N ILE A 632 -4.11 18.73 21.24
CA ILE A 632 -4.34 17.93 22.43
C ILE A 632 -5.34 18.65 23.33
N ILE A 633 -5.95 17.88 24.22
CA ILE A 633 -6.80 18.39 25.28
C ILE A 633 -6.36 17.74 26.58
N ILE A 634 -6.55 18.45 27.69
CA ILE A 634 -6.22 17.92 29.00
C ILE A 634 -7.50 17.80 29.80
N PRO A 635 -8.16 16.65 29.78
CA PRO A 635 -9.51 16.55 30.37
C PRO A 635 -9.57 16.92 31.85
N TYR A 636 -8.56 16.56 32.65
CA TYR A 636 -8.69 16.78 34.08
C TYR A 636 -8.63 18.24 34.46
N ILE A 637 -8.35 19.14 33.51
CA ILE A 637 -8.50 20.57 33.77
C ILE A 637 -9.93 20.88 34.16
N GLY A 638 -10.89 20.13 33.63
CA GLY A 638 -12.30 20.34 33.89
C GLY A 638 -12.64 20.33 35.37
N PRO A 639 -12.54 19.16 36.00
CA PRO A 639 -12.88 19.07 37.43
C PRO A 639 -11.84 19.70 38.35
N ALA A 640 -10.62 19.95 37.86
CA ALA A 640 -9.59 20.51 38.71
C ALA A 640 -9.97 21.87 39.26
N LEU A 641 -10.36 22.78 38.37
CA LEU A 641 -10.67 24.15 38.76
C LEU A 641 -12.12 24.51 38.47
N ASN A 642 -12.97 23.53 38.19
CA ASN A 642 -14.33 23.76 37.72
C ASN A 642 -14.32 24.69 36.51
N ILE A 643 -13.33 24.49 35.64
CA ILE A 643 -13.16 25.39 34.50
C ILE A 643 -14.38 25.26 33.58
N GLY A 644 -14.84 26.39 33.07
CA GLY A 644 -16.14 26.40 32.45
C GLY A 644 -17.20 26.09 33.47
N ASN A 645 -18.04 25.09 33.17
CA ASN A 645 -19.07 24.64 34.09
C ASN A 645 -19.19 23.12 33.98
N MET A 646 -20.27 22.58 34.53
CA MET A 646 -20.53 21.15 34.57
C MET A 646 -19.44 20.40 35.35
N LEU A 647 -19.51 19.08 35.35
CA LEU A 647 -18.63 18.27 36.19
C LEU A 647 -17.84 17.22 35.43
N TYR A 648 -18.43 16.59 34.43
CA TYR A 648 -17.79 15.47 33.75
C TYR A 648 -16.62 15.94 32.91
N LYS A 649 -15.54 15.14 32.91
CA LYS A 649 -14.39 15.45 32.07
C LYS A 649 -14.76 15.40 30.59
N ASP A 650 -15.51 14.37 30.18
CA ASP A 650 -15.95 14.28 28.80
C ASP A 650 -16.85 15.44 28.43
N ASP A 651 -17.63 15.95 29.39
CA ASP A 651 -18.42 17.16 29.15
C ASP A 651 -17.50 18.33 28.80
N PHE A 652 -16.42 18.49 29.55
CA PHE A 652 -15.47 19.56 29.25
C PHE A 652 -14.81 19.36 27.90
N VAL A 653 -14.44 18.12 27.56
CA VAL A 653 -13.79 17.87 26.27
C VAL A 653 -14.74 18.20 25.13
N GLY A 654 -15.99 17.75 25.23
CA GLY A 654 -16.97 18.06 24.20
C GLY A 654 -17.24 19.55 24.08
N ALA A 655 -17.34 20.23 25.22
CA ALA A 655 -17.57 21.67 25.20
C ALA A 655 -16.41 22.40 24.54
N LEU A 656 -15.17 21.99 24.86
CA LEU A 656 -14.00 22.61 24.24
C LEU A 656 -13.95 22.35 22.75
N ILE A 657 -14.35 21.16 22.32
CA ILE A 657 -14.42 20.86 20.90
C ILE A 657 -15.47 21.76 20.23
N PHE A 658 -16.63 21.92 20.87
CA PHE A 658 -17.73 22.65 20.27
C PHE A 658 -17.43 24.15 20.20
N SER A 659 -16.97 24.73 21.30
CA SER A 659 -16.83 26.18 21.41
C SER A 659 -15.39 26.64 21.16
N GLY A 660 -14.44 26.16 21.95
CA GLY A 660 -13.05 26.55 21.83
C GLY A 660 -12.53 27.18 23.11
N ALA A 661 -11.55 28.07 22.95
CA ALA A 661 -10.88 28.67 24.09
C ALA A 661 -11.76 29.62 24.88
N VAL A 662 -12.93 29.98 24.36
CA VAL A 662 -13.80 30.93 25.06
C VAL A 662 -14.22 30.40 26.43
N ILE A 663 -14.30 29.08 26.57
CA ILE A 663 -14.70 28.49 27.84
C ILE A 663 -13.61 28.72 28.90
N LEU A 664 -12.34 28.68 28.49
CA LEU A 664 -11.25 28.81 29.46
C LEU A 664 -11.29 30.16 30.16
N LEU A 665 -11.49 31.23 29.39
CA LEU A 665 -11.38 32.58 29.93
C LEU A 665 -12.46 32.84 30.96
N GLU A 666 -12.09 33.49 32.06
CA GLU A 666 -13.06 33.84 33.08
C GLU A 666 -13.98 34.97 32.62
N PHE A 667 -13.47 35.89 31.81
CA PHE A 667 -14.28 36.96 31.23
C PHE A 667 -14.01 37.05 29.74
N ILE A 668 -15.04 37.39 29.00
CA ILE A 668 -14.89 37.61 27.55
C ILE A 668 -14.32 39.01 27.32
N PRO A 669 -13.22 39.14 26.60
CA PRO A 669 -12.64 40.47 26.36
C PRO A 669 -13.62 41.35 25.59
N GLU A 670 -13.61 42.64 25.93
CA GLU A 670 -14.47 43.61 25.26
C GLU A 670 -13.67 44.34 24.18
N ILE A 671 -13.43 43.62 23.09
CA ILE A 671 -12.71 44.20 21.97
C ILE A 671 -13.61 45.17 21.22
N ALA A 672 -13.06 46.33 20.87
CA ALA A 672 -13.82 47.36 20.14
C ALA A 672 -12.89 47.98 19.11
N ILE A 673 -13.05 47.56 17.85
CA ILE A 673 -12.24 48.04 16.74
C ILE A 673 -13.04 49.08 15.96
N PRO A 674 -12.52 50.29 15.78
CA PRO A 674 -13.30 51.35 15.15
C PRO A 674 -13.32 51.23 13.62
N VAL A 675 -14.23 51.97 13.02
CA VAL A 675 -14.26 52.08 11.56
C VAL A 675 -13.00 52.82 11.12
N LEU A 676 -12.20 52.18 10.28
CA LEU A 676 -10.91 52.74 9.91
C LEU A 676 -11.09 54.05 9.16
N GLY A 677 -10.29 55.04 9.53
CA GLY A 677 -10.33 56.33 8.88
C GLY A 677 -9.93 56.27 7.42
N THR A 678 -10.80 56.76 6.55
CA THR A 678 -10.51 56.75 5.12
C THR A 678 -9.35 57.68 4.82
N PHE A 679 -8.62 57.35 3.76
CA PHE A 679 -7.48 58.16 3.33
C PHE A 679 -7.96 59.19 2.31
N ALA A 680 -7.67 60.46 2.58
CA ALA A 680 -7.97 61.54 1.66
C ALA A 680 -6.69 61.95 0.95
N LEU A 681 -6.72 61.94 -0.38
CA LEU A 681 -5.55 62.26 -1.18
C LEU A 681 -5.68 63.67 -1.74
N VAL A 682 -4.67 64.49 -1.51
CA VAL A 682 -4.66 65.85 -2.02
C VAL A 682 -4.35 65.82 -3.51
N SER A 683 -5.20 66.47 -4.30
CA SER A 683 -5.07 66.42 -5.74
C SER A 683 -3.88 67.25 -6.22
N TYR A 684 -3.10 66.68 -7.12
CA TYR A 684 -2.00 67.39 -7.77
C TYR A 684 -2.30 67.51 -9.25
N ILE A 685 -2.10 68.70 -9.80
CA ILE A 685 -2.52 69.02 -11.15
C ILE A 685 -1.30 69.08 -12.06
N ALA A 686 -1.38 68.39 -13.20
CA ALA A 686 -0.35 68.43 -14.23
C ALA A 686 1.01 67.98 -13.71
N ASN A 687 1.01 66.95 -12.86
CA ASN A 687 2.24 66.36 -12.36
C ASN A 687 2.02 64.87 -12.21
N LYS A 688 2.44 64.11 -13.22
CA LYS A 688 2.28 62.66 -13.18
C LYS A 688 3.12 62.04 -12.07
N VAL A 689 4.34 62.53 -11.87
CA VAL A 689 5.25 61.95 -10.88
C VAL A 689 4.63 62.08 -9.49
N LEU A 690 4.14 63.27 -9.15
CA LEU A 690 3.54 63.46 -7.85
C LEU A 690 2.30 62.61 -7.67
N THR A 691 1.49 62.43 -8.72
CA THR A 691 0.28 61.63 -8.59
C THR A 691 0.60 60.15 -8.36
N VAL A 692 1.54 59.61 -9.14
CA VAL A 692 1.90 58.21 -8.97
C VAL A 692 2.57 58.01 -7.60
N GLN A 693 3.37 58.98 -7.16
CA GLN A 693 3.94 58.91 -5.83
C GLN A 693 2.85 58.92 -4.77
N THR A 694 1.82 59.74 -4.97
CA THR A 694 0.73 59.82 -4.01
C THR A 694 -0.01 58.49 -3.89
N ILE A 695 -0.32 57.84 -5.02
CA ILE A 695 -1.06 56.59 -4.94
C ILE A 695 -0.18 55.47 -4.39
N ASP A 696 1.11 55.46 -4.73
CA ASP A 696 2.00 54.48 -4.12
C ASP A 696 2.08 54.66 -2.62
N ASN A 697 2.16 55.91 -2.15
CA ASN A 697 2.14 56.17 -0.72
C ASN A 697 0.81 55.76 -0.11
N ALA A 698 -0.28 55.90 -0.85
CA ALA A 698 -1.58 55.45 -0.35
C ALA A 698 -1.57 53.95 -0.10
N LEU A 699 -1.05 53.18 -1.06
CA LEU A 699 -0.98 51.74 -0.89
C LEU A 699 -0.06 51.35 0.27
N SER A 700 1.10 52.00 0.36
CA SER A 700 2.03 51.69 1.43
C SER A 700 1.43 52.03 2.80
N LYS A 701 0.73 53.16 2.89
CA LYS A 701 0.07 53.51 4.13
C LYS A 701 -1.06 52.54 4.45
N ARG A 702 -1.70 51.97 3.42
CA ARG A 702 -2.69 50.93 3.67
C ARG A 702 -2.05 49.70 4.29
N ASN A 703 -0.89 49.29 3.76
CA ASN A 703 -0.17 48.17 4.36
C ASN A 703 0.23 48.47 5.80
N GLU A 704 0.72 49.67 6.04
CA GLU A 704 1.06 50.09 7.40
C GLU A 704 -0.17 50.08 8.30
N LYS A 705 -1.33 50.45 7.76
CA LYS A 705 -2.56 50.41 8.51
C LYS A 705 -2.91 48.98 8.91
N TRP A 706 -2.74 48.04 7.98
CA TRP A 706 -2.90 46.62 8.31
C TRP A 706 -1.99 46.23 9.47
N ASP A 707 -0.71 46.59 9.37
CA ASP A 707 0.25 46.22 10.40
C ASP A 707 -0.15 46.79 11.76
N GLU A 708 -0.56 48.06 11.78
CA GLU A 708 -0.83 48.68 13.08
C GLU A 708 -2.14 48.22 13.69
N VAL A 709 -3.16 47.91 12.89
CA VAL A 709 -4.36 47.34 13.49
C VAL A 709 -4.07 45.95 14.03
N TYR A 710 -3.25 45.17 13.31
CA TYR A 710 -2.85 43.87 13.86
C TYR A 710 -2.08 44.03 15.16
N LYS A 711 -1.18 45.01 15.23
CA LYS A 711 -0.44 45.25 16.47
C LYS A 711 -1.37 45.63 17.61
N TYR A 712 -2.37 46.47 17.31
CA TYR A 712 -3.32 46.86 18.35
C TYR A 712 -4.08 45.65 18.88
N ILE A 713 -4.53 44.77 17.99
CA ILE A 713 -5.25 43.59 18.44
C ILE A 713 -4.33 42.67 19.23
N VAL A 714 -3.07 42.57 18.81
CA VAL A 714 -2.11 41.74 19.54
C VAL A 714 -1.92 42.26 20.95
N THR A 715 -1.76 43.58 21.10
CA THR A 715 -1.59 44.15 22.42
C THR A 715 -2.83 43.95 23.28
N ASN A 716 -4.02 44.07 22.68
CA ASN A 716 -5.25 43.80 23.43
C ASN A 716 -5.28 42.36 23.92
N TRP A 717 -4.90 41.42 23.06
CA TRP A 717 -4.89 40.01 23.45
C TRP A 717 -3.87 39.75 24.54
N LEU A 718 -2.69 40.35 24.44
CA LEU A 718 -1.66 40.17 25.46
C LEU A 718 -2.13 40.72 26.80
N ALA A 719 -2.79 41.88 26.78
CA ALA A 719 -3.21 42.48 28.03
C ALA A 719 -4.44 41.84 28.65
N LYS A 720 -5.32 41.25 27.84
CA LYS A 720 -6.63 40.83 28.33
C LYS A 720 -6.88 39.33 28.31
N VAL A 721 -6.19 38.56 27.48
CA VAL A 721 -6.43 37.13 27.34
C VAL A 721 -5.24 36.31 27.80
N ASN A 722 -4.04 36.69 27.37
CA ASN A 722 -2.85 35.92 27.72
C ASN A 722 -2.64 35.89 29.23
N THR A 723 -2.94 36.99 29.91
CA THR A 723 -2.80 37.04 31.36
C THR A 723 -3.72 36.04 32.04
N GLN A 724 -4.96 35.92 31.54
CA GLN A 724 -5.88 34.93 32.08
C GLN A 724 -5.32 33.53 31.94
N ILE A 725 -4.74 33.23 30.78
CA ILE A 725 -4.20 31.90 30.54
C ILE A 725 -3.02 31.61 31.44
N ASP A 726 -2.15 32.59 31.64
CA ASP A 726 -1.02 32.38 32.54
C ASP A 726 -1.49 32.18 33.98
N LEU A 727 -2.52 32.94 34.40
CA LEU A 727 -3.06 32.72 35.73
C LEU A 727 -3.65 31.33 35.87
N ILE A 728 -4.34 30.85 34.83
CA ILE A 728 -4.91 29.51 34.87
C ILE A 728 -3.80 28.47 34.93
N ARG A 729 -2.71 28.70 34.20
CA ARG A 729 -1.57 27.79 34.26
C ARG A 729 -0.99 27.72 35.67
N LYS A 730 -0.82 28.88 36.31
CA LYS A 730 -0.30 28.88 37.68
C LYS A 730 -1.26 28.18 38.63
N LYS A 731 -2.57 28.36 38.43
CA LYS A 731 -3.53 27.70 39.31
C LYS A 731 -3.52 26.19 39.11
N MET A 732 -3.35 25.74 37.87
CA MET A 732 -3.22 24.30 37.63
C MET A 732 -1.96 23.75 38.27
N LYS A 733 -0.85 24.51 38.23
CA LYS A 733 0.35 24.10 38.93
C LYS A 733 0.09 23.97 40.42
N GLU A 734 -0.62 24.94 41.00
CA GLU A 734 -0.95 24.85 42.42
C GLU A 734 -1.82 23.64 42.72
N ALA A 735 -2.75 23.32 41.82
CA ALA A 735 -3.59 22.15 42.01
C ALA A 735 -2.76 20.88 42.02
N LEU A 736 -1.83 20.75 41.08
CA LEU A 736 -0.97 19.58 41.03
C LEU A 736 -0.11 19.48 42.28
N GLU A 737 0.47 20.60 42.72
CA GLU A 737 1.29 20.58 43.93
C GLU A 737 0.46 20.19 45.13
N ASN A 738 -0.77 20.69 45.23
CA ASN A 738 -1.63 20.33 46.34
C ASN A 738 -1.95 18.84 46.33
N GLN A 739 -2.21 18.28 45.14
CA GLN A 739 -2.45 16.85 45.05
C GLN A 739 -1.25 16.07 45.55
N ALA A 740 -0.05 16.44 45.11
CA ALA A 740 1.15 15.73 45.54
C ALA A 740 1.36 15.86 47.05
N GLU A 741 1.15 17.06 47.59
CA GLU A 741 1.39 17.26 49.03
C GLU A 741 0.40 16.48 49.87
N ALA A 742 -0.88 16.46 49.48
CA ALA A 742 -1.87 15.69 50.22
C ALA A 742 -1.58 14.20 50.15
N THR A 743 -1.24 13.71 48.95
CA THR A 743 -0.92 12.29 48.81
C THR A 743 0.30 11.92 49.65
N LYS A 744 1.33 12.76 49.64
CA LYS A 744 2.53 12.49 50.41
C LYS A 744 2.27 12.57 51.90
N ALA A 745 1.39 13.47 52.34
CA ALA A 745 1.02 13.53 53.75
C ALA A 745 0.30 12.27 54.18
N ILE A 746 -0.61 11.76 53.33
CA ILE A 746 -1.29 10.51 53.66
C ILE A 746 -0.29 9.36 53.74
N ILE A 747 0.64 9.30 52.78
CA ILE A 747 1.65 8.24 52.81
C ILE A 747 2.51 8.35 54.06
N ASN A 748 2.88 9.57 54.43
CA ASN A 748 3.68 9.78 55.62
C ASN A 748 2.93 9.33 56.87
N TYR A 749 1.63 9.64 56.94
CA TYR A 749 0.85 9.20 58.10
C TYR A 749 0.79 7.68 58.17
N GLN A 750 0.59 7.02 57.03
CA GLN A 750 0.58 5.57 57.01
C GLN A 750 1.92 5.00 57.45
N TYR A 751 3.02 5.61 57.00
CA TYR A 751 4.36 5.15 57.38
C TYR A 751 4.60 5.36 58.86
N ASN A 752 4.14 6.48 59.41
CA ASN A 752 4.31 6.76 60.83
C ASN A 752 3.44 5.88 61.71
N GLN A 753 2.33 5.35 61.17
CA GLN A 753 1.55 4.39 61.94
C GLN A 753 2.33 3.12 62.25
N TYR A 754 3.32 2.78 61.43
CA TYR A 754 4.08 1.55 61.63
C TYR A 754 5.01 1.67 62.84
N THR A 755 5.52 0.52 63.27
CA THR A 755 6.48 0.48 64.37
C THR A 755 7.87 0.87 63.88
N GLU A 756 8.75 1.14 64.83
CA GLU A 756 10.11 1.56 64.50
C GLU A 756 10.88 0.45 63.79
N GLU A 757 10.72 -0.79 64.24
CA GLU A 757 11.40 -1.91 63.60
C GLU A 757 10.94 -2.08 62.16
N GLU A 758 9.62 -1.98 61.93
CA GLU A 758 9.11 -2.05 60.56
C GLU A 758 9.66 -0.93 59.70
N LYS A 759 9.74 0.28 60.27
CA LYS A 759 10.32 1.41 59.54
C LYS A 759 11.77 1.15 59.20
N ASN A 760 12.50 0.50 60.10
CA ASN A 760 13.88 0.11 59.80
C ASN A 760 13.94 -0.93 58.69
N ASN A 761 12.95 -1.82 58.63
CA ASN A 761 12.94 -2.84 57.60
C ASN A 761 12.85 -2.23 56.20
N ILE A 762 11.99 -1.23 56.04
CA ILE A 762 11.76 -0.60 54.74
C ILE A 762 12.70 0.58 54.59
N ASN A 763 13.44 0.61 53.47
CA ASN A 763 14.30 1.75 53.15
C ASN A 763 13.51 2.82 52.41
N PHE A 764 12.50 3.35 53.09
CA PHE A 764 11.56 4.31 52.52
C PHE A 764 12.06 5.72 52.78
N ASN A 765 12.52 6.39 51.74
CA ASN A 765 12.96 7.78 51.82
C ASN A 765 11.93 8.67 51.15
N ILE A 766 11.41 9.64 51.91
CA ILE A 766 10.40 10.54 51.36
C ILE A 766 10.98 11.41 50.27
N ASP A 767 12.28 11.70 50.32
CA ASP A 767 12.88 12.59 49.34
C ASP A 767 12.76 12.05 47.93
N ASP A 768 13.00 10.75 47.75
CA ASP A 768 12.89 10.16 46.42
C ASP A 768 11.44 10.19 45.93
N LEU A 769 10.49 9.93 46.83
CA LEU A 769 9.08 10.03 46.47
C LEU A 769 8.73 11.44 46.03
N SER A 770 9.22 12.45 46.76
CA SER A 770 8.95 13.83 46.39
C SER A 770 9.55 14.17 45.04
N SER A 771 10.78 13.72 44.78
CA SER A 771 11.39 13.99 43.49
C SER A 771 10.62 13.34 42.36
N LYS A 772 10.18 12.09 42.55
CA LYS A 772 9.42 11.39 41.51
C LYS A 772 8.10 12.10 41.24
N LEU A 773 7.37 12.46 42.30
CA LEU A 773 6.10 13.14 42.14
C LEU A 773 6.28 14.52 41.51
N ASN A 774 7.34 15.22 41.88
CA ASN A 774 7.60 16.52 41.27
C ASN A 774 7.92 16.37 39.79
N GLU A 775 8.66 15.33 39.40
CA GLU A 775 8.96 15.11 37.99
C GLU A 775 7.69 14.75 37.21
N SER A 776 6.83 13.93 37.79
CA SER A 776 5.55 13.62 37.14
C SER A 776 4.71 14.89 36.99
N ILE A 777 4.69 15.74 38.02
CA ILE A 777 3.98 17.00 37.94
C ILE A 777 4.60 17.90 36.88
N ASN A 778 5.92 17.84 36.72
CA ASN A 778 6.59 18.61 35.69
C ASN A 778 6.15 18.17 34.30
N LYS A 779 6.03 16.86 34.07
CA LYS A 779 5.52 16.38 32.77
C LYS A 779 4.07 16.81 32.57
N ALA A 780 3.23 16.65 33.60
CA ALA A 780 1.86 17.12 33.51
C ALA A 780 1.80 18.61 33.18
N MET A 781 2.74 19.38 33.74
CA MET A 781 2.74 20.82 33.53
C MET A 781 3.23 21.19 32.14
N ILE A 782 4.17 20.44 31.57
CA ILE A 782 4.55 20.74 30.19
C ILE A 782 3.38 20.44 29.26
N ASN A 783 2.60 19.39 29.56
CA ASN A 783 1.39 19.13 28.78
C ASN A 783 0.40 20.30 28.92
N ILE A 784 0.16 20.76 30.15
CA ILE A 784 -0.80 21.83 30.38
C ILE A 784 -0.33 23.11 29.70
N ASN A 785 0.98 23.38 29.73
CA ASN A 785 1.51 24.56 29.08
C ASN A 785 1.27 24.52 27.59
N LYS A 786 1.53 23.37 26.95
CA LYS A 786 1.25 23.26 25.52
C LYS A 786 -0.22 23.49 25.22
N PHE A 787 -1.10 22.87 26.03
CA PHE A 787 -2.54 23.02 25.79
C PHE A 787 -2.98 24.47 25.92
N LEU A 788 -2.52 25.16 26.96
CA LEU A 788 -2.96 26.54 27.18
C LEU A 788 -2.37 27.48 26.15
N ASN A 789 -1.13 27.25 25.73
CA ASN A 789 -0.56 28.06 24.66
C ASN A 789 -1.37 27.91 23.37
N GLN A 790 -1.73 26.66 23.03
CA GLN A 790 -2.55 26.45 21.84
C GLN A 790 -3.90 27.14 21.97
N CYS A 791 -4.52 27.05 23.15
CA CYS A 791 -5.83 27.69 23.34
C CYS A 791 -5.74 29.20 23.18
N SER A 792 -4.71 29.82 23.77
CA SER A 792 -4.57 31.27 23.67
C SER A 792 -4.35 31.71 22.22
N VAL A 793 -3.43 31.05 21.51
CA VAL A 793 -3.18 31.44 20.13
C VAL A 793 -4.41 31.17 19.27
N SER A 794 -5.16 30.10 19.56
CA SER A 794 -6.38 29.82 18.82
C SER A 794 -7.41 30.93 19.03
N TYR A 795 -7.59 31.37 20.27
CA TYR A 795 -8.53 32.46 20.52
C TYR A 795 -8.09 33.74 19.82
N LEU A 796 -6.79 34.03 19.84
CA LEU A 796 -6.29 35.20 19.14
C LEU A 796 -6.58 35.12 17.64
N MET A 797 -6.33 33.97 17.04
CA MET A 797 -6.49 33.82 15.60
C MET A 797 -7.95 33.70 15.17
N ASN A 798 -8.85 33.34 16.07
CA ASN A 798 -10.23 33.04 15.68
C ASN A 798 -11.26 34.03 16.19
N SER A 799 -11.02 34.71 17.31
CA SER A 799 -12.05 35.56 17.89
C SER A 799 -11.63 37.03 17.99
N MET A 800 -10.40 37.36 17.65
CA MET A 800 -9.93 38.74 17.68
C MET A 800 -9.47 39.23 16.31
N ILE A 801 -8.64 38.44 15.63
CA ILE A 801 -8.14 38.86 14.31
C ILE A 801 -9.26 39.05 13.29
N PRO A 802 -10.26 38.16 13.17
CA PRO A 802 -11.26 38.35 12.11
C PRO A 802 -12.00 39.68 12.16
N TYR A 803 -12.24 40.24 13.34
CA TYR A 803 -12.85 41.56 13.42
C TYR A 803 -11.97 42.61 12.76
N GLY A 804 -10.67 42.58 13.06
CA GLY A 804 -9.75 43.50 12.43
C GLY A 804 -9.66 43.27 10.93
N VAL A 805 -9.72 42.01 10.51
CA VAL A 805 -9.68 41.70 9.08
C VAL A 805 -10.93 42.26 8.39
N LYS A 806 -12.09 42.15 9.03
CA LYS A 806 -13.31 42.71 8.46
C LYS A 806 -13.23 44.22 8.34
N ARG A 807 -12.74 44.89 9.38
CA ARG A 807 -12.58 46.34 9.30
C ARG A 807 -11.58 46.73 8.22
N LEU A 808 -10.51 45.94 8.08
CA LEU A 808 -9.54 46.21 7.02
C LEU A 808 -10.13 45.99 5.65
N GLU A 809 -11.00 45.00 5.49
CA GLU A 809 -11.63 44.78 4.19
C GLU A 809 -12.58 45.91 3.85
N ASP A 810 -13.35 46.39 4.83
CA ASP A 810 -14.20 47.55 4.59
C ASP A 810 -13.36 48.77 4.21
N PHE A 811 -12.26 48.99 4.93
CA PHE A 811 -11.35 50.08 4.60
C PHE A 811 -10.77 49.91 3.21
N ASP A 812 -10.44 48.68 2.83
CA ASP A 812 -9.89 48.42 1.51
C ASP A 812 -10.89 48.75 0.43
N ALA A 813 -12.15 48.36 0.62
CA ALA A 813 -13.19 48.69 -0.34
C ALA A 813 -13.38 50.20 -0.44
N SER A 814 -13.41 50.88 0.71
CA SER A 814 -13.61 52.33 0.70
C SER A 814 -12.47 53.03 -0.01
N LEU A 815 -11.23 52.68 0.33
CA LEU A 815 -10.08 53.29 -0.32
C LEU A 815 -10.00 52.90 -1.79
N LYS A 816 -10.45 51.69 -2.14
CA LYS A 816 -10.48 51.28 -3.53
C LYS A 816 -11.40 52.18 -4.33
N ASP A 817 -12.62 52.40 -3.83
CA ASP A 817 -13.54 53.31 -4.51
C ASP A 817 -12.97 54.72 -4.56
N ALA A 818 -12.40 55.19 -3.46
CA ALA A 818 -11.86 56.55 -3.41
C ALA A 818 -10.71 56.72 -4.39
N LEU A 819 -9.84 55.73 -4.49
CA LEU A 819 -8.70 55.85 -5.39
C LEU A 819 -9.12 55.68 -6.85
N LEU A 820 -10.13 54.87 -7.11
CA LEU A 820 -10.70 54.81 -8.45
C LEU A 820 -11.26 56.17 -8.85
N LYS A 821 -12.00 56.82 -7.94
CA LYS A 821 -12.47 58.17 -8.22
C LYS A 821 -11.30 59.12 -8.43
N TYR A 822 -10.26 59.01 -7.61
CA TYR A 822 -9.12 59.90 -7.71
C TYR A 822 -8.43 59.77 -9.07
N ILE A 823 -8.22 58.54 -9.53
CA ILE A 823 -7.57 58.37 -10.82
C ILE A 823 -8.52 58.76 -11.95
N TYR A 824 -9.83 58.59 -11.77
CA TYR A 824 -10.77 59.07 -12.76
C TYR A 824 -10.68 60.58 -12.92
N ASP A 825 -10.58 61.29 -11.80
CA ASP A 825 -10.54 62.75 -11.83
C ASP A 825 -9.29 63.29 -12.51
N ASN A 826 -8.23 62.50 -12.60
CA ASN A 826 -6.96 62.95 -13.17
C ASN A 826 -6.65 62.23 -14.47
N ARG A 827 -7.68 61.99 -15.29
CA ARG A 827 -7.47 61.28 -16.55
C ARG A 827 -6.60 62.09 -17.52
N GLY A 828 -6.72 63.42 -17.49
CA GLY A 828 -5.90 64.24 -18.36
C GLY A 828 -4.43 64.21 -17.97
N THR A 829 -4.16 64.21 -16.66
CA THR A 829 -2.78 64.21 -16.19
C THR A 829 -2.06 62.92 -16.58
N LEU A 830 -2.74 61.79 -16.47
CA LEU A 830 -2.18 60.48 -16.77
C LEU A 830 -2.91 59.91 -17.98
N ILE A 831 -2.25 59.92 -19.13
CA ILE A 831 -2.84 59.46 -20.38
C ILE A 831 -2.18 58.14 -20.78
N GLY A 832 -3.00 57.10 -20.94
CA GLY A 832 -2.50 55.79 -21.34
C GLY A 832 -2.22 54.88 -20.17
N GLN A 833 -1.63 55.43 -19.11
CA GLN A 833 -1.28 54.66 -17.92
C GLN A 833 -2.37 54.70 -16.87
N VAL A 834 -3.62 54.84 -17.27
CA VAL A 834 -4.73 54.77 -16.32
C VAL A 834 -5.21 53.33 -16.13
N ASP A 835 -5.16 52.51 -17.18
CA ASP A 835 -5.52 51.10 -17.04
C ASP A 835 -4.55 50.38 -16.11
N ARG A 836 -3.25 50.64 -16.26
CA ARG A 836 -2.25 50.07 -15.35
C ARG A 836 -2.58 50.44 -13.91
N LEU A 837 -2.84 51.72 -13.67
CA LEU A 837 -3.12 52.18 -12.32
C LEU A 837 -4.39 51.53 -11.78
N LYS A 838 -5.42 51.42 -12.61
CA LYS A 838 -6.68 50.84 -12.16
C LYS A 838 -6.50 49.38 -11.77
N ASP A 839 -5.81 48.60 -12.62
CA ASP A 839 -5.63 47.19 -12.29
C ASP A 839 -4.71 47.04 -11.08
N LYS A 840 -3.70 47.89 -10.95
CA LYS A 840 -2.82 47.81 -9.80
C LYS A 840 -3.58 48.07 -8.51
N VAL A 841 -4.41 49.10 -8.50
CA VAL A 841 -5.21 49.40 -7.32
C VAL A 841 -6.15 48.24 -7.02
N ASN A 842 -6.81 47.71 -8.04
CA ASN A 842 -7.77 46.63 -7.83
C ASN A 842 -7.09 45.40 -7.25
N ASN A 843 -5.94 45.02 -7.81
CA ASN A 843 -5.23 43.84 -7.31
C ASN A 843 -4.74 44.07 -5.89
N THR A 844 -4.09 45.20 -5.64
CA THR A 844 -3.51 45.42 -4.31
C THR A 844 -4.59 45.51 -3.25
N LEU A 845 -5.73 46.12 -3.56
CA LEU A 845 -6.79 46.25 -2.57
C LEU A 845 -7.68 45.02 -2.47
N SER A 846 -7.60 44.10 -3.42
CA SER A 846 -8.39 42.88 -3.33
C SER A 846 -7.71 41.77 -2.55
N THR A 847 -6.44 41.95 -2.19
CA THR A 847 -5.68 40.95 -1.44
C THR A 847 -5.79 41.21 0.06
N ASP A 848 -5.24 40.27 0.84
CA ASP A 848 -5.18 40.38 2.28
C ASP A 848 -3.74 40.22 2.75
N ILE A 849 -3.44 40.84 3.88
CA ILE A 849 -2.15 40.69 4.54
C ILE A 849 -2.34 39.74 5.73
N PRO A 850 -1.76 38.55 5.70
CA PRO A 850 -2.06 37.57 6.75
C PRO A 850 -1.47 37.95 8.10
N PHE A 851 -2.11 37.48 9.16
CA PHE A 851 -1.72 37.79 10.53
C PHE A 851 -0.61 36.83 10.96
N GLN A 852 0.64 37.26 10.76
CA GLN A 852 1.80 36.47 11.18
C GLN A 852 2.15 36.88 12.60
N LEU A 853 1.81 36.03 13.57
CA LEU A 853 2.04 36.37 14.98
C LEU A 853 3.54 36.49 15.29
N SER A 854 4.38 35.72 14.60
CA SER A 854 5.81 35.76 14.87
C SER A 854 6.45 37.10 14.50
N LYS A 855 5.76 37.95 13.75
CA LYS A 855 6.29 39.27 13.44
C LYS A 855 6.19 40.22 14.63
N TYR A 856 5.20 40.02 15.49
CA TYR A 856 4.96 40.91 16.62
C TYR A 856 5.44 40.35 17.95
N VAL A 857 5.31 39.04 18.17
CA VAL A 857 5.77 38.37 19.38
C VAL A 857 6.75 37.27 18.97
N ASP A 858 7.92 37.25 19.58
CA ASP A 858 8.98 36.32 19.23
C ASP A 858 8.93 35.04 20.06
N ASN A 859 7.79 34.74 20.68
CA ASN A 859 7.65 33.55 21.52
C ASN A 859 7.13 32.33 20.75
N GLN A 860 6.77 32.49 19.48
CA GLN A 860 6.13 31.41 18.73
C GLN A 860 6.92 31.02 17.48
N ARG A 861 8.22 30.84 17.60
CA ARG A 861 9.07 30.45 16.50
C ARG A 861 9.33 28.94 16.52
N LEU A 862 9.13 28.29 15.37
CA LEU A 862 9.34 26.85 15.30
C LEU A 862 10.82 26.49 15.44
N LEU A 863 11.70 27.34 14.90
CA LEU A 863 13.13 27.09 15.00
C LEU A 863 13.57 27.01 16.45
N SER A 864 13.07 27.93 17.28
CA SER A 864 13.36 27.86 18.71
C SER A 864 12.86 26.55 19.31
N THR A 865 11.67 26.11 18.88
CA THR A 865 11.09 24.88 19.42
C THR A 865 11.99 23.68 19.14
N PHE A 866 12.38 23.49 17.88
CA PHE A 866 13.16 22.29 17.57
C PHE A 866 14.61 22.40 18.04
N THR A 867 15.17 23.62 18.06
CA THR A 867 16.49 23.81 18.65
C THR A 867 16.48 23.47 20.13
N GLU A 868 15.44 23.90 20.86
CA GLU A 868 15.31 23.52 22.26
C GLU A 868 15.07 22.03 22.40
N TYR A 869 14.39 21.41 21.44
CA TYR A 869 14.22 19.95 21.48
C TYR A 869 15.56 19.22 21.45
N ILE A 870 16.41 19.57 20.48
CA ILE A 870 17.71 18.90 20.40
C ILE A 870 18.59 19.29 21.58
N LYS A 871 18.46 20.54 22.06
CA LYS A 871 19.22 20.98 23.23
C LYS A 871 18.83 20.19 24.47
N ASN A 872 17.53 19.89 24.62
CA ASN A 872 17.09 19.07 25.74
C ASN A 872 17.52 17.62 25.56
N ILE A 873 17.63 17.16 24.31
CA ILE A 873 18.16 15.82 24.08
C ILE A 873 19.61 15.73 24.56
N ILE A 874 20.43 16.71 24.22
CA ILE A 874 21.87 16.56 24.42
C ILE A 874 22.32 17.09 25.78
N ASN A 875 21.68 18.15 26.27
CA ASN A 875 22.13 18.85 27.47
C ASN A 875 21.45 18.38 28.75
N THR A 876 20.40 17.59 28.65
CA THR A 876 19.85 16.97 29.86
C THR A 876 20.66 15.78 30.33
N SER A 877 21.70 15.41 29.58
CA SER A 877 22.56 14.29 29.95
C SER A 877 23.34 14.64 31.22
N ILE A 878 23.18 13.83 32.27
CA ILE A 878 23.99 14.01 33.46
C ILE A 878 25.43 13.58 33.23
N LEU A 879 25.73 12.96 32.09
CA LEU A 879 27.12 12.67 31.74
C LEU A 879 27.24 12.64 30.22
N ASN A 880 27.97 13.59 29.66
CA ASN A 880 28.19 13.65 28.22
C ASN A 880 29.69 13.55 27.99
N LEU A 881 30.19 12.31 27.96
CA LEU A 881 31.62 12.09 27.84
C LEU A 881 32.04 12.21 26.37
N ARG A 882 32.91 13.17 26.08
CA ARG A 882 33.38 13.36 24.71
C ARG A 882 34.87 13.69 24.74
N TYR A 883 35.52 13.45 23.61
CA TYR A 883 36.93 13.79 23.43
C TYR A 883 37.02 15.06 22.62
N GLU A 884 37.62 16.10 23.20
CA GLU A 884 37.79 17.38 22.52
C GLU A 884 39.19 17.89 22.78
N SER A 885 39.64 18.78 21.90
CA SER A 885 41.00 19.32 21.94
C SER A 885 42.01 18.18 21.93
N ASN A 886 42.55 17.84 23.10
CA ASN A 886 43.47 16.72 23.23
C ASN A 886 43.14 15.83 24.42
N HIS A 887 41.97 15.99 25.03
CA HIS A 887 41.62 15.22 26.20
C HIS A 887 40.17 14.76 26.11
N LEU A 888 39.89 13.64 26.78
CA LEU A 888 38.54 13.12 26.90
C LEU A 888 37.99 13.52 28.26
N ILE A 889 36.83 14.16 28.26
CA ILE A 889 36.28 14.75 29.48
C ILE A 889 34.77 14.80 29.34
N ASP A 890 34.09 14.94 30.47
CA ASP A 890 32.67 15.26 30.47
C ASP A 890 32.48 16.64 29.84
N LEU A 891 31.40 16.78 29.07
CA LEU A 891 31.04 18.05 28.46
C LEU A 891 29.68 18.56 28.96
N SER A 892 29.15 17.97 30.02
CA SER A 892 27.84 18.36 30.52
C SER A 892 27.98 19.50 31.52
N ARG A 893 26.89 19.78 32.25
CA ARG A 893 26.88 20.85 33.23
C ARG A 893 27.65 20.50 34.49
N TYR A 894 28.09 19.24 34.66
CA TYR A 894 28.77 18.82 35.87
C TYR A 894 30.27 18.67 35.70
N ALA A 895 30.74 18.31 34.51
CA ALA A 895 32.16 18.12 34.22
C ALA A 895 32.79 17.18 35.25
N SER A 896 32.29 15.95 35.28
CA SER A 896 32.74 14.96 36.24
C SER A 896 34.19 14.56 35.96
N LYS A 897 34.83 13.99 36.98
CA LYS A 897 36.26 13.71 36.89
C LYS A 897 36.52 12.50 36.00
N ILE A 898 37.58 12.56 35.22
CA ILE A 898 37.93 11.49 34.28
C ILE A 898 39.35 11.03 34.57
N ASN A 899 39.52 9.73 34.80
CA ASN A 899 40.82 9.10 34.93
C ASN A 899 40.99 8.14 33.78
N ILE A 900 42.06 8.31 33.01
CA ILE A 900 42.32 7.51 31.82
C ILE A 900 43.49 6.58 32.09
N GLY A 901 43.29 5.29 31.90
CA GLY A 901 44.38 4.35 32.00
C GLY A 901 45.38 4.52 30.87
N SER A 902 46.59 4.01 31.10
CA SER A 902 47.66 4.19 30.12
C SER A 902 47.42 3.40 28.85
N LYS A 903 46.63 2.34 28.90
CA LYS A 903 46.45 1.44 27.77
C LYS A 903 45.08 1.61 27.10
N VAL A 904 44.56 2.83 27.10
CA VAL A 904 43.29 3.14 26.45
C VAL A 904 43.61 3.84 25.13
N ASN A 905 43.26 3.20 24.03
CA ASN A 905 43.61 3.69 22.70
C ASN A 905 42.49 4.53 22.12
N PHE A 906 42.87 5.52 21.32
CA PHE A 906 41.94 6.39 20.62
C PHE A 906 42.20 6.32 19.12
N ASP A 907 41.13 6.26 18.35
CA ASP A 907 41.25 6.12 16.91
C ASP A 907 41.88 7.37 16.32
N PRO A 908 42.99 7.27 15.60
CA PRO A 908 43.61 8.48 15.04
C PRO A 908 42.72 9.23 14.05
N ILE A 909 41.92 8.51 13.26
CA ILE A 909 41.08 9.17 12.27
C ILE A 909 39.84 9.78 12.90
N ASP A 910 39.42 9.29 14.07
CA ASP A 910 38.28 9.84 14.80
C ASP A 910 38.59 9.64 16.28
N LYS A 911 39.18 10.64 16.90
CA LYS A 911 39.72 10.49 18.24
C LYS A 911 38.64 10.46 19.32
N ASN A 912 37.38 10.27 18.95
CA ASN A 912 36.32 10.08 19.92
C ASN A 912 35.90 8.62 20.07
N GLN A 913 36.59 7.70 19.39
CA GLN A 913 36.25 6.27 19.43
C GLN A 913 37.19 5.59 20.41
N ILE A 914 36.77 5.48 21.67
CA ILE A 914 37.56 4.82 22.70
C ILE A 914 37.67 3.34 22.39
N GLN A 915 38.83 2.76 22.69
CA GLN A 915 39.05 1.32 22.58
C GLN A 915 39.51 0.81 23.94
N LEU A 916 38.90 -0.27 24.41
CA LEU A 916 39.23 -0.86 25.70
C LEU A 916 39.61 -2.32 25.52
N PHE A 917 40.77 -2.70 26.06
CA PHE A 917 41.26 -4.06 25.97
C PHE A 917 40.92 -4.82 27.24
N ASN A 918 41.32 -6.10 27.27
CA ASN A 918 41.17 -6.93 28.46
C ASN A 918 42.43 -6.83 29.32
N LEU A 919 42.67 -5.63 29.81
CA LEU A 919 43.83 -5.33 30.63
C LEU A 919 43.40 -4.52 31.83
N GLU A 920 44.20 -4.59 32.91
CA GLU A 920 43.87 -3.88 34.13
C GLU A 920 44.10 -2.37 33.98
N SER A 921 45.14 -1.98 33.26
CA SER A 921 45.47 -0.57 33.07
C SER A 921 44.94 -0.04 31.74
N SER A 922 43.83 -0.59 31.26
CA SER A 922 43.10 -0.04 30.12
C SER A 922 41.66 0.15 30.58
N LYS A 923 41.40 1.28 31.23
CA LYS A 923 40.09 1.53 31.82
C LYS A 923 39.89 3.03 31.91
N ILE A 924 38.62 3.44 31.88
CA ILE A 924 38.24 4.83 32.04
C ILE A 924 37.37 4.93 33.27
N GLU A 925 37.84 5.64 34.29
CA GLU A 925 37.06 5.78 35.52
C GLU A 925 36.45 7.17 35.58
N VAL A 926 35.14 7.22 35.73
CA VAL A 926 34.41 8.46 35.82
C VAL A 926 33.99 8.65 37.27
N ILE A 927 34.49 9.72 37.89
CA ILE A 927 34.09 10.09 39.24
C ILE A 927 32.95 11.08 39.10
N LEU A 928 31.75 10.64 39.44
CA LEU A 928 30.56 11.47 39.34
C LEU A 928 30.44 12.40 40.54
N LYS A 929 29.78 13.53 40.33
CA LYS A 929 29.35 14.34 41.47
C LYS A 929 28.38 13.53 42.31
N ASN A 930 28.56 13.59 43.64
CA ASN A 930 27.76 12.76 44.51
C ASN A 930 26.28 13.11 44.47
N ALA A 931 25.93 14.26 43.90
CA ALA A 931 24.52 14.64 43.77
C ALA A 931 23.84 13.99 42.57
N ILE A 932 24.60 13.34 41.68
CA ILE A 932 24.02 12.73 40.49
C ILE A 932 24.14 11.22 40.48
N VAL A 933 24.88 10.62 41.42
CA VAL A 933 24.97 9.17 41.47
C VAL A 933 23.60 8.59 41.76
N TYR A 934 23.26 7.50 41.08
CA TYR A 934 21.93 6.94 41.18
C TYR A 934 21.76 6.25 42.53
N ASN A 935 21.04 6.89 43.43
CA ASN A 935 20.59 6.24 44.67
C ASN A 935 19.12 6.63 44.84
N SER A 936 18.23 5.84 44.25
CA SER A 936 16.82 6.19 44.25
C SER A 936 15.98 4.94 44.00
N MET A 937 14.83 4.88 44.66
CA MET A 937 13.91 3.77 44.46
C MET A 937 13.04 3.93 43.22
N TYR A 938 12.95 5.14 42.67
CA TYR A 938 12.00 5.38 41.59
C TYR A 938 12.55 6.19 40.42
N GLU A 939 13.73 6.79 40.54
CA GLU A 939 14.16 7.74 39.51
C GLU A 939 14.44 7.03 38.20
N ASN A 940 13.83 7.51 37.12
CA ASN A 940 14.12 7.00 35.80
C ASN A 940 15.47 7.48 35.34
N PHE A 941 16.10 6.71 34.44
CA PHE A 941 17.34 7.19 33.85
C PHE A 941 17.64 6.41 32.58
N SER A 942 18.49 6.99 31.74
CA SER A 942 18.78 6.40 30.44
C SER A 942 20.27 6.49 30.18
N THR A 943 20.74 5.64 29.27
CA THR A 943 22.13 5.68 28.83
C THR A 943 22.18 5.28 27.37
N SER A 944 23.24 5.72 26.69
CA SER A 944 23.37 5.45 25.27
C SER A 944 24.83 5.49 24.89
N PHE A 945 25.20 4.64 23.95
CA PHE A 945 26.60 4.59 23.52
C PHE A 945 26.68 3.77 22.26
N TRP A 946 27.67 4.07 21.43
CA TRP A 946 27.94 3.27 20.25
C TRP A 946 29.02 2.26 20.59
N ILE A 947 28.72 0.98 20.36
CA ILE A 947 29.62 -0.10 20.74
C ILE A 947 29.95 -0.91 19.50
N ARG A 948 31.11 -1.56 19.54
CA ARG A 948 31.56 -2.40 18.44
C ARG A 948 32.33 -3.56 19.04
N ILE A 949 31.78 -4.76 18.89
CA ILE A 949 32.26 -5.99 19.51
C ILE A 949 32.73 -6.93 18.42
N PRO A 950 33.99 -7.35 18.40
CA PRO A 950 34.46 -8.22 17.32
C PRO A 950 33.81 -9.60 17.41
N LYS A 951 33.96 -10.35 16.33
CA LYS A 951 33.40 -11.69 16.27
C LYS A 951 34.17 -12.61 17.21
N TYR A 952 33.43 -13.38 18.02
CA TYR A 952 34.06 -14.31 18.95
C TYR A 952 34.71 -15.45 18.17
N PHE A 953 35.96 -15.77 18.51
CA PHE A 953 36.71 -16.81 17.82
C PHE A 953 36.87 -18.09 18.63
N ASN A 954 37.21 -17.97 19.91
CA ASN A 954 37.52 -19.13 20.74
C ASN A 954 36.27 -19.62 21.46
N SER A 955 36.24 -20.93 21.72
CA SER A 955 35.11 -21.51 22.42
C SER A 955 35.09 -21.15 23.90
N ILE A 956 36.17 -20.58 24.44
CA ILE A 956 36.16 -20.11 25.81
C ILE A 956 35.17 -18.98 26.00
N SER A 957 34.88 -18.23 24.93
CA SER A 957 33.96 -17.10 25.04
C SER A 957 32.55 -17.55 25.40
N LEU A 958 32.19 -18.79 25.07
CA LEU A 958 30.88 -19.30 25.45
C LEU A 958 30.76 -19.37 26.96
N ASN A 959 29.61 -18.94 27.47
CA ASN A 959 29.32 -18.96 28.90
C ASN A 959 30.36 -18.16 29.69
N ASN A 960 30.82 -17.06 29.10
CA ASN A 960 31.83 -16.19 29.70
C ASN A 960 31.32 -14.74 29.62
N GLU A 961 30.56 -14.34 30.63
CA GLU A 961 30.01 -12.99 30.68
C GLU A 961 30.97 -12.08 31.42
N TYR A 962 31.30 -10.94 30.81
CA TYR A 962 32.22 -9.98 31.39
C TYR A 962 31.63 -8.59 31.31
N THR A 963 31.61 -7.90 32.45
CA THR A 963 31.12 -6.53 32.49
C THR A 963 32.06 -5.61 31.72
N ILE A 964 31.50 -4.64 31.01
CA ILE A 964 32.28 -3.64 30.29
C ILE A 964 32.09 -2.25 30.89
N ILE A 965 30.87 -1.89 31.23
CA ILE A 965 30.61 -0.62 31.91
C ILE A 965 29.99 -0.96 33.24
N ASN A 966 30.69 -0.65 34.33
CA ASN A 966 30.27 -1.08 35.65
C ASN A 966 29.99 0.15 36.51
N CYS A 967 28.78 0.20 37.07
CA CYS A 967 28.41 1.17 38.08
C CYS A 967 27.61 0.42 39.14
N MET A 968 28.19 -0.66 39.63
CA MET A 968 27.56 -1.53 40.61
C MET A 968 28.41 -1.52 41.86
N GLU A 969 27.78 -1.28 43.01
CA GLU A 969 28.49 -1.12 44.28
C GLU A 969 27.84 -2.01 45.32
N ASN A 970 28.67 -2.81 46.00
CA ASN A 970 28.21 -3.69 47.09
C ASN A 970 27.04 -4.54 46.64
N ASN A 971 27.16 -5.12 45.44
CA ASN A 971 26.10 -5.92 44.82
C ASN A 971 24.82 -5.10 44.68
N SER A 972 24.96 -3.92 44.07
CA SER A 972 23.84 -3.04 43.78
C SER A 972 24.33 -1.96 42.83
N GLY A 973 23.50 -1.63 41.84
CA GLY A 973 23.82 -0.67 40.81
C GLY A 973 23.45 -1.21 39.46
N TRP A 974 24.04 -0.61 38.43
CA TRP A 974 23.75 -1.00 37.05
C TRP A 974 25.05 -1.30 36.30
N LYS A 975 24.97 -2.29 35.40
CA LYS A 975 26.15 -2.65 34.63
C LYS A 975 25.75 -3.10 33.24
N VAL A 976 26.46 -2.57 32.25
CA VAL A 976 26.42 -3.10 30.89
C VAL A 976 27.49 -4.16 30.79
N SER A 977 27.08 -5.38 30.49
CA SER A 977 27.97 -6.52 30.38
C SER A 977 27.81 -7.16 29.00
N LEU A 978 28.77 -8.00 28.64
CA LEU A 978 28.79 -8.64 27.34
C LEU A 978 28.73 -10.15 27.50
N ASN A 979 28.51 -10.82 26.37
CA ASN A 979 28.54 -12.27 26.33
C ASN A 979 28.66 -12.68 24.86
N TYR A 980 28.89 -13.96 24.63
CA TYR A 980 28.98 -14.47 23.27
C TYR A 980 27.70 -14.16 22.52
N GLY A 981 27.79 -13.26 21.53
CA GLY A 981 26.63 -12.85 20.76
C GLY A 981 25.55 -12.16 21.56
N GLU A 982 25.87 -11.65 22.75
CA GLU A 982 24.85 -11.06 23.61
C GLU A 982 25.36 -9.76 24.22
N ILE A 983 24.44 -8.82 24.40
CA ILE A 983 24.68 -7.59 25.15
C ILE A 983 23.65 -7.53 26.26
N ILE A 984 24.12 -7.45 27.51
CA ILE A 984 23.24 -7.55 28.66
C ILE A 984 23.28 -6.23 29.44
N TRP A 985 22.12 -5.80 29.90
CA TRP A 985 21.99 -4.68 30.82
C TRP A 985 21.45 -5.23 32.14
N THR A 986 22.09 -4.86 33.25
CA THR A 986 21.78 -5.46 34.53
C THR A 986 21.54 -4.39 35.59
N LEU A 987 20.51 -4.60 36.40
CA LEU A 987 20.20 -3.78 37.57
C LEU A 987 20.13 -4.68 38.79
N GLN A 988 20.65 -4.20 39.92
CA GLN A 988 20.53 -4.95 41.17
C GLN A 988 20.35 -3.96 42.31
N ASP A 989 19.18 -3.95 42.92
CA ASP A 989 18.88 -3.01 43.99
C ASP A 989 19.58 -3.45 45.28
N THR A 990 19.27 -2.77 46.38
CA THR A 990 19.92 -3.09 47.66
C THR A 990 19.53 -4.48 48.14
N GLN A 991 18.28 -4.88 47.91
CA GLN A 991 17.80 -6.18 48.38
C GLN A 991 18.34 -7.35 47.59
N GLU A 992 19.36 -7.09 46.76
CA GLU A 992 20.11 -8.11 46.04
C GLU A 992 19.34 -8.74 44.89
N ILE A 993 18.05 -8.41 44.75
CA ILE A 993 17.29 -8.94 43.63
C ILE A 993 17.71 -8.23 42.35
N LYS A 994 17.85 -9.00 41.28
CA LYS A 994 18.50 -8.54 40.07
C LYS A 994 17.59 -8.74 38.88
N GLN A 995 17.71 -7.85 37.90
CA GLN A 995 16.95 -7.93 36.66
C GLN A 995 17.85 -7.53 35.50
N ARG A 996 17.85 -8.33 34.44
CA ARG A 996 18.67 -8.04 33.28
C ARG A 996 17.82 -8.16 32.02
N VAL A 997 18.25 -7.42 31.00
CA VAL A 997 17.59 -7.41 29.70
C VAL A 997 18.68 -7.57 28.63
N VAL A 998 18.44 -8.46 27.66
CA VAL A 998 19.49 -8.95 26.78
C VAL A 998 19.11 -8.72 25.33
N PHE A 999 20.09 -8.30 24.54
CA PHE A 999 19.99 -8.32 23.08
C PHE A 999 20.88 -9.45 22.58
N LYS A 1000 20.26 -10.44 21.94
CA LYS A 1000 20.96 -11.60 21.42
C LYS A 1000 21.06 -11.48 19.90
N TYR A 1001 22.28 -11.54 19.38
CA TYR A 1001 22.50 -11.63 17.95
C TYR A 1001 23.30 -12.89 17.67
N SER A 1002 22.80 -13.71 16.76
CA SER A 1002 23.43 -14.98 16.45
C SER A 1002 24.50 -14.78 15.39
N GLN A 1003 25.60 -15.54 15.52
CA GLN A 1003 26.71 -15.44 14.59
C GLN A 1003 26.64 -16.47 13.48
N MET A 1004 25.57 -17.27 13.43
CA MET A 1004 25.38 -18.27 12.38
C MET A 1004 24.47 -17.71 11.31
N ILE A 1005 24.97 -16.68 10.61
CA ILE A 1005 24.19 -15.98 9.60
C ILE A 1005 25.14 -15.49 8.51
N ASN A 1006 24.63 -15.43 7.28
CA ASN A 1006 25.47 -15.03 6.15
C ASN A 1006 26.01 -13.62 6.33
N ILE A 1007 25.11 -12.64 6.37
CA ILE A 1007 25.46 -11.24 6.58
C ILE A 1007 24.68 -10.74 7.79
N SER A 1008 25.38 -10.08 8.72
CA SER A 1008 24.76 -9.61 9.94
C SER A 1008 24.97 -8.11 10.11
N ASP A 1009 24.01 -7.46 10.76
CA ASP A 1009 24.06 -6.02 11.01
C ASP A 1009 24.65 -5.69 12.37
N TYR A 1010 25.12 -6.68 13.12
CA TYR A 1010 25.56 -6.46 14.48
C TYR A 1010 26.94 -7.00 14.81
N ILE A 1011 27.43 -8.00 14.08
CA ILE A 1011 28.72 -8.62 14.40
C ILE A 1011 29.83 -7.70 13.89
N ASN A 1012 30.61 -7.16 14.82
CA ASN A 1012 31.70 -6.23 14.49
C ASN A 1012 31.19 -5.06 13.66
N ARG A 1013 30.02 -4.54 14.04
CA ARG A 1013 29.45 -3.37 13.42
C ARG A 1013 29.13 -2.37 14.52
N TRP A 1014 29.23 -1.08 14.20
CA TRP A 1014 28.87 -0.07 15.18
C TRP A 1014 27.39 -0.16 15.48
N ILE A 1015 27.05 -0.23 16.76
CA ILE A 1015 25.71 -0.48 17.24
C ILE A 1015 25.35 0.62 18.22
N PHE A 1016 24.25 1.31 17.97
CA PHE A 1016 23.79 2.38 18.86
C PHE A 1016 22.95 1.74 19.95
N VAL A 1017 23.60 1.38 21.05
CA VAL A 1017 22.89 0.79 22.19
C VAL A 1017 22.28 1.91 23.01
N THR A 1018 21.01 1.73 23.40
CA THR A 1018 20.33 2.64 24.29
C THR A 1018 19.60 1.83 25.33
N ILE A 1019 19.64 2.27 26.58
CA ILE A 1019 18.91 1.64 27.66
C ILE A 1019 18.10 2.71 28.38
N THR A 1020 16.79 2.49 28.48
CA THR A 1020 15.92 3.41 29.17
C THR A 1020 15.23 2.68 30.32
N ASN A 1021 15.34 3.23 31.53
CA ASN A 1021 14.85 2.58 32.74
C ASN A 1021 13.79 3.48 33.37
N ASN A 1022 12.54 3.06 33.22
CA ASN A 1022 11.41 3.68 33.90
C ASN A 1022 11.08 2.80 35.10
N ARG A 1023 11.39 3.29 36.30
CA ARG A 1023 11.24 2.47 37.50
C ARG A 1023 9.80 2.10 37.78
N LEU A 1024 8.84 2.78 37.16
CA LEU A 1024 7.44 2.39 37.21
C LEU A 1024 7.06 1.42 36.10
N ASN A 1025 7.93 1.20 35.13
CA ASN A 1025 7.61 0.47 33.92
C ASN A 1025 8.76 -0.47 33.59
N ASN A 1026 8.79 -0.97 32.37
CA ASN A 1026 9.84 -1.89 31.95
C ASN A 1026 11.10 -1.13 31.60
N SER A 1027 12.25 -1.70 31.98
CA SER A 1027 13.52 -1.22 31.47
C SER A 1027 13.76 -1.87 30.12
N LYS A 1028 14.04 -1.05 29.12
CA LYS A 1028 14.11 -1.53 27.75
C LYS A 1028 15.44 -1.16 27.11
N ILE A 1029 15.88 -2.00 26.19
CA ILE A 1029 17.10 -1.83 25.45
C ILE A 1029 16.76 -1.74 23.97
N TYR A 1030 17.21 -0.65 23.34
CA TYR A 1030 17.08 -0.37 21.92
C TYR A 1030 18.42 -0.56 21.24
N ILE A 1031 18.39 -1.13 20.04
CA ILE A 1031 19.59 -1.35 19.26
C ILE A 1031 19.41 -0.70 17.89
N ASN A 1032 20.34 0.17 17.52
CA ASN A 1032 20.28 0.92 16.27
C ASN A 1032 18.98 1.72 16.16
N GLY A 1033 18.48 2.21 17.30
CA GLY A 1033 17.34 3.09 17.33
C GLY A 1033 16.00 2.43 17.43
N ARG A 1034 15.93 1.11 17.30
CA ARG A 1034 14.67 0.37 17.33
C ARG A 1034 14.66 -0.58 18.52
N LEU A 1035 13.50 -0.65 19.17
CA LEU A 1035 13.38 -1.45 20.38
C LEU A 1035 13.72 -2.90 20.12
N ILE A 1036 14.50 -3.49 21.04
CA ILE A 1036 14.91 -4.87 20.94
C ILE A 1036 14.39 -5.71 22.10
N ASP A 1037 14.48 -5.21 23.32
CA ASP A 1037 13.96 -6.00 24.42
C ASP A 1037 13.49 -5.08 25.53
N GLN A 1038 12.66 -5.62 26.41
CA GLN A 1038 12.17 -4.87 27.56
C GLN A 1038 11.72 -5.84 28.64
N LYS A 1039 12.18 -5.61 29.87
CA LYS A 1039 11.81 -6.48 30.98
C LYS A 1039 11.28 -5.64 32.14
N PRO A 1040 10.29 -6.14 32.87
CA PRO A 1040 9.70 -5.35 33.94
C PRO A 1040 10.64 -5.21 35.14
N ILE A 1041 10.71 -4.01 35.68
CA ILE A 1041 11.55 -3.73 36.85
C ILE A 1041 10.72 -3.01 37.90
N SER A 1042 9.40 -3.13 37.83
CA SER A 1042 8.53 -2.43 38.76
C SER A 1042 8.71 -2.90 40.20
N ASN A 1043 9.23 -4.10 40.41
CA ASN A 1043 9.39 -4.64 41.76
C ASN A 1043 10.73 -4.29 42.40
N LEU A 1044 11.71 -3.84 41.61
CA LEU A 1044 13.02 -3.53 42.17
C LEU A 1044 12.92 -2.37 43.16
N GLY A 1045 13.62 -2.52 44.28
CA GLY A 1045 13.59 -1.51 45.33
C GLY A 1045 14.60 -0.41 45.12
N ASN A 1046 15.47 -0.20 46.10
CA ASN A 1046 16.42 0.91 46.08
C ASN A 1046 17.70 0.46 45.39
N ILE A 1047 17.99 1.06 44.24
CA ILE A 1047 19.24 0.81 43.52
C ILE A 1047 20.22 1.92 43.88
N HIS A 1048 21.34 1.54 44.47
CA HIS A 1048 22.39 2.48 44.84
C HIS A 1048 23.60 2.19 43.95
N ALA A 1049 23.69 2.93 42.85
CA ALA A 1049 24.76 2.72 41.90
C ALA A 1049 26.10 3.07 42.52
N SER A 1050 27.17 2.66 41.84
CA SER A 1050 28.51 2.99 42.29
C SER A 1050 28.77 4.48 42.14
N ASN A 1051 29.56 5.02 43.08
CA ASN A 1051 29.94 6.43 42.98
C ASN A 1051 30.77 6.66 41.72
N ASN A 1052 31.68 5.76 41.41
CA ASN A 1052 32.46 5.82 40.20
C ASN A 1052 31.88 4.86 39.16
N ILE A 1053 32.25 5.11 37.90
CA ILE A 1053 31.83 4.27 36.79
C ILE A 1053 33.08 3.78 36.08
N MET A 1054 33.20 2.47 35.91
CA MET A 1054 34.39 1.84 35.37
C MET A 1054 34.17 1.40 33.93
N PHE A 1055 35.11 1.77 33.06
CA PHE A 1055 35.11 1.37 31.66
C PHE A 1055 36.29 0.41 31.50
N LYS A 1056 36.04 -0.88 31.72
CA LYS A 1056 37.05 -1.90 31.53
C LYS A 1056 36.36 -3.24 31.35
N LEU A 1057 37.08 -4.17 30.72
CA LEU A 1057 36.57 -5.52 30.49
C LEU A 1057 36.92 -6.36 31.71
N ASP A 1058 35.92 -6.65 32.53
CA ASP A 1058 36.12 -7.28 33.83
C ASP A 1058 35.49 -8.67 33.81
N GLY A 1059 36.29 -9.66 33.47
CA GLY A 1059 35.84 -11.04 33.56
C GLY A 1059 36.06 -11.86 32.31
N CYS A 1060 36.50 -11.22 31.24
CA CYS A 1060 36.67 -11.91 29.97
C CYS A 1060 37.94 -12.74 29.99
N ARG A 1061 37.79 -14.05 29.82
CA ARG A 1061 38.94 -14.94 29.84
C ARG A 1061 39.80 -14.82 28.60
N ASP A 1062 39.23 -14.37 27.48
CA ASP A 1062 40.01 -14.20 26.27
C ASP A 1062 41.02 -13.07 26.46
N THR A 1063 42.26 -13.32 26.04
CA THR A 1063 43.30 -12.32 26.21
C THR A 1063 43.15 -11.19 25.20
N HIS A 1064 42.80 -11.51 23.96
CA HIS A 1064 42.76 -10.55 22.87
C HIS A 1064 41.42 -9.85 22.73
N ARG A 1065 40.46 -10.13 23.60
CA ARG A 1065 39.14 -9.56 23.46
C ARG A 1065 39.13 -8.09 23.87
N TYR A 1066 38.61 -7.24 22.99
CA TYR A 1066 38.53 -5.81 23.22
C TYR A 1066 37.17 -5.33 22.72
N ILE A 1067 36.82 -4.10 23.09
CA ILE A 1067 35.61 -3.46 22.58
C ILE A 1067 35.95 -2.05 22.13
N TRP A 1068 35.14 -1.53 21.21
CA TRP A 1068 35.16 -0.12 20.86
C TRP A 1068 33.89 0.52 21.40
N ILE A 1069 34.03 1.71 21.98
CA ILE A 1069 32.89 2.42 22.56
C ILE A 1069 33.07 3.91 22.30
N LYS A 1070 31.97 4.61 22.06
CA LYS A 1070 32.04 6.04 21.83
C LYS A 1070 30.72 6.69 22.18
N TYR A 1071 30.77 8.01 22.36
CA TYR A 1071 29.59 8.83 22.59
C TYR A 1071 28.75 8.31 23.75
N PHE A 1072 29.41 7.97 24.85
CA PHE A 1072 28.66 7.49 26.01
C PHE A 1072 27.98 8.67 26.68
N ASN A 1073 26.66 8.70 26.62
CA ASN A 1073 25.85 9.71 27.28
C ASN A 1073 24.93 9.04 28.29
N LEU A 1074 24.70 9.74 29.39
CA LEU A 1074 23.87 9.25 30.48
C LEU A 1074 22.90 10.36 30.86
N PHE A 1075 21.60 10.08 30.70
CA PHE A 1075 20.52 11.02 30.90
C PHE A 1075 19.71 10.67 32.14
N ASP A 1076 19.01 11.66 32.67
CA ASP A 1076 18.24 11.52 33.90
C ASP A 1076 16.76 11.29 33.64
N LYS A 1077 16.36 11.04 32.40
CA LYS A 1077 14.97 10.78 32.07
C LYS A 1077 14.89 9.61 31.10
N GLU A 1078 13.74 8.95 31.08
CA GLU A 1078 13.51 7.83 30.17
C GLU A 1078 13.26 8.38 28.77
N LEU A 1079 14.24 8.20 27.88
CA LEU A 1079 14.08 8.65 26.51
C LEU A 1079 12.89 7.97 25.85
N ASN A 1080 12.07 8.76 25.17
CA ASN A 1080 11.00 8.18 24.38
C ASN A 1080 11.53 7.76 23.02
N GLU A 1081 10.67 7.08 22.25
CA GLU A 1081 11.13 6.44 21.01
C GLU A 1081 11.66 7.45 20.01
N LYS A 1082 10.95 8.57 19.83
CA LYS A 1082 11.39 9.53 18.83
C LYS A 1082 12.68 10.24 19.25
N GLU A 1083 12.87 10.44 20.55
CA GLU A 1083 14.14 11.00 21.01
C GLU A 1083 15.29 10.05 20.71
N ILE A 1084 15.08 8.76 20.90
CA ILE A 1084 16.10 7.77 20.56
C ILE A 1084 16.37 7.78 19.06
N LYS A 1085 15.31 7.87 18.25
CA LYS A 1085 15.51 7.93 16.81
C LYS A 1085 16.32 9.16 16.42
N ASP A 1086 16.01 10.31 17.02
CA ASP A 1086 16.75 11.53 16.72
C ASP A 1086 18.20 11.42 17.18
N LEU A 1087 18.44 10.81 18.34
CA LEU A 1087 19.80 10.56 18.78
C LEU A 1087 20.56 9.72 17.77
N TYR A 1088 19.92 8.66 17.29
CA TYR A 1088 20.58 7.78 16.33
C TYR A 1088 20.89 8.52 15.03
N ASP A 1089 19.93 9.26 14.49
CA ASP A 1089 20.16 9.93 13.23
C ASP A 1089 21.00 11.19 13.35
N ASN A 1090 21.23 11.68 14.57
CA ASN A 1090 22.13 12.80 14.79
C ASN A 1090 23.56 12.32 14.96
N GLN A 1091 23.78 11.41 15.91
CA GLN A 1091 25.12 10.89 16.16
C GLN A 1091 25.64 10.04 15.01
N SER A 1092 24.77 9.67 14.06
CA SER A 1092 25.20 8.89 12.91
C SER A 1092 26.09 9.67 11.97
N ASN A 1093 26.20 10.99 12.14
CA ASN A 1093 27.08 11.84 11.33
C ASN A 1093 26.72 11.71 9.85
N SER A 1094 25.51 12.20 9.54
CA SER A 1094 25.00 12.10 8.17
C SER A 1094 25.88 12.83 7.17
N GLY A 1095 26.74 13.74 7.61
CA GLY A 1095 27.62 14.43 6.69
C GLY A 1095 28.82 13.63 6.24
N ILE A 1096 29.06 12.47 6.84
CA ILE A 1096 30.25 11.66 6.55
C ILE A 1096 29.80 10.27 6.12
N LEU A 1097 30.41 9.77 5.06
CA LEU A 1097 30.14 8.41 4.61
C LEU A 1097 30.73 7.39 5.57
N LYS A 1098 30.15 6.20 5.56
CA LYS A 1098 30.59 5.10 6.41
C LYS A 1098 31.06 3.94 5.55
N ASP A 1099 31.74 2.99 6.20
CA ASP A 1099 32.08 1.72 5.60
C ASP A 1099 31.23 0.63 6.24
N PHE A 1100 31.52 -0.62 5.91
CA PHE A 1100 30.66 -1.73 6.33
C PHE A 1100 30.52 -1.77 7.85
N TRP A 1101 31.64 -1.62 8.57
CA TRP A 1101 31.62 -1.77 10.01
C TRP A 1101 30.96 -0.57 10.69
N GLY A 1102 31.20 0.64 10.17
CA GLY A 1102 30.61 1.82 10.75
C GLY A 1102 31.58 2.97 10.88
N ASP A 1103 32.83 2.73 10.53
CA ASP A 1103 33.85 3.77 10.59
C ASP A 1103 33.70 4.73 9.41
N TYR A 1104 34.29 5.91 9.55
CA TYR A 1104 34.21 6.90 8.49
C TYR A 1104 34.92 6.39 7.24
N LEU A 1105 34.26 6.55 6.10
CA LEU A 1105 34.85 6.14 4.84
C LEU A 1105 36.08 7.01 4.55
N GLN A 1106 37.15 6.38 4.08
CA GLN A 1106 38.43 7.08 3.94
C GLN A 1106 39.02 6.85 2.56
N TYR A 1107 39.72 7.88 2.08
CA TYR A 1107 40.47 7.77 0.84
C TYR A 1107 41.69 6.88 1.03
N ASP A 1108 42.16 6.32 -0.08
CA ASP A 1108 43.39 5.51 -0.11
C ASP A 1108 43.32 4.38 0.90
N LYS A 1109 42.21 3.66 0.90
CA LYS A 1109 42.04 2.52 1.79
C LYS A 1109 41.21 1.46 1.09
N PRO A 1110 41.82 0.36 0.65
CA PRO A 1110 41.09 -0.61 -0.18
C PRO A 1110 39.89 -1.19 0.55
N TYR A 1111 38.79 -1.33 -0.20
CA TYR A 1111 37.55 -1.89 0.30
C TYR A 1111 37.07 -2.98 -0.64
N TYR A 1112 36.56 -4.06 -0.07
CA TYR A 1112 35.81 -5.05 -0.82
C TYR A 1112 34.38 -4.57 -1.00
N MET A 1113 33.75 -5.00 -2.09
CA MET A 1113 32.43 -4.51 -2.45
C MET A 1113 31.34 -5.50 -2.07
N LEU A 1114 30.20 -4.95 -1.67
CA LEU A 1114 29.00 -5.74 -1.43
C LEU A 1114 27.81 -4.97 -1.98
N ASN A 1115 26.81 -5.71 -2.48
CA ASN A 1115 25.57 -5.11 -2.96
C ASN A 1115 24.43 -5.52 -2.04
N LEU A 1116 23.60 -4.55 -1.65
CA LEU A 1116 22.53 -4.84 -0.71
C LEU A 1116 21.43 -5.67 -1.34
N TYR A 1117 21.25 -5.59 -2.66
CA TYR A 1117 20.18 -6.35 -3.29
C TYR A 1117 20.49 -7.84 -3.34
N ASP A 1118 21.72 -8.19 -3.70
CA ASP A 1118 22.14 -9.60 -3.77
C ASP A 1118 23.43 -9.76 -2.98
N PRO A 1119 23.34 -9.98 -1.67
CA PRO A 1119 24.56 -10.14 -0.87
C PRO A 1119 25.43 -11.30 -1.29
N ASN A 1120 24.84 -12.37 -1.81
CA ASN A 1120 25.61 -13.58 -2.11
C ASN A 1120 26.62 -13.37 -3.23
N LYS A 1121 26.48 -12.31 -4.01
CA LYS A 1121 27.37 -12.05 -5.13
C LYS A 1121 28.37 -10.95 -4.79
N TYR A 1122 29.54 -11.02 -5.44
CA TYR A 1122 30.61 -10.06 -5.26
C TYR A 1122 31.10 -9.58 -6.62
N VAL A 1123 31.78 -8.45 -6.61
CA VAL A 1123 32.18 -7.75 -7.83
C VAL A 1123 33.44 -8.36 -8.40
N ASP A 1124 33.45 -8.58 -9.71
CA ASP A 1124 34.64 -9.05 -10.40
C ASP A 1124 34.68 -8.46 -11.80
N VAL A 1125 35.89 -8.36 -12.35
CA VAL A 1125 36.09 -7.86 -13.69
C VAL A 1125 36.13 -9.04 -14.66
N ASN A 1126 35.48 -8.87 -15.81
CA ASN A 1126 35.57 -9.88 -16.84
C ASN A 1126 36.89 -9.77 -17.60
N ASN A 1127 37.25 -8.54 -17.98
CA ASN A 1127 38.51 -8.29 -18.68
C ASN A 1127 38.82 -6.82 -18.55
N VAL A 1128 40.10 -6.49 -18.74
CA VAL A 1128 40.58 -5.12 -18.66
C VAL A 1128 40.80 -4.60 -20.07
N GLY A 1129 40.21 -3.45 -20.36
CA GLY A 1129 40.31 -2.85 -21.67
C GLY A 1129 39.06 -2.06 -21.96
N ILE A 1130 38.98 -1.56 -23.20
CA ILE A 1130 37.82 -0.77 -23.61
C ILE A 1130 36.56 -1.65 -23.61
N ARG A 1131 36.65 -2.85 -24.15
CA ARG A 1131 35.50 -3.73 -24.28
C ARG A 1131 35.15 -4.46 -23.00
N GLY A 1132 35.99 -4.36 -21.97
CA GLY A 1132 35.74 -5.05 -20.72
C GLY A 1132 34.55 -4.46 -19.98
N TYR A 1133 34.22 -5.10 -18.86
CA TYR A 1133 33.13 -4.65 -18.02
C TYR A 1133 33.33 -5.21 -16.62
N MET A 1134 32.45 -4.80 -15.72
CA MET A 1134 32.41 -5.31 -14.36
C MET A 1134 31.09 -6.03 -14.14
N TYR A 1135 31.10 -7.05 -13.29
CA TYR A 1135 29.92 -7.87 -13.10
C TYR A 1135 29.91 -8.45 -11.70
N LEU A 1136 28.84 -9.17 -11.38
CA LEU A 1136 28.67 -9.83 -10.10
C LEU A 1136 28.70 -11.33 -10.30
N LYS A 1137 29.35 -12.03 -9.37
CA LYS A 1137 29.39 -13.49 -9.46
C LYS A 1137 29.44 -14.06 -8.06
N GLY A 1138 29.07 -15.33 -7.95
CA GLY A 1138 29.01 -16.01 -6.67
C GLY A 1138 29.43 -17.46 -6.78
N PRO A 1139 29.19 -18.23 -5.71
CA PRO A 1139 28.60 -17.84 -4.44
C PRO A 1139 29.62 -17.13 -3.55
N ARG A 1140 29.17 -16.43 -2.51
CA ARG A 1140 30.06 -15.66 -1.67
C ARG A 1140 31.06 -16.54 -0.92
N GLY A 1141 30.79 -17.83 -0.80
CA GLY A 1141 31.57 -18.69 0.06
C GLY A 1141 31.09 -18.58 1.49
N SER A 1142 31.87 -19.17 2.39
CA SER A 1142 31.53 -19.11 3.81
C SER A 1142 32.75 -19.43 4.65
N VAL A 1143 32.95 -18.65 5.71
CA VAL A 1143 33.92 -18.93 6.74
C VAL A 1143 33.16 -19.41 7.97
N MET A 1144 33.56 -20.57 8.50
CA MET A 1144 32.88 -21.18 9.62
C MET A 1144 33.91 -21.75 10.59
N THR A 1145 33.69 -21.51 11.87
CA THR A 1145 34.31 -22.30 12.93
C THR A 1145 33.18 -22.90 13.75
N THR A 1146 33.23 -24.21 13.92
CA THR A 1146 32.07 -24.98 14.35
C THR A 1146 31.61 -24.56 15.74
N ASN A 1147 30.30 -24.39 15.89
CA ASN A 1147 29.62 -24.08 17.14
C ASN A 1147 29.94 -22.69 17.67
N ILE A 1148 30.68 -21.87 16.92
CA ILE A 1148 30.96 -20.50 17.30
C ILE A 1148 30.46 -19.51 16.26
N TYR A 1149 30.85 -19.69 15.00
CA TYR A 1149 30.38 -18.74 14.00
C TYR A 1149 30.36 -19.36 12.62
N LEU A 1150 29.51 -18.78 11.77
CA LEU A 1150 29.33 -19.24 10.40
C LEU A 1150 28.78 -18.07 9.60
N ASN A 1151 29.60 -17.47 8.74
CA ASN A 1151 29.19 -16.29 8.00
C ASN A 1151 29.72 -16.34 6.59
N SER A 1152 29.11 -15.58 5.70
CA SER A 1152 29.63 -15.48 4.34
C SER A 1152 30.97 -14.78 4.34
N SER A 1153 31.88 -15.24 3.49
CA SER A 1153 33.21 -14.66 3.41
C SER A 1153 33.11 -13.24 2.88
N LEU A 1154 33.57 -12.28 3.69
CA LEU A 1154 33.45 -10.86 3.37
C LEU A 1154 34.70 -10.30 2.70
N TYR A 1155 35.72 -11.10 2.44
CA TYR A 1155 36.96 -10.64 1.84
C TYR A 1155 37.17 -11.25 0.47
N ARG A 1156 36.11 -11.31 -0.34
CA ARG A 1156 36.16 -11.90 -1.66
C ARG A 1156 36.01 -10.82 -2.73
N GLY A 1157 36.47 -11.16 -3.93
CA GLY A 1157 36.31 -10.27 -5.06
C GLY A 1157 37.32 -9.15 -5.08
N THR A 1158 37.20 -8.31 -6.10
CA THR A 1158 38.11 -7.19 -6.27
C THR A 1158 37.88 -6.12 -5.21
N LYS A 1159 38.87 -5.26 -5.06
CA LYS A 1159 38.86 -4.22 -4.03
C LYS A 1159 38.78 -2.85 -4.68
N PHE A 1160 38.21 -1.89 -3.95
CA PHE A 1160 38.02 -0.53 -4.45
C PHE A 1160 38.74 0.46 -3.56
N ILE A 1161 39.28 1.50 -4.19
CA ILE A 1161 40.01 2.58 -3.51
C ILE A 1161 39.40 3.90 -3.95
N ILE A 1162 39.12 4.77 -2.98
CA ILE A 1162 38.59 6.11 -3.27
C ILE A 1162 39.76 7.07 -3.38
N LYS A 1163 39.88 7.73 -4.53
CA LYS A 1163 40.96 8.66 -4.79
C LYS A 1163 40.41 10.08 -4.92
N LYS A 1164 41.10 11.02 -4.29
CA LYS A 1164 40.64 12.40 -4.27
C LYS A 1164 40.67 13.01 -5.66
N TYR A 1165 39.56 13.63 -6.05
CA TYR A 1165 39.50 14.44 -7.26
C TYR A 1165 39.12 15.87 -6.96
N ALA A 1166 38.06 16.08 -6.17
CA ALA A 1166 37.62 17.41 -5.78
C ALA A 1166 37.60 17.54 -4.25
N SER A 1167 38.66 17.08 -3.60
CA SER A 1167 38.80 17.21 -2.16
C SER A 1167 39.76 18.35 -1.87
N GLY A 1168 39.31 19.32 -1.09
CA GLY A 1168 40.09 20.51 -0.85
C GLY A 1168 40.85 20.51 0.46
N ASN A 1169 41.04 19.34 1.05
CA ASN A 1169 41.76 19.26 2.32
C ASN A 1169 42.41 17.89 2.45
N LYS A 1170 43.40 17.82 3.33
CA LYS A 1170 44.10 16.57 3.62
C LYS A 1170 43.55 16.03 4.94
N ASP A 1171 42.46 15.27 4.85
CA ASP A 1171 41.82 14.70 6.01
C ASP A 1171 41.50 13.22 5.88
N ASN A 1172 41.49 12.67 4.67
CA ASN A 1172 41.16 11.27 4.43
C ASN A 1172 39.80 10.90 5.04
N ILE A 1173 38.83 11.79 4.82
CA ILE A 1173 37.44 11.54 5.22
C ILE A 1173 36.56 11.87 4.02
N VAL A 1174 35.61 10.99 3.74
CA VAL A 1174 34.68 11.17 2.62
C VAL A 1174 33.37 11.74 3.15
N ARG A 1175 32.96 12.86 2.58
CA ARG A 1175 31.74 13.56 2.95
C ARG A 1175 30.72 13.43 1.83
N ASN A 1176 29.52 13.95 2.08
CA ASN A 1176 28.47 13.91 1.07
C ASN A 1176 28.89 14.70 -0.16
N ASN A 1177 28.43 14.24 -1.32
CA ASN A 1177 28.60 14.96 -2.57
C ASN A 1177 30.06 15.26 -2.85
N ASP A 1178 30.90 14.24 -2.70
CA ASP A 1178 32.32 14.35 -3.01
C ASP A 1178 32.55 13.81 -4.41
N ARG A 1179 33.18 14.64 -5.26
CA ARG A 1179 33.58 14.22 -6.60
C ARG A 1179 34.93 13.54 -6.52
N VAL A 1180 34.98 12.25 -6.86
CA VAL A 1180 36.15 11.43 -6.66
C VAL A 1180 36.37 10.52 -7.86
N TYR A 1181 37.55 9.89 -7.87
CA TYR A 1181 37.81 8.75 -8.72
C TYR A 1181 37.72 7.48 -7.90
N ILE A 1182 37.35 6.39 -8.56
CA ILE A 1182 37.29 5.08 -7.93
C ILE A 1182 38.20 4.13 -8.68
N ASN A 1183 39.08 3.47 -7.95
CA ASN A 1183 40.05 2.54 -8.54
C ASN A 1183 39.74 1.12 -8.11
N VAL A 1184 40.02 0.18 -9.01
CA VAL A 1184 39.77 -1.23 -8.81
C VAL A 1184 41.11 -1.95 -8.78
N VAL A 1185 41.30 -2.82 -7.79
CA VAL A 1185 42.55 -3.53 -7.58
C VAL A 1185 42.40 -4.90 -8.21
N VAL A 1186 42.86 -5.04 -9.45
CA VAL A 1186 42.83 -6.31 -10.18
C VAL A 1186 44.23 -6.90 -10.14
N LYS A 1187 44.36 -8.06 -9.49
CA LYS A 1187 45.65 -8.73 -9.35
C LYS A 1187 46.69 -7.81 -8.73
N ASN A 1188 46.28 -7.10 -7.68
CA ASN A 1188 47.13 -6.10 -7.00
C ASN A 1188 47.63 -5.05 -7.98
N LYS A 1189 46.77 -4.64 -8.90
CA LYS A 1189 47.04 -3.54 -9.81
C LYS A 1189 45.78 -2.69 -9.92
N GLU A 1190 45.95 -1.37 -9.92
CA GLU A 1190 44.84 -0.45 -9.90
C GLU A 1190 44.45 -0.04 -11.31
N TYR A 1191 43.14 0.14 -11.53
CA TYR A 1191 42.60 0.65 -12.77
C TYR A 1191 41.48 1.63 -12.45
N ARG A 1192 41.28 2.60 -13.31
CA ARG A 1192 40.19 3.55 -13.11
C ARG A 1192 38.86 2.89 -13.41
N LEU A 1193 37.87 3.19 -12.58
CA LEU A 1193 36.50 2.74 -12.82
C LEU A 1193 35.88 3.71 -13.83
N ALA A 1194 36.07 3.41 -15.11
CA ALA A 1194 35.71 4.34 -16.17
C ALA A 1194 34.55 3.78 -16.99
N THR A 1195 33.94 4.66 -17.78
CA THR A 1195 32.82 4.28 -18.62
C THR A 1195 32.75 5.25 -19.80
N ASN A 1196 32.01 4.85 -20.82
CA ASN A 1196 31.75 5.67 -21.99
C ASN A 1196 30.26 5.94 -22.09
N ALA A 1197 29.90 7.20 -22.31
CA ALA A 1197 28.50 7.58 -22.43
C ALA A 1197 27.96 7.45 -23.84
N SER A 1198 28.81 7.15 -24.83
CA SER A 1198 28.37 7.02 -26.20
C SER A 1198 27.56 5.76 -26.45
N GLN A 1199 27.60 4.80 -25.53
CA GLN A 1199 26.82 3.57 -25.68
C GLN A 1199 25.35 3.84 -25.40
N ALA A 1200 24.49 3.14 -26.14
CA ALA A 1200 23.05 3.33 -26.04
C ALA A 1200 22.50 2.64 -24.79
N GLY A 1201 21.18 2.65 -24.67
CA GLY A 1201 20.53 2.03 -23.53
C GLY A 1201 20.52 2.91 -22.31
N VAL A 1202 19.45 2.84 -21.51
CA VAL A 1202 19.39 3.63 -20.29
C VAL A 1202 20.48 3.19 -19.32
N GLU A 1203 20.72 1.89 -19.21
CA GLU A 1203 21.83 1.36 -18.41
C GLU A 1203 23.05 1.21 -19.30
N LYS A 1204 24.09 1.98 -19.01
CA LYS A 1204 25.32 1.95 -19.78
C LYS A 1204 26.40 1.18 -19.03
N ILE A 1205 27.20 0.41 -19.78
CA ILE A 1205 28.16 -0.48 -19.16
C ILE A 1205 29.23 0.30 -18.40
N LEU A 1206 29.85 -0.36 -17.44
CA LEU A 1206 30.87 0.23 -16.57
C LEU A 1206 32.06 -0.70 -16.54
N SER A 1207 33.25 -0.17 -16.83
CA SER A 1207 34.43 -0.99 -17.05
C SER A 1207 35.61 -0.46 -16.25
N ALA A 1208 36.71 -1.22 -16.30
CA ALA A 1208 37.98 -0.84 -15.70
C ALA A 1208 38.95 -0.49 -16.82
N LEU A 1209 39.66 0.61 -16.66
CA LEU A 1209 40.51 1.12 -17.72
C LEU A 1209 41.87 1.51 -17.16
N GLU A 1210 42.87 1.48 -18.04
CA GLU A 1210 44.20 1.96 -17.66
C GLU A 1210 44.14 3.44 -17.35
N ILE A 1211 44.78 3.84 -16.25
CA ILE A 1211 44.68 5.23 -15.78
C ILE A 1211 45.19 6.22 -16.82
N PRO A 1212 46.37 6.05 -17.44
CA PRO A 1212 46.79 7.02 -18.46
C PRO A 1212 45.94 6.99 -19.72
N ASP A 1213 45.16 5.93 -19.93
CA ASP A 1213 44.36 5.79 -21.14
C ASP A 1213 42.89 6.13 -20.93
N VAL A 1214 42.53 6.72 -19.80
CA VAL A 1214 41.14 7.09 -19.56
C VAL A 1214 40.68 8.13 -20.58
N GLY A 1215 41.52 9.14 -20.82
CA GLY A 1215 41.18 10.13 -21.83
C GLY A 1215 40.01 11.00 -21.41
N ASN A 1216 39.16 11.33 -22.38
CA ASN A 1216 38.02 12.21 -22.16
C ASN A 1216 36.79 11.47 -21.63
N LEU A 1217 36.88 10.17 -21.43
CA LEU A 1217 35.72 9.41 -20.96
C LEU A 1217 35.33 9.85 -19.55
N SER A 1218 34.05 9.66 -19.25
CA SER A 1218 33.52 10.07 -17.96
C SER A 1218 34.02 9.15 -16.87
N GLN A 1219 34.58 9.73 -15.80
CA GLN A 1219 34.99 8.93 -14.65
C GLN A 1219 34.66 9.61 -13.32
N VAL A 1220 33.88 10.68 -13.31
CA VAL A 1220 33.60 11.37 -12.07
C VAL A 1220 32.56 10.57 -11.30
N VAL A 1221 32.83 10.31 -10.02
CA VAL A 1221 31.88 9.64 -9.15
C VAL A 1221 31.54 10.56 -7.99
N VAL A 1222 30.25 10.78 -7.78
CA VAL A 1222 29.77 11.59 -6.68
C VAL A 1222 29.29 10.66 -5.58
N MET A 1223 29.87 10.83 -4.39
CA MET A 1223 29.56 9.97 -3.26
C MET A 1223 28.40 10.55 -2.47
N LYS A 1224 27.35 9.75 -2.27
CA LYS A 1224 26.14 10.17 -1.58
C LYS A 1224 25.89 9.24 -0.41
N SER A 1225 25.59 9.81 0.75
CA SER A 1225 25.24 9.07 1.94
C SER A 1225 23.82 9.44 2.36
N LYS A 1226 23.04 8.44 2.74
CA LYS A 1226 21.63 8.65 3.07
C LYS A 1226 21.29 7.91 4.35
N ASN A 1227 20.26 8.40 5.03
CA ASN A 1227 19.81 7.77 6.26
C ASN A 1227 18.30 7.58 6.23
N ILE A 1231 19.23 2.79 7.82
CA ILE A 1231 20.53 2.78 7.16
C ILE A 1231 21.25 1.46 7.40
N THR A 1232 22.04 1.04 6.42
CA THR A 1232 22.82 -0.19 6.50
C THR A 1232 24.26 0.08 6.06
N ASN A 1233 24.79 1.23 6.44
CA ASN A 1233 26.15 1.64 6.08
C ASN A 1233 26.32 1.68 4.55
N LYS A 1234 25.26 2.04 3.85
CA LYS A 1234 25.28 2.05 2.39
C LYS A 1234 25.96 3.30 1.87
N CYS A 1235 26.40 3.21 0.62
CA CYS A 1235 27.03 4.33 -0.09
C CYS A 1235 26.51 4.31 -1.52
N LYS A 1236 26.11 5.47 -2.02
CA LYS A 1236 25.57 5.58 -3.37
C LYS A 1236 26.58 6.31 -4.25
N MET A 1237 26.86 5.76 -5.40
CA MET A 1237 27.89 6.27 -6.30
C MET A 1237 27.23 6.75 -7.58
N ASN A 1238 27.03 8.06 -7.69
CA ASN A 1238 26.54 8.64 -8.93
C ASN A 1238 27.69 8.79 -9.90
N LEU A 1239 27.41 8.68 -11.18
CA LEU A 1239 28.41 8.83 -12.23
C LEU A 1239 28.08 10.08 -13.03
N GLN A 1240 29.09 10.92 -13.23
CA GLN A 1240 29.00 12.15 -13.98
C GLN A 1240 30.27 12.36 -14.77
N ASP A 1241 30.15 13.12 -15.85
CA ASP A 1241 31.24 13.47 -16.74
C ASP A 1241 31.77 14.86 -16.40
N ASN A 1242 32.69 15.36 -17.22
CA ASN A 1242 33.32 16.66 -16.98
C ASN A 1242 32.34 17.82 -17.10
N ASN A 1243 31.18 17.62 -17.72
CA ASN A 1243 30.20 18.68 -17.91
C ASN A 1243 29.14 18.71 -16.82
N GLY A 1244 29.33 17.94 -15.75
CA GLY A 1244 28.36 17.92 -14.67
C GLY A 1244 27.02 17.36 -15.08
N ASN A 1245 27.01 16.31 -15.90
CA ASN A 1245 25.79 15.67 -16.35
C ASN A 1245 25.59 14.38 -15.56
N ASP A 1246 24.40 14.22 -14.99
CA ASP A 1246 24.08 13.03 -14.21
C ASP A 1246 23.88 11.84 -15.14
N ILE A 1247 24.96 11.16 -15.51
CA ILE A 1247 24.85 10.05 -16.44
C ILE A 1247 24.45 8.80 -15.65
N GLY A 1248 24.37 8.91 -14.34
CA GLY A 1248 23.57 7.97 -13.58
C GLY A 1248 24.16 7.23 -12.40
N PHE A 1249 23.30 6.76 -11.52
CA PHE A 1249 23.76 6.00 -10.36
C PHE A 1249 24.29 4.64 -10.79
N ILE A 1250 25.26 4.13 -10.03
CA ILE A 1250 25.90 2.85 -10.35
C ILE A 1250 25.12 1.73 -9.68
N GLY A 1251 24.75 0.73 -10.48
CA GLY A 1251 24.13 -0.48 -9.99
C GLY A 1251 24.49 -1.62 -10.91
N PHE A 1252 23.66 -2.66 -10.97
CA PHE A 1252 23.90 -3.77 -11.87
C PHE A 1252 22.67 -4.01 -12.72
N HIS A 1253 22.89 -4.46 -13.94
CA HIS A 1253 21.82 -4.86 -14.85
C HIS A 1253 22.15 -6.23 -15.42
N GLN A 1254 21.11 -7.04 -15.62
CA GLN A 1254 21.28 -8.41 -16.08
C GLN A 1254 21.20 -8.44 -17.60
N PHE A 1255 22.29 -8.87 -18.23
CA PHE A 1255 22.34 -9.11 -19.67
C PHE A 1255 22.67 -10.57 -19.89
N ASN A 1256 21.82 -11.26 -20.65
CA ASN A 1256 21.89 -12.71 -20.78
C ASN A 1256 21.79 -13.35 -19.41
N ASN A 1257 22.88 -13.93 -18.93
CA ASN A 1257 22.93 -14.51 -17.59
C ASN A 1257 24.03 -13.87 -16.74
N ILE A 1258 24.51 -12.71 -17.15
CA ILE A 1258 25.59 -12.00 -16.45
C ILE A 1258 25.03 -10.72 -15.88
N ALA A 1259 25.19 -10.53 -14.57
CA ALA A 1259 24.77 -9.31 -13.90
C ALA A 1259 25.92 -8.31 -13.99
N LYS A 1260 25.97 -7.57 -15.09
CA LYS A 1260 27.06 -6.64 -15.31
C LYS A 1260 26.84 -5.36 -14.50
N LEU A 1261 27.93 -4.63 -14.28
CA LEU A 1261 27.87 -3.36 -13.55
C LEU A 1261 27.63 -2.23 -14.54
N VAL A 1262 26.58 -1.44 -14.29
CA VAL A 1262 26.16 -0.38 -15.19
C VAL A 1262 25.88 0.88 -14.38
N ALA A 1263 25.73 1.98 -15.10
CA ALA A 1263 25.25 3.24 -14.57
C ALA A 1263 23.96 3.60 -15.30
N SER A 1264 22.96 4.03 -14.54
CA SER A 1264 21.62 4.22 -15.09
C SER A 1264 20.99 5.46 -14.49
N ASN A 1265 20.19 6.14 -15.31
CA ASN A 1265 19.35 7.24 -14.84
C ASN A 1265 18.01 6.76 -14.33
N TRP A 1266 17.67 5.48 -14.56
CA TRP A 1266 16.41 4.94 -14.06
C TRP A 1266 16.37 4.93 -12.54
N TYR A 1267 17.53 4.74 -11.90
CA TYR A 1267 17.58 4.84 -10.45
C TYR A 1267 17.25 6.27 -9.99
N ASN A 1268 17.69 7.26 -10.75
CA ASN A 1268 17.39 8.65 -10.41
C ASN A 1268 15.89 8.91 -10.45
N ARG A 1269 15.19 8.31 -11.42
CA ARG A 1269 13.75 8.50 -11.52
C ARG A 1269 12.99 7.92 -10.35
N GLN A 1270 13.58 6.97 -9.61
CA GLN A 1270 12.93 6.35 -8.48
C GLN A 1270 13.31 7.09 -7.20
N ILE A 1271 12.30 7.58 -6.47
CA ILE A 1271 12.54 8.31 -5.22
C ILE A 1271 11.75 7.66 -4.10
N GLU A 1272 10.83 6.76 -4.45
CA GLU A 1272 10.04 6.07 -3.43
C GLU A 1272 10.92 5.16 -2.56
N ARG A 1273 12.12 4.86 -3.05
CA ARG A 1273 13.10 4.03 -2.36
C ARG A 1273 12.63 2.64 -1.93
N SER A 1274 13.26 2.10 -0.88
CA SER A 1274 12.94 0.78 -0.34
C SER A 1274 13.10 -0.34 -1.36
N SER A 1275 12.03 -1.08 -1.59
CA SER A 1275 12.04 -2.18 -2.54
C SER A 1275 12.40 -1.76 -3.96
N ARG A 1276 12.99 -2.72 -4.65
CA ARG A 1276 13.38 -2.61 -6.07
C ARG A 1276 14.53 -1.63 -6.36
N THR A 1277 14.38 -0.38 -5.93
CA THR A 1277 15.38 0.65 -6.12
C THR A 1277 16.69 0.30 -5.42
N LEU A 1278 16.56 -0.28 -4.23
CA LEU A 1278 17.69 -0.68 -3.39
C LEU A 1278 18.88 -1.31 -4.11
N GLY A 1279 18.70 -1.74 -5.36
CA GLY A 1279 19.83 -2.30 -6.09
C GLY A 1279 21.03 -1.38 -6.14
N CYS A 1280 20.80 -0.07 -6.04
CA CYS A 1280 21.87 0.92 -6.15
C CYS A 1280 22.66 1.11 -4.86
N SER A 1281 22.30 0.42 -3.78
CA SER A 1281 22.97 0.61 -2.49
C SER A 1281 24.16 -0.32 -2.40
N TRP A 1282 25.37 0.24 -2.39
CA TRP A 1282 26.60 -0.52 -2.24
C TRP A 1282 27.13 -0.41 -0.81
N GLU A 1283 28.06 -1.30 -0.47
CA GLU A 1283 28.71 -1.28 0.83
C GLU A 1283 30.18 -1.58 0.66
N PHE A 1284 31.03 -0.83 1.36
CA PHE A 1284 32.47 -0.99 1.32
C PHE A 1284 32.93 -1.67 2.61
N ILE A 1285 33.69 -2.74 2.48
CA ILE A 1285 34.19 -3.51 3.61
C ILE A 1285 35.70 -3.41 3.64
N PRO A 1286 36.26 -2.60 4.54
CA PRO A 1286 37.70 -2.60 4.73
C PRO A 1286 38.15 -3.78 5.58
N VAL A 1287 39.42 -4.17 5.38
CA VAL A 1287 39.98 -5.28 6.12
C VAL A 1287 40.09 -4.89 7.59
N ASP A 1288 39.28 -5.50 8.43
CA ASP A 1288 39.22 -5.18 9.85
C ASP A 1288 39.64 -6.39 10.67
N ASP A 1289 40.36 -6.16 11.76
CA ASP A 1289 40.81 -7.24 12.61
C ASP A 1289 39.67 -7.90 13.38
N GLY A 1290 38.55 -7.20 13.55
CA GLY A 1290 37.43 -7.77 14.26
C GLY A 1290 36.88 -9.00 13.57
N TRP A 1291 36.69 -8.92 12.25
CA TRP A 1291 36.27 -10.09 11.50
C TRP A 1291 37.36 -11.15 11.51
N GLY A 1292 38.59 -10.75 11.16
CA GLY A 1292 39.74 -11.61 11.30
C GLY A 1292 39.85 -12.73 10.28
N GLU A 1293 38.93 -12.85 9.35
CA GLU A 1293 39.03 -13.90 8.36
C GLU A 1293 40.17 -13.61 7.39
N ARG A 1294 40.85 -14.67 6.96
CA ARG A 1294 41.98 -14.49 6.06
C ARG A 1294 41.49 -14.01 4.69
N PRO A 1295 42.25 -13.15 4.01
CA PRO A 1295 41.89 -12.65 2.68
C PRO A 1295 42.19 -13.67 1.58
N MET B 1 13.22 -18.36 -24.23
CA MET B 1 12.00 -19.08 -24.57
C MET B 1 11.11 -18.22 -25.45
N LYS B 2 10.17 -18.85 -26.15
CA LYS B 2 9.20 -18.15 -26.98
C LYS B 2 7.87 -18.88 -26.89
N ILE B 3 6.87 -18.21 -26.31
CA ILE B 3 5.54 -18.78 -26.21
C ILE B 3 4.81 -18.59 -27.54
N ASN B 4 4.25 -19.68 -28.07
CA ASN B 4 3.55 -19.62 -29.34
C ASN B 4 2.13 -19.11 -29.12
N ASN B 5 1.87 -17.89 -29.59
CA ASN B 5 0.56 -17.27 -29.48
C ASN B 5 -0.21 -17.30 -30.78
N ASN B 6 0.27 -18.04 -31.78
CA ASN B 6 -0.36 -18.09 -33.10
C ASN B 6 -1.26 -19.32 -33.26
N PHE B 7 -1.94 -19.72 -32.20
CA PHE B 7 -2.86 -20.85 -32.22
C PHE B 7 -4.25 -20.40 -31.82
N ASN B 8 -5.25 -20.92 -32.53
CA ASN B 8 -6.65 -20.69 -32.20
C ASN B 8 -7.35 -22.03 -32.04
N ILE B 9 -8.57 -21.99 -31.52
CA ILE B 9 -9.32 -23.21 -31.24
C ILE B 9 -9.64 -24.00 -32.50
N ASP B 10 -9.46 -23.40 -33.68
CA ASP B 10 -9.79 -24.07 -34.93
C ASP B 10 -8.56 -24.26 -35.82
N SER B 11 -7.36 -24.26 -35.25
CA SER B 11 -6.17 -24.52 -36.03
C SER B 11 -6.12 -25.98 -36.47
N LEU B 12 -5.57 -26.21 -37.66
CA LEU B 12 -5.46 -27.56 -38.17
C LEU B 12 -4.42 -28.35 -37.38
N ILE B 13 -4.69 -29.64 -37.24
CA ILE B 13 -3.81 -30.52 -36.47
C ILE B 13 -2.59 -30.85 -37.31
N ASP B 14 -1.41 -30.53 -36.80
CA ASP B 14 -0.15 -30.75 -37.51
C ASP B 14 0.60 -31.97 -37.02
N ASN B 15 0.05 -32.72 -36.06
CA ASN B 15 0.62 -33.90 -35.44
C ASN B 15 1.87 -33.60 -34.61
N ARG B 16 2.31 -32.34 -34.55
CA ARG B 16 3.49 -31.98 -33.77
C ARG B 16 3.19 -31.00 -32.66
N ASP B 17 2.57 -29.86 -32.97
CA ASP B 17 2.34 -28.81 -31.99
C ASP B 17 0.91 -28.72 -31.51
N VAL B 18 -0.05 -29.01 -32.38
CA VAL B 18 -1.47 -29.03 -32.02
C VAL B 18 -2.04 -30.39 -32.39
N ALA B 19 -2.71 -31.02 -31.45
CA ALA B 19 -3.20 -32.38 -31.69
C ALA B 19 -4.41 -32.65 -30.82
N ILE B 20 -4.96 -33.85 -30.95
CA ILE B 20 -6.03 -34.35 -30.10
C ILE B 20 -5.53 -35.62 -29.44
N VAL B 21 -5.61 -35.65 -28.11
CA VAL B 21 -5.03 -36.72 -27.31
C VAL B 21 -6.10 -37.28 -26.38
N ARG B 22 -5.71 -38.32 -25.65
CA ARG B 22 -6.60 -39.02 -24.72
C ARG B 22 -6.11 -38.81 -23.29
N GLY B 23 -7.03 -38.47 -22.40
CA GLY B 23 -6.67 -38.30 -21.01
C GLY B 23 -6.67 -39.60 -20.24
N ARG B 24 -5.55 -39.91 -19.60
CA ARG B 24 -5.38 -41.14 -18.81
C ARG B 24 -5.65 -42.32 -19.76
N LYS B 25 -6.40 -43.33 -19.32
CA LYS B 25 -6.78 -44.44 -20.17
C LYS B 25 -8.24 -44.42 -20.58
N THR B 26 -9.03 -43.48 -20.06
CA THR B 26 -10.44 -43.39 -20.42
C THR B 26 -10.59 -42.99 -21.88
N ASP B 27 -11.76 -43.27 -22.44
CA ASP B 27 -12.04 -43.00 -23.84
C ASP B 27 -12.31 -41.53 -24.14
N THR B 28 -12.04 -40.63 -23.20
CA THR B 28 -12.22 -39.21 -23.43
C THR B 28 -11.05 -38.65 -24.23
N PHE B 29 -11.36 -37.77 -25.18
CA PHE B 29 -10.34 -37.14 -26.01
C PHE B 29 -10.54 -35.62 -26.00
N PHE B 30 -9.44 -34.90 -26.18
CA PHE B 30 -9.49 -33.45 -26.12
C PHE B 30 -8.34 -32.87 -26.92
N LYS B 31 -8.48 -31.61 -27.31
CA LYS B 31 -7.48 -30.93 -28.13
C LYS B 31 -6.48 -30.21 -27.25
N VAL B 32 -5.21 -30.27 -27.65
CA VAL B 32 -4.10 -29.68 -26.91
C VAL B 32 -3.19 -28.95 -27.87
N PHE B 33 -2.65 -27.81 -27.42
CA PHE B 33 -1.71 -27.00 -28.19
C PHE B 33 -0.40 -26.89 -27.41
N GLN B 34 0.70 -27.21 -28.06
CA GLN B 34 2.02 -27.12 -27.43
C GLN B 34 2.50 -25.67 -27.50
N VAL B 35 2.60 -25.02 -26.35
CA VAL B 35 2.97 -23.60 -26.36
C VAL B 35 4.49 -23.42 -26.33
N ALA B 36 5.17 -24.16 -25.49
CA ALA B 36 6.62 -24.19 -25.41
C ALA B 36 7.02 -25.64 -25.29
N PRO B 37 8.31 -25.97 -25.52
CA PRO B 37 8.73 -27.37 -25.43
C PRO B 37 8.22 -28.10 -24.19
N ASN B 38 7.45 -29.16 -24.42
CA ASN B 38 6.94 -30.10 -23.42
C ASN B 38 5.85 -29.52 -22.53
N ILE B 39 5.34 -28.33 -22.82
CA ILE B 39 4.22 -27.76 -22.07
C ILE B 39 3.08 -27.47 -23.04
N TRP B 40 1.90 -27.99 -22.71
CA TRP B 40 0.73 -27.94 -23.58
C TRP B 40 -0.44 -27.32 -22.81
N VAL B 41 -1.37 -26.76 -23.56
CA VAL B 41 -2.59 -26.18 -23.02
C VAL B 41 -3.77 -26.91 -23.65
N ALA B 42 -4.71 -27.33 -22.81
CA ALA B 42 -5.93 -27.97 -23.29
C ALA B 42 -7.09 -27.03 -23.02
N PRO B 43 -7.50 -26.22 -23.99
CA PRO B 43 -8.54 -25.23 -23.73
C PRO B 43 -9.91 -25.86 -23.53
N GLU B 44 -10.03 -26.72 -22.53
CA GLU B 44 -11.27 -27.43 -22.28
C GLU B 44 -11.36 -27.75 -20.80
N ARG B 45 -12.57 -28.07 -20.35
CA ARG B 45 -12.76 -28.47 -18.97
C ARG B 45 -12.01 -29.78 -18.70
N TYR B 46 -11.68 -30.00 -17.44
CA TYR B 46 -10.92 -31.18 -17.07
C TYR B 46 -11.79 -32.42 -17.21
N TYR B 47 -11.28 -33.42 -17.93
CA TYR B 47 -12.06 -34.63 -18.19
C TYR B 47 -12.29 -35.45 -16.94
N GLY B 48 -11.33 -35.45 -16.01
CA GLY B 48 -11.40 -36.33 -14.87
C GLY B 48 -12.62 -36.10 -14.01
N GLU B 49 -12.93 -34.84 -13.72
CA GLU B 49 -14.11 -34.50 -12.94
C GLU B 49 -15.30 -34.33 -13.85
N SER B 50 -16.43 -34.93 -13.48
CA SER B 50 -17.65 -34.78 -14.23
C SER B 50 -18.15 -33.34 -14.17
N LEU B 51 -18.64 -32.84 -15.30
CA LEU B 51 -19.07 -31.45 -15.35
C LEU B 51 -20.27 -31.17 -14.46
N ASN B 52 -21.03 -32.20 -14.10
CA ASN B 52 -22.16 -32.05 -13.20
C ASN B 52 -22.02 -33.05 -12.06
N ILE B 53 -22.17 -32.58 -10.83
CA ILE B 53 -22.13 -33.43 -9.65
C ILE B 53 -23.32 -33.09 -8.76
N ASN B 54 -23.57 -33.97 -7.79
CA ASN B 54 -24.72 -33.80 -6.93
C ASN B 54 -24.57 -32.56 -6.05
N GLU B 55 -25.71 -32.03 -5.61
CA GLU B 55 -25.72 -30.79 -4.85
C GLU B 55 -24.96 -30.92 -3.54
N ASP B 56 -25.18 -32.02 -2.81
CA ASP B 56 -24.47 -32.21 -1.54
C ASP B 56 -23.01 -32.56 -1.75
N GLN B 57 -22.60 -32.86 -2.98
CA GLN B 57 -21.19 -33.12 -3.31
C GLN B 57 -20.46 -31.86 -3.73
N LYS B 58 -21.12 -30.71 -3.69
CA LYS B 58 -20.48 -29.46 -4.07
C LYS B 58 -19.57 -28.95 -2.96
N SER B 59 -18.44 -28.38 -3.36
CA SER B 59 -17.50 -27.82 -2.39
C SER B 59 -17.92 -26.40 -2.01
N ASP B 60 -17.99 -26.14 -0.70
CA ASP B 60 -18.45 -24.85 -0.23
C ASP B 60 -17.52 -23.74 -0.70
N GLY B 61 -18.10 -22.59 -1.03
CA GLY B 61 -17.33 -21.49 -1.58
C GLY B 61 -16.93 -21.68 -3.02
N GLY B 62 -17.49 -22.66 -3.70
CA GLY B 62 -17.13 -22.96 -5.08
C GLY B 62 -18.26 -22.64 -6.03
N ILE B 63 -17.91 -22.23 -7.24
CA ILE B 63 -18.85 -21.82 -8.26
C ILE B 63 -18.93 -22.93 -9.31
N TYR B 64 -20.14 -23.44 -9.53
CA TYR B 64 -20.35 -24.57 -10.42
C TYR B 64 -21.19 -24.12 -11.61
N ASP B 65 -20.60 -24.20 -12.80
CA ASP B 65 -21.29 -23.86 -14.06
C ASP B 65 -20.89 -24.91 -15.09
N SER B 66 -21.77 -25.87 -15.33
CA SER B 66 -21.48 -26.95 -16.26
C SER B 66 -21.38 -26.46 -17.70
N ASN B 67 -21.88 -25.28 -18.00
CA ASN B 67 -21.83 -24.73 -19.36
C ASN B 67 -20.60 -23.87 -19.60
N PHE B 68 -19.72 -23.73 -18.61
CA PHE B 68 -18.52 -22.93 -18.79
C PHE B 68 -17.55 -23.62 -19.74
N LEU B 69 -16.85 -22.82 -20.54
CA LEU B 69 -15.82 -23.31 -21.45
C LEU B 69 -16.37 -24.32 -22.44
N LEU B 70 -17.65 -24.19 -22.78
CA LEU B 70 -18.33 -25.16 -23.64
C LEU B 70 -18.20 -24.80 -25.12
N THR B 71 -18.59 -23.59 -25.49
CA THR B 71 -18.56 -23.20 -26.90
C THR B 71 -17.12 -22.98 -27.37
N ASN B 72 -16.96 -22.95 -28.69
CA ASN B 72 -15.63 -22.76 -29.26
C ASN B 72 -15.10 -21.35 -29.00
N ASP B 73 -15.98 -20.36 -28.91
CA ASP B 73 -15.53 -19.01 -28.58
C ASP B 73 -14.95 -18.96 -27.17
N GLU B 74 -15.61 -19.61 -26.21
CA GLU B 74 -15.07 -19.65 -24.85
C GLU B 74 -13.74 -20.40 -24.82
N LYS B 75 -13.63 -21.48 -25.58
CA LYS B 75 -12.38 -22.23 -25.62
C LYS B 75 -11.27 -21.41 -26.22
N ASP B 76 -11.56 -20.65 -27.28
CA ASP B 76 -10.54 -19.77 -27.87
C ASP B 76 -10.15 -18.66 -26.91
N GLU B 77 -11.12 -18.12 -26.17
CA GLU B 77 -10.81 -17.12 -25.15
C GLU B 77 -9.90 -17.70 -24.08
N PHE B 78 -10.19 -18.92 -23.63
CA PHE B 78 -9.34 -19.57 -22.63
C PHE B 78 -7.93 -19.78 -23.17
N LEU B 79 -7.82 -20.25 -24.42
CA LEU B 79 -6.51 -20.48 -25.01
C LEU B 79 -5.72 -19.19 -25.08
N GLN B 80 -6.35 -18.11 -25.57
CA GLN B 80 -5.63 -16.86 -25.72
C GLN B 80 -5.27 -16.26 -24.36
N ALA B 81 -6.16 -16.36 -23.38
CA ALA B 81 -5.85 -15.85 -22.04
C ALA B 81 -4.69 -16.60 -21.42
N THR B 82 -4.70 -17.93 -21.53
CA THR B 82 -3.60 -18.72 -20.97
C THR B 82 -2.29 -18.41 -21.68
N VAL B 83 -2.33 -18.23 -23.00
CA VAL B 83 -1.10 -17.89 -23.71
C VAL B 83 -0.61 -16.51 -23.31
N LYS B 84 -1.52 -15.57 -23.06
CA LYS B 84 -1.12 -14.24 -22.64
C LYS B 84 -0.49 -14.25 -21.26
N ILE B 85 -1.06 -15.03 -20.33
CA ILE B 85 -0.46 -15.15 -19.02
C ILE B 85 0.91 -15.84 -19.12
N LEU B 86 1.02 -16.83 -19.99
CA LEU B 86 2.31 -17.47 -20.20
C LEU B 86 3.35 -16.49 -20.71
N GLN B 87 2.96 -15.64 -21.67
CA GLN B 87 3.89 -14.63 -22.17
C GLN B 87 4.29 -13.65 -21.08
N ARG B 88 3.33 -13.24 -20.25
CA ARG B 88 3.63 -12.33 -19.16
C ARG B 88 4.65 -12.94 -18.19
N ILE B 89 4.43 -14.20 -17.82
CA ILE B 89 5.35 -14.87 -16.91
C ILE B 89 6.72 -15.04 -17.56
N ASN B 90 6.73 -15.43 -18.83
CA ASN B 90 8.00 -15.69 -19.52
C ASN B 90 8.81 -14.42 -19.74
N ASN B 91 8.13 -13.27 -19.84
CA ASN B 91 8.86 -12.03 -20.11
C ASN B 91 9.81 -11.69 -18.97
N ASN B 92 9.39 -11.90 -17.73
CA ASN B 92 10.26 -11.71 -16.59
C ASN B 92 11.32 -12.82 -16.55
N VAL B 93 12.49 -12.47 -16.01
CA VAL B 93 13.63 -13.40 -16.03
C VAL B 93 13.35 -14.62 -15.17
N ILE B 94 12.85 -14.41 -13.96
CA ILE B 94 12.61 -15.52 -13.05
C ILE B 94 11.48 -16.40 -13.55
N GLY B 95 10.42 -15.80 -14.08
CA GLY B 95 9.37 -16.58 -14.70
C GLY B 95 9.87 -17.39 -15.87
N ALA B 96 10.76 -16.82 -16.68
CA ALA B 96 11.34 -17.56 -17.79
C ALA B 96 12.18 -18.73 -17.31
N LYS B 97 12.95 -18.54 -16.23
CA LYS B 97 13.71 -19.66 -15.68
C LYS B 97 12.78 -20.75 -15.16
N LEU B 98 11.69 -20.36 -14.51
CA LEU B 98 10.72 -21.35 -14.03
C LEU B 98 10.11 -22.12 -15.20
N LEU B 99 9.76 -21.42 -16.27
CA LEU B 99 9.20 -22.09 -17.44
C LEU B 99 10.20 -23.03 -18.09
N SER B 100 11.47 -22.61 -18.21
CA SER B 100 12.48 -23.50 -18.77
C SER B 100 12.66 -24.74 -17.89
N LEU B 101 12.67 -24.56 -16.57
CA LEU B 101 12.81 -25.69 -15.68
C LEU B 101 11.66 -26.67 -15.83
N ILE B 102 10.44 -26.17 -15.92
CA ILE B 102 9.29 -27.06 -16.12
C ILE B 102 9.38 -27.72 -17.47
N SER B 103 9.88 -27.01 -18.48
CA SER B 103 10.03 -27.58 -19.81
C SER B 103 11.11 -28.65 -19.88
N THR B 104 12.06 -28.65 -18.94
CA THR B 104 13.14 -29.62 -18.96
C THR B 104 13.09 -30.64 -17.82
N ALA B 105 12.11 -30.53 -16.92
CA ALA B 105 12.02 -31.44 -15.78
C ALA B 105 11.16 -32.66 -16.12
N ILE B 106 11.64 -33.45 -17.09
CA ILE B 106 10.91 -34.62 -17.54
C ILE B 106 10.90 -35.67 -16.43
N PRO B 107 9.82 -36.44 -16.28
CA PRO B 107 9.83 -37.55 -15.32
C PRO B 107 10.88 -38.58 -15.70
N PHE B 108 11.41 -39.25 -14.69
CA PHE B 108 12.48 -40.21 -14.91
C PHE B 108 11.95 -41.41 -15.71
N PRO B 109 12.66 -41.86 -16.74
CA PRO B 109 12.21 -43.03 -17.49
C PRO B 109 12.18 -44.27 -16.61
N TYR B 110 11.23 -45.16 -16.91
CA TYR B 110 11.05 -46.39 -16.17
C TYR B 110 11.82 -47.51 -16.88
N GLU B 111 12.74 -48.15 -16.18
CA GLU B 111 13.52 -49.25 -16.75
C GLU B 111 12.64 -50.49 -16.78
N TYR B 112 12.03 -50.77 -17.93
CA TYR B 112 11.24 -51.98 -18.04
C TYR B 112 12.13 -53.21 -18.03
N LYS B 113 13.29 -53.11 -18.66
CA LYS B 113 14.34 -54.10 -18.64
C LYS B 113 15.67 -53.40 -18.39
N PRO B 114 16.65 -54.10 -17.83
CA PRO B 114 17.98 -53.49 -17.67
C PRO B 114 18.52 -53.03 -19.01
N GLY B 115 18.72 -51.72 -19.13
CA GLY B 115 19.13 -51.11 -20.39
C GLY B 115 18.00 -50.72 -21.30
N ASP B 116 16.74 -50.98 -20.92
CA ASP B 116 15.58 -50.63 -21.71
C ASP B 116 14.69 -49.71 -20.89
N TYR B 117 14.60 -48.45 -21.31
CA TYR B 117 13.84 -47.43 -20.59
C TYR B 117 12.66 -46.99 -21.43
N ARG B 118 11.52 -46.79 -20.77
CA ARG B 118 10.30 -46.31 -21.40
C ARG B 118 9.84 -45.03 -20.71
N GLN B 119 9.41 -44.05 -21.49
CA GLN B 119 8.99 -42.78 -20.94
C GLN B 119 7.72 -42.93 -20.11
N THR B 120 7.53 -42.02 -19.17
CA THR B 120 6.29 -41.90 -18.41
C THR B 120 5.42 -40.76 -18.92
N ASN B 121 6.04 -39.66 -19.32
CA ASN B 121 5.31 -38.48 -19.80
C ASN B 121 5.07 -38.64 -21.30
N TYR B 122 3.84 -39.01 -21.66
CA TYR B 122 3.48 -39.11 -23.07
C TYR B 122 1.97 -38.93 -23.19
N LEU B 123 1.52 -38.50 -24.37
CA LEU B 123 0.11 -38.36 -24.67
C LEU B 123 -0.21 -39.13 -25.94
N VAL B 124 -1.32 -39.88 -25.90
CA VAL B 124 -1.69 -40.80 -26.95
C VAL B 124 -2.71 -40.14 -27.87
N SER B 125 -2.49 -40.23 -29.17
CA SER B 125 -3.40 -39.63 -30.13
C SER B 125 -4.72 -40.38 -30.15
N LYS B 126 -5.63 -39.94 -31.03
CA LYS B 126 -6.97 -40.54 -31.08
C LYS B 126 -6.90 -42.01 -31.48
N ASP B 127 -6.23 -42.29 -32.59
CA ASP B 127 -6.13 -43.65 -33.10
C ASP B 127 -4.89 -44.38 -32.60
N ASN B 128 -4.10 -43.76 -31.74
CA ASN B 128 -3.01 -44.41 -31.01
C ASN B 128 -1.85 -44.80 -31.92
N GLN B 129 -1.47 -43.90 -32.82
CA GLN B 129 -0.22 -44.05 -33.56
C GLN B 129 0.74 -42.90 -33.38
N HIS B 130 0.31 -41.80 -32.77
CA HIS B 130 1.17 -40.66 -32.50
C HIS B 130 1.27 -40.44 -31.01
N TYR B 131 2.50 -40.32 -30.51
CA TYR B 131 2.76 -40.07 -29.11
C TYR B 131 3.46 -38.72 -28.96
N TYR B 132 3.04 -37.95 -27.97
CA TYR B 132 3.52 -36.59 -27.78
C TYR B 132 4.23 -36.47 -26.44
N THR B 133 5.42 -35.87 -26.47
CA THR B 133 6.16 -35.61 -25.24
C THR B 133 5.63 -34.34 -24.59
N ALA B 134 5.25 -34.45 -23.31
CA ALA B 134 4.68 -33.33 -22.59
C ALA B 134 4.98 -33.49 -21.12
N ASN B 135 5.67 -32.51 -20.53
CA ASN B 135 5.87 -32.54 -19.08
C ASN B 135 4.67 -32.01 -18.33
N LEU B 136 3.84 -31.20 -18.97
CA LEU B 136 2.75 -30.52 -18.28
C LEU B 136 1.72 -30.08 -19.30
N VAL B 137 0.45 -30.34 -19.00
CA VAL B 137 -0.67 -29.91 -19.83
C VAL B 137 -1.62 -29.09 -18.95
N ILE B 138 -1.94 -27.88 -19.40
CA ILE B 138 -2.77 -26.95 -18.63
C ILE B 138 -4.19 -27.05 -19.15
N PHE B 139 -5.11 -27.47 -18.28
CA PHE B 139 -6.51 -27.64 -18.62
C PHE B 139 -7.32 -26.46 -18.11
N GLY B 140 -8.63 -26.53 -18.30
CA GLY B 140 -9.55 -25.66 -17.61
C GLY B 140 -9.90 -26.25 -16.27
N PRO B 141 -10.75 -25.59 -15.51
CA PRO B 141 -11.11 -26.10 -14.19
C PRO B 141 -11.98 -27.33 -14.29
N GLY B 142 -12.08 -28.04 -13.16
CA GLY B 142 -12.87 -29.25 -13.10
C GLY B 142 -14.34 -28.93 -12.89
N THR B 143 -14.98 -29.62 -11.95
CA THR B 143 -16.38 -29.35 -11.66
C THR B 143 -16.57 -27.92 -11.13
N ASN B 144 -15.72 -27.52 -10.19
CA ASN B 144 -15.73 -26.16 -9.67
C ASN B 144 -14.84 -25.30 -10.53
N ILE B 145 -15.37 -24.18 -11.04
CA ILE B 145 -14.64 -23.37 -12.00
C ILE B 145 -13.68 -22.39 -11.35
N VAL B 146 -13.71 -22.22 -10.03
CA VAL B 146 -12.77 -21.36 -9.34
C VAL B 146 -11.68 -22.13 -8.63
N GLU B 147 -11.65 -23.45 -8.79
CA GLU B 147 -10.69 -24.32 -8.08
C GLU B 147 -9.50 -24.54 -8.99
N ASN B 148 -8.52 -23.65 -8.91
CA ASN B 148 -7.23 -23.91 -9.55
C ASN B 148 -6.53 -25.03 -8.78
N ASN B 149 -5.86 -25.91 -9.52
CA ASN B 149 -5.24 -27.06 -8.88
C ASN B 149 -4.18 -27.65 -9.80
N ALA B 150 -3.40 -28.57 -9.26
CA ALA B 150 -2.47 -29.36 -10.06
C ALA B 150 -2.48 -30.78 -9.51
N VAL B 151 -2.57 -31.76 -10.41
CA VAL B 151 -2.65 -33.16 -10.02
C VAL B 151 -1.58 -33.96 -10.75
N TYR B 152 -1.20 -35.07 -10.15
CA TYR B 152 -0.11 -35.90 -10.63
C TYR B 152 -0.63 -37.02 -11.52
N TYR B 153 0.19 -37.43 -12.49
CA TYR B 153 -0.19 -38.52 -13.38
C TYR B 153 -0.19 -39.85 -12.66
N LYS B 154 0.80 -40.10 -11.81
CA LYS B 154 0.92 -41.35 -11.07
C LYS B 154 1.41 -41.03 -9.66
N LYS B 155 0.80 -41.64 -8.65
CA LYS B 155 1.10 -41.26 -7.27
C LYS B 155 2.49 -41.70 -6.87
N GLU B 156 2.74 -43.01 -6.87
CA GLU B 156 4.00 -43.53 -6.39
C GLU B 156 5.17 -43.03 -7.23
N ASP B 157 5.00 -42.98 -8.55
CA ASP B 157 6.07 -42.48 -9.40
C ASP B 157 6.40 -41.01 -9.14
N SER B 158 5.43 -40.25 -8.63
CA SER B 158 5.65 -38.85 -8.26
C SER B 158 6.00 -38.68 -6.79
N GLU B 159 6.01 -39.77 -6.02
CA GLU B 159 6.36 -39.69 -4.61
C GLU B 159 7.79 -40.12 -4.32
N ASN B 160 8.39 -40.95 -5.16
CA ASN B 160 9.68 -41.58 -4.87
C ASN B 160 10.79 -41.12 -5.82
N GLY B 161 10.72 -39.90 -6.31
CA GLY B 161 11.80 -39.30 -7.05
C GLY B 161 11.77 -39.48 -8.55
N MET B 162 10.98 -40.44 -9.05
CA MET B 162 10.93 -40.66 -10.49
C MET B 162 10.24 -39.50 -11.20
N GLY B 163 9.13 -39.03 -10.65
CA GLY B 163 8.41 -37.94 -11.26
C GLY B 163 7.34 -38.42 -12.23
N THR B 164 6.31 -37.59 -12.40
CA THR B 164 5.21 -37.88 -13.29
C THR B 164 4.85 -36.64 -14.07
N MET B 165 3.90 -36.79 -14.99
CA MET B 165 3.28 -35.65 -15.62
C MET B 165 2.37 -34.94 -14.63
N SER B 166 2.14 -33.64 -14.87
CA SER B 166 1.24 -32.85 -14.06
C SER B 166 0.12 -32.31 -14.95
N GLU B 167 -1.05 -32.15 -14.34
CA GLU B 167 -2.22 -31.64 -15.04
C GLU B 167 -2.83 -30.51 -14.22
N ILE B 168 -2.99 -29.35 -14.85
CA ILE B 168 -3.33 -28.12 -14.16
C ILE B 168 -4.77 -27.72 -14.47
N TRP B 169 -5.52 -27.37 -13.43
CA TRP B 169 -6.84 -26.77 -13.55
C TRP B 169 -6.69 -25.28 -13.32
N PHE B 170 -6.95 -24.47 -14.35
CA PHE B 170 -6.64 -23.05 -14.34
C PHE B 170 -7.87 -22.24 -14.73
N GLN B 171 -8.08 -21.13 -14.02
CA GLN B 171 -9.22 -20.24 -14.25
C GLN B 171 -8.69 -18.83 -14.52
N PRO B 172 -8.42 -18.50 -15.77
CA PRO B 172 -7.82 -17.19 -16.08
C PRO B 172 -8.82 -16.05 -16.14
N PHE B 173 -10.12 -16.33 -16.22
CA PHE B 173 -11.11 -15.28 -16.42
C PHE B 173 -11.60 -14.65 -15.13
N LEU B 174 -11.54 -15.35 -14.01
CA LEU B 174 -12.06 -14.85 -12.76
C LEU B 174 -10.91 -14.44 -11.84
N THR B 175 -11.12 -13.35 -11.12
CA THR B 175 -10.20 -12.93 -10.07
C THR B 175 -11.02 -12.39 -8.91
N TYR B 176 -10.39 -12.27 -7.76
CA TYR B 176 -11.08 -11.71 -6.59
C TYR B 176 -10.27 -10.57 -6.02
N LYS B 177 -10.98 -9.64 -5.38
CA LYS B 177 -10.36 -8.43 -4.84
C LYS B 177 -10.08 -8.67 -3.36
N TYR B 178 -8.80 -8.73 -3.01
CA TYR B 178 -8.37 -8.84 -1.61
C TYR B 178 -7.99 -7.46 -1.12
N ASP B 179 -8.71 -6.98 -0.10
CA ASP B 179 -8.49 -5.65 0.45
C ASP B 179 -8.65 -4.58 -0.63
N GLN B 180 -7.54 -4.16 -1.23
CA GLN B 180 -7.56 -3.04 -2.17
C GLN B 180 -6.92 -3.38 -3.51
N PHE B 181 -6.78 -4.66 -3.83
CA PHE B 181 -6.16 -5.04 -5.09
C PHE B 181 -6.78 -6.33 -5.60
N TYR B 182 -6.67 -6.54 -6.90
CA TYR B 182 -7.15 -7.75 -7.55
C TYR B 182 -5.98 -8.72 -7.67
N VAL B 183 -6.19 -9.96 -7.24
CA VAL B 183 -5.13 -10.95 -7.30
C VAL B 183 -4.82 -11.28 -8.75
N ASP B 184 -3.55 -11.21 -9.11
CA ASP B 184 -3.15 -11.48 -10.48
C ASP B 184 -3.30 -12.97 -10.77
N PRO B 185 -4.03 -13.35 -11.81
CA PRO B 185 -4.08 -14.79 -12.17
C PRO B 185 -2.72 -15.36 -12.54
N ALA B 186 -1.79 -14.53 -12.99
CA ALA B 186 -0.44 -15.02 -13.29
C ALA B 186 0.20 -15.63 -12.04
N LEU B 187 -0.08 -15.05 -10.87
CA LEU B 187 0.49 -15.60 -9.64
C LEU B 187 -0.12 -16.95 -9.29
N GLU B 188 -1.42 -17.12 -9.50
CA GLU B 188 -2.03 -18.42 -9.27
C GLU B 188 -1.48 -19.47 -10.24
N LEU B 189 -1.28 -19.06 -11.50
CA LEU B 189 -0.65 -19.97 -12.45
C LEU B 189 0.76 -20.33 -12.02
N ILE B 190 1.50 -19.36 -11.47
CA ILE B 190 2.85 -19.64 -10.98
C ILE B 190 2.81 -20.62 -9.82
N LYS B 191 1.86 -20.46 -8.91
CA LYS B 191 1.74 -21.38 -7.79
C LYS B 191 1.45 -22.80 -8.27
N CYS B 192 0.54 -22.93 -9.23
CA CYS B 192 0.26 -24.26 -9.78
C CYS B 192 1.46 -24.81 -10.54
N LEU B 193 2.23 -23.95 -11.21
CA LEU B 193 3.44 -24.40 -11.90
C LEU B 193 4.46 -24.92 -10.89
N ILE B 194 4.58 -24.28 -9.74
CA ILE B 194 5.53 -24.75 -8.73
C ILE B 194 5.07 -26.08 -8.14
N LYS B 195 3.76 -26.24 -7.93
CA LYS B 195 3.25 -27.53 -7.50
C LYS B 195 3.54 -28.60 -8.55
N SER B 196 3.42 -28.25 -9.83
CA SER B 196 3.80 -29.16 -10.90
C SER B 196 5.29 -29.48 -10.85
N LEU B 197 6.11 -28.54 -10.41
CA LEU B 197 7.52 -28.82 -10.20
C LEU B 197 7.71 -29.86 -9.10
N TYR B 198 6.96 -29.72 -8.01
CA TYR B 198 6.99 -30.73 -6.96
C TYR B 198 6.63 -32.10 -7.50
N TYR B 199 5.65 -32.16 -8.38
CA TYR B 199 5.25 -33.45 -8.97
C TYR B 199 6.29 -33.99 -9.93
N LEU B 200 6.90 -33.12 -10.75
CA LEU B 200 7.84 -33.57 -11.76
C LEU B 200 9.12 -34.11 -11.15
N TYR B 201 9.54 -33.59 -10.01
CA TYR B 201 10.76 -34.03 -9.36
C TYR B 201 10.51 -35.17 -8.37
N GLY B 202 9.29 -35.68 -8.30
CA GLY B 202 9.02 -36.83 -7.47
C GLY B 202 9.21 -36.60 -6.00
N ILE B 203 9.17 -35.34 -5.55
CA ILE B 203 9.40 -35.02 -4.15
C ILE B 203 8.07 -34.75 -3.44
N LYS B 204 6.97 -35.27 -3.94
CA LYS B 204 5.70 -35.11 -3.27
C LYS B 204 5.75 -35.78 -1.90
N PRO B 205 5.36 -35.08 -0.85
CA PRO B 205 5.36 -35.70 0.49
C PRO B 205 4.26 -36.73 0.62
N SER B 206 4.34 -37.51 1.70
CA SER B 206 3.23 -38.36 2.09
C SER B 206 2.04 -37.48 2.46
N ASP B 207 0.84 -37.98 2.17
CA ASP B 207 -0.35 -37.17 2.31
C ASP B 207 -0.58 -36.73 3.76
N ASP B 208 -0.09 -37.50 4.72
CA ASP B 208 -0.31 -37.20 6.12
C ASP B 208 0.61 -36.11 6.66
N LEU B 209 1.66 -35.74 5.91
CA LEU B 209 2.59 -34.71 6.35
C LEU B 209 1.96 -33.34 6.14
N SER B 210 1.71 -32.63 7.24
CA SER B 210 1.02 -31.34 7.15
C SER B 210 1.26 -30.57 8.45
N ILE B 211 1.83 -29.38 8.32
CA ILE B 211 2.08 -28.51 9.47
C ILE B 211 0.79 -27.82 9.87
N PRO B 212 0.61 -27.49 11.15
CA PRO B 212 -0.60 -26.79 11.56
C PRO B 212 -0.68 -25.41 10.96
N TYR B 213 -1.91 -24.95 10.72
CA TYR B 213 -2.14 -23.64 10.12
C TYR B 213 -2.91 -22.71 11.03
N ARG B 214 -4.04 -23.15 11.57
CA ARG B 214 -4.86 -22.30 12.44
C ARG B 214 -5.42 -23.12 13.58
N LEU B 215 -5.89 -22.42 14.60
CA LEU B 215 -6.68 -23.00 15.67
C LEU B 215 -8.14 -22.62 15.43
N ARG B 216 -8.99 -23.62 15.27
CA ARG B 216 -10.41 -23.38 15.01
C ARG B 216 -11.06 -22.85 16.27
N SER B 217 -10.87 -21.55 16.50
CA SER B 217 -11.40 -20.89 17.69
C SER B 217 -12.89 -20.62 17.61
N GLU B 218 -13.50 -20.78 16.44
CA GLU B 218 -14.95 -20.59 16.32
C GLU B 218 -15.70 -21.63 17.12
N PHE B 219 -15.24 -22.88 17.09
CA PHE B 219 -15.89 -23.93 17.83
C PHE B 219 -15.61 -23.79 19.32
N ASN B 220 -16.33 -24.58 20.13
CA ASN B 220 -16.07 -24.69 21.55
C ASN B 220 -15.15 -25.86 21.88
N SER B 221 -14.59 -26.52 20.86
CA SER B 221 -13.75 -27.69 21.03
C SER B 221 -12.34 -27.38 20.56
N LEU B 222 -11.40 -28.20 21.00
CA LEU B 222 -9.99 -28.05 20.65
C LEU B 222 -9.75 -28.80 19.34
N GLU B 223 -9.41 -28.05 18.29
CA GLU B 223 -9.19 -28.62 16.97
C GLU B 223 -8.23 -27.71 16.21
N TYR B 224 -7.33 -28.32 15.45
CA TYR B 224 -6.32 -27.59 14.71
C TYR B 224 -6.50 -27.85 13.22
N SER B 225 -6.58 -26.79 12.43
CA SER B 225 -6.59 -26.90 10.98
C SER B 225 -5.15 -26.89 10.50
N GLU B 226 -4.73 -27.97 9.86
CA GLU B 226 -3.36 -28.11 9.41
C GLU B 226 -3.29 -28.15 7.89
N LEU B 227 -2.30 -27.46 7.35
CA LEU B 227 -2.16 -27.28 5.91
C LEU B 227 -1.15 -28.28 5.35
N ASP B 228 -1.41 -28.74 4.14
CA ASP B 228 -0.53 -29.70 3.47
C ASP B 228 0.89 -29.15 3.38
N MET B 229 1.84 -30.04 3.16
CA MET B 229 3.24 -29.63 3.16
C MET B 229 3.60 -28.83 1.93
N VAL B 230 3.13 -29.24 0.75
CA VAL B 230 3.43 -28.49 -0.46
C VAL B 230 2.79 -27.12 -0.42
N ASP B 231 1.54 -27.05 0.04
CA ASP B 231 0.86 -25.76 0.10
C ASP B 231 1.59 -24.80 1.03
N PHE B 232 2.05 -25.30 2.18
CA PHE B 232 2.79 -24.44 3.09
C PHE B 232 4.17 -24.10 2.54
N LEU B 233 4.78 -25.02 1.80
CA LEU B 233 6.13 -24.77 1.29
C LEU B 233 6.14 -23.76 0.17
N ILE B 234 5.05 -23.67 -0.59
CA ILE B 234 5.04 -22.81 -1.78
C ILE B 234 4.11 -21.61 -1.66
N SER B 235 3.23 -21.57 -0.67
CA SER B 235 2.29 -20.46 -0.58
C SER B 235 3.00 -19.17 -0.23
N GLY B 236 4.01 -19.22 0.61
CA GLY B 236 4.61 -18.00 1.11
C GLY B 236 3.73 -17.35 2.17
N GLY B 237 3.90 -16.04 2.31
CA GLY B 237 3.15 -15.30 3.31
C GLY B 237 3.87 -15.23 4.64
N THR B 238 3.19 -14.60 5.60
CA THR B 238 3.77 -14.45 6.93
C THR B 238 3.87 -15.79 7.65
N ASP B 239 2.95 -16.72 7.35
CA ASP B 239 3.00 -18.03 7.99
C ASP B 239 4.28 -18.78 7.63
N TYR B 240 4.71 -18.69 6.38
CA TYR B 240 5.97 -19.31 5.98
C TYR B 240 7.16 -18.74 6.73
N LYS B 241 7.02 -17.55 7.31
CA LYS B 241 8.08 -16.99 8.13
C LYS B 241 8.18 -17.63 9.50
N LEU B 242 7.13 -18.32 9.95
CA LEU B 242 7.17 -18.98 11.25
C LEU B 242 7.65 -20.42 11.17
N LEU B 243 8.03 -20.87 9.99
CA LEU B 243 8.61 -22.20 9.82
C LEU B 243 9.99 -22.16 9.19
N ASN B 244 10.22 -21.26 8.24
CA ASN B 244 11.54 -21.10 7.64
C ASN B 244 12.41 -20.31 8.61
N THR B 245 12.90 -21.01 9.63
CA THR B 245 13.75 -20.43 10.65
C THR B 245 15.11 -21.12 10.63
N ASN B 246 16.11 -20.40 11.09
CA ASN B 246 17.45 -20.95 11.24
C ASN B 246 17.82 -20.92 12.72
N PRO B 247 17.85 -22.06 13.42
CA PRO B 247 17.64 -23.43 12.95
C PRO B 247 16.17 -23.80 12.72
N TYR B 248 15.91 -24.96 12.14
CA TYR B 248 14.55 -25.39 11.84
C TYR B 248 13.93 -26.06 13.07
N TRP B 249 12.87 -25.46 13.60
CA TRP B 249 12.16 -26.07 14.71
C TRP B 249 11.33 -27.26 14.26
N PHE B 250 10.83 -27.25 13.03
CA PHE B 250 10.05 -28.34 12.47
C PHE B 250 10.87 -29.01 11.38
N THR B 251 11.21 -30.28 11.60
CA THR B 251 11.86 -31.09 10.58
C THR B 251 11.18 -32.45 10.57
N ASP B 252 11.20 -33.10 9.41
CA ASP B 252 10.58 -34.39 9.25
C ASP B 252 11.46 -35.27 8.38
N ASN B 253 11.18 -36.57 8.43
CA ASN B 253 11.96 -37.53 7.64
C ASN B 253 11.88 -37.23 6.16
N TYR B 254 10.82 -36.54 5.72
CA TYR B 254 10.65 -36.25 4.30
C TYR B 254 11.79 -35.38 3.78
N PHE B 255 12.21 -34.39 4.56
CA PHE B 255 13.27 -33.49 4.12
C PHE B 255 14.62 -34.16 4.07
N ILE B 256 14.78 -35.33 4.68
CA ILE B 256 16.00 -36.11 4.53
C ILE B 256 15.88 -37.11 3.40
N ASN B 257 14.70 -37.72 3.26
CA ASN B 257 14.51 -38.76 2.25
C ASN B 257 14.50 -38.18 0.84
N ALA B 258 13.86 -37.03 0.65
CA ALA B 258 13.72 -36.48 -0.69
C ALA B 258 15.07 -36.22 -1.37
N PRO B 259 16.04 -35.55 -0.75
CA PRO B 259 17.36 -35.44 -1.39
C PRO B 259 18.02 -36.78 -1.62
N LYS B 260 17.77 -37.76 -0.74
CA LYS B 260 18.32 -39.09 -0.93
C LYS B 260 17.83 -39.69 -2.24
N ASN B 261 16.51 -39.66 -2.46
CA ASN B 261 15.96 -40.22 -3.68
C ASN B 261 16.40 -39.44 -4.91
N PHE B 262 16.48 -38.10 -4.79
CA PHE B 262 16.97 -37.31 -5.91
C PHE B 262 18.38 -37.73 -6.29
N GLU B 263 19.26 -37.87 -5.30
CA GLU B 263 20.64 -38.25 -5.59
C GLU B 263 20.70 -39.67 -6.13
N LYS B 264 19.84 -40.56 -5.64
CA LYS B 264 19.80 -41.93 -6.13
C LYS B 264 19.47 -41.96 -7.62
N TYR B 265 18.43 -41.22 -8.03
CA TYR B 265 18.07 -41.24 -9.44
C TYR B 265 19.07 -40.44 -10.27
N LYS B 266 19.74 -39.45 -9.67
CA LYS B 266 20.82 -38.77 -10.36
C LYS B 266 21.95 -39.74 -10.68
N ASN B 267 22.32 -40.59 -9.71
CA ASN B 267 23.32 -41.62 -9.95
C ASN B 267 22.84 -42.61 -10.99
N ASP B 268 21.58 -43.00 -10.93
CA ASP B 268 21.03 -43.92 -11.92
C ASP B 268 21.16 -43.35 -13.32
N TYR B 269 20.86 -42.05 -13.48
CA TYR B 269 21.01 -41.43 -14.79
C TYR B 269 22.46 -41.36 -15.22
N GLU B 270 23.33 -40.85 -14.35
CA GLU B 270 24.71 -40.59 -14.75
C GLU B 270 25.51 -41.86 -14.97
N THR B 271 25.08 -42.98 -14.38
CA THR B 271 25.76 -44.25 -14.60
C THR B 271 25.10 -45.05 -15.71
N LYS B 272 23.78 -45.27 -15.61
CA LYS B 272 23.09 -46.12 -16.56
C LYS B 272 22.64 -45.35 -17.79
N ILE B 273 21.98 -44.21 -17.60
CA ILE B 273 21.30 -43.55 -18.69
C ILE B 273 22.25 -42.72 -19.54
N LYS B 274 23.10 -41.91 -18.91
CA LYS B 274 23.93 -40.98 -19.67
C LYS B 274 24.85 -41.70 -20.65
N ASN B 275 25.26 -42.92 -20.31
CA ASN B 275 26.12 -43.71 -21.18
C ASN B 275 25.34 -44.67 -22.06
N ASN B 276 24.01 -44.64 -22.01
CA ASN B 276 23.17 -45.53 -22.78
C ASN B 276 22.72 -44.85 -24.06
N ASN B 277 22.91 -45.53 -25.19
CA ASN B 277 22.46 -45.03 -26.49
C ASN B 277 21.10 -45.56 -26.90
N ASP B 278 20.45 -46.35 -26.05
CA ASP B 278 19.14 -46.91 -26.39
C ASP B 278 18.06 -45.83 -26.51
N ILE B 279 18.25 -44.68 -25.85
CA ILE B 279 17.28 -43.61 -25.88
C ILE B 279 17.90 -42.40 -26.54
N ALA B 280 17.04 -41.51 -27.03
CA ALA B 280 17.50 -40.33 -27.74
C ALA B 280 18.27 -39.40 -26.82
N ASN B 281 19.20 -38.64 -27.41
CA ASN B 281 19.98 -37.68 -26.64
C ASN B 281 19.12 -36.57 -26.07
N SER B 282 17.90 -36.39 -26.58
CA SER B 282 17.01 -35.38 -26.03
C SER B 282 16.65 -35.70 -24.59
N ILE B 283 16.35 -36.97 -24.30
CA ILE B 283 16.06 -37.35 -22.93
C ILE B 283 17.31 -37.20 -22.06
N LYS B 284 18.48 -37.49 -22.63
CA LYS B 284 19.72 -37.27 -21.89
C LYS B 284 19.87 -35.81 -21.49
N LEU B 285 19.67 -34.90 -22.43
CA LEU B 285 19.80 -33.48 -22.12
C LEU B 285 18.74 -33.02 -21.12
N TYR B 286 17.50 -33.48 -21.29
CA TYR B 286 16.45 -33.09 -20.37
C TYR B 286 16.73 -33.58 -18.95
N LEU B 287 17.20 -34.81 -18.81
CA LEU B 287 17.52 -35.32 -17.48
C LEU B 287 18.75 -34.64 -16.90
N GLU B 288 19.72 -34.29 -17.75
CA GLU B 288 20.89 -33.55 -17.28
C GLU B 288 20.48 -32.21 -16.70
N GLN B 289 19.57 -31.51 -17.40
CA GLN B 289 19.11 -30.21 -16.90
C GLN B 289 18.21 -30.38 -15.68
N LYS B 290 17.43 -31.46 -15.63
CA LYS B 290 16.57 -31.68 -14.47
C LYS B 290 17.41 -31.91 -13.22
N PHE B 291 18.44 -32.74 -13.32
CA PHE B 291 19.25 -33.07 -12.17
C PHE B 291 20.26 -31.98 -11.82
N LYS B 292 20.46 -31.00 -12.71
CA LYS B 292 21.34 -29.89 -12.41
C LYS B 292 20.81 -29.00 -11.29
N THR B 293 19.53 -29.13 -10.93
CA THR B 293 18.92 -28.40 -9.84
C THR B 293 18.46 -29.37 -8.77
N ASN B 294 18.90 -29.16 -7.54
CA ASN B 294 18.63 -30.09 -6.46
C ASN B 294 17.24 -29.83 -5.87
N VAL B 295 16.96 -30.46 -4.74
CA VAL B 295 15.64 -30.34 -4.12
C VAL B 295 15.54 -29.11 -3.22
N GLN B 296 16.66 -28.61 -2.70
CA GLN B 296 16.62 -27.39 -1.89
C GLN B 296 16.14 -26.21 -2.72
N ASP B 297 16.58 -26.13 -3.97
CA ASP B 297 16.11 -25.05 -4.85
C ASP B 297 14.61 -25.11 -5.05
N ILE B 298 14.07 -26.31 -5.25
CA ILE B 298 12.64 -26.45 -5.41
C ILE B 298 11.92 -26.09 -4.11
N TRP B 299 12.53 -26.42 -2.97
CA TRP B 299 11.92 -26.11 -1.69
C TRP B 299 11.85 -24.61 -1.43
N GLU B 300 12.87 -23.86 -1.84
CA GLU B 300 12.89 -22.44 -1.52
C GLU B 300 12.01 -21.61 -2.46
N LEU B 301 11.47 -22.21 -3.53
CA LEU B 301 10.55 -21.49 -4.39
C LEU B 301 9.19 -21.34 -3.70
N ASN B 302 8.72 -20.11 -3.59
CA ASN B 302 7.40 -19.86 -3.01
C ASN B 302 6.90 -18.51 -3.53
N LEU B 303 5.60 -18.27 -3.28
CA LEU B 303 4.94 -17.11 -3.87
C LEU B 303 5.46 -15.79 -3.33
N SER B 304 6.13 -15.78 -2.17
CA SER B 304 6.73 -14.54 -1.70
C SER B 304 7.87 -14.10 -2.62
N TYR B 305 8.70 -15.05 -3.04
CA TYR B 305 9.80 -14.73 -3.93
C TYR B 305 9.30 -14.24 -5.28
N PHE B 306 8.27 -14.87 -5.83
CA PHE B 306 7.74 -14.45 -7.12
C PHE B 306 6.95 -13.16 -7.00
N SER B 307 6.32 -12.92 -5.85
CA SER B 307 5.69 -11.63 -5.62
C SER B 307 6.72 -10.52 -5.60
N THR B 308 7.87 -10.76 -4.97
CA THR B 308 8.93 -9.77 -4.98
C THR B 308 9.51 -9.57 -6.38
N GLU B 309 9.71 -10.65 -7.12
CA GLU B 309 10.35 -10.54 -8.43
C GLU B 309 9.41 -9.92 -9.46
N PHE B 310 8.16 -10.35 -9.49
CA PHE B 310 7.16 -9.86 -10.45
C PHE B 310 6.45 -8.61 -9.97
N GLU B 311 6.65 -8.21 -8.72
CA GLU B 311 5.95 -7.07 -8.14
C GLU B 311 4.45 -7.24 -8.25
N ILE B 312 3.96 -8.29 -7.60
CA ILE B 312 2.55 -8.67 -7.62
C ILE B 312 2.05 -8.67 -6.18
N MET B 313 0.93 -8.00 -5.94
CA MET B 313 0.34 -7.97 -4.61
C MET B 313 -0.48 -9.24 -4.39
N MET B 314 -0.19 -9.93 -3.29
CA MET B 314 -0.80 -11.20 -2.95
C MET B 314 -1.22 -11.18 -1.50
N PRO B 315 -2.18 -12.01 -1.11
CA PRO B 315 -2.46 -12.19 0.31
C PRO B 315 -1.22 -12.71 1.03
N GLU B 316 -1.01 -12.22 2.25
CA GLU B 316 0.20 -12.54 2.99
C GLU B 316 -0.04 -13.18 4.35
N ILE B 317 -1.28 -13.18 4.85
CA ILE B 317 -1.56 -13.68 6.19
C ILE B 317 -2.66 -14.73 6.07
N PHE B 318 -2.34 -15.97 6.46
CA PHE B 318 -3.27 -17.09 6.36
C PHE B 318 -3.84 -17.22 4.96
N ASN B 319 -2.98 -17.05 3.95
CA ASN B 319 -3.47 -16.92 2.58
C ASN B 319 -4.05 -18.22 2.02
N ASN B 320 -3.87 -19.34 2.70
CA ASN B 320 -4.50 -20.59 2.29
C ASN B 320 -5.72 -20.93 3.11
N ALA B 321 -6.13 -20.07 4.03
CA ALA B 321 -7.34 -20.26 4.82
C ALA B 321 -8.32 -19.12 4.61
N LEU B 322 -8.34 -18.57 3.39
CA LEU B 322 -9.14 -17.38 3.13
C LEU B 322 -10.63 -17.68 3.12
N ASN B 323 -11.02 -18.90 2.82
CA ASN B 323 -12.44 -19.22 2.73
C ASN B 323 -13.16 -19.07 4.05
N HIS B 324 -12.43 -18.98 5.17
CA HIS B 324 -13.03 -18.65 6.45
C HIS B 324 -13.08 -17.16 6.72
N TYR B 325 -12.08 -16.42 6.24
CA TYR B 325 -11.98 -14.98 6.48
C TYR B 325 -12.61 -14.17 5.36
N HIS B 326 -12.18 -14.40 4.13
CA HIS B 326 -12.54 -13.56 2.99
C HIS B 326 -13.56 -14.29 2.12
N ARG B 327 -14.83 -13.91 2.26
CA ARG B 327 -15.87 -14.41 1.37
C ARG B 327 -15.73 -13.69 0.04
N LYS B 328 -15.08 -14.35 -0.93
CA LYS B 328 -14.60 -13.67 -2.11
C LYS B 328 -15.74 -13.21 -3.01
N GLU B 329 -15.44 -12.19 -3.81
CA GLU B 329 -16.28 -11.70 -4.89
C GLU B 329 -15.46 -11.70 -6.17
N TYR B 330 -16.07 -12.10 -7.28
CA TYR B 330 -15.34 -12.44 -8.48
C TYR B 330 -15.58 -11.42 -9.59
N TYR B 331 -14.52 -11.11 -10.32
CA TYR B 331 -14.51 -10.15 -11.41
C TYR B 331 -13.96 -10.82 -12.65
N VAL B 332 -14.54 -10.48 -13.80
CA VAL B 332 -14.15 -11.05 -15.09
C VAL B 332 -13.06 -10.19 -15.71
N ILE B 333 -12.03 -10.84 -16.22
CA ILE B 333 -10.88 -10.18 -16.82
C ILE B 333 -10.95 -10.37 -18.33
N ASP B 334 -10.97 -9.26 -19.07
CA ASP B 334 -10.95 -9.29 -20.53
C ASP B 334 -9.50 -9.09 -20.96
N TYR B 335 -8.87 -10.16 -21.43
CA TYR B 335 -7.45 -10.13 -21.71
C TYR B 335 -7.10 -9.28 -22.92
N PHE B 336 -8.08 -8.85 -23.70
CA PHE B 336 -7.84 -7.82 -24.70
C PHE B 336 -8.09 -6.42 -24.17
N LYS B 337 -8.70 -6.30 -22.99
CA LYS B 337 -9.07 -5.00 -22.44
C LYS B 337 -8.51 -4.74 -21.05
N ASN B 338 -8.50 -5.75 -20.17
CA ASN B 338 -8.10 -5.55 -18.79
C ASN B 338 -6.80 -6.27 -18.43
N TYR B 339 -5.99 -6.62 -19.42
CA TYR B 339 -4.75 -7.34 -19.15
C TYR B 339 -3.80 -7.17 -20.32
N ASN B 340 -2.51 -7.32 -20.03
CA ASN B 340 -1.47 -7.29 -21.04
C ASN B 340 -0.23 -7.97 -20.46
N ILE B 341 0.89 -7.87 -21.18
CA ILE B 341 2.11 -8.54 -20.75
C ILE B 341 2.62 -8.03 -19.42
N ASN B 342 2.20 -6.83 -19.02
CA ASN B 342 2.61 -6.23 -17.75
C ASN B 342 1.52 -6.33 -16.70
N GLY B 343 0.83 -7.46 -16.65
CA GLY B 343 -0.19 -7.64 -15.64
C GLY B 343 -1.42 -6.81 -15.98
N PHE B 344 -2.19 -6.52 -14.94
CA PHE B 344 -3.35 -5.66 -15.11
C PHE B 344 -2.92 -4.32 -15.69
N ILE B 345 -3.63 -3.86 -16.71
CA ILE B 345 -3.31 -2.57 -17.32
C ILE B 345 -3.58 -1.48 -16.31
N ASN B 346 -2.62 -0.57 -16.17
CA ASN B 346 -2.68 0.51 -15.18
C ASN B 346 -2.82 -0.06 -13.76
N GLY B 347 -1.94 -0.99 -13.42
CA GLY B 347 -1.80 -1.47 -12.06
C GLY B 347 -2.91 -2.40 -11.63
N GLN B 348 -2.70 -3.01 -10.46
CA GLN B 348 -3.68 -3.92 -9.87
C GLN B 348 -4.74 -3.19 -9.05
N ILE B 349 -4.56 -1.90 -8.78
CA ILE B 349 -5.52 -1.13 -8.01
C ILE B 349 -6.28 -0.13 -8.89
N LYS B 350 -5.57 0.51 -9.82
CA LYS B 350 -6.17 1.55 -10.63
C LYS B 350 -6.96 1.01 -11.82
N THR B 351 -6.95 -0.29 -12.04
CA THR B 351 -7.72 -0.88 -13.13
C THR B 351 -9.14 -1.21 -12.65
N ILE B 352 -10.08 -1.18 -13.59
CA ILE B 352 -11.49 -1.39 -13.29
C ILE B 352 -11.91 -2.71 -13.93
N LEU B 353 -12.52 -3.58 -13.13
CA LEU B 353 -12.96 -4.89 -13.57
C LEU B 353 -14.47 -5.03 -13.40
N LEU B 354 -15.11 -5.60 -14.41
CA LEU B 354 -16.55 -5.81 -14.35
C LEU B 354 -16.86 -6.97 -13.41
N LEU B 355 -17.84 -6.77 -12.53
CA LEU B 355 -18.26 -7.84 -11.63
C LEU B 355 -18.75 -9.03 -12.43
N SER B 356 -18.33 -10.23 -12.02
CA SER B 356 -18.73 -11.44 -12.70
C SER B 356 -20.16 -11.81 -12.37
N LYS B 357 -20.80 -12.53 -13.30
CA LYS B 357 -22.17 -12.97 -13.09
C LYS B 357 -22.26 -14.11 -12.09
N TYR B 358 -21.15 -14.77 -11.78
CA TYR B 358 -21.17 -15.98 -10.98
C TYR B 358 -21.28 -15.72 -9.48
N ASN B 359 -21.20 -14.46 -9.04
CA ASN B 359 -21.16 -14.20 -7.61
C ASN B 359 -22.45 -14.63 -6.92
N LYS B 360 -23.58 -14.57 -7.61
CA LYS B 360 -24.83 -15.04 -7.05
C LYS B 360 -24.87 -16.56 -6.95
N ASN B 361 -24.08 -17.25 -7.77
CA ASN B 361 -24.04 -18.72 -7.78
C ASN B 361 -23.06 -19.29 -6.77
N ILE B 362 -22.36 -18.46 -6.01
CA ILE B 362 -21.39 -18.96 -5.04
C ILE B 362 -22.13 -19.77 -3.98
N ILE B 363 -21.74 -21.03 -3.83
CA ILE B 363 -22.38 -21.91 -2.85
C ILE B 363 -21.87 -21.56 -1.47
N ASN B 364 -22.79 -21.44 -0.52
CA ASN B 364 -22.48 -21.00 0.84
C ASN B 364 -22.98 -22.05 1.82
N LYS B 365 -22.16 -23.05 2.10
CA LYS B 365 -22.45 -24.01 3.15
C LYS B 365 -21.52 -23.75 4.32
N PRO B 366 -22.01 -23.16 5.41
CA PRO B 366 -21.11 -22.75 6.49
C PRO B 366 -20.79 -23.90 7.43
N GLU B 367 -19.60 -23.82 8.03
CA GLU B 367 -19.21 -24.79 9.04
C GLU B 367 -19.93 -24.54 10.36
N LEU B 368 -20.47 -23.35 10.56
CA LEU B 368 -21.16 -23.04 11.81
C LEU B 368 -22.28 -22.06 11.53
N ILE B 369 -23.39 -22.22 12.25
CA ILE B 369 -24.51 -21.28 12.19
C ILE B 369 -24.68 -20.71 13.59
N VAL B 370 -24.44 -19.41 13.73
CA VAL B 370 -24.53 -18.73 15.00
C VAL B 370 -25.88 -18.07 15.11
N ASN B 371 -26.59 -18.34 16.22
CA ASN B 371 -27.94 -17.87 16.43
C ASN B 371 -27.97 -17.10 17.73
N LEU B 372 -28.06 -15.78 17.63
CA LEU B 372 -28.22 -14.95 18.80
C LEU B 372 -29.67 -15.03 19.27
N ILE B 373 -29.85 -15.43 20.53
CA ILE B 373 -31.17 -15.59 21.13
C ILE B 373 -31.19 -14.87 22.48
N ASN B 374 -32.39 -14.58 22.95
CA ASN B 374 -32.60 -13.86 24.21
C ASN B 374 -33.00 -14.85 25.31
N GLU B 375 -33.46 -14.30 26.44
CA GLU B 375 -33.78 -15.13 27.61
C GLU B 375 -34.86 -16.16 27.29
N ASN B 376 -35.87 -15.78 26.52
CA ASN B 376 -36.96 -16.70 26.18
C ASN B 376 -36.67 -17.49 24.91
N ASN B 377 -35.39 -17.74 24.62
CA ASN B 377 -34.92 -18.61 23.54
C ASN B 377 -35.49 -18.25 22.18
N SER B 378 -36.03 -17.05 22.02
CA SER B 378 -36.49 -16.63 20.70
C SER B 378 -35.29 -16.37 19.80
N VAL B 379 -35.40 -16.78 18.54
CA VAL B 379 -34.32 -16.63 17.57
C VAL B 379 -34.30 -15.16 17.15
N LEU B 380 -33.31 -14.41 17.62
CA LEU B 380 -33.19 -13.01 17.24
C LEU B 380 -32.40 -12.86 15.95
N MET B 381 -31.17 -13.37 15.93
CA MET B 381 -30.25 -13.15 14.82
C MET B 381 -29.67 -14.48 14.37
N LYS B 382 -29.36 -14.59 13.08
CA LYS B 382 -28.76 -15.79 12.55
C LYS B 382 -27.69 -15.42 11.53
N SER B 383 -26.56 -16.11 11.59
CA SER B 383 -25.44 -15.79 10.72
C SER B 383 -24.64 -17.06 10.45
N ASN B 384 -23.82 -16.99 9.39
CA ASN B 384 -23.05 -18.14 8.92
C ASN B 384 -21.57 -17.86 9.08
N ILE B 385 -20.84 -18.81 9.67
CA ILE B 385 -19.39 -18.79 9.74
C ILE B 385 -18.86 -19.94 8.90
N TYR B 386 -17.97 -19.64 7.97
CA TYR B 386 -17.54 -20.59 6.96
C TYR B 386 -16.24 -21.26 7.34
N GLY B 387 -16.02 -22.44 6.75
CA GLY B 387 -14.80 -23.18 6.94
C GLY B 387 -13.70 -22.67 6.02
N ASP B 388 -12.61 -23.44 5.98
CA ASP B 388 -11.45 -23.07 5.19
C ASP B 388 -10.98 -24.17 4.23
N GLY B 389 -11.61 -25.35 4.26
CA GLY B 389 -11.18 -26.42 3.39
C GLY B 389 -9.88 -27.07 3.77
N LEU B 390 -9.50 -26.97 5.04
CA LEU B 390 -8.25 -27.55 5.53
C LEU B 390 -8.56 -28.64 6.55
N LYS B 391 -7.77 -29.71 6.51
CA LYS B 391 -8.03 -30.85 7.38
C LYS B 391 -7.88 -30.45 8.84
N GLY B 392 -8.94 -30.69 9.61
CA GLY B 392 -8.95 -30.36 11.02
C GLY B 392 -8.79 -31.60 11.86
N THR B 393 -7.71 -31.65 12.61
CA THR B 393 -7.42 -32.75 13.52
C THR B 393 -7.84 -32.36 14.93
N ILE B 394 -8.18 -33.37 15.74
CA ILE B 394 -8.57 -33.12 17.12
C ILE B 394 -7.40 -33.20 18.09
N GLY B 395 -6.24 -33.63 17.63
CA GLY B 395 -5.07 -33.76 18.49
C GLY B 395 -4.13 -32.58 18.36
N ASN B 396 -3.52 -32.20 19.48
CA ASN B 396 -2.58 -31.07 19.50
C ASN B 396 -1.28 -31.48 18.84
N PHE B 397 -0.99 -30.90 17.68
CA PHE B 397 0.26 -31.19 17.00
C PHE B 397 1.46 -30.75 17.82
N TYR B 398 1.33 -29.66 18.57
CA TYR B 398 2.46 -29.11 19.30
C TYR B 398 2.82 -29.95 20.52
N ALA B 399 1.85 -30.70 21.06
CA ALA B 399 2.11 -31.55 22.21
C ALA B 399 2.57 -32.95 21.83
N VAL B 400 2.75 -33.23 20.54
CA VAL B 400 3.11 -34.56 20.09
C VAL B 400 4.44 -34.52 19.32
N TYR B 401 4.73 -33.39 18.70
CA TYR B 401 5.95 -33.29 17.91
C TYR B 401 7.17 -33.34 18.82
N LYS B 402 8.23 -33.96 18.33
CA LYS B 402 9.47 -34.14 19.08
C LYS B 402 10.58 -33.42 18.34
N ILE B 403 11.02 -32.29 18.90
CA ILE B 403 12.03 -31.46 18.26
C ILE B 403 13.33 -32.25 18.19
N PRO B 404 13.92 -32.42 17.01
CA PRO B 404 15.10 -33.28 16.89
C PRO B 404 16.34 -32.70 17.55
N TYR B 405 16.82 -33.36 18.60
CA TYR B 405 18.04 -32.92 19.25
C TYR B 405 19.24 -33.00 18.31
N ASN B 406 19.34 -34.09 17.57
CA ASN B 406 20.49 -34.38 16.73
C ASN B 406 20.13 -34.15 15.27
N ILE B 407 20.72 -33.12 14.67
CA ILE B 407 20.48 -32.81 13.26
C ILE B 407 21.64 -31.96 12.77
N GLY B 408 21.81 -31.91 11.45
CA GLY B 408 22.86 -31.12 10.84
C GLY B 408 22.31 -29.96 10.03
N ASP B 409 22.72 -28.74 10.37
CA ASP B 409 22.28 -27.53 9.69
C ASP B 409 23.48 -26.85 9.06
N GLU B 410 23.35 -26.47 7.80
CA GLU B 410 24.42 -25.79 7.09
C GLU B 410 24.14 -24.30 6.98
N ASP B 417 21.34 -17.95 -1.83
CA ASP B 417 21.48 -17.89 -3.28
C ASP B 417 20.13 -17.78 -3.96
N SER B 418 20.14 -17.52 -5.27
CA SER B 418 18.89 -17.43 -6.02
C SER B 418 18.19 -18.78 -6.06
N CYS B 419 16.87 -18.75 -6.04
CA CYS B 419 16.09 -19.99 -5.95
C CYS B 419 16.31 -20.88 -7.16
N LEU B 420 16.55 -20.29 -8.34
CA LEU B 420 16.75 -21.04 -9.57
C LEU B 420 17.97 -20.53 -10.31
N ASP B 421 19.07 -20.35 -9.59
CA ASP B 421 20.28 -19.80 -10.20
C ASP B 421 20.92 -20.76 -11.18
N ASN B 422 20.83 -22.08 -10.93
CA ASN B 422 21.51 -23.04 -11.77
C ASN B 422 20.83 -23.25 -13.12
N VAL B 423 19.57 -22.83 -13.28
CA VAL B 423 18.86 -23.05 -14.51
C VAL B 423 19.44 -22.19 -15.61
N ASP B 424 19.69 -22.78 -16.77
CA ASP B 424 20.17 -22.07 -17.95
C ASP B 424 19.07 -22.09 -19.00
N ILE B 425 18.46 -20.93 -19.26
CA ILE B 425 17.39 -20.85 -20.24
C ILE B 425 17.93 -21.12 -21.63
N LYS B 426 19.10 -20.57 -21.96
CA LYS B 426 19.67 -20.75 -23.28
C LYS B 426 19.98 -22.23 -23.55
N GLU B 427 20.52 -22.92 -22.55
CA GLU B 427 20.85 -24.33 -22.73
C GLU B 427 19.59 -25.17 -22.97
N ILE B 428 18.52 -24.90 -22.21
CA ILE B 428 17.30 -25.67 -22.35
C ILE B 428 16.63 -25.37 -23.69
N ASP B 429 16.67 -24.11 -24.12
CA ASP B 429 16.06 -23.75 -25.40
C ASP B 429 16.77 -24.44 -26.56
N ASN B 430 18.08 -24.58 -26.48
CA ASN B 430 18.85 -25.16 -27.58
C ASN B 430 18.56 -26.64 -27.77
N ILE B 431 17.91 -27.29 -26.82
CA ILE B 431 17.66 -28.73 -26.93
C ILE B 431 16.61 -28.98 -28.01
N PRO B 432 16.90 -29.82 -29.02
CA PRO B 432 15.87 -30.15 -29.99
C PRO B 432 14.76 -30.96 -29.34
N PRO B 433 13.53 -30.85 -29.85
CA PRO B 433 12.41 -31.57 -29.22
C PRO B 433 12.47 -33.06 -29.51
N ILE B 434 11.63 -33.79 -28.78
CA ILE B 434 11.53 -35.24 -28.94
C ILE B 434 10.50 -35.53 -30.02
N ASN B 435 10.94 -36.18 -31.09
CA ASN B 435 10.04 -36.50 -32.19
C ASN B 435 9.10 -37.64 -31.79
N ASP B 436 8.03 -37.78 -32.57
CA ASP B 436 7.05 -38.83 -32.31
C ASP B 436 7.64 -40.21 -32.57
N ALA B 437 8.61 -40.33 -33.48
CA ALA B 437 9.12 -41.62 -33.90
C ALA B 437 10.08 -42.24 -32.91
N ASP B 438 10.46 -41.54 -31.85
CA ASP B 438 11.42 -42.04 -30.87
C ASP B 438 10.84 -42.01 -29.46
N ILE B 439 9.59 -42.43 -29.32
CA ILE B 439 8.91 -42.45 -28.03
C ILE B 439 8.38 -43.85 -27.79
N TYR B 440 8.88 -44.51 -26.74
CA TYR B 440 8.40 -45.83 -26.35
C TYR B 440 7.72 -45.74 -25.00
N PRO B 441 6.39 -45.80 -24.95
CA PRO B 441 5.68 -45.51 -23.70
C PRO B 441 5.71 -46.68 -22.73
N TYR B 442 5.36 -46.37 -21.49
CA TYR B 442 5.13 -47.36 -20.46
C TYR B 442 3.64 -47.40 -20.14
N ARG B 443 3.06 -48.60 -20.17
CA ARG B 443 1.61 -48.72 -20.13
C ARG B 443 1.04 -48.18 -18.82
N LYS B 444 1.57 -48.64 -17.68
CA LYS B 444 1.02 -48.27 -16.38
C LYS B 444 1.67 -47.01 -15.84
N ASN B 445 1.71 -45.95 -16.65
CA ASN B 445 2.30 -44.70 -16.24
C ASN B 445 1.30 -43.75 -15.59
N CYS B 446 0.01 -44.08 -15.63
CA CYS B 446 -1.03 -43.19 -15.14
C CYS B 446 -1.86 -43.89 -14.08
N ASP B 447 -1.98 -43.25 -12.93
CA ASP B 447 -2.95 -43.68 -11.95
C ASP B 447 -4.35 -43.41 -12.47
N PRO B 448 -5.33 -44.24 -12.13
CA PRO B 448 -6.71 -43.92 -12.50
C PRO B 448 -7.22 -42.72 -11.73
N PHE B 449 -7.51 -41.62 -12.43
CA PHE B 449 -7.97 -40.43 -11.74
C PHE B 449 -9.30 -40.70 -11.05
N THR B 450 -9.44 -40.17 -9.84
CA THR B 450 -10.70 -40.24 -9.10
C THR B 450 -10.98 -38.85 -8.54
N PRO B 451 -12.10 -38.23 -8.91
CA PRO B 451 -12.46 -36.95 -8.28
C PRO B 451 -12.70 -37.13 -6.79
N VAL B 452 -12.30 -36.13 -6.03
CA VAL B 452 -12.43 -36.15 -4.57
C VAL B 452 -13.40 -35.05 -4.18
N TYR B 453 -14.44 -35.43 -3.43
CA TYR B 453 -15.48 -34.49 -3.01
C TYR B 453 -15.38 -34.30 -1.50
N ASN B 454 -15.20 -33.05 -1.09
CA ASN B 454 -15.13 -32.69 0.33
C ASN B 454 -16.54 -32.45 0.85
N ILE B 455 -16.92 -33.19 1.88
CA ILE B 455 -18.26 -33.10 2.46
C ILE B 455 -18.14 -32.27 3.73
N THR B 456 -18.57 -31.01 3.66
CA THR B 456 -18.54 -30.16 4.83
C THR B 456 -19.64 -30.56 5.81
N GLU B 457 -19.41 -30.25 7.09
CA GLU B 457 -20.36 -30.53 8.15
C GLU B 457 -20.89 -29.23 8.73
N THR B 458 -22.18 -29.22 9.05
CA THR B 458 -22.87 -28.03 9.54
C THR B 458 -23.32 -28.27 10.97
N LYS B 459 -23.04 -27.31 11.84
CA LYS B 459 -23.46 -27.39 13.24
C LYS B 459 -23.98 -26.03 13.68
N GLU B 460 -24.77 -26.04 14.75
CA GLU B 460 -25.46 -24.85 15.23
C GLU B 460 -24.92 -24.45 16.60
N ILE B 461 -24.99 -23.14 16.87
CA ILE B 461 -24.64 -22.59 18.18
C ILE B 461 -25.68 -21.55 18.54
N ASN B 462 -26.14 -21.57 19.79
CA ASN B 462 -27.07 -20.57 20.31
C ASN B 462 -26.35 -19.73 21.34
N THR B 463 -26.33 -18.42 21.13
CA THR B 463 -25.57 -17.49 21.96
C THR B 463 -26.48 -16.42 22.54
N THR B 464 -26.31 -16.14 23.84
CA THR B 464 -27.01 -15.03 24.48
C THR B 464 -26.30 -13.71 24.29
N ILE B 465 -25.05 -13.71 23.84
CA ILE B 465 -24.25 -12.51 23.63
C ILE B 465 -23.87 -12.46 22.17
N PRO B 466 -24.10 -11.35 21.47
CA PRO B 466 -23.80 -11.31 20.03
C PRO B 466 -22.32 -11.54 19.76
N PHE B 467 -22.05 -12.25 18.69
CA PHE B 467 -20.70 -12.51 18.21
C PHE B 467 -20.34 -11.50 17.13
N PRO B 468 -19.06 -11.36 16.81
CA PRO B 468 -18.67 -10.34 15.81
C PRO B 468 -19.38 -10.50 14.48
N VAL B 469 -19.67 -11.73 14.06
CA VAL B 469 -20.34 -11.91 12.78
C VAL B 469 -21.77 -11.41 12.84
N ASN B 470 -22.40 -11.44 14.02
CA ASN B 470 -23.73 -10.86 14.16
C ASN B 470 -23.71 -9.39 13.81
N TYR B 471 -22.78 -8.64 14.40
CA TYR B 471 -22.64 -7.22 14.08
C TYR B 471 -22.28 -7.03 12.62
N LEU B 472 -21.37 -7.85 12.09
CA LEU B 472 -20.91 -7.66 10.71
C LEU B 472 -22.05 -7.87 9.72
N GLN B 473 -22.89 -8.88 9.94
CA GLN B 473 -24.00 -9.12 9.04
C GLN B 473 -25.14 -8.14 9.26
N ALA B 474 -25.31 -7.64 10.49
CA ALA B 474 -26.35 -6.64 10.72
C ALA B 474 -25.98 -5.28 10.16
N GLN B 475 -24.73 -5.05 9.79
CA GLN B 475 -24.29 -3.78 9.24
C GLN B 475 -24.47 -3.69 7.74
N VAL B 476 -24.95 -4.75 7.09
CA VAL B 476 -25.18 -4.73 5.65
C VAL B 476 -26.68 -4.76 5.40
N THR B 477 -27.11 -4.08 4.35
CA THR B 477 -28.51 -4.02 3.99
C THR B 477 -28.64 -3.80 2.49
N ASN B 478 -29.78 -4.22 1.96
CA ASN B 478 -30.11 -4.03 0.55
C ASN B 478 -31.03 -2.84 0.31
N SER B 479 -31.69 -2.34 1.35
CA SER B 479 -32.55 -1.18 1.21
C SER B 479 -31.74 0.04 0.81
N ASN B 480 -32.30 0.85 -0.08
CA ASN B 480 -31.64 2.09 -0.49
C ASN B 480 -32.05 3.28 0.35
N ASP B 481 -33.05 3.13 1.21
CA ASP B 481 -33.40 4.15 2.21
C ASP B 481 -32.86 3.66 3.55
N ILE B 482 -31.67 4.13 3.89
CA ILE B 482 -30.92 3.61 5.04
C ILE B 482 -30.94 4.65 6.14
N ASN B 483 -31.23 4.20 7.36
CA ASN B 483 -31.09 5.01 8.57
C ASN B 483 -30.02 4.35 9.43
N LEU B 484 -28.87 5.01 9.55
CA LEU B 484 -27.78 4.49 10.36
C LEU B 484 -28.16 4.57 11.83
N SER B 485 -28.40 3.42 12.44
CA SER B 485 -28.88 3.36 13.82
C SER B 485 -27.71 3.26 14.77
N SER B 486 -28.02 3.19 16.07
CA SER B 486 -27.00 3.07 17.10
C SER B 486 -27.40 2.04 18.15
N ASP B 487 -28.19 1.05 17.76
CA ASP B 487 -28.64 0.01 18.69
C ASP B 487 -28.79 -1.28 17.91
N PHE B 488 -27.78 -2.15 18.02
CA PHE B 488 -27.78 -3.41 17.30
C PHE B 488 -28.98 -4.27 17.69
N LEU B 489 -29.31 -4.30 18.99
CA LEU B 489 -30.49 -5.01 19.43
C LEU B 489 -31.75 -4.44 18.78
N LYS B 490 -31.85 -3.12 18.70
CA LYS B 490 -32.98 -2.50 18.03
C LYS B 490 -32.92 -2.68 16.51
N VAL B 491 -31.71 -2.72 15.94
CA VAL B 491 -31.58 -2.95 14.50
C VAL B 491 -32.14 -4.33 14.14
N ILE B 492 -31.77 -5.34 14.92
CA ILE B 492 -32.30 -6.69 14.69
C ILE B 492 -33.79 -6.73 15.00
N SER B 493 -34.19 -6.13 16.12
CA SER B 493 -35.60 -6.11 16.52
C SER B 493 -36.47 -5.26 15.61
N SER B 494 -35.87 -4.45 14.73
CA SER B 494 -36.63 -3.62 13.80
C SER B 494 -37.30 -4.52 12.78
N LYS B 495 -38.61 -4.75 12.97
CA LYS B 495 -39.33 -5.62 12.05
C LYS B 495 -39.52 -4.99 10.68
N ASP B 496 -39.46 -3.65 10.61
CA ASP B 496 -39.66 -2.97 9.34
C ASP B 496 -38.53 -3.20 8.35
N ARG B 497 -37.38 -3.69 8.81
CA ARG B 497 -36.20 -3.88 7.96
C ARG B 497 -35.83 -2.57 7.27
N SER B 498 -35.76 -1.51 8.07
CA SER B 498 -35.47 -0.17 7.58
C SER B 498 -34.13 0.36 8.06
N LEU B 499 -33.87 0.29 9.36
CA LEU B 499 -32.61 0.75 9.91
C LEU B 499 -31.47 -0.18 9.50
N VAL B 500 -30.25 0.33 9.58
CA VAL B 500 -29.04 -0.47 9.40
C VAL B 500 -28.05 -0.05 10.47
N TYR B 501 -27.41 -1.03 11.12
CA TYR B 501 -26.55 -0.73 12.25
C TYR B 501 -25.28 -0.03 11.79
N SER B 502 -24.83 0.94 12.60
CA SER B 502 -23.63 1.71 12.31
C SER B 502 -23.02 2.18 13.62
N PHE B 503 -21.78 2.66 13.53
CA PHE B 503 -21.04 3.11 14.70
C PHE B 503 -20.40 4.48 14.50
N LEU B 504 -20.93 5.30 13.59
CA LEU B 504 -20.36 6.61 13.29
C LEU B 504 -21.18 7.65 14.04
N ASP B 505 -20.78 7.90 15.30
CA ASP B 505 -21.56 8.80 16.15
C ASP B 505 -21.58 10.22 15.61
N ASN B 506 -20.45 10.70 15.08
CA ASN B 506 -20.43 12.04 14.54
C ASN B 506 -21.37 12.17 13.34
N THR B 507 -21.29 11.24 12.40
CA THR B 507 -22.15 11.29 11.22
C THR B 507 -23.61 11.08 11.60
N ILE B 508 -23.90 10.16 12.51
CA ILE B 508 -25.28 9.93 12.95
C ILE B 508 -25.84 11.19 13.61
N ASP B 509 -25.05 11.83 14.48
CA ASP B 509 -25.51 13.03 15.14
C ASP B 509 -25.71 14.17 14.14
N TYR B 510 -24.81 14.31 13.17
CA TYR B 510 -24.99 15.34 12.15
C TYR B 510 -26.25 15.11 11.34
N LEU B 511 -26.53 13.86 10.98
CA LEU B 511 -27.76 13.58 10.26
C LEU B 511 -28.99 13.85 11.12
N ASP B 512 -28.89 13.60 12.43
CA ASP B 512 -29.99 13.91 13.32
C ASP B 512 -30.20 15.42 13.45
N SER B 513 -29.12 16.21 13.38
CA SER B 513 -29.24 17.65 13.52
C SER B 513 -29.92 18.28 12.32
N ILE B 514 -29.65 17.76 11.11
CA ILE B 514 -30.24 18.33 9.90
C ILE B 514 -31.47 17.54 9.52
N LYS B 515 -31.99 16.75 10.46
CA LYS B 515 -33.24 16.02 10.22
C LYS B 515 -34.39 16.99 9.96
N TYR B 516 -34.44 18.09 10.71
CA TYR B 516 -35.46 19.11 10.53
C TYR B 516 -34.97 20.27 9.66
N ASP B 517 -33.80 20.14 9.06
CA ASP B 517 -33.27 21.19 8.21
C ASP B 517 -34.09 21.32 6.94
N GLY B 518 -34.06 22.51 6.35
CA GLY B 518 -34.74 22.77 5.10
C GLY B 518 -34.16 21.97 3.96
N PRO B 519 -34.97 21.71 2.94
CA PRO B 519 -34.51 20.90 1.82
C PRO B 519 -33.38 21.58 1.05
N ILE B 520 -32.51 20.76 0.46
CA ILE B 520 -31.37 21.25 -0.31
C ILE B 520 -31.84 21.54 -1.73
N ASP B 521 -32.16 22.81 -2.00
CA ASP B 521 -32.66 23.18 -3.31
C ASP B 521 -31.54 23.46 -4.31
N THR B 522 -30.46 24.10 -3.86
CA THR B 522 -29.41 24.57 -4.75
C THR B 522 -28.15 23.73 -4.60
N ASP B 523 -27.18 23.98 -5.49
CA ASP B 523 -25.94 23.24 -5.46
C ASP B 523 -25.06 23.66 -4.29
N LYS B 524 -25.21 24.90 -3.83
CA LYS B 524 -24.41 25.36 -2.69
C LYS B 524 -24.76 24.58 -1.42
N LYS B 525 -26.06 24.39 -1.17
CA LYS B 525 -26.46 23.59 -0.01
C LYS B 525 -26.00 22.15 -0.16
N TYR B 526 -26.03 21.62 -1.39
CA TYR B 526 -25.52 20.27 -1.62
C TYR B 526 -24.04 20.18 -1.32
N TYR B 527 -23.26 21.17 -1.75
CA TYR B 527 -21.84 21.18 -1.43
C TYR B 527 -21.60 21.24 0.07
N LEU B 528 -22.36 22.09 0.76
CA LEU B 528 -22.22 22.18 2.21
C LEU B 528 -22.54 20.85 2.88
N TRP B 529 -23.63 20.21 2.46
CA TRP B 529 -24.03 18.93 3.05
C TRP B 529 -23.00 17.85 2.75
N LEU B 530 -22.51 17.78 1.52
CA LEU B 530 -21.53 16.77 1.14
C LEU B 530 -20.23 16.96 1.91
N LYS B 531 -19.77 18.20 2.04
CA LYS B 531 -18.53 18.44 2.78
C LYS B 531 -18.69 18.07 4.25
N GLU B 532 -19.83 18.43 4.84
CA GLU B 532 -20.04 18.08 6.25
C GLU B 532 -20.12 16.57 6.43
N ILE B 533 -20.78 15.87 5.52
CA ILE B 533 -20.88 14.41 5.63
C ILE B 533 -19.50 13.78 5.48
N PHE B 534 -18.69 14.25 4.54
CA PHE B 534 -17.34 13.72 4.39
C PHE B 534 -16.52 13.94 5.66
N ARG B 535 -16.59 15.15 6.22
CA ARG B 535 -15.79 15.45 7.41
C ARG B 535 -16.23 14.62 8.60
N ASN B 536 -17.54 14.49 8.81
CA ASN B 536 -18.02 13.66 9.91
C ASN B 536 -17.61 12.21 9.73
N TYR B 537 -17.67 11.71 8.49
CA TYR B 537 -17.26 10.33 8.25
C TYR B 537 -15.77 10.14 8.54
N SER B 538 -14.93 11.08 8.07
CA SER B 538 -13.50 10.94 8.30
C SER B 538 -13.11 11.11 9.76
N PHE B 539 -13.86 11.92 10.52
CA PHE B 539 -13.59 12.02 11.95
C PHE B 539 -14.11 10.80 12.71
N ASP B 540 -15.15 10.14 12.18
CA ASP B 540 -15.64 8.93 12.81
C ASP B 540 -14.68 7.77 12.58
N MET B 541 -14.13 7.66 11.37
CA MET B 541 -13.40 6.46 10.99
C MET B 541 -11.92 6.53 11.35
N THR B 542 -11.23 7.56 10.90
CA THR B 542 -9.78 7.61 11.01
C THR B 542 -9.28 8.00 12.40
N GLU B 543 -10.17 8.30 13.33
CA GLU B 543 -9.75 8.76 14.64
C GLU B 543 -9.13 7.62 15.45
N THR B 544 -7.98 7.89 16.07
CA THR B 544 -7.29 6.95 16.94
C THR B 544 -6.81 7.67 18.19
N GLN B 545 -6.54 6.89 19.23
CA GLN B 545 -6.09 7.45 20.50
C GLN B 545 -4.91 6.65 21.04
N GLU B 546 -3.85 7.34 21.44
CA GLU B 546 -2.69 6.67 22.00
C GLU B 546 -2.91 6.36 23.48
N VAL B 547 -2.65 5.12 23.86
CA VAL B 547 -2.78 4.68 25.25
C VAL B 547 -1.52 3.94 25.65
N ASN B 548 -1.17 4.04 26.93
CA ASN B 548 0.03 3.40 27.47
C ASN B 548 -0.39 2.13 28.21
N THR B 549 -0.02 0.98 27.64
CA THR B 549 -0.33 -0.33 28.19
C THR B 549 0.94 -1.00 28.69
N LEU B 550 0.78 -2.20 29.25
CA LEU B 550 1.86 -2.94 29.90
C LEU B 550 2.96 -3.29 28.91
N CYS B 551 2.79 -2.85 27.67
CA CYS B 551 3.70 -3.16 26.58
C CYS B 551 4.24 -1.92 25.88
N GLY B 552 3.60 -0.75 26.06
CA GLY B 552 4.09 0.47 25.46
C GLY B 552 3.00 1.41 25.00
N PHE B 553 3.34 2.31 24.08
CA PHE B 553 2.40 3.27 23.51
C PHE B 553 1.73 2.64 22.29
N ASN B 554 0.40 2.51 22.35
CA ASN B 554 -0.35 1.81 21.31
C ASN B 554 -1.47 2.69 20.79
N LYS B 555 -1.73 2.58 19.48
CA LYS B 555 -2.76 3.36 18.80
C LYS B 555 -4.09 2.63 18.91
N VAL B 556 -4.72 2.73 20.08
CA VAL B 556 -6.01 2.11 20.28
C VAL B 556 -7.04 2.80 19.39
N VAL B 557 -7.77 2.00 18.62
CA VAL B 557 -8.78 2.50 17.70
C VAL B 557 -10.15 2.24 18.34
N PRO B 558 -10.88 3.27 18.77
CA PRO B 558 -11.96 3.05 19.73
C PRO B 558 -13.20 2.37 19.15
N TRP B 559 -13.43 2.42 17.85
CA TRP B 559 -14.71 1.94 17.35
C TRP B 559 -14.82 0.43 17.26
N LEU B 560 -13.72 -0.32 17.43
CA LEU B 560 -13.80 -1.76 17.32
C LEU B 560 -14.79 -2.35 18.31
N GLY B 561 -14.91 -1.75 19.50
CA GLY B 561 -15.87 -2.24 20.46
C GLY B 561 -17.28 -2.22 19.93
N LYS B 562 -17.61 -1.20 19.14
CA LYS B 562 -18.92 -1.11 18.51
C LYS B 562 -18.93 -1.69 17.10
N ALA B 563 -17.82 -2.29 16.66
CA ALA B 563 -17.77 -2.95 15.36
C ALA B 563 -17.77 -4.46 15.45
N LEU B 564 -17.14 -5.03 16.48
CA LEU B 564 -17.01 -6.47 16.61
C LEU B 564 -17.51 -6.97 17.96
N ASN B 565 -18.33 -6.18 18.65
CA ASN B 565 -18.89 -6.55 19.95
C ASN B 565 -17.79 -6.95 20.92
N ILE B 566 -16.72 -6.18 20.95
CA ILE B 566 -15.58 -6.44 21.80
C ILE B 566 -15.65 -5.50 22.98
N LEU B 567 -16.09 -6.01 24.13
CA LEU B 567 -16.11 -5.28 25.39
C LEU B 567 -17.03 -4.06 25.29
N ASN B 568 -18.29 -4.32 24.94
CA ASN B 568 -19.30 -3.27 24.96
C ASN B 568 -19.90 -3.07 26.34
N THR B 569 -19.60 -3.94 27.30
CA THR B 569 -20.20 -3.83 28.62
C THR B 569 -19.76 -2.55 29.33
N GLY B 570 -18.49 -2.20 29.20
CA GLY B 570 -17.96 -1.04 29.89
C GLY B 570 -18.40 0.26 29.24
N ASN B 571 -17.96 1.36 29.86
CA ASN B 571 -18.33 2.68 29.36
C ASN B 571 -17.72 2.95 28.00
N SER B 572 -16.48 2.51 27.78
CA SER B 572 -15.79 2.77 26.53
C SER B 572 -14.90 1.59 26.18
N PHE B 573 -14.51 1.52 24.91
CA PHE B 573 -13.62 0.46 24.46
C PHE B 573 -12.26 0.57 25.11
N ILE B 574 -11.74 1.79 25.26
CA ILE B 574 -10.39 1.98 25.76
C ILE B 574 -10.29 1.58 27.23
N GLU B 575 -11.30 1.95 28.03
CA GLU B 575 -11.26 1.60 29.45
C GLU B 575 -11.26 0.10 29.65
N GLU B 576 -12.09 -0.63 28.88
CA GLU B 576 -12.08 -2.09 28.97
C GLU B 576 -10.76 -2.66 28.45
N PHE B 577 -10.24 -2.10 27.36
CA PHE B 577 -8.98 -2.57 26.81
C PHE B 577 -7.84 -2.41 27.80
N LYS B 578 -7.90 -1.38 28.65
CA LYS B 578 -6.84 -1.18 29.63
C LYS B 578 -7.06 -2.02 30.88
N THR B 579 -8.27 -2.00 31.43
CA THR B 579 -8.55 -2.73 32.66
C THR B 579 -8.59 -4.25 32.44
N LEU B 580 -8.59 -4.71 31.19
CA LEU B 580 -8.60 -6.13 30.91
C LEU B 580 -7.38 -6.63 30.17
N GLY B 581 -6.57 -5.75 29.59
CA GLY B 581 -5.36 -6.15 28.93
C GLY B 581 -5.63 -6.66 27.53
N PRO B 582 -4.57 -6.84 26.74
CA PRO B 582 -4.75 -7.31 25.36
C PRO B 582 -5.38 -8.69 25.25
N ILE B 583 -5.08 -9.60 26.19
CA ILE B 583 -5.54 -10.97 26.11
C ILE B 583 -7.05 -11.09 26.13
N SER B 584 -7.75 -10.05 26.56
CA SER B 584 -9.21 -10.09 26.59
C SER B 584 -9.85 -9.94 25.22
N LEU B 585 -9.09 -9.49 24.21
CA LEU B 585 -9.68 -9.28 22.89
C LEU B 585 -10.01 -10.58 22.17
N ILE B 586 -9.58 -11.73 22.69
CA ILE B 586 -9.81 -13.02 22.05
C ILE B 586 -10.62 -13.90 22.99
N ASN B 587 -11.03 -15.05 22.48
CA ASN B 587 -11.88 -15.97 23.22
C ASN B 587 -11.07 -17.01 23.98
N LYS B 588 -10.29 -17.81 23.26
CA LYS B 588 -9.50 -18.90 23.85
C LYS B 588 -8.14 -18.32 24.24
N LYS B 589 -7.95 -18.09 25.53
CA LYS B 589 -6.81 -17.34 26.02
C LYS B 589 -5.70 -18.21 26.63
N GLU B 590 -6.01 -19.42 27.07
CA GLU B 590 -5.02 -20.32 27.66
C GLU B 590 -4.82 -21.48 26.69
N ASN B 591 -3.93 -21.29 25.73
CA ASN B 591 -3.75 -22.23 24.64
C ASN B 591 -2.35 -22.82 24.53
N ILE B 592 -1.38 -22.28 25.25
CA ILE B 592 0.01 -22.69 25.07
C ILE B 592 0.27 -23.97 25.86
N THR B 593 0.82 -24.97 25.18
CA THR B 593 1.22 -26.23 25.81
C THR B 593 2.72 -26.42 25.64
N MET B 594 3.32 -27.12 26.58
CA MET B 594 4.76 -27.35 26.52
C MET B 594 5.09 -28.34 25.42
N PRO B 595 5.98 -28.00 24.50
CA PRO B 595 6.39 -28.96 23.48
C PRO B 595 7.01 -30.20 24.12
N LYS B 596 6.80 -31.34 23.47
CA LYS B 596 7.41 -32.58 23.94
C LYS B 596 8.87 -32.59 23.48
N ILE B 597 9.79 -32.51 24.44
CA ILE B 597 11.20 -32.31 24.17
C ILE B 597 12.01 -33.38 24.88
N GLU B 598 13.00 -33.94 24.17
CA GLU B 598 13.93 -34.89 24.74
C GLU B 598 15.34 -34.34 24.57
N ILE B 599 16.13 -34.42 25.65
CA ILE B 599 17.50 -33.92 25.67
C ILE B 599 18.41 -35.08 26.02
N ASP B 600 19.37 -35.37 25.16
CA ASP B 600 20.26 -36.50 25.40
C ASP B 600 21.16 -36.21 26.61
N GLU B 601 21.19 -37.16 27.55
CA GLU B 601 22.11 -37.04 28.67
C GLU B 601 23.54 -37.26 28.20
N ILE B 602 24.48 -36.80 29.01
CA ILE B 602 25.89 -36.87 28.62
C ILE B 602 26.30 -38.34 28.50
N PRO B 603 26.94 -38.75 27.41
CA PRO B 603 27.35 -40.16 27.26
C PRO B 603 28.37 -40.55 28.32
N ASN B 604 28.28 -41.81 28.76
CA ASN B 604 29.18 -42.33 29.77
C ASN B 604 30.57 -42.65 29.22
N SER B 605 30.69 -42.84 27.90
CA SER B 605 31.98 -43.17 27.32
C SER B 605 32.99 -42.05 27.50
N MET B 606 32.54 -40.85 27.84
CA MET B 606 33.42 -39.73 28.10
C MET B 606 34.07 -39.79 29.48
N LEU B 607 33.71 -40.77 30.31
CA LEU B 607 34.30 -40.87 31.63
C LEU B 607 35.81 -41.10 31.56
N ASN B 608 36.26 -41.93 30.63
CA ASN B 608 37.67 -42.25 30.46
C ASN B 608 38.38 -41.33 29.47
N LEU B 609 37.89 -40.10 29.31
CA LEU B 609 38.48 -39.15 28.39
C LEU B 609 39.33 -38.12 29.14
N SER B 610 40.32 -37.57 28.43
CA SER B 610 41.20 -36.58 29.01
C SER B 610 40.46 -35.29 29.28
N PHE B 611 41.12 -34.37 29.98
CA PHE B 611 40.48 -33.10 30.35
C PHE B 611 40.11 -32.29 29.12
N LYS B 612 41.04 -32.18 28.16
CA LYS B 612 40.77 -31.36 26.99
C LYS B 612 39.64 -31.94 26.14
N ASP B 613 39.64 -33.26 25.94
CA ASP B 613 38.59 -33.87 25.14
C ASP B 613 37.24 -33.80 25.86
N LEU B 614 37.22 -34.01 27.18
CA LEU B 614 35.98 -33.87 27.92
C LEU B 614 35.45 -32.44 27.84
N SER B 615 36.35 -31.46 27.94
CA SER B 615 35.91 -30.07 27.83
C SER B 615 35.38 -29.77 26.44
N GLU B 616 36.01 -30.30 25.40
CA GLU B 616 35.52 -30.07 24.04
C GLU B 616 34.16 -30.72 23.83
N ASN B 617 33.96 -31.93 24.35
CA ASN B 617 32.66 -32.58 24.25
C ASN B 617 31.60 -31.80 25.02
N LEU B 618 31.97 -31.26 26.18
CA LEU B 618 31.02 -30.43 26.92
C LEU B 618 30.69 -29.15 26.17
N PHE B 619 31.67 -28.59 25.46
CA PHE B 619 31.39 -27.41 24.63
C PHE B 619 30.42 -27.75 23.50
N ASN B 620 30.61 -28.91 22.88
CA ASN B 620 29.66 -29.33 21.84
C ASN B 620 28.27 -29.54 22.42
N ILE B 621 28.18 -30.14 23.60
CA ILE B 621 26.90 -30.31 24.27
C ILE B 621 26.26 -28.95 24.56
N PHE B 622 27.07 -27.99 25.00
CA PHE B 622 26.56 -26.65 25.27
C PHE B 622 26.00 -26.00 24.03
N SER B 623 26.74 -26.10 22.91
CA SER B 623 26.27 -25.51 21.66
C SER B 623 24.98 -26.16 21.20
N LYS B 624 24.90 -27.49 21.26
CA LYS B 624 23.69 -28.18 20.84
C LYS B 624 22.52 -27.82 21.75
N ASN B 625 22.76 -27.68 23.05
CA ASN B 625 21.69 -27.29 23.96
C ASN B 625 21.18 -25.89 23.64
N ASN B 626 22.09 -24.96 23.35
CA ASN B 626 21.65 -23.61 22.99
C ASN B 626 20.81 -23.64 21.72
N SER B 627 21.25 -24.40 20.72
CA SER B 627 20.49 -24.51 19.48
C SER B 627 19.12 -25.14 19.74
N TYR B 628 19.06 -26.14 20.62
CA TYR B 628 17.79 -26.76 20.95
C TYR B 628 16.86 -25.80 21.66
N PHE B 629 17.39 -24.95 22.54
CA PHE B 629 16.56 -23.95 23.19
C PHE B 629 16.04 -22.94 22.19
N GLU B 630 16.86 -22.56 21.21
CA GLU B 630 16.38 -21.67 20.15
C GLU B 630 15.26 -22.33 19.37
N LYS B 631 15.40 -23.63 19.08
CA LYS B 631 14.34 -24.36 18.38
C LYS B 631 13.06 -24.38 19.21
N ILE B 632 13.18 -24.55 20.52
CA ILE B 632 12.01 -24.51 21.39
C ILE B 632 11.35 -23.14 21.32
N TYR B 633 12.15 -22.07 21.29
CA TYR B 633 11.58 -20.74 21.17
C TYR B 633 10.86 -20.57 19.84
N TYR B 634 11.44 -21.10 18.76
CA TYR B 634 10.76 -21.01 17.46
C TYR B 634 9.45 -21.78 17.47
N ASP B 635 9.44 -22.95 18.11
CA ASP B 635 8.20 -23.70 18.26
C ASP B 635 7.16 -22.91 19.05
N PHE B 636 7.60 -22.24 20.12
CA PHE B 636 6.68 -21.41 20.88
C PHE B 636 6.16 -20.24 20.07
N LEU B 637 7.02 -19.65 19.24
CA LEU B 637 6.60 -18.55 18.38
C LEU B 637 5.54 -19.00 17.39
N ASP B 638 5.78 -20.15 16.75
CA ASP B 638 4.80 -20.70 15.81
C ASP B 638 3.51 -21.04 16.52
N GLN B 639 3.59 -21.59 17.74
CA GLN B 639 2.39 -21.92 18.49
C GLN B 639 1.60 -20.67 18.85
N TRP B 640 2.30 -19.62 19.28
CA TRP B 640 1.62 -18.36 19.58
C TRP B 640 0.93 -17.81 18.36
N TRP B 641 1.63 -17.80 17.22
CA TRP B 641 0.98 -17.39 15.98
C TRP B 641 -0.29 -18.19 15.75
N THR B 642 -0.14 -19.51 15.54
CA THR B 642 -1.26 -20.35 15.12
C THR B 642 -2.42 -20.29 16.11
N GLN B 643 -2.14 -20.09 17.40
CA GLN B 643 -3.23 -20.12 18.36
C GLN B 643 -3.80 -18.73 18.66
N TYR B 644 -2.95 -17.80 19.06
CA TYR B 644 -3.38 -16.48 19.49
C TYR B 644 -3.50 -15.48 18.36
N TYR B 645 -2.58 -15.43 17.41
CA TYR B 645 -2.71 -14.42 16.38
C TYR B 645 -3.77 -14.77 15.35
N SER B 646 -4.19 -16.04 15.30
CA SER B 646 -5.30 -16.39 14.44
C SER B 646 -6.57 -15.64 14.84
N GLN B 647 -6.85 -15.57 16.14
CA GLN B 647 -8.03 -14.86 16.60
C GLN B 647 -7.92 -13.36 16.35
N TYR B 648 -6.72 -12.80 16.57
CA TYR B 648 -6.53 -11.38 16.32
C TYR B 648 -6.64 -11.05 14.84
N PHE B 649 -6.21 -11.94 13.96
CA PHE B 649 -6.38 -11.68 12.52
C PHE B 649 -7.83 -11.88 12.09
N ASP B 650 -8.56 -12.79 12.75
CA ASP B 650 -10.00 -12.83 12.55
C ASP B 650 -10.62 -11.48 12.91
N LEU B 651 -10.17 -10.89 14.02
CA LEU B 651 -10.63 -9.55 14.38
C LEU B 651 -10.23 -8.53 13.31
N ILE B 652 -9.01 -8.64 12.79
CA ILE B 652 -8.55 -7.69 11.78
C ILE B 652 -9.44 -7.75 10.54
N CYS B 653 -9.67 -8.95 10.02
CA CYS B 653 -10.46 -9.08 8.81
C CYS B 653 -11.91 -8.67 9.04
N MET B 654 -12.47 -9.05 10.19
CA MET B 654 -13.83 -8.63 10.50
C MET B 654 -13.94 -7.11 10.60
N ALA B 655 -12.96 -6.46 11.22
CA ALA B 655 -12.99 -5.00 11.33
C ALA B 655 -12.84 -4.33 9.98
N LYS B 656 -11.97 -4.86 9.11
CA LYS B 656 -11.85 -4.31 7.77
C LYS B 656 -13.15 -4.45 7.00
N ARG B 657 -13.81 -5.61 7.13
CA ARG B 657 -15.09 -5.80 6.46
C ARG B 657 -16.13 -4.84 7.01
N SER B 658 -16.11 -4.60 8.32
CA SER B 658 -17.04 -3.62 8.89
C SER B 658 -16.79 -2.23 8.33
N VAL B 659 -15.52 -1.85 8.20
CA VAL B 659 -15.19 -0.54 7.64
C VAL B 659 -15.68 -0.44 6.20
N LEU B 660 -15.49 -1.50 5.41
CA LEU B 660 -15.97 -1.47 4.03
C LEU B 660 -17.49 -1.39 3.97
N ALA B 661 -18.18 -2.07 4.89
CA ALA B 661 -19.63 -1.97 4.94
C ALA B 661 -20.08 -0.54 5.25
N GLN B 662 -19.41 0.10 6.22
CA GLN B 662 -19.75 1.48 6.55
C GLN B 662 -19.48 2.40 5.37
N GLU B 663 -18.36 2.19 4.67
CA GLU B 663 -18.06 3.01 3.51
C GLU B 663 -19.12 2.85 2.42
N SER B 664 -19.56 1.62 2.19
CA SER B 664 -20.60 1.41 1.20
C SER B 664 -21.92 2.06 1.61
N LEU B 665 -22.26 2.00 2.90
CA LEU B 665 -23.47 2.67 3.36
C LEU B 665 -23.40 4.19 3.14
N ILE B 666 -22.25 4.79 3.46
CA ILE B 666 -22.10 6.22 3.27
C ILE B 666 -22.19 6.58 1.79
N LYS B 667 -21.55 5.80 0.93
CA LYS B 667 -21.65 6.05 -0.50
C LYS B 667 -23.08 5.89 -1.01
N LYS B 668 -23.83 4.94 -0.43
CA LYS B 668 -25.24 4.81 -0.79
C LYS B 668 -26.00 6.08 -0.44
N ILE B 669 -25.76 6.62 0.75
CA ILE B 669 -26.44 7.86 1.15
C ILE B 669 -26.08 8.99 0.19
N ILE B 670 -24.80 9.11 -0.13
CA ILE B 670 -24.35 10.18 -1.02
C ILE B 670 -25.02 10.06 -2.38
N GLN B 671 -25.03 8.85 -2.93
CA GLN B 671 -25.59 8.67 -4.28
C GLN B 671 -27.10 8.86 -4.30
N LYS B 672 -27.80 8.41 -3.25
CA LYS B 672 -29.25 8.62 -3.23
C LYS B 672 -29.59 10.10 -3.12
N LYS B 673 -28.85 10.85 -2.30
CA LYS B 673 -29.08 12.28 -2.22
C LYS B 673 -28.79 12.96 -3.56
N LEU B 674 -27.68 12.58 -4.21
CA LEU B 674 -27.31 13.20 -5.48
C LEU B 674 -28.35 12.91 -6.55
N SER B 675 -28.83 11.67 -6.64
CA SER B 675 -29.85 11.33 -7.62
C SER B 675 -31.16 12.06 -7.34
N TYR B 676 -31.55 12.14 -6.06
CA TYR B 676 -32.78 12.85 -5.73
C TYR B 676 -32.68 14.33 -6.11
N LEU B 677 -31.51 14.95 -5.87
CA LEU B 677 -31.34 16.34 -6.27
C LEU B 677 -31.37 16.49 -7.79
N ILE B 678 -30.77 15.55 -8.52
CA ILE B 678 -30.79 15.63 -9.96
C ILE B 678 -32.23 15.54 -10.48
N GLY B 679 -33.03 14.65 -9.91
CA GLY B 679 -34.36 14.42 -10.42
C GLY B 679 -35.43 15.38 -9.94
N ASN B 680 -35.21 16.06 -8.81
CA ASN B 680 -36.26 16.84 -8.17
C ASN B 680 -35.75 18.21 -7.75
N SER B 681 -35.08 18.92 -8.65
CA SER B 681 -34.61 20.26 -8.34
C SER B 681 -34.56 21.08 -9.61
N ASN B 682 -34.48 22.40 -9.43
CA ASN B 682 -34.43 23.35 -10.52
C ASN B 682 -33.01 23.82 -10.80
N ILE B 683 -32.01 23.14 -10.26
CA ILE B 683 -30.62 23.53 -10.48
C ILE B 683 -30.29 23.47 -11.95
N SER B 684 -29.44 24.38 -12.40
CA SER B 684 -29.04 24.42 -13.80
C SER B 684 -28.28 23.15 -14.18
N SER B 685 -28.45 22.75 -15.44
CA SER B 685 -27.93 21.45 -15.87
C SER B 685 -26.41 21.37 -15.75
N ASP B 686 -25.72 22.44 -16.11
CA ASP B 686 -24.26 22.45 -15.95
C ASP B 686 -23.86 22.33 -14.48
N ASN B 687 -24.66 22.92 -13.59
CA ASN B 687 -24.41 22.72 -12.17
C ASN B 687 -24.61 21.27 -11.76
N LEU B 688 -25.60 20.60 -12.34
CA LEU B 688 -25.77 19.16 -12.07
C LEU B 688 -24.58 18.37 -12.58
N ALA B 689 -24.06 18.72 -13.75
CA ALA B 689 -22.89 18.02 -14.30
C ALA B 689 -21.68 18.21 -13.39
N LEU B 690 -21.44 19.45 -12.95
CA LEU B 690 -20.33 19.69 -12.04
C LEU B 690 -20.55 19.00 -10.70
N MET B 691 -21.79 18.93 -10.25
CA MET B 691 -22.09 18.22 -9.01
C MET B 691 -21.73 16.74 -9.14
N ASN B 692 -22.08 16.12 -10.26
CA ASN B 692 -21.71 14.71 -10.46
C ASN B 692 -20.19 14.56 -10.49
N LEU B 693 -19.51 15.43 -11.23
CA LEU B 693 -18.06 15.34 -11.33
C LEU B 693 -17.40 15.49 -9.97
N THR B 694 -17.92 16.40 -9.13
CA THR B 694 -17.37 16.61 -7.80
C THR B 694 -17.70 15.45 -6.87
N THR B 695 -18.92 14.90 -6.98
CA THR B 695 -19.29 13.78 -6.13
C THR B 695 -18.44 12.55 -6.41
N THR B 696 -18.02 12.37 -7.66
CA THR B 696 -17.09 11.28 -7.95
C THR B 696 -15.80 11.42 -7.16
N ASN B 697 -15.20 12.61 -7.17
CA ASN B 697 -13.95 12.83 -6.44
C ASN B 697 -14.17 12.70 -4.93
N THR B 698 -15.33 13.16 -4.45
CA THR B 698 -15.61 13.01 -3.02
C THR B 698 -15.71 11.54 -2.63
N LEU B 699 -16.31 10.71 -3.48
CA LEU B 699 -16.35 9.29 -3.21
C LEU B 699 -14.95 8.69 -3.19
N ARG B 700 -14.10 9.11 -4.12
CA ARG B 700 -12.71 8.63 -4.10
C ARG B 700 -12.00 9.00 -2.80
N ASP B 701 -12.20 10.24 -2.33
CA ASP B 701 -11.59 10.65 -1.08
C ASP B 701 -12.14 9.85 0.10
N ILE B 702 -13.44 9.54 0.07
CA ILE B 702 -14.01 8.70 1.12
C ILE B 702 -13.34 7.33 1.11
N SER B 703 -13.08 6.79 -0.08
CA SER B 703 -12.36 5.52 -0.16
C SER B 703 -10.97 5.65 0.48
N ASN B 704 -10.28 6.76 0.21
CA ASN B 704 -8.96 6.95 0.81
C ASN B 704 -9.02 7.00 2.32
N GLU B 705 -10.01 7.70 2.87
CA GLU B 705 -10.16 7.76 4.32
C GLU B 705 -10.47 6.39 4.90
N SER B 706 -11.26 5.59 4.19
CA SER B 706 -11.51 4.22 4.62
C SER B 706 -10.23 3.42 4.66
N GLN B 707 -9.38 3.57 3.64
CA GLN B 707 -8.11 2.85 3.63
C GLN B 707 -7.25 3.27 4.81
N ILE B 708 -7.27 4.55 5.16
CA ILE B 708 -6.53 5.02 6.33
C ILE B 708 -7.02 4.32 7.59
N ALA B 709 -8.35 4.22 7.75
CA ALA B 709 -8.89 3.55 8.92
C ALA B 709 -8.50 2.08 8.96
N MET B 710 -8.51 1.43 7.79
CA MET B 710 -8.13 0.01 7.72
C MET B 710 -6.68 -0.18 8.15
N ASN B 711 -5.78 0.69 7.67
CA ASN B 711 -4.39 0.60 8.10
C ASN B 711 -4.26 0.82 9.60
N ASN B 712 -5.03 1.78 10.15
CA ASN B 712 -4.97 2.05 11.58
C ASN B 712 -5.35 0.81 12.39
N VAL B 713 -6.48 0.18 12.05
CA VAL B 713 -6.91 -0.98 12.83
C VAL B 713 -5.93 -2.13 12.65
N ASN B 714 -5.38 -2.28 11.44
CA ASN B 714 -4.39 -3.33 11.21
C ASN B 714 -3.19 -3.17 12.11
N ASN B 715 -2.62 -1.97 12.15
CA ASN B 715 -1.42 -1.75 12.97
C ASN B 715 -1.73 -1.90 14.45
N PHE B 716 -2.88 -1.40 14.88
CA PHE B 716 -3.25 -1.52 16.29
C PHE B 716 -3.34 -2.98 16.71
N LEU B 717 -4.00 -3.82 15.90
CA LEU B 717 -4.17 -5.21 16.30
C LEU B 717 -2.86 -6.00 16.17
N ASN B 718 -2.02 -5.65 15.19
CA ASN B 718 -0.70 -6.28 15.14
C ASN B 718 0.09 -6.01 16.40
N ASN B 719 0.11 -4.75 16.84
CA ASN B 719 0.82 -4.42 18.07
C ASN B 719 0.21 -5.15 19.26
N VAL B 720 -1.12 -5.22 19.32
CA VAL B 720 -1.75 -5.91 20.45
C VAL B 720 -1.35 -7.37 20.48
N ALA B 721 -1.28 -8.02 19.31
CA ALA B 721 -0.88 -9.42 19.28
C ALA B 721 0.57 -9.59 19.73
N ILE B 722 1.46 -8.71 19.28
CA ILE B 722 2.85 -8.79 19.73
C ILE B 722 2.95 -8.61 21.24
N CYS B 723 2.15 -7.69 21.78
CA CYS B 723 2.16 -7.48 23.23
C CYS B 723 1.57 -8.69 23.97
N VAL B 724 0.61 -9.38 23.35
CA VAL B 724 0.11 -10.62 23.93
C VAL B 724 1.21 -11.64 24.01
N PHE B 725 2.01 -11.76 22.94
CA PHE B 725 3.16 -12.64 22.98
C PHE B 725 4.12 -12.24 24.09
N GLN B 726 4.31 -10.93 24.28
CA GLN B 726 5.18 -10.44 25.35
C GLN B 726 4.68 -10.92 26.71
N THR B 727 3.40 -10.71 26.99
CA THR B 727 2.88 -10.85 28.34
C THR B 727 2.32 -12.24 28.63
N ASN B 728 2.20 -13.11 27.65
CA ASN B 728 1.54 -14.38 27.91
C ASN B 728 2.34 -15.59 27.47
N ILE B 729 3.03 -15.51 26.33
CA ILE B 729 3.75 -16.67 25.82
C ILE B 729 5.17 -16.72 26.35
N TYR B 730 5.88 -15.59 26.32
CA TYR B 730 7.28 -15.60 26.73
C TYR B 730 7.50 -15.99 28.17
N PRO B 731 6.71 -15.52 29.16
CA PRO B 731 6.93 -16.02 30.53
C PRO B 731 6.79 -17.53 30.67
N LYS B 732 5.86 -18.14 29.96
CA LYS B 732 5.74 -19.60 30.00
C LYS B 732 6.97 -20.27 29.41
N PHE B 733 7.47 -19.75 28.28
CA PHE B 733 8.70 -20.26 27.71
C PHE B 733 9.86 -20.13 28.68
N ILE B 734 9.92 -19.00 29.38
CA ILE B 734 10.99 -18.75 30.33
C ILE B 734 10.92 -19.74 31.49
N SER B 735 9.71 -19.99 32.02
CA SER B 735 9.59 -20.92 33.14
C SER B 735 9.97 -22.34 32.73
N PHE B 736 9.46 -22.80 31.58
CA PHE B 736 9.81 -24.13 31.11
C PHE B 736 11.30 -24.26 30.86
N MET B 737 11.91 -23.25 30.25
CA MET B 737 13.35 -23.30 30.00
C MET B 737 14.15 -23.21 31.29
N GLU B 738 13.64 -22.52 32.31
CA GLU B 738 14.32 -22.49 33.60
C GLU B 738 14.35 -23.87 34.22
N GLN B 739 13.21 -24.58 34.18
CA GLN B 739 13.21 -25.94 34.69
C GLN B 739 14.16 -26.84 33.89
N CYS B 740 14.15 -26.69 32.56
CA CYS B 740 14.98 -27.54 31.71
C CYS B 740 16.47 -27.28 31.97
N ILE B 741 16.86 -26.01 32.09
CA ILE B 741 18.27 -25.72 32.35
C ILE B 741 18.67 -26.18 33.75
N ASN B 742 17.75 -26.10 34.72
CA ASN B 742 18.05 -26.61 36.04
C ASN B 742 18.36 -28.10 35.99
N ASN B 743 17.51 -28.86 35.30
CA ASN B 743 17.73 -30.30 35.19
C ASN B 743 19.02 -30.61 34.44
N ILE B 744 19.29 -29.90 33.35
CA ILE B 744 20.50 -30.17 32.57
C ILE B 744 21.75 -29.80 33.36
N ASN B 745 21.69 -28.70 34.11
CA ASN B 745 22.81 -28.35 34.98
C ASN B 745 23.05 -29.43 36.03
N LYS B 746 21.98 -29.95 36.62
CA LYS B 746 22.13 -31.01 37.60
C LYS B 746 22.79 -32.24 36.98
N ASN B 747 22.31 -32.65 35.80
CA ASN B 747 22.87 -33.82 35.14
C ASN B 747 24.34 -33.61 34.80
N THR B 748 24.68 -32.45 34.25
CA THR B 748 26.07 -32.20 33.87
C THR B 748 26.98 -32.14 35.08
N ARG B 749 26.52 -31.51 36.16
CA ARG B 749 27.31 -31.46 37.38
C ARG B 749 27.55 -32.85 37.94
N GLU B 750 26.50 -33.68 37.97
CA GLU B 750 26.67 -35.05 38.44
C GLU B 750 27.63 -35.83 37.56
N PHE B 751 27.52 -35.66 36.23
CA PHE B 751 28.42 -36.36 35.33
C PHE B 751 29.87 -35.94 35.56
N ILE B 752 30.11 -34.65 35.76
CA ILE B 752 31.46 -34.19 36.01
C ILE B 752 31.98 -34.74 37.34
N GLN B 753 31.15 -34.70 38.37
CA GLN B 753 31.56 -35.25 39.66
C GLN B 753 31.76 -36.76 39.64
N LYS B 754 31.18 -37.44 38.65
CA LYS B 754 31.36 -38.88 38.50
C LYS B 754 32.58 -39.25 37.67
N CYS B 755 33.13 -38.31 36.89
CA CYS B 755 34.29 -38.60 36.07
C CYS B 755 35.49 -38.94 36.95
N THR B 756 36.32 -39.87 36.44
CA THR B 756 37.46 -40.37 37.19
C THR B 756 38.78 -39.75 36.77
N ASN B 757 38.95 -39.45 35.49
CA ASN B 757 40.20 -38.94 34.95
C ASN B 757 40.36 -37.43 35.12
N ILE B 758 39.59 -36.81 36.01
CA ILE B 758 39.57 -35.36 36.16
C ILE B 758 39.86 -35.01 37.61
N THR B 759 40.77 -34.05 37.81
CA THR B 759 41.11 -33.58 39.14
C THR B 759 39.95 -32.78 39.74
N GLU B 760 40.05 -32.49 41.03
CA GLU B 760 38.99 -31.75 41.70
C GLU B 760 38.91 -30.31 41.21
N ASN B 761 40.06 -29.64 41.06
CA ASN B 761 40.04 -28.27 40.56
C ASN B 761 39.53 -28.22 39.12
N GLU B 762 39.96 -29.18 38.30
CA GLU B 762 39.42 -29.26 36.94
C GLU B 762 37.94 -29.62 36.94
N LYS B 763 37.50 -30.43 37.91
CA LYS B 763 36.07 -30.71 38.05
C LYS B 763 35.30 -29.42 38.32
N LEU B 764 35.79 -28.59 39.24
CA LEU B 764 35.13 -27.31 39.50
C LEU B 764 35.17 -26.41 38.28
N GLN B 765 36.29 -26.41 37.57
CA GLN B 765 36.40 -25.59 36.36
C GLN B 765 35.36 -25.98 35.33
N LEU B 766 35.24 -27.28 35.05
CA LEU B 766 34.26 -27.75 34.08
C LEU B 766 32.84 -27.51 34.56
N ILE B 767 32.60 -27.67 35.86
CA ILE B 767 31.26 -27.45 36.39
C ILE B 767 30.84 -26.01 36.18
N ASN B 768 31.72 -25.05 36.52
CA ASN B 768 31.35 -23.65 36.36
C ASN B 768 31.39 -23.20 34.91
N GLN B 769 32.10 -23.92 34.04
CA GLN B 769 32.19 -23.52 32.65
C GLN B 769 30.97 -23.91 31.84
N ASN B 770 30.25 -24.95 32.25
CA ASN B 770 29.15 -25.50 31.48
C ASN B 770 27.81 -25.37 32.21
N ILE B 771 27.58 -24.24 32.83
CA ILE B 771 26.29 -23.98 33.48
C ILE B 771 25.37 -23.28 32.48
N PHE B 772 24.08 -23.37 32.74
CA PHE B 772 23.07 -22.72 31.93
C PHE B 772 22.32 -21.72 32.79
N SER B 773 22.16 -20.50 32.28
CA SER B 773 21.39 -19.47 32.98
C SER B 773 20.43 -18.79 32.01
N SER B 774 19.78 -17.72 32.48
CA SER B 774 18.80 -17.04 31.64
C SER B 774 19.42 -16.41 30.41
N LEU B 775 20.74 -16.26 30.38
CA LEU B 775 21.40 -15.65 29.22
C LEU B 775 21.39 -16.55 28.00
N ASP B 776 20.97 -17.80 28.13
CA ASP B 776 21.03 -18.75 27.02
C ASP B 776 19.71 -18.93 26.30
N PHE B 777 18.58 -18.74 26.99
CA PHE B 777 17.27 -18.82 26.35
C PHE B 777 16.55 -17.48 26.37
N ASP B 778 17.31 -16.39 26.28
CA ASP B 778 16.75 -15.04 26.23
C ASP B 778 16.68 -14.57 24.78
N PHE B 779 15.80 -15.20 24.03
CA PHE B 779 15.72 -14.98 22.59
C PHE B 779 14.76 -13.88 22.19
N LEU B 780 14.10 -13.22 23.13
CA LEU B 780 13.10 -12.23 22.78
C LEU B 780 13.71 -11.12 21.94
N ASN B 781 13.03 -10.80 20.84
CA ASN B 781 13.50 -9.75 19.92
C ASN B 781 12.26 -9.07 19.36
N ILE B 782 12.02 -7.83 19.80
CA ILE B 782 10.80 -7.14 19.40
C ILE B 782 10.83 -6.80 17.92
N GLU B 783 12.02 -6.46 17.40
CA GLU B 783 12.11 -6.09 15.99
C GLU B 783 11.73 -7.24 15.09
N ASN B 784 12.13 -8.47 15.44
CA ASN B 784 11.75 -9.61 14.63
C ASN B 784 10.26 -9.90 14.74
N LEU B 785 9.68 -9.75 15.94
CA LEU B 785 8.26 -9.99 16.11
C LEU B 785 7.41 -8.97 15.35
N LYS B 786 7.84 -7.72 15.28
CA LYS B 786 7.12 -6.73 14.48
C LYS B 786 7.53 -6.75 13.03
N SER B 787 8.61 -7.43 12.68
CA SER B 787 9.04 -7.54 11.29
C SER B 787 8.56 -8.82 10.63
N LEU B 788 7.82 -9.68 11.35
CA LEU B 788 7.17 -10.81 10.69
C LEU B 788 6.20 -10.32 9.63
N PHE B 789 5.46 -9.26 9.95
CA PHE B 789 4.38 -8.80 9.09
C PHE B 789 4.86 -7.97 7.91
N ASN B 790 6.14 -7.64 7.85
CA ASN B 790 6.65 -6.92 6.68
C ASN B 790 6.65 -7.86 5.47
N SER B 791 6.28 -7.32 4.32
CA SER B 791 6.14 -8.14 3.12
C SER B 791 6.25 -7.24 1.89
N GLU B 792 6.47 -7.89 0.74
CA GLU B 792 6.52 -7.14 -0.52
C GLU B 792 5.16 -6.54 -0.86
N THR B 793 4.07 -7.22 -0.49
CA THR B 793 2.74 -6.67 -0.70
C THR B 793 2.58 -5.34 0.03
N GLY B 794 3.07 -5.27 1.28
CA GLY B 794 2.98 -4.03 2.02
C GLY B 794 3.74 -2.90 1.35
N LEU B 795 4.96 -3.19 0.87
CA LEU B 795 5.73 -2.16 0.18
C LEU B 795 5.05 -1.69 -1.09
N LEU B 796 4.51 -2.63 -1.88
CA LEU B 796 3.84 -2.24 -3.12
C LEU B 796 2.60 -1.41 -2.84
N ILE B 797 1.80 -1.79 -1.84
CA ILE B 797 0.65 -0.98 -1.47
C ILE B 797 1.09 0.40 -0.99
N LYS B 798 2.14 0.44 -0.18
CA LYS B 798 2.61 1.72 0.36
C LYS B 798 3.07 2.66 -0.74
N GLU B 799 3.82 2.14 -1.71
CA GLU B 799 4.27 3.01 -2.80
C GLU B 799 3.18 3.32 -3.81
N GLU B 800 2.17 2.46 -3.93
CA GLU B 800 1.07 2.74 -4.86
C GLU B 800 0.14 3.80 -4.32
N THR B 801 -0.18 3.74 -3.01
CA THR B 801 -0.99 4.76 -2.36
C THR B 801 -0.14 5.87 -1.75
N SER B 802 1.03 6.13 -2.32
CA SER B 802 1.92 7.16 -1.80
C SER B 802 1.27 8.54 -1.93
N PRO B 803 1.35 9.37 -0.90
CA PRO B 803 0.73 10.70 -0.98
C PRO B 803 1.32 11.59 -2.06
N TYR B 804 2.49 11.25 -2.58
CA TYR B 804 3.14 12.10 -3.57
C TYR B 804 2.43 11.98 -4.91
N GLU B 805 1.50 12.90 -5.18
CA GLU B 805 0.86 12.92 -6.49
C GLU B 805 1.84 13.33 -7.56
N LEU B 806 2.69 14.31 -7.27
CA LEU B 806 3.70 14.76 -8.23
C LEU B 806 4.95 15.16 -7.49
N VAL B 807 6.09 14.66 -7.96
CA VAL B 807 7.39 15.16 -7.49
C VAL B 807 8.29 15.34 -8.70
N LEU B 808 8.38 16.57 -9.18
CA LEU B 808 9.16 16.83 -10.38
C LEU B 808 10.62 16.48 -10.14
N TYR B 809 11.20 15.75 -11.08
CA TYR B 809 12.62 15.46 -11.09
C TYR B 809 13.21 15.98 -12.40
N ALA B 810 14.44 16.47 -12.33
CA ALA B 810 15.08 17.06 -13.49
C ALA B 810 16.57 16.79 -13.43
N PHE B 811 17.16 16.48 -14.57
CA PHE B 811 18.61 16.31 -14.66
C PHE B 811 19.03 16.53 -16.10
N GLN B 812 20.34 16.52 -16.33
CA GLN B 812 20.91 16.79 -17.64
C GLN B 812 21.67 15.57 -18.12
N GLU B 813 21.24 15.02 -19.27
CA GLU B 813 21.91 13.89 -19.90
C GLU B 813 22.74 14.38 -21.08
N PRO B 814 23.87 13.74 -21.38
CA PRO B 814 24.62 14.16 -22.57
C PRO B 814 23.75 14.13 -23.81
N GLY B 815 23.44 15.30 -24.35
CA GLY B 815 22.54 15.41 -25.47
C GLY B 815 21.29 16.21 -25.21
N ASN B 816 20.73 16.13 -24.00
CA ASN B 816 19.45 16.78 -23.73
C ASN B 816 19.28 16.94 -22.22
N ASN B 817 18.09 17.39 -21.82
CA ASN B 817 17.72 17.52 -20.42
C ASN B 817 16.44 16.74 -20.18
N ALA B 818 16.43 15.94 -19.13
CA ALA B 818 15.27 15.12 -18.79
C ALA B 818 14.50 15.76 -17.65
N ILE B 819 13.21 15.96 -17.86
CA ILE B 819 12.31 16.56 -16.89
C ILE B 819 11.07 15.69 -16.82
N GLY B 820 10.61 15.38 -15.61
CA GLY B 820 9.41 14.59 -15.53
C GLY B 820 8.91 14.44 -14.12
N ASP B 821 7.97 13.52 -13.96
CA ASP B 821 7.41 13.18 -12.66
C ASP B 821 8.08 11.92 -12.14
N ALA B 822 8.41 11.92 -10.85
CA ALA B 822 9.05 10.79 -10.21
C ALA B 822 8.18 10.17 -9.13
N SER B 823 6.89 10.50 -9.11
CA SER B 823 5.99 10.02 -8.06
C SER B 823 5.39 8.66 -8.35
N GLY B 824 5.53 8.16 -9.58
CA GLY B 824 4.96 6.88 -9.94
C GLY B 824 3.49 6.90 -10.28
N LYS B 825 2.84 8.06 -10.21
CA LYS B 825 1.45 8.15 -10.60
C LYS B 825 1.36 8.35 -12.11
N ASN B 826 0.13 8.54 -12.60
CA ASN B 826 -0.12 8.68 -14.03
C ASN B 826 -0.02 10.13 -14.50
N THR B 827 0.72 10.96 -13.78
CA THR B 827 0.79 12.38 -14.11
C THR B 827 1.62 12.59 -15.38
N SER B 828 1.00 13.16 -16.40
CA SER B 828 1.68 13.45 -17.65
C SER B 828 2.23 14.87 -17.63
N ILE B 829 3.36 15.06 -18.28
CA ILE B 829 4.03 16.36 -18.32
C ILE B 829 4.20 16.77 -19.77
N GLU B 830 3.74 17.97 -20.09
CA GLU B 830 3.99 18.58 -21.40
C GLU B 830 4.68 19.91 -21.15
N TYR B 831 5.97 19.98 -21.48
CA TYR B 831 6.77 21.16 -21.19
C TYR B 831 7.38 21.68 -22.48
N SER B 832 7.51 23.01 -22.56
CA SER B 832 8.17 23.63 -23.69
C SER B 832 9.62 23.18 -23.76
N LYS B 833 10.07 22.77 -24.93
CA LYS B 833 11.41 22.20 -25.04
C LYS B 833 12.51 23.24 -24.95
N ASP B 834 12.21 24.51 -24.68
CA ASP B 834 13.23 25.54 -24.53
C ASP B 834 13.49 25.89 -23.07
N ILE B 835 13.17 24.99 -22.15
CA ILE B 835 13.40 25.21 -20.73
C ILE B 835 14.70 24.53 -20.35
N GLY B 836 15.68 25.33 -19.91
CA GLY B 836 16.94 24.81 -19.45
C GLY B 836 16.89 24.42 -17.98
N LEU B 837 17.90 23.67 -17.58
CA LEU B 837 18.04 23.22 -16.20
C LEU B 837 19.34 23.74 -15.63
N VAL B 838 19.26 24.40 -14.48
CA VAL B 838 20.43 24.91 -13.78
C VAL B 838 20.35 24.48 -12.33
N TYR B 839 21.48 24.15 -11.74
CA TYR B 839 21.48 23.64 -10.37
C TYR B 839 20.89 24.67 -9.42
N GLY B 840 19.98 24.24 -8.57
CA GLY B 840 19.33 25.12 -7.63
C GLY B 840 19.86 24.98 -6.23
N ILE B 841 19.10 24.30 -5.37
CA ILE B 841 19.51 24.08 -3.98
C ILE B 841 20.18 22.72 -3.87
N ASN B 842 19.42 21.67 -4.16
CA ASN B 842 19.91 20.30 -4.07
C ASN B 842 19.92 19.58 -5.39
N SER B 843 19.07 19.96 -6.34
CA SER B 843 18.98 19.29 -7.63
C SER B 843 18.92 20.35 -8.71
N ASP B 844 18.58 19.93 -9.93
CA ASP B 844 18.38 20.88 -11.00
C ASP B 844 17.05 21.61 -10.83
N ALA B 845 16.96 22.78 -11.44
CA ALA B 845 15.79 23.64 -11.41
C ALA B 845 15.49 24.11 -12.81
N LEU B 846 14.21 24.20 -13.14
CA LEU B 846 13.77 24.70 -14.42
C LEU B 846 13.96 26.21 -14.48
N TYR B 847 14.53 26.70 -15.57
CA TYR B 847 14.70 28.12 -15.82
C TYR B 847 13.62 28.56 -16.79
N LEU B 848 12.81 29.53 -16.38
CA LEU B 848 11.66 29.99 -17.14
C LEU B 848 11.90 31.40 -17.63
N ASN B 849 11.75 31.62 -18.94
CA ASN B 849 11.85 32.96 -19.49
C ASN B 849 10.74 33.86 -18.96
N GLY B 850 9.53 33.31 -18.84
CA GLY B 850 8.38 34.07 -18.41
C GLY B 850 7.43 34.45 -19.52
N SER B 851 7.78 34.17 -20.77
CA SER B 851 6.92 34.50 -21.91
C SER B 851 6.42 33.27 -22.65
N ASN B 852 7.33 32.41 -23.13
CA ASN B 852 6.96 31.27 -23.95
C ASN B 852 7.28 29.93 -23.31
N GLN B 853 7.80 29.92 -22.08
CA GLN B 853 8.12 28.68 -21.39
C GLN B 853 6.92 28.25 -20.57
N SER B 854 6.35 27.08 -20.91
CA SER B 854 5.15 26.58 -20.27
C SER B 854 5.34 25.12 -19.91
N ILE B 855 4.82 24.73 -18.75
CA ILE B 855 4.80 23.34 -18.32
C ILE B 855 3.38 23.01 -17.87
N SER B 856 2.90 21.83 -18.24
CA SER B 856 1.54 21.42 -17.92
C SER B 856 1.58 20.03 -17.32
N PHE B 857 1.08 19.91 -16.09
CA PHE B 857 1.01 18.64 -15.38
C PHE B 857 -0.43 18.18 -15.36
N SER B 858 -0.70 17.03 -15.96
CA SER B 858 -2.05 16.48 -16.04
C SER B 858 -2.16 15.30 -15.09
N ASN B 859 -3.19 15.35 -14.23
CA ASN B 859 -3.47 14.31 -13.25
C ASN B 859 -4.89 14.52 -12.76
N ASP B 860 -5.61 13.43 -12.55
CA ASP B 860 -7.02 13.55 -12.18
C ASP B 860 -7.16 14.28 -10.85
N PHE B 861 -6.30 13.96 -9.87
CA PHE B 861 -6.41 14.58 -8.56
C PHE B 861 -6.24 16.10 -8.65
N PHE B 862 -5.52 16.59 -9.67
CA PHE B 862 -5.35 18.03 -9.83
C PHE B 862 -6.69 18.74 -10.02
N GLU B 863 -7.72 18.04 -10.47
CA GLU B 863 -9.04 18.66 -10.58
C GLU B 863 -9.55 19.13 -9.24
N ASN B 864 -9.01 18.60 -8.15
CA ASN B 864 -9.45 18.94 -6.80
C ASN B 864 -10.94 18.71 -6.66
N GLY B 865 -11.56 19.38 -5.70
CA GLY B 865 -12.98 19.18 -5.47
C GLY B 865 -13.39 19.77 -4.14
N LEU B 866 -14.49 19.25 -3.62
CA LEU B 866 -15.04 19.80 -2.38
C LEU B 866 -14.25 19.35 -1.16
N THR B 867 -13.80 18.10 -1.12
CA THR B 867 -13.31 17.51 0.11
C THR B 867 -12.02 16.71 -0.11
N ASN B 868 -11.06 17.29 -0.81
CA ASN B 868 -9.74 16.68 -0.94
C ASN B 868 -8.69 17.63 -0.37
N SER B 869 -7.95 17.17 0.62
CA SER B 869 -6.84 17.93 1.17
C SER B 869 -5.59 17.69 0.32
N PHE B 870 -4.75 18.72 0.22
CA PHE B 870 -3.59 18.61 -0.64
C PHE B 870 -2.53 19.60 -0.17
N SER B 871 -1.37 19.57 -0.84
CA SER B 871 -0.26 20.43 -0.47
C SER B 871 0.63 20.64 -1.68
N ILE B 872 1.15 21.85 -1.81
CA ILE B 872 2.04 22.24 -2.91
C ILE B 872 3.27 22.89 -2.31
N TYR B 873 4.45 22.34 -2.58
CA TYR B 873 5.66 23.00 -2.11
C TYR B 873 6.77 22.88 -3.14
N PHE B 874 7.65 23.87 -3.13
CA PHE B 874 8.69 24.00 -4.14
C PHE B 874 9.70 25.05 -3.68
N TRP B 875 10.75 25.21 -4.49
CA TRP B 875 11.77 26.23 -4.31
C TRP B 875 11.63 27.25 -5.43
N LEU B 876 11.49 28.52 -5.06
CA LEU B 876 11.28 29.58 -6.02
C LEU B 876 12.36 30.64 -5.87
N ARG B 877 12.98 31.01 -6.98
CA ARG B 877 13.92 32.12 -7.01
C ARG B 877 13.54 33.01 -8.19
N ASN B 878 12.94 34.15 -7.88
CA ASN B 878 12.49 35.08 -8.89
C ASN B 878 13.67 35.85 -9.47
N LEU B 879 13.61 36.12 -10.77
CA LEU B 879 14.59 36.98 -11.45
C LEU B 879 13.87 38.11 -12.17
N GLY B 880 12.85 38.68 -11.52
CA GLY B 880 12.09 39.75 -12.13
C GLY B 880 11.83 40.87 -11.14
N LYS B 881 11.27 41.96 -11.67
CA LYS B 881 10.97 43.14 -10.86
C LYS B 881 9.59 43.70 -11.21
N ASP B 882 8.69 42.89 -11.75
CA ASP B 882 7.41 43.36 -12.25
C ASP B 882 6.37 43.34 -11.13
N THR B 883 5.75 44.49 -10.89
CA THR B 883 4.68 44.61 -9.91
C THR B 883 3.34 44.08 -10.45
N ILE B 884 3.19 43.97 -11.77
CA ILE B 884 1.93 43.53 -12.36
C ILE B 884 1.58 42.14 -11.84
N LYS B 885 0.29 41.91 -11.63
CA LYS B 885 -0.18 40.62 -11.13
C LYS B 885 -0.02 39.57 -12.22
N SER B 886 1.12 38.89 -12.23
CA SER B 886 1.48 37.97 -13.30
C SER B 886 1.40 36.53 -12.79
N LYS B 887 0.68 35.69 -13.53
CA LYS B 887 0.45 34.32 -13.09
C LYS B 887 1.76 33.54 -13.01
N LEU B 888 1.93 32.79 -11.91
CA LEU B 888 3.06 31.90 -11.75
C LEU B 888 2.68 30.45 -12.00
N ILE B 889 1.75 29.92 -11.20
CA ILE B 889 1.42 28.49 -11.32
C ILE B 889 0.07 28.24 -10.65
N GLY B 890 -0.67 27.29 -11.20
CA GLY B 890 -1.93 26.89 -10.59
C GLY B 890 -2.83 26.23 -11.60
N SER B 891 -3.98 25.79 -11.12
CA SER B 891 -5.01 25.18 -11.94
C SER B 891 -6.24 26.08 -11.86
N LYS B 892 -6.61 26.68 -13.00
CA LYS B 892 -7.74 27.61 -13.06
C LYS B 892 -8.56 27.30 -14.31
N GLU B 893 -9.69 26.62 -14.12
CA GLU B 893 -10.64 26.35 -15.18
C GLU B 893 -11.89 27.19 -14.94
N ASP B 894 -12.21 28.05 -15.90
CA ASP B 894 -13.41 28.91 -15.83
C ASP B 894 -13.43 29.68 -14.52
N ASN B 895 -12.28 30.26 -14.16
CA ASN B 895 -12.13 31.12 -13.00
C ASN B 895 -12.20 30.32 -11.70
N CYS B 896 -12.46 29.02 -11.79
CA CYS B 896 -12.53 28.15 -10.62
C CYS B 896 -11.22 27.40 -10.46
N GLY B 897 -10.71 27.37 -9.22
CA GLY B 897 -9.51 26.62 -8.94
C GLY B 897 -8.60 27.27 -7.91
N TRP B 898 -7.31 27.02 -8.01
CA TRP B 898 -6.32 27.61 -7.15
C TRP B 898 -5.18 28.14 -8.02
N GLU B 899 -4.52 29.18 -7.55
CA GLU B 899 -3.43 29.74 -8.32
C GLU B 899 -2.54 30.60 -7.44
N ILE B 900 -1.35 30.88 -7.96
CA ILE B 900 -0.35 31.71 -7.31
C ILE B 900 0.26 32.59 -8.38
N TYR B 901 0.22 33.91 -8.17
CA TYR B 901 0.78 34.87 -9.10
C TYR B 901 1.83 35.73 -8.42
N PHE B 902 2.81 36.18 -9.21
CA PHE B 902 3.69 37.25 -8.74
C PHE B 902 2.88 38.53 -8.57
N GLN B 903 3.25 39.33 -7.58
CA GLN B 903 2.60 40.62 -7.39
C GLN B 903 3.49 41.47 -6.49
N ASP B 904 3.74 42.71 -6.89
CA ASP B 904 4.62 43.63 -6.16
C ASP B 904 5.99 42.94 -6.08
N THR B 905 6.62 42.88 -4.92
CA THR B 905 7.84 42.11 -4.73
C THR B 905 7.56 40.77 -4.07
N GLY B 906 6.29 40.40 -3.92
CA GLY B 906 5.93 39.13 -3.31
C GLY B 906 4.99 38.29 -4.14
N LEU B 907 4.21 37.44 -3.48
CA LEU B 907 3.34 36.50 -4.16
C LEU B 907 1.90 36.69 -3.71
N VAL B 908 0.98 36.11 -4.47
CA VAL B 908 -0.44 36.15 -4.16
C VAL B 908 -1.01 34.76 -4.38
N PHE B 909 -1.63 34.21 -3.34
CA PHE B 909 -2.30 32.92 -3.41
C PHE B 909 -3.81 33.13 -3.47
N ASN B 910 -4.44 32.53 -4.47
CA ASN B 910 -5.85 32.76 -4.77
C ASN B 910 -6.56 31.42 -4.87
N MET B 911 -7.72 31.32 -4.23
CA MET B 911 -8.53 30.12 -4.25
C MET B 911 -9.96 30.53 -4.52
N ILE B 912 -10.49 30.16 -5.69
CA ILE B 912 -11.83 30.56 -6.11
C ILE B 912 -12.66 29.30 -6.28
N ASP B 913 -13.79 29.22 -5.58
CA ASP B 913 -14.69 28.10 -5.74
C ASP B 913 -15.78 28.44 -6.75
N SER B 914 -16.61 27.44 -7.05
CA SER B 914 -17.69 27.65 -8.01
C SER B 914 -18.69 28.69 -7.51
N ASN B 915 -19.02 28.65 -6.22
CA ASN B 915 -20.01 29.55 -5.67
C ASN B 915 -19.54 30.99 -5.58
N GLY B 916 -18.26 31.25 -5.85
CA GLY B 916 -17.73 32.60 -5.87
C GLY B 916 -16.92 32.98 -4.66
N ASN B 917 -16.96 32.19 -3.59
CA ASN B 917 -16.15 32.49 -2.41
C ASN B 917 -14.67 32.45 -2.80
N GLU B 918 -13.94 33.48 -2.40
CA GLU B 918 -12.56 33.64 -2.81
C GLU B 918 -11.69 33.85 -1.59
N LYS B 919 -10.59 33.11 -1.52
CA LYS B 919 -9.56 33.27 -0.51
C LYS B 919 -8.35 33.86 -1.22
N ASN B 920 -8.06 35.14 -0.95
CA ASN B 920 -6.97 35.85 -1.60
C ASN B 920 -6.02 36.33 -0.51
N ILE B 921 -4.75 35.89 -0.59
CA ILE B 921 -3.75 36.17 0.42
C ILE B 921 -2.50 36.70 -0.26
N TYR B 922 -1.82 37.64 0.40
CA TYR B 922 -0.62 38.27 -0.11
C TYR B 922 0.57 37.92 0.77
N LEU B 923 1.69 37.57 0.14
CA LEU B 923 2.93 37.21 0.82
C LEU B 923 4.00 38.21 0.44
N SER B 924 4.66 38.79 1.45
CA SER B 924 5.58 39.88 1.26
C SER B 924 7.02 39.39 1.21
N ASP B 925 7.86 40.12 0.47
CA ASP B 925 9.30 39.89 0.41
C ASP B 925 9.61 38.44 0.01
N VAL B 926 9.26 38.12 -1.23
CA VAL B 926 9.46 36.76 -1.73
C VAL B 926 10.29 36.79 -3.00
N SER B 927 10.21 37.89 -3.75
CA SER B 927 10.90 37.99 -5.04
C SER B 927 12.14 38.87 -4.84
N ASN B 928 13.26 38.22 -4.49
CA ASN B 928 14.45 38.95 -4.08
C ASN B 928 15.71 38.37 -4.70
N ASN B 929 15.60 37.70 -5.84
CA ASN B 929 16.73 36.99 -6.44
C ASN B 929 17.35 36.00 -5.47
N SER B 930 16.52 35.46 -4.58
CA SER B 930 16.97 34.52 -3.55
C SER B 930 15.99 33.36 -3.49
N TRP B 931 16.49 32.22 -3.07
CA TRP B 931 15.67 31.01 -3.00
C TRP B 931 14.74 31.08 -1.79
N HIS B 932 13.48 30.72 -2.00
CA HIS B 932 12.52 30.63 -0.92
C HIS B 932 11.75 29.32 -1.06
N TYR B 933 11.60 28.63 0.06
CA TYR B 933 10.87 27.36 0.09
C TYR B 933 9.42 27.65 0.40
N ILE B 934 8.56 27.51 -0.60
CA ILE B 934 7.14 27.85 -0.49
C ILE B 934 6.35 26.58 -0.30
N THR B 935 5.47 26.57 0.70
CA THR B 935 4.61 25.45 0.99
C THR B 935 3.19 25.94 1.26
N ILE B 936 2.21 25.25 0.67
CA ILE B 936 0.80 25.51 0.89
C ILE B 936 0.16 24.20 1.28
N SER B 937 -0.65 24.22 2.33
CA SER B 937 -1.33 23.03 2.83
C SER B 937 -2.81 23.37 2.99
N VAL B 938 -3.66 22.72 2.20
CA VAL B 938 -5.10 22.89 2.28
C VAL B 938 -5.65 21.63 2.93
N ASP B 939 -6.14 21.75 4.14
CA ASP B 939 -6.63 20.62 4.93
C ASP B 939 -8.14 20.74 5.06
N ARG B 940 -8.86 19.91 4.32
CA ARG B 940 -10.32 19.98 4.31
C ARG B 940 -10.95 19.36 5.54
N LEU B 941 -10.19 18.60 6.34
CA LEU B 941 -10.75 18.02 7.55
C LEU B 941 -10.98 19.09 8.61
N LYS B 942 -9.90 19.74 9.04
CA LYS B 942 -9.98 20.87 9.95
C LYS B 942 -10.23 22.18 9.23
N GLU B 943 -10.27 22.17 7.90
CA GLU B 943 -10.52 23.35 7.10
C GLU B 943 -9.51 24.44 7.41
N GLN B 944 -8.25 24.14 7.11
CA GLN B 944 -7.14 25.00 7.47
C GLN B 944 -6.25 25.22 6.26
N LEU B 945 -5.91 26.47 6.00
CA LEU B 945 -4.96 26.83 4.95
C LEU B 945 -3.68 27.33 5.62
N LEU B 946 -2.58 26.62 5.37
CA LEU B 946 -1.29 26.97 5.92
C LEU B 946 -0.37 27.36 4.78
N ILE B 947 0.29 28.50 4.90
CA ILE B 947 1.29 28.93 3.93
C ILE B 947 2.58 29.21 4.67
N PHE B 948 3.65 28.53 4.27
CA PHE B 948 4.99 28.73 4.80
C PHE B 948 5.89 29.27 3.70
N ILE B 949 6.65 30.31 4.03
CA ILE B 949 7.75 30.77 3.20
C ILE B 949 9.04 30.44 3.93
N ASP B 950 9.99 29.85 3.22
CA ASP B 950 11.20 29.34 3.85
C ASP B 950 10.83 28.37 4.95
N ASP B 951 10.78 28.85 6.20
CA ASP B 951 10.39 27.98 7.30
C ASP B 951 9.53 28.72 8.31
N ASN B 952 8.81 29.75 7.89
CA ASN B 952 7.94 30.52 8.77
C ASN B 952 6.49 30.32 8.38
N LEU B 953 5.62 30.18 9.39
CA LEU B 953 4.19 30.08 9.16
C LEU B 953 3.69 31.48 8.78
N VAL B 954 3.81 31.80 7.49
CA VAL B 954 3.46 33.15 7.05
C VAL B 954 1.95 33.35 6.96
N ALA B 955 1.16 32.29 6.88
CA ALA B 955 -0.28 32.47 6.81
C ALA B 955 -1.00 31.26 7.40
N ASN B 956 -2.02 31.50 8.21
CA ASN B 956 -2.82 30.43 8.80
C ASN B 956 -4.28 30.89 8.79
N GLU B 957 -5.00 30.53 7.74
CA GLU B 957 -6.36 30.97 7.53
C GLU B 957 -7.34 29.80 7.65
N SER B 958 -8.61 30.13 7.75
CA SER B 958 -9.69 29.16 7.77
C SER B 958 -10.41 29.18 6.43
N ILE B 959 -10.58 28.01 5.83
CA ILE B 959 -11.26 27.88 4.55
C ILE B 959 -12.62 27.25 4.78
N LYS B 960 -13.16 27.42 5.99
CA LYS B 960 -14.47 26.86 6.30
C LYS B 960 -15.56 27.41 5.39
N GLU B 961 -15.34 28.56 4.76
CA GLU B 961 -16.28 29.16 3.84
C GLU B 961 -15.89 28.96 2.38
N ILE B 962 -15.12 27.93 2.08
CA ILE B 962 -14.75 27.61 0.69
C ILE B 962 -15.35 26.25 0.35
N LEU B 963 -16.27 26.25 -0.61
CA LEU B 963 -16.89 25.04 -1.12
C LEU B 963 -16.13 24.56 -2.35
N ASN B 964 -16.74 23.65 -3.11
CA ASN B 964 -16.15 22.97 -4.27
C ASN B 964 -15.31 23.91 -5.13
N ILE B 965 -14.04 23.54 -5.32
CA ILE B 965 -13.11 24.32 -6.13
C ILE B 965 -12.70 23.51 -7.36
N TYR B 966 -13.61 22.69 -7.86
CA TYR B 966 -13.31 21.81 -8.99
C TYR B 966 -12.71 22.60 -10.14
N SER B 967 -11.52 22.19 -10.57
CA SER B 967 -10.84 22.86 -11.66
C SER B 967 -10.40 21.86 -12.72
N SER B 968 -9.64 22.31 -13.70
CA SER B 968 -9.16 21.41 -14.73
C SER B 968 -8.06 20.51 -14.16
N ASN B 969 -7.89 19.35 -14.82
CA ASN B 969 -6.85 18.42 -14.41
C ASN B 969 -5.46 18.96 -14.67
N ILE B 970 -5.32 20.05 -15.40
CA ILE B 970 -4.01 20.59 -15.76
C ILE B 970 -3.59 21.61 -14.71
N ILE B 971 -2.37 21.47 -14.21
CA ILE B 971 -1.68 22.49 -13.43
C ILE B 971 -0.64 23.11 -14.36
N SER B 972 -0.70 24.42 -14.53
CA SER B 972 0.14 25.10 -15.51
C SER B 972 1.17 25.95 -14.79
N LEU B 973 2.43 25.74 -15.13
CA LEU B 973 3.55 26.56 -14.69
C LEU B 973 3.94 27.45 -15.86
N LEU B 974 3.67 28.73 -15.72
CA LEU B 974 3.98 29.72 -16.74
C LEU B 974 4.93 30.80 -16.24
N SER B 975 4.74 31.28 -15.01
CA SER B 975 5.55 32.34 -14.43
C SER B 975 5.61 33.54 -15.36
N GLU B 976 4.42 34.12 -15.59
CA GLU B 976 4.29 35.19 -16.56
C GLU B 976 5.19 36.37 -16.21
N ASN B 977 5.84 36.92 -17.23
CA ASN B 977 6.57 38.18 -17.19
C ASN B 977 7.79 38.17 -16.27
N ASN B 978 8.12 37.04 -15.65
CA ASN B 978 9.25 36.97 -14.73
C ASN B 978 10.05 35.70 -14.98
N PRO B 979 11.23 35.80 -15.57
CA PRO B 979 12.12 34.65 -15.63
C PRO B 979 12.46 34.21 -14.22
N SER B 980 12.49 32.91 -13.98
CA SER B 980 12.68 32.45 -12.61
C SER B 980 13.22 31.03 -12.60
N TYR B 981 13.73 30.63 -11.45
CA TYR B 981 14.18 29.28 -11.19
C TYR B 981 13.18 28.58 -10.29
N ILE B 982 12.71 27.42 -10.73
CA ILE B 982 11.73 26.64 -9.98
C ILE B 982 12.28 25.23 -9.80
N GLU B 983 12.37 24.78 -8.54
CA GLU B 983 13.02 23.53 -8.21
C GLU B 983 12.14 22.69 -7.29
N GLY B 984 12.19 21.38 -7.48
CA GLY B 984 11.53 20.46 -6.56
C GLY B 984 10.05 20.69 -6.40
N LEU B 985 9.35 20.95 -7.51
CA LEU B 985 7.91 21.10 -7.47
C LEU B 985 7.27 19.81 -6.98
N THR B 986 6.37 19.93 -6.01
CA THR B 986 5.79 18.75 -5.39
C THR B 986 4.36 19.00 -4.96
N ILE B 987 3.46 18.11 -5.36
CA ILE B 987 2.06 18.15 -4.98
C ILE B 987 1.74 16.84 -4.28
N LEU B 988 1.23 16.94 -3.05
CA LEU B 988 0.77 15.81 -2.26
C LEU B 988 -0.74 15.88 -2.08
N ASN B 989 -1.34 14.71 -1.85
CA ASN B 989 -2.75 14.63 -1.53
C ASN B 989 -3.02 14.61 -0.04
N LYS B 990 -2.08 15.10 0.76
CA LYS B 990 -2.20 15.11 2.21
C LYS B 990 -1.80 16.48 2.72
N PRO B 991 -2.48 16.99 3.73
CA PRO B 991 -2.06 18.26 4.34
C PRO B 991 -0.71 18.11 5.01
N THR B 992 0.05 19.20 5.03
CA THR B 992 1.39 19.23 5.59
C THR B 992 1.39 20.06 6.87
N THR B 993 2.06 19.55 7.89
CA THR B 993 2.21 20.26 9.15
C THR B 993 3.53 21.01 9.19
N SER B 994 3.70 21.82 10.25
CA SER B 994 4.88 22.67 10.35
C SER B 994 6.15 21.84 10.50
N GLN B 995 6.08 20.75 11.28
CA GLN B 995 7.26 19.92 11.51
C GLN B 995 7.76 19.32 10.20
N GLU B 996 6.85 18.88 9.33
CA GLU B 996 7.26 18.33 8.05
C GLU B 996 7.93 19.39 7.18
N VAL B 997 7.41 20.61 7.19
CA VAL B 997 8.02 21.68 6.40
C VAL B 997 9.42 21.97 6.91
N LEU B 998 9.58 22.08 8.23
CA LEU B 998 10.90 22.34 8.80
C LEU B 998 11.87 21.22 8.45
N SER B 999 11.41 19.96 8.57
CA SER B 999 12.25 18.82 8.27
C SER B 999 12.67 18.82 6.81
N ASN B 1000 11.74 19.09 5.90
CA ASN B 1000 12.08 19.12 4.48
C ASN B 1000 13.06 20.25 4.18
N TYR B 1001 12.82 21.42 4.77
CA TYR B 1001 13.70 22.57 4.54
C TYR B 1001 15.12 22.26 4.97
N PHE B 1002 15.30 21.78 6.20
CA PHE B 1002 16.65 21.51 6.68
C PHE B 1002 17.27 20.32 5.97
N LYS B 1003 16.46 19.31 5.64
CA LYS B 1003 16.97 18.14 4.95
C LYS B 1003 17.52 18.49 3.58
N VAL B 1004 16.79 19.32 2.82
CA VAL B 1004 17.30 19.72 1.52
C VAL B 1004 18.49 20.65 1.68
N LEU B 1005 18.41 21.61 2.59
CA LEU B 1005 19.50 22.57 2.75
C LEU B 1005 20.78 21.89 3.23
N ASN B 1006 20.66 20.97 4.18
CA ASN B 1006 21.84 20.33 4.79
C ASN B 1006 22.33 19.23 3.86
N ASN B 1007 22.99 19.64 2.79
CA ASN B 1007 23.62 18.72 1.86
C ASN B 1007 25.13 18.95 1.78
N SER B 1008 25.70 19.47 2.87
CA SER B 1008 27.13 19.76 2.96
C SER B 1008 27.57 20.75 1.88
N TYR B 1009 26.85 21.86 1.79
CA TYR B 1009 27.18 22.92 0.87
C TYR B 1009 27.14 24.26 1.58
N ILE B 1010 28.00 25.17 1.11
CA ILE B 1010 28.12 26.50 1.69
C ILE B 1010 27.37 27.48 0.80
N ARG B 1011 26.39 28.16 1.38
CA ARG B 1011 25.52 29.07 0.64
C ARG B 1011 25.81 30.50 1.05
N ASP B 1012 25.79 31.41 0.08
CA ASP B 1012 25.97 32.83 0.35
C ASP B 1012 24.63 33.43 0.76
N SER B 1013 24.56 34.76 0.83
CA SER B 1013 23.31 35.41 1.22
C SER B 1013 22.19 35.14 0.23
N SER B 1014 22.54 34.85 -1.03
CA SER B 1014 21.56 34.62 -2.08
C SER B 1014 21.05 33.19 -2.13
N GLU B 1015 21.31 32.40 -1.08
CA GLU B 1015 20.84 31.03 -0.96
C GLU B 1015 21.39 30.13 -2.07
N GLU B 1016 22.24 30.66 -2.93
CA GLU B 1016 22.83 29.89 -4.02
C GLU B 1016 24.01 29.08 -3.46
N ARG B 1017 24.84 28.55 -4.36
CA ARG B 1017 26.01 27.80 -3.95
C ARG B 1017 27.24 28.69 -4.03
N LEU B 1018 27.92 28.87 -2.89
CA LEU B 1018 29.20 29.55 -2.90
C LEU B 1018 30.21 28.74 -3.68
N GLU B 1019 31.18 29.43 -4.29
CA GLU B 1019 32.15 28.74 -5.12
C GLU B 1019 33.51 29.39 -4.98
N TYR B 1020 34.55 28.66 -5.36
CA TYR B 1020 35.90 29.18 -5.38
C TYR B 1020 36.12 30.05 -6.61
N ASN B 1021 37.09 30.96 -6.50
CA ASN B 1021 37.46 31.87 -7.58
C ASN B 1021 36.27 32.69 -8.06
N LYS B 1022 35.45 33.15 -7.11
CA LYS B 1022 34.37 34.07 -7.38
C LYS B 1022 34.51 35.28 -6.47
N THR B 1023 34.33 36.48 -7.03
CA THR B 1023 34.50 37.72 -6.28
C THR B 1023 33.25 37.97 -5.45
N TYR B 1024 33.32 37.64 -4.16
CA TYR B 1024 32.23 37.90 -3.24
C TYR B 1024 32.51 39.19 -2.48
N GLN B 1025 31.62 39.51 -1.55
CA GLN B 1025 31.82 40.57 -0.58
C GLN B 1025 31.35 40.06 0.77
N LEU B 1026 32.17 40.27 1.79
CA LEU B 1026 31.92 39.72 3.12
C LEU B 1026 31.01 40.64 3.90
N TYR B 1027 30.10 40.04 4.69
CA TYR B 1027 29.23 40.78 5.59
C TYR B 1027 29.11 39.98 6.87
N ASN B 1028 28.79 40.67 7.95
CA ASN B 1028 28.54 40.00 9.21
C ASN B 1028 27.05 39.76 9.39
N TYR B 1029 26.71 38.74 10.17
CA TYR B 1029 25.30 38.50 10.48
C TYR B 1029 24.71 39.68 11.24
N VAL B 1030 25.46 40.21 12.21
CA VAL B 1030 24.98 41.36 12.98
C VAL B 1030 24.97 42.61 12.12
N PHE B 1031 25.92 42.75 11.20
CA PHE B 1031 26.04 43.96 10.39
C PHE B 1031 25.81 43.66 8.91
N SER B 1032 24.76 42.89 8.60
CA SER B 1032 24.50 42.49 7.22
C SER B 1032 24.35 43.69 6.30
N GLU B 1033 23.88 44.82 6.83
CA GLU B 1033 23.78 46.03 6.03
C GLU B 1033 25.12 46.71 5.82
N ASN B 1034 26.12 46.39 6.64
CA ASN B 1034 27.40 47.08 6.58
C ASN B 1034 28.45 46.17 5.97
N PRO B 1035 28.99 46.51 4.80
CA PRO B 1035 30.01 45.65 4.17
C PRO B 1035 31.37 45.74 4.84
N ILE B 1036 32.38 45.12 4.23
CA ILE B 1036 33.75 45.09 4.76
C ILE B 1036 34.62 45.94 3.84
N TYR B 1037 35.36 46.87 4.44
CA TYR B 1037 36.23 47.79 3.70
C TYR B 1037 37.69 47.51 4.01
N GLU B 1038 38.54 47.79 3.02
CA GLU B 1038 39.99 47.67 3.16
C GLU B 1038 40.59 49.05 3.36
N ILE B 1039 41.52 49.17 4.30
CA ILE B 1039 42.15 50.45 4.61
C ILE B 1039 43.58 50.20 5.07
N LYS B 1040 44.47 51.12 4.72
CA LYS B 1040 45.90 50.99 5.00
C LYS B 1040 46.24 51.61 6.34
N GLN B 1041 46.96 50.87 7.17
CA GLN B 1041 47.44 51.36 8.45
C GLN B 1041 48.66 50.53 8.86
N ASN B 1042 49.62 51.19 9.52
CA ASN B 1042 50.82 50.53 10.05
C ASN B 1042 51.56 49.76 8.96
N ASN B 1043 51.69 50.36 7.78
CA ASN B 1043 52.40 49.78 6.64
C ASN B 1043 51.76 48.49 6.17
N ASN B 1044 50.59 48.16 6.69
CA ASN B 1044 49.83 46.99 6.30
C ASN B 1044 48.44 47.42 5.85
N ILE B 1045 47.62 46.46 5.46
CA ILE B 1045 46.24 46.71 5.06
C ILE B 1045 45.33 45.86 5.93
N TYR B 1046 44.30 46.47 6.50
CA TYR B 1046 43.36 45.79 7.38
C TYR B 1046 41.93 46.01 6.92
N LEU B 1047 41.08 45.05 7.24
CA LEU B 1047 39.68 45.05 6.83
C LEU B 1047 38.80 45.31 8.05
N THR B 1048 37.81 46.18 7.87
CA THR B 1048 36.99 46.61 8.99
C THR B 1048 35.65 47.12 8.47
N ILE B 1049 34.70 47.25 9.40
CA ILE B 1049 33.44 47.88 9.11
C ILE B 1049 33.48 49.32 9.59
N ASN B 1050 32.49 50.11 9.20
CA ASN B 1050 32.35 51.48 9.66
C ASN B 1050 31.04 51.62 10.43
N ASN B 1051 31.12 52.20 11.62
CA ASN B 1051 29.95 52.38 12.47
C ASN B 1051 28.99 53.41 11.89
N LEU B 1057 35.87 54.66 2.32
CA LEU B 1057 36.19 53.28 2.60
C LEU B 1057 35.78 52.36 1.46
N GLN B 1058 36.77 51.89 0.70
CA GLN B 1058 36.52 51.03 -0.45
C GLN B 1058 36.17 49.63 0.05
N VAL B 1059 35.03 49.11 -0.41
CA VAL B 1059 34.55 47.81 0.05
C VAL B 1059 35.49 46.72 -0.46
N SER B 1060 35.91 45.84 0.45
CA SER B 1060 36.84 44.78 0.09
C SER B 1060 36.14 43.71 -0.75
N LYS B 1061 36.90 43.13 -1.67
CA LYS B 1061 36.44 42.02 -2.51
C LYS B 1061 37.07 40.73 -2.00
N PHE B 1062 36.24 39.73 -1.73
CA PHE B 1062 36.68 38.50 -1.11
C PHE B 1062 36.51 37.32 -2.05
N LYS B 1063 37.51 36.44 -2.05
CA LYS B 1063 37.45 35.19 -2.78
C LYS B 1063 37.97 34.07 -1.88
N LEU B 1064 37.56 32.85 -2.16
CA LEU B 1064 38.04 31.68 -1.45
C LEU B 1064 38.89 30.83 -2.39
N LEU B 1065 39.99 30.29 -1.87
CA LEU B 1065 40.90 29.47 -2.65
C LEU B 1065 41.07 28.13 -1.98
N SER B 1066 41.08 27.07 -2.80
CA SER B 1066 41.33 25.71 -2.34
C SER B 1066 42.69 25.23 -2.84
N ILE B 1067 43.19 24.18 -2.20
CA ILE B 1067 44.48 23.63 -2.60
C ILE B 1067 44.38 22.95 -3.96
N ASN B 1068 43.28 22.23 -4.21
CA ASN B 1068 43.15 21.50 -5.47
C ASN B 1068 42.46 22.37 -6.52
N PRO B 1069 43.03 22.52 -7.70
CA PRO B 1069 42.39 23.29 -8.77
C PRO B 1069 41.23 22.59 -9.45
N ASN B 1070 40.79 21.44 -8.95
CA ASN B 1070 39.65 20.72 -9.51
C ASN B 1070 38.38 20.94 -8.72
N LYS B 1071 38.39 21.84 -7.73
CA LYS B 1071 37.24 22.09 -6.89
C LYS B 1071 36.59 23.41 -7.30
N GLN B 1072 35.27 23.40 -7.45
CA GLN B 1072 34.53 24.57 -7.90
C GLN B 1072 33.70 25.18 -6.79
N TYR B 1073 32.81 24.41 -6.18
CA TYR B 1073 32.00 24.91 -5.08
C TYR B 1073 32.69 24.62 -3.75
N VAL B 1074 32.24 25.31 -2.71
CA VAL B 1074 32.83 25.20 -1.38
C VAL B 1074 31.90 24.37 -0.51
N GLN B 1075 32.37 23.21 -0.08
CA GLN B 1075 31.57 22.33 0.76
C GLN B 1075 31.85 22.60 2.23
N LYS B 1076 30.93 22.16 3.07
CA LYS B 1076 31.07 22.34 4.50
C LYS B 1076 32.27 21.55 5.02
N LEU B 1077 32.94 22.10 6.04
CA LEU B 1077 34.06 21.46 6.69
C LEU B 1077 35.20 21.20 5.69
N ASP B 1078 35.76 22.31 5.21
CA ASP B 1078 36.89 22.21 4.30
C ASP B 1078 37.81 23.41 4.50
N GLU B 1079 39.05 23.26 4.02
CA GLU B 1079 40.06 24.29 4.16
C GLU B 1079 39.89 25.36 3.09
N VAL B 1080 40.13 26.61 3.48
CA VAL B 1080 40.00 27.76 2.60
C VAL B 1080 41.14 28.72 2.85
N ILE B 1081 41.57 29.41 1.80
CA ILE B 1081 42.51 30.52 1.87
C ILE B 1081 41.76 31.75 1.37
N ILE B 1082 41.58 32.74 2.23
CA ILE B 1082 40.84 33.93 1.85
C ILE B 1082 41.77 34.87 1.07
N SER B 1083 41.25 35.40 -0.03
CA SER B 1083 42.02 36.24 -0.93
C SER B 1083 41.30 37.55 -1.18
N VAL B 1084 42.08 38.62 -1.31
CA VAL B 1084 41.57 39.96 -1.59
C VAL B 1084 42.20 40.44 -2.88
N LEU B 1085 41.37 40.95 -3.79
CA LEU B 1085 41.83 41.40 -5.10
C LEU B 1085 42.30 42.85 -5.01
N ASP B 1086 43.60 43.03 -4.88
CA ASP B 1086 44.25 44.32 -4.94
C ASP B 1086 44.85 44.49 -6.33
N ASN B 1087 45.67 45.53 -6.51
CA ASN B 1087 46.41 45.67 -7.77
C ASN B 1087 47.20 44.41 -8.08
N MET B 1088 47.75 43.77 -7.05
CA MET B 1088 48.23 42.40 -7.13
C MET B 1088 47.54 41.61 -6.04
N GLU B 1089 47.13 40.39 -6.39
CA GLU B 1089 46.29 39.59 -5.49
C GLU B 1089 47.04 39.29 -4.19
N LYS B 1090 46.31 39.39 -3.08
CA LYS B 1090 46.87 39.18 -1.75
C LYS B 1090 46.00 38.16 -1.00
N TYR B 1091 46.61 37.53 0.00
CA TYR B 1091 45.96 36.51 0.80
C TYR B 1091 45.84 36.97 2.24
N ILE B 1092 45.15 36.17 3.05
CA ILE B 1092 44.88 36.51 4.43
C ILE B 1092 45.84 35.75 5.34
N ASP B 1093 46.01 36.28 6.56
CA ASP B 1093 46.81 35.62 7.57
C ASP B 1093 46.35 36.12 8.93
N ILE B 1094 46.70 35.37 9.97
CA ILE B 1094 46.41 35.77 11.34
C ILE B 1094 47.72 36.18 12.00
N SER B 1095 47.78 37.40 12.51
CA SER B 1095 48.98 37.93 13.13
C SER B 1095 49.09 37.45 14.58
N GLU B 1096 50.10 37.97 15.28
CA GLU B 1096 50.30 37.60 16.68
C GLU B 1096 49.13 38.03 17.55
N ASP B 1097 48.60 39.23 17.30
CA ASP B 1097 47.47 39.74 18.06
C ASP B 1097 46.14 39.19 17.55
N ASN B 1098 46.16 38.13 16.75
CA ASN B 1098 44.99 37.48 16.18
C ASN B 1098 44.21 38.39 15.23
N ARG B 1099 44.75 39.55 14.89
CA ARG B 1099 44.12 40.38 13.87
C ARG B 1099 44.30 39.76 12.49
N LEU B 1100 43.39 40.12 11.59
CA LEU B 1100 43.39 39.57 10.24
C LEU B 1100 44.24 40.49 9.36
N GLN B 1101 45.45 40.02 9.04
CA GLN B 1101 46.39 40.79 8.25
C GLN B 1101 46.36 40.33 6.79
N LEU B 1102 46.74 41.24 5.90
CA LEU B 1102 46.80 40.98 4.48
C LEU B 1102 48.25 40.81 4.08
N ILE B 1103 48.57 39.67 3.47
CA ILE B 1103 49.94 39.34 3.11
C ILE B 1103 50.01 39.08 1.62
N ASP B 1104 51.24 39.07 1.09
CA ASP B 1104 51.48 38.81 -0.31
C ASP B 1104 52.10 37.45 -0.58
N ASN B 1105 52.69 36.82 0.43
CA ASN B 1105 53.32 35.52 0.25
C ASN B 1105 52.27 34.47 -0.08
N LYS B 1106 52.58 33.63 -1.07
CA LYS B 1106 51.62 32.63 -1.53
C LYS B 1106 51.50 31.48 -0.52
N ASN B 1107 52.63 31.03 0.04
CA ASN B 1107 52.63 29.88 0.91
C ASN B 1107 52.56 30.22 2.39
N ASN B 1108 52.82 31.48 2.76
CA ASN B 1108 52.75 31.85 4.18
C ASN B 1108 51.31 31.87 4.68
N ALA B 1109 50.35 32.14 3.81
CA ALA B 1109 48.94 32.13 4.20
C ALA B 1109 48.54 30.74 4.66
N LYS B 1110 47.86 30.67 5.80
CA LYS B 1110 47.44 29.40 6.37
C LYS B 1110 45.96 29.15 6.08
N LYS B 1111 45.56 27.88 6.24
CA LYS B 1111 44.27 27.41 5.79
C LYS B 1111 43.27 27.44 6.94
N MET B 1112 42.19 28.17 6.76
CA MET B 1112 41.09 28.18 7.72
C MET B 1112 40.10 27.08 7.36
N ILE B 1113 39.13 26.87 8.25
CA ILE B 1113 38.11 25.84 8.08
C ILE B 1113 36.75 26.51 8.00
N ILE B 1114 35.93 26.10 7.03
CA ILE B 1114 34.59 26.64 6.85
C ILE B 1114 33.58 25.67 7.42
N SER B 1115 32.66 26.18 8.24
CA SER B 1115 31.57 25.38 8.78
C SER B 1115 30.34 26.26 8.85
N ASN B 1116 29.27 25.74 9.45
CA ASN B 1116 28.06 26.50 9.72
C ASN B 1116 27.18 25.64 10.62
N ASP B 1117 25.95 26.10 10.84
CA ASP B 1117 24.95 25.36 11.60
C ASP B 1117 23.82 24.94 10.67
N ILE B 1118 23.37 23.70 10.80
CA ILE B 1118 22.28 23.22 9.96
C ILE B 1118 20.97 23.95 10.27
N PHE B 1119 20.86 24.55 11.46
CA PHE B 1119 19.66 25.30 11.80
C PHE B 1119 19.56 26.60 11.01
N ILE B 1120 20.69 27.07 10.45
CA ILE B 1120 20.73 28.32 9.70
C ILE B 1120 21.06 27.99 8.25
N SER B 1121 20.35 28.63 7.33
CA SER B 1121 20.49 28.31 5.91
C SER B 1121 21.88 28.62 5.40
N ASN B 1122 22.37 29.85 5.63
CA ASN B 1122 23.60 30.28 4.95
C ASN B 1122 24.50 31.16 5.81
N CYS B 1123 24.38 31.13 7.13
CA CYS B 1123 25.27 31.91 8.00
C CYS B 1123 26.48 31.04 8.34
N LEU B 1124 27.49 31.10 7.48
CA LEU B 1124 28.69 30.29 7.65
C LEU B 1124 29.63 30.92 8.69
N THR B 1125 30.57 30.10 9.15
CA THR B 1125 31.55 30.50 10.16
C THR B 1125 32.93 30.04 9.72
N LEU B 1126 33.91 30.93 9.90
CA LEU B 1126 35.30 30.66 9.56
C LEU B 1126 36.08 30.44 10.84
N SER B 1127 36.89 29.39 10.89
CA SER B 1127 37.63 29.03 12.09
C SER B 1127 39.07 28.72 11.73
N TYR B 1128 39.92 28.69 12.75
CA TYR B 1128 41.32 28.30 12.56
C TYR B 1128 41.85 27.76 13.88
N ASN B 1129 42.27 26.49 13.88
CA ASN B 1129 42.87 25.84 15.05
C ASN B 1129 41.94 25.93 16.26
N GLY B 1130 40.65 25.73 16.03
CA GLY B 1130 39.67 25.74 17.10
C GLY B 1130 39.22 27.11 17.54
N LYS B 1131 39.73 28.18 16.93
CA LYS B 1131 39.35 29.53 17.28
C LYS B 1131 38.84 30.23 16.03
N TYR B 1132 37.63 30.78 16.12
CA TYR B 1132 36.93 31.29 14.95
C TYR B 1132 37.45 32.69 14.60
N ILE B 1133 36.74 33.39 13.73
CA ILE B 1133 36.98 34.78 13.41
C ILE B 1133 35.75 35.58 13.83
N CYS B 1134 35.96 36.60 14.66
CA CYS B 1134 34.85 37.37 15.21
C CYS B 1134 35.17 38.85 15.12
N LEU B 1135 34.12 39.66 15.18
CA LEU B 1135 34.27 41.11 15.15
C LEU B 1135 34.96 41.59 16.42
N SER B 1136 35.85 42.56 16.26
CA SER B 1136 36.62 43.08 17.38
C SER B 1136 35.84 44.19 18.09
N MET B 1137 36.39 44.68 19.19
CA MET B 1137 35.79 45.79 19.91
C MET B 1137 35.96 47.08 19.12
N LYS B 1138 35.15 48.08 19.47
CA LYS B 1138 35.26 49.38 18.83
C LYS B 1138 36.63 50.01 19.13
N ASP B 1139 37.24 50.57 18.10
CA ASP B 1139 38.55 51.19 18.25
C ASP B 1139 38.83 52.16 17.10
N ASN B 1143 36.63 48.89 13.56
CA ASN B 1143 36.21 47.58 14.03
C ASN B 1143 36.67 46.47 13.07
N TRP B 1144 37.85 45.92 13.35
CA TRP B 1144 38.42 44.86 12.54
C TRP B 1144 37.92 43.51 13.06
N MET B 1145 38.53 42.43 12.58
CA MET B 1145 38.17 41.08 12.99
C MET B 1145 39.30 40.48 13.80
N ILE B 1146 38.95 39.72 14.83
CA ILE B 1146 39.92 39.09 15.71
C ILE B 1146 39.61 37.61 15.85
N CYS B 1147 40.65 36.83 16.13
CA CYS B 1147 40.52 35.38 16.31
C CYS B 1147 40.48 35.10 17.81
N ASN B 1148 39.32 35.38 18.41
CA ASN B 1148 39.13 35.20 19.84
C ASN B 1148 37.77 34.57 20.10
N ASN B 1149 37.66 33.88 21.23
CA ASN B 1149 36.46 33.15 21.61
C ASN B 1149 35.99 33.54 23.00
N ASP B 1150 36.16 34.80 23.37
CA ASP B 1150 35.70 35.33 24.65
C ASP B 1150 34.63 36.39 24.45
N MET B 1151 33.72 36.15 23.51
CA MET B 1151 32.65 37.08 23.21
C MET B 1151 31.40 36.28 22.86
N SER B 1152 30.40 36.97 22.33
CA SER B 1152 29.13 36.34 22.02
C SER B 1152 29.23 35.50 20.75
N LYS B 1153 28.30 34.56 20.62
CA LYS B 1153 28.30 33.66 19.46
C LYS B 1153 27.95 34.38 18.18
N TYR B 1154 27.16 35.45 18.26
CA TYR B 1154 26.75 36.16 17.05
C TYR B 1154 27.94 36.75 16.31
N LEU B 1155 29.04 37.00 17.01
CA LEU B 1155 30.20 37.63 16.37
C LEU B 1155 30.92 36.68 15.42
N TYR B 1156 30.82 35.37 15.63
CA TYR B 1156 31.50 34.44 14.73
C TYR B 1156 30.77 34.29 13.41
N LEU B 1157 29.48 34.61 13.37
CA LEU B 1157 28.68 34.39 12.17
C LEU B 1157 29.08 35.35 11.06
N TRP B 1158 29.02 34.88 9.82
CA TRP B 1158 29.38 35.67 8.65
C TRP B 1158 28.42 35.32 7.51
N SER B 1159 28.60 36.03 6.39
CA SER B 1159 27.84 35.77 5.18
C SER B 1159 28.60 36.38 4.01
N PHE B 1160 28.28 35.92 2.81
CA PHE B 1160 28.90 36.39 1.59
C PHE B 1160 27.82 36.85 0.62
N LYS B 1161 28.19 37.75 -0.27
CA LYS B 1161 27.27 38.19 -1.31
C LYS B 1161 27.99 38.54 -2.60
N GLY C 168 -40.11 -43.70 -54.25
CA GLY C 168 -41.50 -43.93 -53.93
C GLY C 168 -41.89 -45.40 -54.02
N ASP C 169 -41.24 -46.12 -54.93
CA ASP C 169 -41.50 -47.55 -55.12
C ASP C 169 -40.16 -48.25 -55.28
N LEU C 170 -40.20 -49.52 -55.66
CA LEU C 170 -38.99 -50.31 -55.85
C LEU C 170 -38.32 -49.92 -57.15
N SER C 171 -37.02 -49.63 -57.09
CA SER C 171 -36.23 -49.21 -58.24
C SER C 171 -34.95 -50.04 -58.32
N LEU C 172 -34.59 -50.43 -59.53
CA LEU C 172 -33.40 -51.24 -59.77
C LEU C 172 -32.21 -50.42 -60.25
N LEU C 173 -32.37 -49.11 -60.40
CA LEU C 173 -31.30 -48.18 -60.79
C LEU C 173 -30.41 -48.73 -61.91
N GLY C 174 -31.05 -49.24 -62.95
CA GLY C 174 -30.35 -49.67 -64.14
C GLY C 174 -30.26 -51.17 -64.33
N TRP C 175 -30.62 -51.97 -63.33
CA TRP C 175 -30.56 -53.42 -63.43
C TRP C 175 -31.92 -53.98 -63.81
N ASN C 176 -31.93 -55.26 -64.20
CA ASN C 176 -33.12 -55.93 -64.68
C ASN C 176 -33.62 -57.02 -63.74
N THR C 177 -32.77 -57.98 -63.38
CA THR C 177 -33.15 -59.08 -62.51
C THR C 177 -32.51 -58.89 -61.13
N GLU C 178 -33.21 -59.39 -60.12
CA GLU C 178 -32.71 -59.25 -58.76
C GLU C 178 -33.14 -60.46 -57.93
N ASN C 179 -32.23 -60.96 -57.11
CA ASN C 179 -32.55 -62.03 -56.16
C ASN C 179 -32.17 -61.56 -54.77
N SER C 180 -33.13 -61.56 -53.85
CA SER C 180 -32.93 -60.97 -52.53
C SER C 180 -33.20 -62.01 -51.45
N VAL C 181 -32.44 -61.94 -50.36
CA VAL C 181 -32.60 -62.81 -49.20
C VAL C 181 -32.49 -61.97 -47.94
N SER C 182 -32.87 -62.57 -46.82
CA SER C 182 -32.77 -61.92 -45.52
C SER C 182 -31.41 -62.21 -44.88
N PHE C 183 -31.08 -61.42 -43.86
CA PHE C 183 -29.83 -61.64 -43.14
C PHE C 183 -29.83 -62.98 -42.40
N ARG C 184 -30.98 -63.36 -41.83
CA ARG C 184 -31.06 -64.62 -41.11
C ARG C 184 -30.84 -65.80 -42.05
N THR C 185 -31.39 -65.74 -43.26
CA THR C 185 -31.21 -66.82 -44.22
C THR C 185 -29.74 -66.98 -44.61
N MET C 186 -29.06 -65.86 -44.86
CA MET C 186 -27.63 -65.93 -45.17
C MET C 186 -26.83 -66.43 -43.99
N ASN C 187 -27.21 -66.01 -42.77
CA ASN C 187 -26.52 -66.49 -41.58
C ASN C 187 -26.67 -68.00 -41.42
N GLU C 188 -27.87 -68.52 -41.71
CA GLU C 188 -28.07 -69.96 -41.67
C GLU C 188 -27.28 -70.68 -42.76
N PHE C 189 -27.16 -70.05 -43.93
CA PHE C 189 -26.30 -70.59 -44.98
C PHE C 189 -24.87 -70.71 -44.49
N ILE C 190 -24.36 -69.67 -43.82
CA ILE C 190 -22.99 -69.72 -43.30
C ILE C 190 -22.89 -70.80 -42.22
N LYS C 191 -23.90 -70.92 -41.37
CA LYS C 191 -23.89 -71.90 -40.30
C LYS C 191 -23.82 -73.32 -40.84
N LYS C 192 -24.61 -73.61 -41.88
CA LYS C 192 -24.58 -74.94 -42.47
C LYS C 192 -23.28 -75.18 -43.23
N ASP C 193 -22.84 -74.20 -44.01
CA ASP C 193 -21.62 -74.37 -44.80
C ASP C 193 -20.40 -74.57 -43.91
N ASN C 194 -20.32 -73.83 -42.80
CA ASN C 194 -19.26 -73.98 -41.82
C ASN C 194 -17.88 -73.80 -42.46
N LEU C 195 -17.76 -72.80 -43.32
CA LEU C 195 -16.51 -72.49 -44.01
C LEU C 195 -15.90 -71.20 -43.49
N TYR C 196 -15.99 -70.98 -42.18
CA TYR C 196 -15.45 -69.79 -41.54
C TYR C 196 -14.40 -70.20 -40.50
N PRO C 197 -13.39 -69.36 -40.27
CA PRO C 197 -12.35 -69.72 -39.30
C PRO C 197 -12.91 -69.81 -37.89
N LYS C 198 -12.33 -70.71 -37.09
CA LYS C 198 -12.71 -70.88 -35.69
C LYS C 198 -11.60 -70.41 -34.75
N ASP C 199 -10.40 -70.95 -34.92
CA ASP C 199 -9.28 -70.56 -34.07
C ASP C 199 -8.59 -69.33 -34.63
N PHE C 200 -8.23 -68.41 -33.74
CA PHE C 200 -7.57 -67.17 -34.13
C PHE C 200 -6.42 -66.90 -33.18
N LYS C 201 -5.35 -66.30 -33.72
CA LYS C 201 -4.20 -65.87 -32.93
C LYS C 201 -3.73 -64.53 -33.49
N ALA C 202 -4.30 -63.44 -32.96
CA ALA C 202 -3.95 -62.09 -33.38
C ALA C 202 -2.70 -61.64 -32.63
N VAL C 203 -1.74 -61.08 -33.36
CA VAL C 203 -0.50 -60.59 -32.76
C VAL C 203 -0.23 -59.18 -33.28
N TYR C 204 0.15 -58.28 -32.38
CA TYR C 204 0.54 -56.93 -32.72
C TYR C 204 1.86 -56.62 -32.03
N SER C 205 2.82 -56.08 -32.78
CA SER C 205 4.13 -55.75 -32.24
C SER C 205 4.49 -54.36 -32.72
N TYR C 206 4.72 -53.44 -31.77
CA TYR C 206 5.01 -52.06 -32.13
C TYR C 206 5.52 -51.33 -30.89
N ARG C 207 6.50 -50.45 -31.11
CA ARG C 207 7.05 -49.60 -30.05
C ARG C 207 7.49 -50.43 -28.85
N LYS C 208 8.22 -51.52 -29.13
CA LYS C 208 8.74 -52.43 -28.11
C LYS C 208 7.64 -53.03 -27.25
N MET C 209 6.42 -53.10 -27.77
CA MET C 209 5.28 -53.63 -27.03
C MET C 209 4.60 -54.70 -27.87
N THR C 210 4.24 -55.81 -27.22
CA THR C 210 3.65 -56.96 -27.89
C THR C 210 2.29 -57.27 -27.28
N PHE C 211 1.29 -57.46 -28.13
CA PHE C 211 -0.07 -57.78 -27.72
C PHE C 211 -0.53 -59.02 -28.46
N THR C 212 -1.16 -59.93 -27.73
CA THR C 212 -1.60 -61.20 -28.29
C THR C 212 -3.05 -61.46 -27.89
N ALA C 213 -3.82 -62.02 -28.82
CA ALA C 213 -5.21 -62.42 -28.59
C ALA C 213 -5.38 -63.80 -29.22
N THR C 214 -5.25 -64.85 -28.41
CA THR C 214 -5.30 -66.22 -28.91
C THR C 214 -6.52 -66.91 -28.35
N GLY C 215 -7.35 -67.46 -29.23
CA GLY C 215 -8.57 -68.10 -28.77
C GLY C 215 -9.33 -68.74 -29.91
N THR C 216 -10.62 -68.97 -29.65
CA THR C 216 -11.50 -69.61 -30.63
C THR C 216 -12.73 -68.74 -30.86
N PHE C 217 -13.02 -68.46 -32.12
CA PHE C 217 -14.21 -67.71 -32.49
C PHE C 217 -15.44 -68.60 -32.47
N ASP C 218 -16.61 -67.97 -32.31
CA ASP C 218 -17.89 -68.65 -32.41
C ASP C 218 -18.41 -68.53 -33.84
N SER C 219 -19.67 -68.91 -34.06
CA SER C 219 -20.26 -68.82 -35.38
C SER C 219 -20.54 -67.36 -35.74
N TRP C 220 -20.07 -66.94 -36.90
CA TRP C 220 -20.28 -65.57 -37.35
C TRP C 220 -21.74 -65.32 -37.68
N GLU C 221 -22.17 -64.06 -37.50
CA GLU C 221 -23.53 -63.65 -37.83
C GLU C 221 -23.46 -62.36 -38.63
N MET C 222 -24.15 -62.33 -39.77
CA MET C 222 -24.25 -61.13 -40.59
C MET C 222 -25.43 -60.32 -40.10
N THR C 223 -25.17 -59.23 -39.42
CA THR C 223 -26.19 -58.43 -38.76
C THR C 223 -26.31 -57.06 -39.41
N THR C 224 -27.17 -56.21 -38.85
CA THR C 224 -27.44 -54.90 -39.40
C THR C 224 -26.21 -53.99 -39.31
N GLY C 225 -25.99 -53.20 -40.35
CA GLY C 225 -24.88 -52.28 -40.40
C GLY C 225 -24.28 -52.19 -41.78
N ALA C 226 -24.71 -53.09 -42.67
CA ALA C 226 -24.18 -53.18 -44.02
C ALA C 226 -25.11 -52.46 -44.99
N ASP C 227 -24.53 -51.61 -45.82
CA ASP C 227 -25.28 -50.86 -46.82
C ASP C 227 -24.47 -50.76 -48.10
N GLY C 228 -25.12 -51.02 -49.24
CA GLY C 228 -24.43 -50.95 -50.51
C GLY C 228 -23.29 -51.95 -50.58
N ARG C 229 -22.11 -51.46 -50.93
CA ARG C 229 -20.93 -52.32 -51.02
C ARG C 229 -20.54 -52.88 -49.65
N ASN C 230 -20.72 -52.09 -48.60
CA ASN C 230 -20.31 -52.52 -47.26
C ASN C 230 -21.05 -53.77 -46.85
N ILE C 231 -20.30 -54.73 -46.29
CA ILE C 231 -20.87 -55.94 -45.71
C ILE C 231 -20.35 -56.04 -44.28
N ARG C 232 -21.27 -56.22 -43.33
CA ARG C 232 -20.92 -56.23 -41.91
C ARG C 232 -21.21 -57.59 -41.32
N PHE C 233 -20.24 -58.15 -40.60
CA PHE C 233 -20.37 -59.45 -39.97
C PHE C 233 -20.06 -59.34 -38.49
N LYS C 234 -20.88 -59.98 -37.67
CA LYS C 234 -20.63 -60.07 -36.24
C LYS C 234 -19.88 -61.36 -35.94
N CYS C 235 -18.75 -61.24 -35.26
CA CYS C 235 -17.89 -62.36 -34.90
C CYS C 235 -17.82 -62.43 -33.39
N PRO C 236 -18.64 -63.28 -32.77
CA PRO C 236 -18.52 -63.51 -31.33
C PRO C 236 -17.30 -64.34 -31.01
N ILE C 237 -16.82 -64.21 -29.76
CA ILE C 237 -15.63 -64.90 -29.30
C ILE C 237 -16.06 -65.94 -28.28
N LYS C 238 -15.75 -67.21 -28.55
CA LYS C 238 -16.06 -68.27 -27.59
C LYS C 238 -15.21 -68.14 -26.34
N TYR C 239 -13.89 -67.99 -26.51
CA TYR C 239 -12.96 -67.82 -25.40
C TYR C 239 -11.62 -67.39 -25.97
N ALA C 240 -11.00 -66.39 -25.35
CA ALA C 240 -9.73 -65.85 -25.81
C ALA C 240 -8.86 -65.50 -24.61
N VAL C 241 -7.55 -65.49 -24.87
CA VAL C 241 -6.54 -65.11 -23.90
C VAL C 241 -5.79 -63.92 -24.46
N TYR C 242 -5.69 -62.85 -23.66
CA TYR C 242 -5.05 -61.61 -24.04
C TYR C 242 -3.75 -61.45 -23.28
N ASP C 243 -2.67 -61.21 -24.02
CA ASP C 243 -1.34 -60.99 -23.48
C ASP C 243 -0.92 -59.58 -23.86
N LEU C 244 -1.08 -58.64 -22.93
CA LEU C 244 -0.69 -57.25 -23.13
C LEU C 244 0.64 -57.04 -22.43
N ASP C 245 1.73 -57.32 -23.15
CA ASP C 245 3.09 -57.22 -22.64
C ASP C 245 3.22 -57.98 -21.32
N GLY C 246 2.67 -59.19 -21.28
CA GLY C 246 2.68 -60.02 -20.11
C GLY C 246 1.43 -59.96 -19.26
N ASP C 247 0.54 -59.00 -19.51
CA ASP C 247 -0.72 -58.93 -18.78
C ASP C 247 -1.67 -59.96 -19.38
N VAL C 248 -1.99 -61.00 -18.61
CA VAL C 248 -2.84 -62.09 -19.08
C VAL C 248 -4.27 -61.85 -18.63
N PHE C 249 -5.19 -61.81 -19.58
CA PHE C 249 -6.60 -61.57 -19.31
C PHE C 249 -7.47 -62.58 -20.03
N ASN C 250 -8.57 -62.97 -19.40
CA ASN C 250 -9.53 -63.90 -19.99
C ASN C 250 -10.78 -63.12 -20.39
N SER C 251 -11.11 -63.18 -21.68
CA SER C 251 -12.25 -62.44 -22.20
C SER C 251 -13.55 -63.06 -21.73
N SER C 252 -14.59 -62.22 -21.67
CA SER C 252 -15.92 -62.69 -21.32
C SER C 252 -16.59 -63.34 -22.51
N THR C 253 -17.64 -64.10 -22.24
CA THR C 253 -18.35 -64.82 -23.29
C THR C 253 -19.23 -63.92 -24.14
N GLU C 254 -19.44 -62.66 -23.74
CA GLU C 254 -20.26 -61.72 -24.48
C GLU C 254 -19.45 -60.86 -25.44
N ASN C 255 -18.14 -61.07 -25.51
CA ASN C 255 -17.27 -60.25 -26.33
C ASN C 255 -17.39 -60.64 -27.80
N PHE C 256 -17.26 -59.63 -28.67
CA PHE C 256 -17.42 -59.86 -30.10
C PHE C 256 -16.79 -58.71 -30.86
N LEU C 257 -16.81 -58.80 -32.19
CA LEU C 257 -16.36 -57.73 -33.06
C LEU C 257 -17.29 -57.62 -34.26
N LEU C 258 -17.24 -56.47 -34.94
CA LEU C 258 -18.04 -56.22 -36.14
C LEU C 258 -17.08 -55.91 -37.28
N ILE C 259 -16.81 -56.92 -38.10
CA ILE C 259 -15.87 -56.75 -39.21
C ILE C 259 -16.60 -56.25 -40.44
N GLN C 260 -15.90 -55.48 -41.26
CA GLN C 260 -16.40 -54.96 -42.51
C GLN C 260 -15.64 -55.56 -43.66
N VAL C 261 -16.36 -56.21 -44.59
CA VAL C 261 -15.79 -56.86 -45.76
C VAL C 261 -16.60 -56.44 -46.98
N ASP C 262 -16.09 -56.80 -48.15
CA ASP C 262 -16.75 -56.56 -49.42
C ASP C 262 -16.84 -57.86 -50.20
N LEU C 263 -17.78 -57.90 -51.14
CA LEU C 263 -18.07 -59.10 -51.91
C LEU C 263 -17.80 -58.85 -53.39
N THR C 264 -17.12 -59.80 -54.04
CA THR C 264 -16.84 -59.75 -55.46
C THR C 264 -17.07 -61.14 -56.04
N TYR C 265 -17.65 -61.21 -57.23
CA TYR C 265 -17.96 -62.48 -57.88
C TYR C 265 -16.70 -62.98 -58.58
N PHE C 266 -15.84 -63.63 -57.81
CA PHE C 266 -14.62 -64.20 -58.35
C PHE C 266 -14.94 -65.38 -59.25
N ASP C 267 -14.23 -65.47 -60.38
CA ASP C 267 -14.39 -66.63 -61.24
C ASP C 267 -13.79 -67.87 -60.57
N SER C 268 -14.47 -68.99 -60.71
CA SER C 268 -14.03 -70.22 -60.06
C SER C 268 -14.39 -71.41 -60.94
N LYS C 269 -13.76 -72.55 -60.64
CA LYS C 269 -14.05 -73.77 -61.39
C LYS C 269 -15.50 -74.18 -61.20
N THR C 270 -16.12 -74.64 -62.28
CA THR C 270 -17.55 -74.94 -62.26
C THR C 270 -17.82 -76.15 -61.36
N THR C 271 -18.77 -75.99 -60.43
CA THR C 271 -19.21 -77.06 -59.56
C THR C 271 -20.73 -77.18 -59.46
N ILE C 272 -21.48 -76.13 -59.79
CA ILE C 272 -22.93 -76.15 -59.71
C ILE C 272 -23.50 -76.71 -61.00
N ASN C 273 -24.73 -77.22 -60.92
CA ASN C 273 -25.44 -77.77 -62.06
C ASN C 273 -26.77 -77.06 -62.24
N ASP C 274 -27.09 -76.73 -63.49
CA ASP C 274 -28.35 -76.10 -63.82
C ASP C 274 -29.17 -77.04 -64.70
N PRO C 275 -30.13 -77.77 -64.14
CA PRO C 275 -30.98 -78.63 -64.98
C PRO C 275 -31.82 -77.85 -65.97
N THR C 276 -32.06 -76.56 -65.72
CA THR C 276 -32.85 -75.73 -66.62
C THR C 276 -31.98 -74.96 -67.62
N GLY C 277 -30.67 -75.20 -67.64
CA GLY C 277 -29.79 -74.54 -68.57
C GLY C 277 -28.85 -75.55 -69.23
N GLU C 278 -28.15 -75.06 -70.25
CA GLU C 278 -27.23 -75.90 -71.01
C GLU C 278 -25.87 -76.05 -70.34
N ASN C 279 -25.62 -75.35 -69.24
CA ASN C 279 -24.36 -75.45 -68.49
C ASN C 279 -23.16 -75.14 -69.37
N ASP C 280 -23.31 -74.18 -70.27
CA ASP C 280 -22.21 -73.75 -71.13
C ASP C 280 -21.62 -72.42 -70.73
N GLY C 281 -22.07 -71.85 -69.60
CA GLY C 281 -21.54 -70.59 -69.11
C GLY C 281 -20.32 -70.79 -68.24
N LYS C 282 -20.05 -69.78 -67.41
CA LYS C 282 -18.93 -69.82 -66.47
C LYS C 282 -19.44 -69.62 -65.06
N GLN C 283 -18.87 -70.36 -64.11
CA GLN C 283 -19.30 -70.28 -62.72
C GLN C 283 -18.55 -69.15 -62.01
N PHE C 284 -19.30 -68.23 -61.43
CA PHE C 284 -18.76 -67.16 -60.62
C PHE C 284 -19.27 -67.31 -59.20
N ASN C 285 -18.36 -67.33 -58.24
CA ASN C 285 -18.68 -67.51 -56.83
C ASN C 285 -18.38 -66.22 -56.09
N LEU C 286 -19.29 -65.81 -55.22
CA LEU C 286 -19.12 -64.58 -54.46
C LEU C 286 -18.13 -64.84 -53.33
N LYS C 287 -17.07 -64.04 -53.27
CA LYS C 287 -16.01 -64.19 -52.28
C LYS C 287 -15.53 -62.82 -51.84
N ILE C 288 -14.85 -62.78 -50.71
CA ILE C 288 -14.30 -61.52 -50.20
C ILE C 288 -13.08 -61.14 -51.03
N LYS C 289 -13.01 -59.87 -51.41
CA LYS C 289 -11.90 -59.38 -52.21
C LYS C 289 -10.61 -59.36 -51.39
N THR C 290 -9.50 -59.22 -52.10
CA THR C 290 -8.18 -59.17 -51.47
C THR C 290 -7.78 -57.72 -51.18
N ASN C 297 -7.73 -54.09 -46.22
CA ASN C 297 -8.64 -55.15 -46.66
C ASN C 297 -9.89 -55.18 -45.79
N VAL C 298 -9.83 -55.96 -44.71
CA VAL C 298 -10.96 -56.13 -43.80
C VAL C 298 -10.76 -55.20 -42.61
N LEU C 299 -11.76 -54.36 -42.34
CA LEU C 299 -11.70 -53.41 -41.24
C LEU C 299 -12.80 -53.71 -40.24
N ILE C 300 -12.53 -53.38 -38.98
CA ILE C 300 -13.46 -53.62 -37.88
C ILE C 300 -14.03 -52.28 -37.45
N VAL C 301 -15.35 -52.21 -37.34
CA VAL C 301 -16.03 -50.96 -37.03
C VAL C 301 -16.25 -50.80 -35.53
N THR C 302 -16.88 -51.78 -34.89
CA THR C 302 -17.19 -51.69 -33.46
C THR C 302 -16.97 -53.04 -32.81
N TYR C 303 -16.35 -53.03 -31.64
CA TYR C 303 -15.99 -54.25 -30.94
C TYR C 303 -16.43 -54.15 -29.48
N ASN C 304 -16.37 -55.28 -28.79
CA ASN C 304 -16.63 -55.33 -27.35
C ASN C 304 -15.71 -56.39 -26.78
N LEU C 305 -14.69 -55.96 -26.03
CA LEU C 305 -13.68 -56.85 -25.44
C LEU C 305 -13.56 -56.50 -23.96
N THR C 306 -14.10 -57.36 -23.10
CA THR C 306 -14.06 -57.15 -21.66
C THR C 306 -13.62 -58.44 -20.98
N ASP C 307 -12.94 -58.29 -19.85
CA ASP C 307 -12.52 -59.43 -19.06
C ASP C 307 -13.67 -59.87 -18.14
N THR C 308 -13.40 -60.88 -17.32
CA THR C 308 -14.40 -61.39 -16.40
C THR C 308 -14.55 -60.53 -15.15
N ASP C 309 -13.68 -59.55 -14.94
CA ASP C 309 -13.72 -58.69 -13.77
C ASP C 309 -13.88 -57.22 -14.11
N GLY C 310 -13.99 -56.87 -15.39
CA GLY C 310 -14.09 -55.47 -15.78
C GLY C 310 -12.84 -54.66 -15.47
N SER C 311 -11.67 -55.26 -15.66
CA SER C 311 -10.40 -54.62 -15.37
C SER C 311 -9.69 -54.09 -16.61
N MET C 312 -10.31 -54.21 -17.79
CA MET C 312 -9.69 -53.73 -19.01
C MET C 312 -9.81 -52.21 -19.10
N SER C 313 -8.93 -51.63 -19.91
CA SER C 313 -8.92 -50.19 -20.16
C SER C 313 -9.27 -49.94 -21.63
N SER C 314 -9.71 -48.71 -21.91
CA SER C 314 -10.09 -48.36 -23.27
C SER C 314 -8.91 -48.44 -24.21
N GLU C 315 -7.71 -48.06 -23.75
CA GLU C 315 -6.53 -48.19 -24.60
C GLU C 315 -6.13 -49.64 -24.80
N ASP C 316 -6.32 -50.48 -23.78
CA ASP C 316 -6.09 -51.92 -23.96
C ASP C 316 -7.02 -52.48 -25.02
N LYS C 317 -8.30 -52.11 -24.95
CA LYS C 317 -9.27 -52.60 -25.94
C LYS C 317 -8.93 -52.08 -27.32
N ASP C 318 -8.48 -50.83 -27.42
CA ASP C 318 -8.09 -50.30 -28.73
C ASP C 318 -6.88 -51.04 -29.30
N PHE C 319 -5.90 -51.35 -28.45
CA PHE C 319 -4.74 -52.10 -28.92
C PHE C 319 -5.13 -53.50 -29.38
N LEU C 320 -6.03 -54.16 -28.62
CA LEU C 320 -6.50 -55.47 -29.04
C LEU C 320 -7.28 -55.38 -30.34
N SER C 321 -8.03 -54.29 -30.54
CA SER C 321 -8.73 -54.09 -31.81
C SER C 321 -7.75 -53.96 -32.96
N LEU C 322 -6.64 -53.25 -32.73
CA LEU C 322 -5.61 -53.15 -33.75
C LEU C 322 -5.04 -54.54 -34.06
N ALA C 323 -4.80 -55.34 -33.03
CA ALA C 323 -4.32 -56.70 -33.25
C ALA C 323 -5.32 -57.53 -34.03
N PHE C 324 -6.61 -57.38 -33.72
CA PHE C 324 -7.66 -58.10 -34.45
C PHE C 324 -7.70 -57.67 -35.91
N ARG C 325 -7.56 -56.37 -36.17
CA ARG C 325 -7.51 -55.88 -37.54
C ARG C 325 -6.34 -56.48 -38.29
N ASN C 326 -5.17 -56.54 -37.64
CA ASN C 326 -4.01 -57.16 -38.25
C ASN C 326 -4.27 -58.63 -38.55
N TRP C 327 -4.93 -59.34 -37.62
CA TRP C 327 -5.26 -60.73 -37.84
C TRP C 327 -6.17 -60.90 -39.05
N PHE C 328 -7.24 -60.11 -39.10
CA PHE C 328 -8.23 -60.27 -40.18
C PHE C 328 -7.61 -59.94 -41.53
N ASN C 329 -6.77 -58.92 -41.59
CA ASN C 329 -6.05 -58.65 -42.84
C ASN C 329 -5.11 -59.80 -43.19
N GLU C 330 -4.41 -60.34 -42.19
CA GLU C 330 -3.50 -61.46 -42.44
C GLU C 330 -4.24 -62.76 -42.68
N ASN C 331 -5.31 -63.01 -41.93
CA ASN C 331 -5.99 -64.30 -41.93
C ASN C 331 -7.37 -64.21 -42.57
N ILE C 332 -7.48 -63.44 -43.66
CA ILE C 332 -8.74 -63.41 -44.39
C ILE C 332 -8.90 -64.67 -45.24
N GLN C 333 -7.80 -65.31 -45.62
CA GLN C 333 -7.87 -66.49 -46.47
C GLN C 333 -8.50 -67.68 -45.78
N GLN C 334 -8.47 -67.72 -44.43
CA GLN C 334 -9.08 -68.84 -43.73
C GLN C 334 -10.60 -68.84 -43.85
N PHE C 335 -11.19 -67.72 -44.25
CA PHE C 335 -12.64 -67.63 -44.47
C PHE C 335 -12.92 -68.00 -45.93
N GLU C 336 -12.99 -69.32 -46.17
CA GLU C 336 -13.18 -69.86 -47.51
C GLU C 336 -14.65 -70.01 -47.86
N GLN C 337 -15.53 -69.25 -47.22
CA GLN C 337 -16.96 -69.35 -47.48
C GLN C 337 -17.31 -68.77 -48.84
N ILE C 338 -18.14 -69.49 -49.59
CA ILE C 338 -18.66 -69.01 -50.87
C ILE C 338 -20.06 -68.46 -50.62
N PHE C 339 -20.24 -67.16 -50.89
CA PHE C 339 -21.51 -66.51 -50.58
C PHE C 339 -22.61 -66.92 -51.56
N ALA C 340 -22.30 -67.00 -52.85
CA ALA C 340 -23.31 -67.30 -53.85
C ALA C 340 -22.66 -67.93 -55.07
N TYR C 341 -23.51 -68.53 -55.91
CA TYR C 341 -23.09 -69.14 -57.16
C TYR C 341 -23.91 -68.55 -58.30
N ILE C 342 -23.25 -68.22 -59.41
CA ILE C 342 -23.91 -67.64 -60.57
C ILE C 342 -23.33 -68.27 -61.83
N LEU C 343 -24.19 -68.58 -62.80
CA LEU C 343 -23.76 -69.01 -64.12
C LEU C 343 -23.87 -67.83 -65.07
N LEU C 344 -22.74 -67.45 -65.68
CA LEU C 344 -22.67 -66.29 -66.55
C LEU C 344 -22.60 -66.73 -68.01
N ASP C 345 -23.38 -66.05 -68.86
CA ASP C 345 -23.43 -66.30 -70.30
C ASP C 345 -23.84 -67.73 -70.64
N GLU C 346 -24.57 -68.39 -69.74
CA GLU C 346 -25.07 -69.72 -70.03
C GLU C 346 -26.32 -69.64 -70.90
N THR C 347 -26.33 -70.40 -71.98
CA THR C 347 -27.52 -70.48 -72.81
C THR C 347 -28.57 -71.32 -72.11
N ALA C 348 -29.78 -70.79 -72.00
CA ALA C 348 -30.85 -71.51 -71.32
C ALA C 348 -31.23 -72.76 -72.10
N LYS C 349 -31.62 -73.80 -71.36
CA LYS C 349 -32.07 -75.04 -72.01
C LYS C 349 -33.30 -74.80 -72.85
N ILE C 350 -34.11 -73.80 -72.49
CA ILE C 350 -35.25 -73.35 -73.29
C ILE C 350 -34.84 -72.02 -73.94
N PRO C 351 -34.64 -71.98 -75.27
CA PRO C 351 -34.09 -70.76 -75.89
C PRO C 351 -34.96 -69.53 -75.71
N GLU C 352 -36.27 -69.69 -75.57
CA GLU C 352 -37.16 -68.53 -75.50
C GLU C 352 -36.98 -67.72 -74.22
N TYR C 353 -36.39 -68.31 -73.17
CA TYR C 353 -36.33 -67.69 -71.85
C TYR C 353 -34.90 -67.28 -71.49
N GLN C 354 -34.13 -66.85 -72.49
CA GLN C 354 -32.78 -66.35 -72.23
C GLN C 354 -32.80 -65.09 -71.37
N TRP C 355 -33.95 -64.44 -71.25
CA TRP C 355 -34.09 -63.30 -70.34
C TRP C 355 -33.95 -63.70 -68.89
N LEU C 356 -34.01 -65.00 -68.57
CA LEU C 356 -33.85 -65.47 -67.21
C LEU C 356 -32.43 -65.90 -66.89
N LYS C 357 -31.49 -65.71 -67.83
CA LYS C 357 -30.08 -66.04 -67.60
C LYS C 357 -29.27 -64.76 -67.50
N PRO C 358 -28.61 -64.50 -66.37
CA PRO C 358 -27.86 -63.25 -66.23
C PRO C 358 -26.64 -63.21 -67.13
N THR C 359 -26.27 -61.99 -67.53
CA THR C 359 -25.09 -61.73 -68.31
C THR C 359 -24.06 -60.91 -67.55
N GLN C 360 -24.47 -59.76 -67.00
CA GLN C 360 -23.64 -58.95 -66.12
C GLN C 360 -24.28 -58.96 -64.73
N ILE C 361 -23.51 -59.32 -63.72
CA ILE C 361 -24.04 -59.56 -62.38
C ILE C 361 -23.49 -58.53 -61.41
N SER C 362 -24.14 -58.45 -60.24
CA SER C 362 -23.75 -57.56 -59.18
C SER C 362 -24.44 -58.01 -57.89
N TYR C 363 -24.10 -57.35 -56.80
CA TYR C 363 -24.70 -57.63 -55.49
C TYR C 363 -25.05 -56.30 -54.83
N GLY C 364 -25.73 -56.40 -53.70
CA GLY C 364 -26.07 -55.23 -52.92
C GLY C 364 -26.47 -55.61 -51.52
N SER C 365 -26.38 -54.65 -50.60
CA SER C 365 -26.76 -54.86 -49.22
C SER C 365 -27.58 -53.67 -48.72
N ALA C 366 -28.51 -53.93 -47.82
CA ALA C 366 -29.29 -52.88 -47.20
C ALA C 366 -29.83 -53.41 -45.88
N SER C 367 -29.40 -52.82 -44.77
CA SER C 367 -29.76 -53.29 -43.44
C SER C 367 -30.67 -52.27 -42.76
N VAL C 368 -31.67 -52.77 -42.05
CA VAL C 368 -32.65 -51.94 -41.37
C VAL C 368 -32.68 -52.30 -39.89
N GLU C 369 -32.60 -51.30 -39.04
CA GLU C 369 -32.65 -51.51 -37.59
C GLU C 369 -34.08 -51.71 -37.14
N THR C 370 -34.23 -52.23 -35.91
CA THR C 370 -35.53 -52.46 -35.33
C THR C 370 -35.95 -51.26 -34.49
N ALA C 371 -37.13 -51.35 -33.87
CA ALA C 371 -37.60 -50.32 -32.97
C ALA C 371 -36.75 -50.28 -31.70
N ASN C 372 -36.33 -51.44 -31.21
CA ASN C 372 -35.49 -51.53 -30.02
C ASN C 372 -34.01 -51.37 -30.34
N ASP C 373 -33.68 -50.85 -31.52
CA ASP C 373 -32.29 -50.61 -31.93
C ASP C 373 -31.48 -51.90 -31.91
N GLU C 374 -32.01 -52.93 -32.55
CA GLU C 374 -31.35 -54.21 -32.64
C GLU C 374 -31.26 -54.62 -34.11
N PRO C 375 -30.25 -55.43 -34.47
CA PRO C 375 -30.14 -55.88 -35.86
C PRO C 375 -31.31 -56.77 -36.24
N ASP C 376 -31.96 -56.43 -37.35
CA ASP C 376 -33.10 -57.19 -37.84
C ASP C 376 -32.60 -58.19 -38.88
N LEU C 377 -32.37 -59.43 -38.44
CA LEU C 377 -31.91 -60.47 -39.34
C LEU C 377 -32.97 -60.89 -40.35
N ASP C 378 -34.22 -60.46 -40.17
CA ASP C 378 -35.31 -60.82 -41.06
C ASP C 378 -35.66 -59.70 -42.04
N ALA C 379 -35.82 -58.48 -41.54
CA ALA C 379 -36.24 -57.37 -42.40
C ALA C 379 -35.09 -56.89 -43.29
N SER C 380 -33.86 -57.03 -42.84
CA SER C 380 -32.72 -56.59 -43.64
C SER C 380 -32.61 -57.43 -44.91
N ILE C 381 -32.18 -56.79 -46.00
CA ILE C 381 -32.22 -57.38 -47.32
C ILE C 381 -30.82 -57.35 -47.94
N PHE C 382 -30.30 -58.54 -48.26
CA PHE C 382 -29.09 -58.69 -49.05
C PHE C 382 -29.52 -59.18 -50.44
N SER C 383 -29.22 -58.38 -51.46
CA SER C 383 -29.69 -58.65 -52.81
C SER C 383 -28.51 -58.94 -53.73
N ALA C 384 -28.86 -59.39 -54.94
CA ALA C 384 -27.91 -59.65 -56.01
C ALA C 384 -28.61 -59.26 -57.31
N MET C 385 -28.20 -58.13 -57.88
CA MET C 385 -28.76 -57.62 -59.11
C MET C 385 -27.93 -58.07 -60.31
N SER C 386 -28.60 -58.28 -61.43
CA SER C 386 -27.93 -58.77 -62.63
C SER C 386 -28.71 -58.33 -63.86
N MET C 387 -27.98 -57.83 -64.85
CA MET C 387 -28.58 -57.55 -66.15
C MET C 387 -28.72 -58.85 -66.94
N VAL C 388 -29.68 -58.87 -67.86
CA VAL C 388 -29.97 -60.05 -68.66
C VAL C 388 -30.11 -59.66 -70.12
N GLU C 389 -29.96 -60.66 -70.99
CA GLU C 389 -30.07 -60.48 -72.44
C GLU C 389 -29.09 -59.42 -72.94
N ASN C 390 -27.87 -59.45 -72.40
CA ASN C 390 -26.78 -58.58 -72.85
C ASN C 390 -27.17 -57.10 -72.81
N ASN C 391 -27.86 -56.70 -71.73
CA ASN C 391 -28.20 -55.31 -71.54
C ASN C 391 -27.03 -54.58 -70.89
N THR C 392 -26.55 -53.53 -71.56
CA THR C 392 -25.37 -52.80 -71.10
C THR C 392 -25.75 -51.88 -69.94
N ASN C 393 -25.00 -51.98 -68.84
CA ASN C 393 -25.17 -51.13 -67.66
C ASN C 393 -23.83 -50.45 -67.39
N SER C 394 -23.73 -49.18 -67.76
CA SER C 394 -22.50 -48.42 -67.57
C SER C 394 -22.38 -47.83 -66.17
N THR C 395 -23.38 -48.03 -65.31
CA THR C 395 -23.37 -47.50 -63.95
C THR C 395 -23.61 -48.64 -62.98
N PRO C 396 -22.57 -49.42 -62.67
CA PRO C 396 -22.73 -50.50 -61.68
C PRO C 396 -22.90 -49.97 -60.27
N SER C 397 -24.12 -50.07 -59.75
CA SER C 397 -24.44 -49.59 -58.41
C SER C 397 -25.01 -50.72 -57.57
N HIS C 398 -24.77 -50.66 -56.28
CA HIS C 398 -25.15 -51.73 -55.36
C HIS C 398 -26.20 -51.31 -54.35
N ALA C 399 -26.77 -50.12 -54.49
CA ALA C 399 -27.84 -49.69 -53.59
C ALA C 399 -29.08 -50.54 -53.80
N VAL C 400 -29.73 -50.92 -52.70
CA VAL C 400 -30.88 -51.81 -52.72
C VAL C 400 -31.99 -51.18 -51.91
N ASP C 401 -33.20 -51.16 -52.48
CA ASP C 401 -34.36 -50.66 -51.75
C ASP C 401 -34.69 -51.58 -50.58
N ASN C 402 -34.87 -51.00 -49.40
CA ASN C 402 -35.08 -51.80 -48.20
C ASN C 402 -36.47 -52.41 -48.12
N ARG C 403 -37.47 -51.77 -48.75
CA ARG C 403 -38.84 -52.24 -48.66
C ARG C 403 -39.14 -53.38 -49.63
N MET C 404 -38.15 -53.86 -50.38
CA MET C 404 -38.39 -54.96 -51.30
C MET C 404 -38.79 -56.23 -50.55
N LEU C 405 -38.12 -56.53 -49.44
CA LEU C 405 -38.46 -57.71 -48.65
C LEU C 405 -39.47 -57.45 -47.56
N GLN C 406 -39.47 -56.25 -46.96
CA GLN C 406 -40.35 -55.98 -45.83
C GLN C 406 -41.82 -56.14 -46.22
N LEU C 407 -42.18 -55.70 -47.42
CA LEU C 407 -43.54 -55.91 -47.89
C LEU C 407 -43.83 -57.39 -48.11
N THR C 408 -42.87 -58.13 -48.66
CA THR C 408 -43.10 -59.54 -48.97
C THR C 408 -43.11 -60.40 -47.72
N LYS C 409 -42.24 -60.08 -46.76
CA LYS C 409 -42.05 -60.90 -45.55
C LYS C 409 -41.71 -62.35 -45.92
N THR C 410 -40.86 -62.50 -46.93
CA THR C 410 -40.43 -63.80 -47.43
C THR C 410 -38.92 -63.92 -47.33
N GLN C 411 -38.44 -65.16 -47.13
CA GLN C 411 -37.02 -65.39 -46.98
C GLN C 411 -36.26 -65.08 -48.27
N ALA C 412 -36.84 -65.42 -49.41
CA ALA C 412 -36.23 -65.15 -50.70
C ALA C 412 -37.23 -64.43 -51.60
N ALA C 413 -36.71 -63.64 -52.53
CA ALA C 413 -37.55 -62.92 -53.46
C ALA C 413 -36.85 -62.79 -54.80
N PHE C 414 -37.67 -62.83 -55.85
CA PHE C 414 -37.25 -62.62 -57.24
C PHE C 414 -37.86 -61.32 -57.75
N GLY C 415 -37.10 -60.62 -58.58
CA GLY C 415 -37.59 -59.37 -59.14
C GLY C 415 -37.19 -59.16 -60.58
N ILE C 416 -38.18 -58.90 -61.43
CA ILE C 416 -37.98 -58.72 -62.87
C ILE C 416 -38.42 -57.31 -63.22
N SER C 417 -37.55 -56.57 -63.90
CA SER C 417 -37.82 -55.17 -64.21
C SER C 417 -39.01 -55.05 -65.17
N PHE C 418 -39.80 -53.99 -64.95
CA PHE C 418 -40.87 -53.66 -65.89
C PHE C 418 -40.38 -53.45 -67.32
N PRO C 419 -39.23 -52.80 -67.58
CA PRO C 419 -38.76 -52.72 -68.97
C PRO C 419 -38.62 -54.07 -69.66
N LEU C 420 -38.15 -55.10 -68.96
CA LEU C 420 -38.12 -56.42 -69.58
C LEU C 420 -39.51 -57.03 -69.66
N PHE C 421 -40.40 -56.67 -68.73
CA PHE C 421 -41.79 -57.12 -68.81
C PHE C 421 -42.51 -56.53 -70.02
N ILE C 422 -42.02 -55.41 -70.55
CA ILE C 422 -42.70 -54.70 -71.63
C ILE C 422 -42.03 -54.95 -72.98
N GLU C 423 -40.71 -54.78 -73.05
CA GLU C 423 -40.02 -54.89 -74.33
C GLU C 423 -39.87 -56.33 -74.81
N HIS C 424 -40.17 -57.32 -73.97
CA HIS C 424 -40.08 -58.72 -74.37
C HIS C 424 -41.34 -59.52 -74.15
N PHE C 425 -42.37 -58.96 -73.51
CA PHE C 425 -43.64 -59.65 -73.32
C PHE C 425 -44.80 -58.90 -73.96
N LEU C 426 -44.93 -57.61 -73.71
CA LEU C 426 -46.03 -56.85 -74.31
C LEU C 426 -45.92 -56.80 -75.82
N LYS C 427 -44.70 -56.80 -76.36
CA LYS C 427 -44.53 -56.84 -77.81
C LYS C 427 -45.11 -58.13 -78.39
N GLN C 428 -44.87 -59.26 -77.73
CA GLN C 428 -45.43 -60.53 -78.19
C GLN C 428 -46.95 -60.52 -78.11
N ALA C 429 -47.49 -59.99 -77.01
CA ALA C 429 -48.95 -59.96 -76.84
C ALA C 429 -49.61 -59.09 -77.90
N LEU C 430 -49.04 -57.92 -78.19
CA LEU C 430 -49.67 -57.02 -79.14
C LEU C 430 -49.48 -57.51 -80.57
N LEU C 431 -48.29 -58.04 -80.89
CA LEU C 431 -48.05 -58.53 -82.24
C LEU C 431 -48.87 -59.78 -82.54
N SER C 432 -48.98 -60.69 -81.57
CA SER C 432 -49.76 -61.91 -81.76
C SER C 432 -51.26 -61.63 -81.89
N SER C 433 -51.72 -60.44 -81.50
CA SER C 433 -53.13 -60.09 -81.59
C SER C 433 -53.60 -59.85 -83.02
N GLN C 434 -52.71 -59.95 -84.01
CA GLN C 434 -52.98 -59.77 -85.43
C GLN C 434 -53.35 -58.34 -85.79
N PHE C 435 -53.40 -57.43 -84.81
CA PHE C 435 -53.73 -56.04 -85.11
C PHE C 435 -52.54 -55.30 -85.74
N ILE C 436 -51.32 -55.73 -85.44
CA ILE C 436 -50.12 -55.12 -85.98
C ILE C 436 -49.23 -56.21 -86.57
N SER C 437 -48.34 -55.79 -87.46
CA SER C 437 -47.37 -56.69 -88.08
C SER C 437 -46.01 -56.53 -87.44
N VAL C 438 -45.06 -57.36 -87.86
CA VAL C 438 -43.72 -57.31 -87.30
C VAL C 438 -43.02 -55.99 -87.65
N ASP C 439 -43.30 -55.45 -88.82
CA ASP C 439 -42.69 -54.20 -89.27
C ASP C 439 -43.47 -52.96 -88.87
N ASP C 440 -44.59 -53.13 -88.14
CA ASP C 440 -45.43 -52.01 -87.74
C ASP C 440 -45.55 -51.91 -86.22
N ILE C 441 -44.53 -52.36 -85.49
CA ILE C 441 -44.50 -52.27 -84.04
C ILE C 441 -43.19 -51.60 -83.63
N VAL C 442 -43.30 -50.56 -82.79
CA VAL C 442 -42.13 -49.82 -82.31
C VAL C 442 -42.15 -49.84 -80.78
N ALA C 443 -41.06 -50.28 -80.19
CA ALA C 443 -40.92 -50.31 -78.74
C ALA C 443 -40.63 -48.91 -78.21
N ASP C 444 -41.18 -48.62 -77.03
CA ASP C 444 -41.01 -47.31 -76.39
C ASP C 444 -40.81 -47.53 -74.90
N ILE C 445 -39.55 -47.54 -74.46
CA ILE C 445 -39.24 -47.74 -73.06
C ILE C 445 -39.67 -46.54 -72.22
N ASN C 446 -39.54 -45.34 -72.79
CA ASN C 446 -39.77 -44.12 -72.02
C ASN C 446 -41.19 -44.05 -71.47
N THR C 447 -42.19 -44.29 -72.32
CA THR C 447 -43.58 -44.25 -71.89
C THR C 447 -44.09 -45.59 -71.40
N LEU C 448 -43.26 -46.65 -71.47
CA LEU C 448 -43.63 -47.98 -71.01
C LEU C 448 -44.91 -48.47 -71.71
N THR C 449 -45.03 -48.14 -73.00
CA THR C 449 -46.22 -48.47 -73.78
C THR C 449 -45.81 -49.10 -75.11
N ILE C 450 -46.56 -50.11 -75.53
CA ILE C 450 -46.38 -50.76 -76.83
C ILE C 450 -47.62 -50.45 -77.67
N THR C 451 -47.39 -49.91 -78.86
CA THR C 451 -48.49 -49.49 -79.73
C THR C 451 -48.05 -49.66 -81.17
N ASN C 452 -48.79 -49.04 -82.09
CA ASN C 452 -48.55 -49.14 -83.52
C ASN C 452 -47.97 -47.83 -84.04
N ASN C 453 -46.92 -47.93 -84.87
CA ASN C 453 -46.31 -46.74 -85.44
C ASN C 453 -47.14 -46.14 -86.56
N LYS C 454 -47.90 -46.96 -87.28
CA LYS C 454 -48.72 -46.50 -88.40
C LYS C 454 -50.15 -46.96 -88.19
N GLN C 455 -51.04 -46.47 -89.05
CA GLN C 455 -52.44 -46.84 -88.96
C GLN C 455 -52.62 -48.33 -89.23
N ILE C 456 -53.41 -48.99 -88.40
CA ILE C 456 -53.57 -50.44 -88.47
C ILE C 456 -55.05 -50.78 -88.63
N ILE C 457 -55.34 -52.08 -88.71
CA ILE C 457 -56.70 -52.58 -88.77
C ILE C 457 -56.97 -53.41 -87.53
N PHE C 458 -58.13 -53.22 -86.94
CA PHE C 458 -58.51 -53.96 -85.74
C PHE C 458 -59.34 -55.20 -86.04
N GLY C 459 -60.11 -55.20 -87.12
CA GLY C 459 -60.93 -56.33 -87.47
C GLY C 459 -62.01 -55.93 -88.47
N LYS C 460 -63.00 -56.80 -88.58
CA LYS C 460 -64.14 -56.59 -89.47
C LYS C 460 -65.35 -56.21 -88.65
N VAL C 461 -66.08 -55.18 -89.09
CA VAL C 461 -67.23 -54.65 -88.37
C VAL C 461 -68.48 -54.94 -89.19
N GLU C 462 -69.47 -55.55 -88.55
CA GLU C 462 -70.77 -55.84 -89.15
C GLU C 462 -71.81 -54.98 -88.44
N ASN C 463 -72.01 -53.77 -88.96
CA ASN C 463 -72.97 -52.85 -88.37
C ASN C 463 -74.39 -53.30 -88.67
N SER C 464 -75.36 -52.51 -88.22
CA SER C 464 -76.76 -52.83 -88.49
C SER C 464 -77.12 -52.70 -89.97
N ASP C 465 -76.28 -52.02 -90.75
CA ASP C 465 -76.52 -51.87 -92.18
C ASP C 465 -76.15 -53.11 -92.98
N GLY C 466 -75.46 -54.08 -92.38
CA GLY C 466 -75.07 -55.28 -93.07
C GLY C 466 -73.84 -55.18 -93.94
N LYS C 467 -73.17 -54.03 -93.95
CA LYS C 467 -71.98 -53.81 -94.77
C LYS C 467 -70.74 -54.01 -93.92
N ASN C 468 -69.80 -54.82 -94.42
CA ASN C 468 -68.54 -55.04 -93.72
C ASN C 468 -67.70 -53.76 -93.76
N VAL C 469 -67.18 -53.36 -92.60
CA VAL C 469 -66.42 -52.14 -92.46
C VAL C 469 -65.05 -52.47 -91.87
N ASP C 470 -64.02 -51.81 -92.38
CA ASP C 470 -62.68 -51.96 -91.82
C ASP C 470 -62.56 -51.10 -90.56
N SER C 471 -62.08 -51.72 -89.48
CA SER C 471 -61.89 -51.03 -88.21
C SER C 471 -60.46 -50.49 -88.16
N SER C 472 -60.30 -49.21 -88.50
CA SER C 472 -58.98 -48.59 -88.59
C SER C 472 -58.64 -47.90 -87.28
N LEU C 473 -57.45 -48.17 -86.76
CA LEU C 473 -56.95 -47.54 -85.55
C LEU C 473 -55.82 -46.57 -85.91
N LYS C 474 -55.91 -45.35 -85.38
CA LYS C 474 -54.87 -44.37 -85.62
C LYS C 474 -53.56 -44.78 -84.96
N PRO C 475 -52.43 -44.33 -85.48
CA PRO C 475 -51.14 -44.66 -84.85
C PRO C 475 -51.08 -44.14 -83.42
N GLY C 476 -50.44 -44.92 -82.55
CA GLY C 476 -50.30 -44.52 -81.17
C GLY C 476 -51.57 -44.56 -80.34
N LYS C 477 -52.54 -45.38 -80.75
CA LYS C 477 -53.81 -45.48 -80.04
C LYS C 477 -54.06 -46.84 -79.42
N LEU C 478 -53.66 -47.93 -80.09
CA LEU C 478 -53.77 -49.27 -79.52
C LEU C 478 -52.63 -49.43 -78.52
N LYS C 479 -52.88 -49.00 -77.28
CA LYS C 479 -51.85 -48.91 -76.26
C LYS C 479 -51.91 -50.13 -75.34
N LEU C 480 -50.73 -50.56 -74.88
CA LEU C 480 -50.62 -51.66 -73.92
C LEU C 480 -49.51 -51.28 -72.95
N SER C 481 -49.86 -50.98 -71.70
CA SER C 481 -48.90 -50.42 -70.77
C SER C 481 -49.23 -50.90 -69.35
N LEU C 482 -48.56 -50.31 -68.37
CA LEU C 482 -48.77 -50.60 -66.96
C LEU C 482 -49.16 -49.33 -66.23
N GLN C 483 -50.35 -49.32 -65.65
CA GLN C 483 -50.83 -48.19 -64.86
C GLN C 483 -51.56 -48.70 -63.63
N ASN C 484 -51.31 -48.04 -62.49
CA ASN C 484 -51.96 -48.38 -61.22
C ASN C 484 -51.75 -49.86 -60.87
N ASN C 485 -50.54 -50.36 -61.10
CA ASN C 485 -50.20 -51.76 -60.86
C ASN C 485 -51.15 -52.69 -61.62
N LEU C 486 -51.49 -52.29 -62.85
CA LEU C 486 -52.42 -53.04 -63.67
C LEU C 486 -51.96 -53.02 -65.12
N ILE C 487 -52.08 -54.16 -65.78
CA ILE C 487 -51.89 -54.21 -67.23
C ILE C 487 -53.07 -53.51 -67.89
N VAL C 488 -52.79 -52.46 -68.64
CA VAL C 488 -53.82 -51.59 -69.18
C VAL C 488 -53.80 -51.71 -70.70
N LEU C 489 -54.93 -52.08 -71.26
CA LEU C 489 -55.11 -52.18 -72.72
C LEU C 489 -56.09 -51.10 -73.16
N GLU C 490 -55.68 -50.29 -74.12
CA GLU C 490 -56.44 -49.12 -74.52
C GLU C 490 -56.60 -49.07 -76.03
N LEU C 491 -57.77 -48.61 -76.48
CA LEU C 491 -58.05 -48.33 -77.87
C LEU C 491 -58.58 -46.91 -77.99
N PHE C 492 -58.11 -46.20 -79.01
CA PHE C 492 -58.52 -44.82 -79.24
C PHE C 492 -58.70 -44.58 -80.72
N ASP C 493 -59.56 -43.59 -81.04
CA ASP C 493 -59.73 -43.08 -82.39
C ASP C 493 -60.09 -44.20 -83.38
N LEU C 494 -60.95 -45.11 -82.95
CA LEU C 494 -61.45 -46.17 -83.83
C LEU C 494 -62.61 -45.58 -84.61
N THR C 495 -62.30 -45.03 -85.78
CA THR C 495 -63.26 -44.26 -86.57
C THR C 495 -63.45 -44.89 -87.94
N TRP C 496 -64.67 -44.79 -88.44
CA TRP C 496 -65.02 -45.21 -89.80
C TRP C 496 -66.33 -44.54 -90.19
N GLU C 497 -66.80 -44.84 -91.39
CA GLU C 497 -68.07 -44.31 -91.88
C GLU C 497 -69.18 -45.30 -91.51
N GLN C 498 -70.06 -44.87 -90.61
CA GLN C 498 -71.13 -45.74 -90.14
C GLN C 498 -72.37 -45.70 -91.02
N GLY C 499 -72.67 -44.54 -91.61
CA GLY C 499 -73.82 -44.44 -92.48
C GLY C 499 -74.36 -43.03 -92.61
N ARG C 500 -74.75 -42.64 -93.83
CA ARG C 500 -75.32 -41.33 -94.11
C ARG C 500 -74.38 -40.19 -93.68
N GLY C 501 -73.08 -40.40 -93.89
CA GLY C 501 -72.10 -39.38 -93.56
C GLY C 501 -72.02 -39.04 -92.09
N VAL C 502 -71.98 -40.05 -91.24
CA VAL C 502 -71.93 -39.88 -89.79
C VAL C 502 -70.66 -40.54 -89.27
N THR C 503 -69.89 -39.79 -88.47
CA THR C 503 -68.64 -40.28 -87.91
C THR C 503 -68.65 -40.12 -86.39
N GLY C 504 -68.30 -41.18 -85.68
CA GLY C 504 -68.19 -41.12 -84.24
C GLY C 504 -66.96 -41.87 -83.78
N HIS C 505 -66.41 -41.43 -82.65
CA HIS C 505 -65.16 -41.96 -82.13
C HIS C 505 -65.38 -42.61 -80.77
N PHE C 506 -64.81 -43.80 -80.59
CA PHE C 506 -64.92 -44.56 -79.36
C PHE C 506 -63.53 -44.76 -78.74
N ASP C 507 -63.47 -44.69 -77.42
CA ASP C 507 -62.26 -44.92 -76.66
C ASP C 507 -62.55 -45.92 -75.56
N PHE C 508 -61.62 -46.85 -75.35
CA PHE C 508 -61.81 -47.95 -74.41
C PHE C 508 -60.54 -48.17 -73.61
N ARG C 509 -60.70 -48.47 -72.32
CA ARG C 509 -59.58 -48.75 -71.44
C ARG C 509 -59.94 -49.91 -70.52
N GLN C 510 -59.05 -50.89 -70.43
CA GLN C 510 -59.28 -52.11 -69.67
C GLN C 510 -58.10 -52.36 -68.74
N GLU C 511 -58.41 -52.83 -67.53
CA GLU C 511 -57.43 -53.07 -66.48
C GLU C 511 -57.43 -54.55 -66.12
N TYR C 512 -56.25 -55.16 -66.09
CA TYR C 512 -56.07 -56.55 -65.71
C TYR C 512 -54.99 -56.64 -64.64
N GLU C 513 -55.08 -57.66 -63.78
CA GLU C 513 -54.10 -57.88 -62.72
C GLU C 513 -53.57 -59.30 -62.78
N LEU C 514 -52.25 -59.45 -62.67
CA LEU C 514 -51.61 -60.75 -62.57
C LEU C 514 -51.54 -61.14 -61.10
N ALA C 515 -52.43 -62.03 -60.67
CA ALA C 515 -52.47 -62.49 -59.29
C ALA C 515 -52.00 -63.94 -59.22
N LEU C 516 -51.91 -64.45 -57.99
CA LEU C 516 -51.51 -65.83 -57.73
C LEU C 516 -52.66 -66.54 -57.04
N GLU C 517 -53.01 -67.73 -57.54
CA GLU C 517 -54.12 -68.50 -57.01
C GLU C 517 -53.62 -69.84 -56.50
N SER C 518 -54.12 -70.27 -55.35
CA SER C 518 -53.76 -71.57 -54.78
C SER C 518 -54.78 -72.58 -55.27
N LYS C 519 -54.40 -73.36 -56.27
CA LYS C 519 -55.27 -74.36 -56.88
C LYS C 519 -54.63 -75.74 -56.74
N SER C 520 -55.38 -76.66 -56.12
CA SER C 520 -54.93 -78.05 -55.93
C SER C 520 -53.59 -78.11 -55.22
N GLY C 521 -53.39 -77.21 -54.25
CA GLY C 521 -52.14 -77.17 -53.52
C GLY C 521 -50.96 -76.66 -54.30
N LYS C 522 -51.19 -75.92 -55.39
CA LYS C 522 -50.12 -75.36 -56.20
C LYS C 522 -50.38 -73.90 -56.46
N GLN C 523 -49.29 -73.12 -56.54
CA GLN C 523 -49.36 -71.68 -56.75
C GLN C 523 -49.33 -71.42 -58.25
N ILE C 524 -50.48 -71.05 -58.81
CA ILE C 524 -50.64 -70.85 -60.25
C ILE C 524 -50.81 -69.34 -60.49
N PRO C 525 -49.95 -68.70 -61.26
CA PRO C 525 -50.19 -67.31 -61.65
C PRO C 525 -51.32 -67.22 -62.67
N ILE C 526 -52.32 -66.40 -62.37
CA ILE C 526 -53.50 -66.23 -63.19
C ILE C 526 -53.71 -64.74 -63.44
N LEU C 527 -54.00 -64.38 -64.70
CA LEU C 527 -54.37 -63.02 -65.05
C LEU C 527 -55.89 -62.89 -64.98
N LYS C 528 -56.37 -61.99 -64.14
CA LYS C 528 -57.81 -61.83 -63.93
C LYS C 528 -58.19 -60.35 -64.08
N VAL C 529 -59.47 -60.13 -64.39
CA VAL C 529 -59.97 -58.77 -64.57
C VAL C 529 -59.90 -58.02 -63.24
N HIS C 530 -59.70 -56.70 -63.32
CA HIS C 530 -59.61 -55.86 -62.14
C HIS C 530 -60.44 -54.61 -62.35
N ASP C 531 -61.30 -54.30 -61.38
CA ASP C 531 -62.21 -53.15 -61.44
C ASP C 531 -63.04 -53.24 -62.72
N GLU C 532 -63.45 -52.10 -63.27
CA GLU C 532 -64.25 -52.08 -64.48
C GLU C 532 -63.60 -51.18 -65.53
N PRO C 533 -63.83 -51.46 -66.80
CA PRO C 533 -63.25 -50.63 -67.87
C PRO C 533 -63.79 -49.20 -67.90
N GLU C 534 -63.18 -48.35 -68.73
CA GLU C 534 -63.64 -46.98 -68.93
C GLU C 534 -63.90 -46.76 -70.42
N ILE C 535 -65.00 -46.08 -70.73
CA ILE C 535 -65.43 -45.88 -72.12
C ILE C 535 -65.66 -44.40 -72.36
N GLU C 536 -65.33 -43.95 -73.57
CA GLU C 536 -65.62 -42.58 -74.00
C GLU C 536 -66.17 -42.62 -75.43
N TYR C 537 -67.06 -41.68 -75.74
CA TYR C 537 -67.61 -41.59 -77.08
C TYR C 537 -67.82 -40.13 -77.45
N TYR C 538 -67.25 -39.74 -78.59
CA TYR C 538 -67.30 -38.36 -79.07
C TYR C 538 -67.97 -38.33 -80.45
N VAL C 539 -68.80 -37.30 -80.67
CA VAL C 539 -69.52 -37.15 -81.93
C VAL C 539 -69.77 -35.67 -82.21
N GLU C 540 -70.13 -35.38 -83.45
CA GLU C 540 -70.44 -34.02 -83.85
C GLU C 540 -71.82 -33.61 -83.35
N GLU C 541 -71.99 -32.30 -83.12
CA GLU C 541 -73.29 -31.79 -82.69
C GLU C 541 -74.35 -31.96 -83.78
N ALA C 542 -73.97 -31.75 -85.03
CA ALA C 542 -74.94 -31.77 -86.13
C ALA C 542 -75.59 -33.14 -86.26
N GLN C 543 -74.82 -34.22 -86.09
CA GLN C 543 -75.39 -35.56 -86.16
C GLN C 543 -76.44 -35.77 -85.07
N TRP C 544 -76.16 -35.30 -83.86
CA TRP C 544 -77.11 -35.43 -82.77
C TRP C 544 -78.36 -34.60 -83.03
N LYS C 545 -78.20 -33.40 -83.57
CA LYS C 545 -79.34 -32.51 -83.79
C LYS C 545 -80.18 -32.90 -85.00
N THR C 546 -79.63 -33.66 -85.94
CA THR C 546 -80.32 -34.00 -87.18
C THR C 546 -80.79 -35.45 -87.24
N ASN C 547 -79.88 -36.40 -87.01
CA ASN C 547 -80.15 -37.82 -87.20
C ASN C 547 -79.85 -38.60 -85.92
N GLU C 548 -80.35 -38.11 -84.80
CA GLU C 548 -80.12 -38.79 -83.52
C GLU C 548 -80.76 -40.17 -83.49
N ASP C 549 -82.00 -40.27 -83.94
CA ASP C 549 -82.74 -41.52 -83.78
C ASP C 549 -82.25 -42.61 -84.72
N MET C 550 -82.02 -42.26 -86.00
CA MET C 550 -81.72 -43.29 -87.00
C MET C 550 -80.34 -43.89 -86.79
N ILE C 551 -79.32 -43.05 -86.56
CA ILE C 551 -77.96 -43.56 -86.41
C ILE C 551 -77.79 -44.34 -85.13
N VAL C 552 -78.69 -44.16 -84.16
CA VAL C 552 -78.58 -44.84 -82.87
C VAL C 552 -78.70 -46.35 -83.05
N SER C 553 -79.54 -46.79 -83.99
CA SER C 553 -79.67 -48.22 -84.25
C SER C 553 -78.34 -48.84 -84.69
N ALA C 554 -77.67 -48.21 -85.65
CA ALA C 554 -76.38 -48.72 -86.10
C ALA C 554 -75.33 -48.62 -85.00
N VAL C 555 -75.37 -47.54 -84.22
CA VAL C 555 -74.41 -47.40 -83.11
C VAL C 555 -74.62 -48.50 -82.09
N VAL C 556 -75.89 -48.83 -81.79
CA VAL C 556 -76.19 -49.91 -80.86
C VAL C 556 -75.70 -51.24 -81.42
N GLY C 557 -75.95 -51.49 -82.70
CA GLY C 557 -75.50 -52.73 -83.32
C GLY C 557 -73.99 -52.88 -83.27
N THR C 558 -73.27 -51.77 -83.39
CA THR C 558 -71.81 -51.82 -83.27
C THR C 558 -71.37 -52.00 -81.82
N VAL C 559 -72.00 -51.29 -80.90
CA VAL C 559 -71.54 -51.26 -79.51
C VAL C 559 -71.81 -52.59 -78.81
N PHE C 560 -72.99 -53.18 -79.04
CA PHE C 560 -73.37 -54.38 -78.30
C PHE C 560 -72.38 -55.52 -78.52
N SER C 561 -71.69 -55.54 -79.67
CA SER C 561 -70.66 -56.54 -79.89
C SER C 561 -69.53 -56.40 -78.88
N MET C 562 -69.08 -55.17 -78.63
CA MET C 562 -67.95 -54.95 -77.72
C MET C 562 -68.29 -55.37 -76.30
N ILE C 563 -69.56 -55.32 -75.91
CA ILE C 563 -69.98 -55.68 -74.56
C ILE C 563 -70.19 -57.18 -74.48
N LEU C 564 -71.05 -57.72 -75.36
CA LEU C 564 -71.43 -59.12 -75.30
C LEU C 564 -70.39 -60.06 -75.92
N GLY C 565 -69.43 -59.53 -76.66
CA GLY C 565 -68.51 -60.37 -77.39
C GLY C 565 -69.05 -60.93 -78.68
N ALA C 566 -70.26 -60.53 -79.08
CA ALA C 566 -70.85 -60.98 -80.33
C ALA C 566 -71.90 -59.96 -80.75
N SER C 567 -72.20 -59.95 -82.05
CA SER C 567 -73.16 -59.01 -82.63
C SER C 567 -74.50 -59.71 -82.77
N MET C 568 -75.27 -59.69 -81.68
CA MET C 568 -76.60 -60.29 -81.63
C MET C 568 -77.60 -59.24 -81.18
N LYS C 569 -78.79 -59.26 -81.78
CA LYS C 569 -79.82 -58.29 -81.47
C LYS C 569 -80.42 -58.60 -80.09
N LEU C 570 -81.15 -57.61 -79.56
CA LEU C 570 -81.73 -57.73 -78.23
C LEU C 570 -83.05 -56.95 -78.21
N ALA C 571 -83.85 -57.22 -77.17
CA ALA C 571 -85.16 -56.60 -77.05
C ALA C 571 -85.04 -55.10 -76.82
N GLY C 572 -86.08 -54.37 -77.23
CA GLY C 572 -86.09 -52.93 -77.13
C GLY C 572 -86.38 -52.36 -75.76
N SER C 573 -86.91 -53.15 -74.84
CA SER C 573 -87.16 -52.66 -73.49
C SER C 573 -85.84 -52.35 -72.79
N ALA C 574 -84.89 -53.28 -72.83
CA ALA C 574 -83.56 -53.00 -72.30
C ALA C 574 -82.86 -51.93 -73.12
N LEU C 575 -83.19 -51.82 -74.41
CA LEU C 575 -82.63 -50.74 -75.23
C LEU C 575 -83.05 -49.38 -74.70
N SER C 576 -84.33 -49.20 -74.38
CA SER C 576 -84.78 -47.93 -73.81
C SER C 576 -84.23 -47.73 -72.40
N LYS C 577 -84.16 -48.80 -71.61
CA LYS C 577 -83.64 -48.70 -70.24
C LYS C 577 -82.19 -48.22 -70.25
N ALA C 578 -81.38 -48.72 -71.19
CA ALA C 578 -80.02 -48.22 -71.31
C ALA C 578 -79.97 -46.88 -72.01
N GLY C 579 -80.91 -46.60 -72.92
CA GLY C 579 -80.85 -45.38 -73.70
C GLY C 579 -81.14 -44.14 -72.88
N LYS C 580 -82.01 -44.27 -71.87
CA LYS C 580 -82.25 -43.11 -71.00
C LYS C 580 -80.97 -42.70 -70.28
N LEU C 581 -80.20 -43.69 -69.80
CA LEU C 581 -78.91 -43.39 -69.16
C LEU C 581 -77.90 -42.88 -70.18
N ILE C 582 -77.93 -43.42 -71.41
CA ILE C 582 -77.00 -42.98 -72.44
C ILE C 582 -77.23 -41.52 -72.78
N ARG C 583 -78.50 -41.13 -72.95
CA ARG C 583 -78.81 -39.73 -73.23
C ARG C 583 -78.63 -38.85 -72.00
N SER C 584 -78.68 -39.42 -70.79
CA SER C 584 -78.44 -38.63 -69.60
C SER C 584 -76.98 -38.16 -69.50
N LYS C 585 -76.04 -38.97 -69.98
CA LYS C 585 -74.62 -38.69 -69.83
C LYS C 585 -74.02 -37.93 -71.01
N ALA C 586 -74.82 -37.14 -71.73
CA ALA C 586 -74.34 -36.39 -72.88
C ALA C 586 -73.97 -34.97 -72.45
N THR C 587 -72.76 -34.54 -72.79
CA THR C 587 -72.30 -33.19 -72.51
C THR C 587 -71.74 -32.56 -73.77
N THR C 588 -71.64 -31.24 -73.76
CA THR C 588 -71.13 -30.47 -74.90
C THR C 588 -69.81 -29.83 -74.51
N ILE C 589 -68.72 -30.31 -75.10
CA ILE C 589 -67.38 -29.80 -74.84
C ILE C 589 -66.69 -29.52 -76.16
N LYS C 590 -66.13 -28.32 -76.30
CA LYS C 590 -65.38 -27.91 -77.50
C LYS C 590 -66.22 -28.08 -78.77
N GLY C 591 -67.51 -27.78 -78.66
CA GLY C 591 -68.40 -27.92 -79.80
C GLY C 591 -68.67 -29.33 -80.23
N ARG C 592 -68.44 -30.31 -79.36
CA ARG C 592 -68.64 -31.71 -79.67
C ARG C 592 -69.41 -32.38 -78.54
N LYS C 593 -70.23 -33.36 -78.91
CA LYS C 593 -71.00 -34.13 -77.92
C LYS C 593 -70.12 -35.26 -77.38
N LYS C 594 -69.92 -35.28 -76.07
CA LYS C 594 -69.10 -36.28 -75.40
C LYS C 594 -69.94 -37.04 -74.38
N ILE C 595 -69.73 -38.34 -74.31
CA ILE C 595 -70.32 -39.17 -73.25
C ILE C 595 -69.23 -40.02 -72.64
N TYR C 596 -69.28 -40.19 -71.32
CA TYR C 596 -68.29 -40.96 -70.57
C TYR C 596 -68.99 -42.07 -69.81
N ILE C 597 -68.37 -43.25 -69.80
CA ILE C 597 -68.87 -44.43 -69.10
C ILE C 597 -67.83 -44.83 -68.08
N ASN C 598 -68.19 -44.75 -66.81
CA ASN C 598 -67.29 -45.02 -65.70
C ASN C 598 -67.37 -46.49 -65.30
N ARG C 599 -66.75 -46.82 -64.15
CA ARG C 599 -66.69 -48.20 -63.71
C ARG C 599 -68.07 -48.74 -63.35
N SER C 600 -68.91 -47.93 -62.71
CA SER C 600 -70.23 -48.39 -62.30
C SER C 600 -71.12 -48.72 -63.50
N ASN C 601 -71.04 -47.91 -64.56
CA ASN C 601 -71.88 -48.16 -65.73
C ASN C 601 -71.51 -49.46 -66.44
N VAL C 602 -70.23 -49.85 -66.39
CA VAL C 602 -69.82 -51.08 -67.07
C VAL C 602 -70.41 -52.30 -66.37
N ARG C 603 -70.33 -52.34 -65.04
CA ARG C 603 -70.96 -53.46 -64.33
C ARG C 603 -72.48 -53.41 -64.43
N GLN C 604 -73.06 -52.21 -64.49
CA GLN C 604 -74.50 -52.11 -64.73
C GLN C 604 -74.87 -52.71 -66.08
N LEU C 605 -74.09 -52.41 -67.13
CA LEU C 605 -74.34 -53.00 -68.44
C LEU C 605 -74.15 -54.51 -68.41
N ARG C 606 -73.15 -55.00 -67.68
CA ARG C 606 -72.92 -56.44 -67.60
C ARG C 606 -74.11 -57.13 -66.92
N LYS C 607 -74.66 -56.53 -65.87
CA LYS C 607 -75.81 -57.14 -65.20
C LYS C 607 -77.06 -57.07 -66.07
N ASP C 608 -77.30 -55.94 -66.72
CA ASP C 608 -78.51 -55.78 -67.53
C ASP C 608 -78.41 -56.40 -68.91
N SER C 609 -77.24 -56.91 -69.29
CA SER C 609 -77.08 -57.49 -70.63
C SER C 609 -77.93 -58.74 -70.81
N GLY C 610 -78.17 -59.48 -69.73
CA GLY C 610 -78.95 -60.70 -69.81
C GLY C 610 -78.18 -61.92 -70.27
N ALA C 611 -76.87 -61.80 -70.50
CA ALA C 611 -76.05 -62.92 -70.92
C ALA C 611 -75.44 -63.58 -69.69
N THR C 612 -75.74 -64.85 -69.49
CA THR C 612 -75.23 -65.57 -68.33
C THR C 612 -73.74 -65.83 -68.48
N GLU C 613 -73.08 -66.05 -67.33
CA GLU C 613 -71.65 -66.33 -67.34
C GLU C 613 -71.33 -67.61 -68.08
N ILE C 614 -72.28 -68.55 -68.14
CA ILE C 614 -72.06 -69.79 -68.89
C ILE C 614 -71.91 -69.50 -70.38
N GLU C 615 -72.76 -68.62 -70.92
CA GLU C 615 -72.63 -68.23 -72.31
C GLU C 615 -71.31 -67.53 -72.56
N LEU C 616 -70.88 -66.69 -71.61
CA LEU C 616 -69.58 -66.04 -71.74
C LEU C 616 -68.45 -67.07 -71.72
N GLU C 617 -68.57 -68.11 -70.90
CA GLU C 617 -67.56 -69.16 -70.88
C GLU C 617 -67.55 -69.93 -72.20
N ARG C 618 -68.71 -70.15 -72.81
CA ARG C 618 -68.76 -70.77 -74.13
C ARG C 618 -68.05 -69.90 -75.16
N ILE C 619 -68.31 -68.59 -75.12
CA ILE C 619 -67.60 -67.67 -76.00
C ILE C 619 -66.10 -67.74 -75.76
N ASN C 620 -65.70 -67.81 -74.49
CA ASN C 620 -64.28 -67.91 -74.15
C ASN C 620 -63.66 -69.18 -74.70
N ARG C 621 -64.38 -70.30 -74.62
CA ARG C 621 -63.87 -71.55 -75.18
C ARG C 621 -63.71 -71.46 -76.69
N ARG C 622 -64.71 -70.88 -77.38
CA ARG C 622 -64.60 -70.73 -78.83
C ARG C 622 -63.44 -69.82 -79.20
N ASN C 623 -63.25 -68.72 -78.46
CA ASN C 623 -62.16 -67.81 -78.73
C ASN C 623 -60.81 -68.44 -78.41
N SER C 624 -60.75 -69.29 -77.39
CA SER C 624 -59.51 -70.00 -77.09
C SER C 624 -59.14 -70.95 -78.23
N SER C 625 -60.14 -71.67 -78.75
CA SER C 625 -59.86 -72.57 -79.88
C SER C 625 -59.40 -71.79 -81.11
N ILE C 626 -60.08 -70.69 -81.42
CA ILE C 626 -59.68 -69.91 -82.59
C ILE C 626 -58.36 -69.17 -82.36
N ALA C 627 -58.01 -68.89 -81.09
CA ALA C 627 -56.72 -68.29 -80.80
C ALA C 627 -55.60 -69.32 -80.93
N ALA C 628 -55.89 -70.58 -80.59
CA ALA C 628 -54.95 -71.65 -80.90
C ALA C 628 -54.74 -71.78 -82.40
N GLU C 629 -55.83 -71.66 -83.17
CA GLU C 629 -55.70 -71.67 -84.62
C GLU C 629 -54.85 -70.50 -85.11
N ASP C 630 -55.06 -69.30 -84.54
CA ASP C 630 -54.26 -68.15 -84.91
C ASP C 630 -52.79 -68.35 -84.56
N ALA C 631 -52.51 -68.93 -83.39
CA ALA C 631 -51.14 -69.22 -83.01
C ALA C 631 -50.51 -70.25 -83.94
N ARG C 632 -51.33 -71.18 -84.47
CA ARG C 632 -50.85 -72.02 -85.56
C ARG C 632 -50.46 -71.17 -86.76
N LEU C 633 -51.29 -70.18 -87.10
CA LEU C 633 -50.93 -69.25 -88.16
C LEU C 633 -49.78 -68.32 -87.78
N ILE C 634 -49.53 -68.14 -86.48
CA ILE C 634 -48.46 -67.27 -86.02
C ILE C 634 -47.12 -67.95 -86.25
N SER C 635 -46.16 -67.22 -86.81
CA SER C 635 -44.83 -67.76 -87.11
C SER C 635 -44.00 -67.80 -85.83
N ASN C 636 -42.71 -68.11 -85.99
CA ASN C 636 -41.83 -68.22 -84.82
C ASN C 636 -41.60 -66.86 -84.16
N ASN C 637 -41.49 -65.80 -84.96
CA ASN C 637 -41.18 -64.47 -84.43
C ASN C 637 -42.36 -63.85 -83.69
N GLY C 638 -43.54 -64.47 -83.74
CA GLY C 638 -44.72 -63.92 -83.11
C GLY C 638 -45.65 -63.18 -84.04
N THR C 639 -45.28 -63.02 -85.30
CA THR C 639 -46.10 -62.36 -86.31
C THR C 639 -46.71 -63.40 -87.24
N THR C 640 -47.53 -62.92 -88.16
CA THR C 640 -48.16 -63.76 -89.17
C THR C 640 -48.03 -63.07 -90.52
N SER C 641 -47.83 -63.87 -91.57
CA SER C 641 -47.70 -63.32 -92.91
C SER C 641 -48.98 -62.59 -93.30
N ILE C 642 -48.82 -61.51 -94.08
CA ILE C 642 -49.96 -60.69 -94.48
C ILE C 642 -50.95 -61.51 -95.30
N GLN C 643 -50.45 -62.44 -96.11
CA GLN C 643 -51.34 -63.31 -96.86
C GLN C 643 -52.19 -64.18 -95.94
N THR C 644 -51.56 -64.80 -94.93
CA THR C 644 -52.31 -65.60 -93.98
C THR C 644 -53.17 -64.74 -93.06
N LEU C 645 -52.71 -63.53 -92.73
CA LEU C 645 -53.53 -62.61 -91.95
C LEU C 645 -54.80 -62.24 -92.70
N GLY C 646 -54.69 -61.96 -94.01
CA GLY C 646 -55.87 -61.69 -94.80
C GLY C 646 -56.75 -62.90 -94.96
N ASP C 647 -56.15 -64.09 -95.04
CA ASP C 647 -56.96 -65.32 -95.10
C ASP C 647 -57.78 -65.48 -93.83
N MET C 648 -57.18 -65.20 -92.67
CA MET C 648 -57.89 -65.37 -91.41
C MET C 648 -58.93 -64.27 -91.20
N LYS C 649 -58.58 -63.02 -91.52
CA LYS C 649 -59.44 -61.88 -91.23
C LYS C 649 -60.59 -61.71 -92.23
N LYS C 650 -60.48 -62.28 -93.42
CA LYS C 650 -61.51 -62.10 -94.44
C LYS C 650 -62.82 -62.77 -94.03
N LYS C 651 -62.79 -63.68 -93.08
CA LYS C 651 -64.01 -64.33 -92.63
C LYS C 651 -64.88 -63.33 -91.88
N PRO C 652 -66.16 -63.21 -92.19
CA PRO C 652 -67.03 -62.25 -91.49
C PRO C 652 -67.22 -62.64 -90.04
N MET C 653 -66.80 -61.77 -89.13
CA MET C 653 -66.92 -62.02 -87.70
C MET C 653 -67.11 -60.68 -86.99
N SER C 654 -67.89 -60.70 -85.91
CA SER C 654 -68.22 -59.48 -85.20
C SER C 654 -66.98 -58.87 -84.55
N THR C 655 -67.00 -57.55 -84.41
CA THR C 655 -65.87 -56.84 -83.82
C THR C 655 -65.70 -57.20 -82.34
N GLY C 656 -66.81 -57.45 -81.63
CA GLY C 656 -66.70 -57.87 -80.24
C GLY C 656 -66.01 -59.23 -80.11
N GLN C 657 -66.35 -60.16 -80.99
CA GLN C 657 -65.62 -61.42 -81.01
C GLN C 657 -64.16 -61.21 -81.37
N ARG C 658 -63.86 -60.23 -82.22
CA ARG C 658 -62.46 -59.90 -82.49
C ARG C 658 -61.75 -59.39 -81.24
N ILE C 659 -62.43 -58.56 -80.44
CA ILE C 659 -61.86 -58.10 -79.17
C ILE C 659 -61.58 -59.29 -78.26
N ALA C 660 -62.53 -60.23 -78.19
CA ALA C 660 -62.34 -61.41 -77.36
C ALA C 660 -61.19 -62.27 -77.85
N ILE C 661 -61.05 -62.44 -79.17
CA ILE C 661 -59.94 -63.23 -79.72
C ILE C 661 -58.61 -62.56 -79.41
N GLY C 662 -58.55 -61.24 -79.59
CA GLY C 662 -57.33 -60.52 -79.26
C GLY C 662 -56.97 -60.64 -77.80
N ALA C 663 -57.97 -60.53 -76.91
CA ALA C 663 -57.72 -60.70 -75.48
C ALA C 663 -57.25 -62.11 -75.17
N LYS C 664 -57.83 -63.12 -75.82
CA LYS C 664 -57.40 -64.50 -75.61
C LYS C 664 -55.95 -64.69 -76.04
N LYS C 665 -55.57 -64.16 -77.20
CA LYS C 665 -54.19 -64.28 -77.66
C LYS C 665 -53.23 -63.55 -76.72
N ILE C 666 -53.61 -62.35 -76.28
CA ILE C 666 -52.75 -61.60 -75.36
C ILE C 666 -52.57 -62.35 -74.05
N ALA C 667 -53.67 -62.88 -73.50
CA ALA C 667 -53.58 -63.64 -72.25
C ALA C 667 -52.78 -64.93 -72.44
N GLY C 668 -52.92 -65.60 -73.59
CA GLY C 668 -52.14 -66.79 -73.85
C GLY C 668 -50.65 -66.48 -73.93
N THR C 669 -50.31 -65.31 -74.48
CA THR C 669 -48.90 -64.91 -74.53
C THR C 669 -48.31 -64.68 -73.15
N ALA C 670 -49.14 -64.57 -72.10
CA ALA C 670 -48.66 -64.43 -70.74
C ALA C 670 -48.15 -65.75 -70.16
N VAL C 671 -48.14 -66.82 -70.95
CA VAL C 671 -47.60 -68.09 -70.47
C VAL C 671 -46.12 -67.96 -70.17
N MET C 672 -45.40 -67.10 -70.90
CA MET C 672 -43.98 -66.92 -70.66
C MET C 672 -43.72 -66.45 -69.24
N PHE C 673 -44.55 -65.55 -68.72
CA PHE C 673 -44.49 -65.18 -67.31
C PHE C 673 -45.21 -66.18 -66.42
N GLY C 674 -45.99 -67.09 -67.01
CA GLY C 674 -46.65 -68.13 -66.23
C GLY C 674 -45.91 -69.45 -66.19
N ALA C 675 -45.48 -69.93 -67.36
CA ALA C 675 -44.79 -71.21 -67.47
C ALA C 675 -43.58 -71.07 -68.39
N VAL C 676 -42.48 -71.70 -68.02
CA VAL C 676 -41.22 -71.60 -68.77
C VAL C 676 -41.05 -72.89 -69.56
N GLY C 677 -41.29 -72.82 -70.87
CA GLY C 677 -41.11 -73.97 -71.73
C GLY C 677 -42.25 -74.96 -71.74
N ASN C 681 -42.74 -75.48 -82.70
CA ASN C 681 -42.80 -74.05 -82.42
C ASN C 681 -43.34 -73.78 -81.03
N PHE C 682 -43.34 -72.51 -80.63
CA PHE C 682 -44.00 -72.12 -79.39
C PHE C 682 -45.52 -72.21 -79.51
N GLY C 683 -46.03 -72.39 -80.73
CA GLY C 683 -47.47 -72.52 -80.91
C GLY C 683 -48.03 -73.74 -80.20
N GLU C 684 -47.35 -74.88 -80.28
CA GLU C 684 -47.85 -76.09 -79.63
C GLU C 684 -47.75 -75.99 -78.12
N MET C 685 -46.69 -75.36 -77.59
CA MET C 685 -46.62 -75.12 -76.16
C MET C 685 -47.71 -74.17 -75.69
N LEU C 686 -48.01 -73.16 -76.50
CA LEU C 686 -49.13 -72.27 -76.21
C LEU C 686 -50.45 -73.05 -76.24
N ILE C 687 -50.57 -74.01 -77.17
CA ILE C 687 -51.77 -74.85 -77.21
C ILE C 687 -51.86 -75.72 -75.97
N ASN C 688 -50.72 -76.20 -75.47
CA ASN C 688 -50.73 -76.94 -74.21
C ASN C 688 -51.20 -76.05 -73.06
N TYR C 689 -50.73 -74.80 -73.01
CA TYR C 689 -51.21 -73.88 -71.99
C TYR C 689 -52.68 -73.56 -72.18
N ILE C 690 -53.14 -73.50 -73.42
CA ILE C 690 -54.56 -73.28 -73.71
C ILE C 690 -55.39 -74.45 -73.20
N ASN C 691 -54.90 -75.67 -73.39
CA ASN C 691 -55.55 -76.84 -72.81
C ASN C 691 -55.56 -76.74 -71.29
N ALA C 692 -54.49 -76.22 -70.71
CA ALA C 692 -54.44 -76.06 -69.26
C ALA C 692 -55.44 -75.01 -68.76
N MET C 693 -55.65 -73.95 -69.52
CA MET C 693 -56.55 -72.88 -69.12
C MET C 693 -57.99 -73.10 -69.55
N GLU C 694 -58.26 -74.11 -70.39
CA GLU C 694 -59.59 -74.41 -70.86
C GLU C 694 -60.15 -75.71 -70.31
N ASN C 695 -59.30 -76.68 -69.96
CA ASN C 695 -59.72 -77.95 -69.39
C ASN C 695 -59.13 -78.19 -68.01
N ASN C 696 -58.31 -77.26 -67.50
CA ASN C 696 -57.68 -77.38 -66.19
C ASN C 696 -56.80 -78.63 -66.12
N ASP C 697 -55.90 -78.75 -67.09
CA ASP C 697 -54.97 -79.88 -67.19
C ASP C 697 -53.55 -79.35 -67.07
N TYR C 698 -53.01 -79.39 -65.84
CA TYR C 698 -51.63 -79.00 -65.57
C TYR C 698 -50.77 -80.20 -65.19
N SER C 699 -51.07 -81.37 -65.75
CA SER C 699 -50.32 -82.57 -65.40
C SER C 699 -48.86 -82.47 -65.84
N ALA C 700 -48.62 -81.98 -67.04
CA ALA C 700 -47.26 -81.80 -67.54
C ALA C 700 -46.72 -80.40 -67.29
N ILE C 701 -47.48 -79.55 -66.60
CA ILE C 701 -47.08 -78.17 -66.32
C ILE C 701 -46.69 -78.11 -64.84
N PRO C 702 -45.41 -77.87 -64.51
CA PRO C 702 -45.04 -77.74 -63.10
C PRO C 702 -45.64 -76.53 -62.42
N GLY C 703 -46.12 -75.55 -63.17
CA GLY C 703 -46.69 -74.34 -62.59
C GLY C 703 -45.63 -73.26 -62.47
N ILE C 704 -45.59 -72.60 -61.31
CA ILE C 704 -44.60 -71.55 -61.08
C ILE C 704 -43.19 -72.11 -60.85
N ASN C 705 -43.09 -73.39 -60.48
CA ASN C 705 -41.79 -73.95 -60.11
C ASN C 705 -40.78 -73.78 -61.23
N SER C 706 -41.17 -74.09 -62.47
CA SER C 706 -40.26 -73.92 -63.60
C SER C 706 -39.73 -72.50 -63.65
N PHE C 707 -40.62 -71.50 -63.55
CA PHE C 707 -40.14 -70.12 -63.51
C PHE C 707 -39.21 -69.90 -62.34
N MET C 708 -39.60 -70.39 -61.16
CA MET C 708 -38.72 -70.30 -60.00
C MET C 708 -37.41 -71.03 -60.24
N GLN C 709 -37.47 -72.15 -60.98
CA GLN C 709 -36.24 -72.85 -61.34
C GLN C 709 -35.32 -71.95 -62.14
N GLN C 710 -35.88 -71.19 -63.08
CA GLN C 710 -35.06 -70.28 -63.86
C GLN C 710 -34.47 -69.20 -62.99
N CYS C 711 -35.15 -68.86 -61.89
CA CYS C 711 -34.60 -67.90 -60.94
C CYS C 711 -33.64 -68.52 -59.95
N ILE C 712 -33.58 -69.85 -59.87
CA ILE C 712 -32.64 -70.51 -58.97
C ILE C 712 -31.64 -71.39 -59.69
N GLY C 713 -31.86 -71.73 -60.96
CA GLY C 713 -30.86 -72.49 -61.69
C GLY C 713 -29.58 -71.71 -61.91
N ALA C 714 -29.69 -70.43 -62.24
CA ALA C 714 -28.53 -69.58 -62.41
C ALA C 714 -28.11 -68.90 -61.12
N MET C 715 -29.03 -68.71 -60.18
CA MET C 715 -28.74 -68.12 -58.87
C MET C 715 -28.97 -69.20 -57.82
N GLN C 716 -27.93 -69.99 -57.56
CA GLN C 716 -28.02 -71.13 -56.67
C GLN C 716 -27.46 -70.73 -55.30
N TRP C 717 -28.34 -70.72 -54.30
CA TRP C 717 -27.90 -70.50 -52.93
C TRP C 717 -27.35 -71.80 -52.33
N PRO C 718 -26.48 -71.71 -51.34
CA PRO C 718 -25.95 -72.93 -50.71
C PRO C 718 -27.00 -73.65 -49.89
N ASP C 719 -27.95 -74.30 -50.57
CA ASP C 719 -29.02 -75.02 -49.89
C ASP C 719 -28.51 -76.27 -49.21
N LEU C 724 -37.27 -74.77 -52.22
CA LEU C 724 -38.10 -73.75 -51.58
C LEU C 724 -39.44 -73.60 -52.30
N LYS C 725 -40.41 -73.01 -51.62
CA LYS C 725 -41.75 -72.83 -52.16
C LYS C 725 -42.10 -71.35 -52.22
N VAL C 726 -42.62 -70.91 -53.36
CA VAL C 726 -42.93 -69.50 -53.60
C VAL C 726 -44.41 -69.29 -53.32
N THR C 727 -44.71 -68.36 -52.41
CA THR C 727 -46.09 -68.12 -51.98
C THR C 727 -46.56 -66.69 -52.20
N PHE C 728 -45.66 -65.76 -52.52
CA PHE C 728 -46.01 -64.37 -52.74
C PHE C 728 -45.59 -63.94 -54.14
N GLY C 729 -46.46 -63.16 -54.78
CA GLY C 729 -46.16 -62.62 -56.10
C GLY C 729 -46.99 -61.37 -56.38
N LYS C 730 -46.33 -60.30 -56.80
CA LYS C 730 -47.00 -59.01 -56.99
C LYS C 730 -46.11 -58.13 -57.84
N LEU C 731 -46.55 -56.88 -58.03
CA LEU C 731 -45.81 -55.91 -58.84
C LEU C 731 -45.88 -54.56 -58.13
N GLN C 732 -44.73 -54.09 -57.62
CA GLN C 732 -44.60 -52.76 -57.04
C GLN C 732 -43.41 -52.12 -57.72
N GLY C 733 -43.66 -51.49 -58.88
CA GLY C 733 -42.59 -51.01 -59.72
C GLY C 733 -41.73 -52.08 -60.34
N ILE C 734 -41.96 -53.35 -60.01
CA ILE C 734 -41.16 -54.46 -60.48
C ILE C 734 -41.94 -55.76 -60.27
N TYR C 735 -41.88 -56.67 -61.23
CA TYR C 735 -42.55 -57.95 -61.12
C TYR C 735 -41.87 -58.74 -60.01
N LEU C 736 -42.53 -58.83 -58.86
CA LEU C 736 -41.92 -59.29 -57.62
C LEU C 736 -42.58 -60.58 -57.15
N LEU C 737 -41.77 -61.57 -56.81
CA LEU C 737 -42.24 -62.85 -56.29
C LEU C 737 -41.55 -63.13 -54.97
N GLY C 738 -42.30 -63.64 -53.99
CA GLY C 738 -41.78 -63.94 -52.68
C GLY C 738 -41.97 -65.41 -52.33
N GLY C 739 -40.92 -66.02 -51.78
CA GLY C 739 -40.96 -67.41 -51.41
C GLY C 739 -40.19 -67.67 -50.13
N THR C 740 -40.51 -68.81 -49.52
CA THR C 740 -39.90 -69.25 -48.27
C THR C 740 -39.16 -70.55 -48.52
N LEU C 741 -37.99 -70.69 -47.90
CA LEU C 741 -37.19 -71.90 -48.00
C LEU C 741 -37.68 -72.96 -47.00
#